data_2L8R
#
_entry.id   2L8R
#
loop_
_entity.id
_entity.type
_entity.pdbx_description
1 polymer 'Uncharacterized protein C6orf130'
2 non-polymer ADENOSINE-5-DIPHOSPHORIBOSE
#
_entity_poly.entity_id   1
_entity_poly.type   'polypeptide(L)'
_entity_poly.pdbx_seq_one_letter_code
;GSSLNEDPEGSRITYVKGDLFACPKTDSLAHCISEDCRMGAGIAVLFKKKFGGVQELLNQQKKSGEVAVLKRDGRYIYYL
ITKKRASHKPTYENLQKSLEAMKSHCLKNGVTDLSMPRIGCGLDRLQWENVSAMIEEVFEATDIKITVYTL
;
_entity_poly.pdbx_strand_id   A
#
loop_
_chem_comp.id
_chem_comp.type
_chem_comp.name
_chem_comp.formula
APR non-polymer ADENOSINE-5-DIPHOSPHORIBOSE 'C15 H23 N5 O14 P2'
#
# COMPACT_ATOMS: atom_id res chain seq x y z
N SER A 2 3.08 27.99 8.04
CA SER A 2 1.70 27.63 8.14
C SER A 2 0.97 28.05 6.85
N SER A 3 0.33 27.10 6.22
CA SER A 3 -0.42 27.31 5.02
C SER A 3 -1.62 26.39 5.06
N LEU A 4 -2.77 26.89 4.65
CA LEU A 4 -4.00 26.12 4.74
C LEU A 4 -4.10 25.03 3.67
N ASN A 5 -3.36 25.17 2.60
CA ASN A 5 -3.33 24.15 1.57
C ASN A 5 -2.30 23.11 1.94
N GLU A 6 -2.60 21.88 1.67
CA GLU A 6 -1.68 20.82 1.98
C GLU A 6 -0.73 20.62 0.83
N ASP A 7 0.44 21.21 0.95
CA ASP A 7 1.47 21.13 -0.07
C ASP A 7 2.42 20.00 0.26
N PRO A 8 2.79 19.20 -0.73
CA PRO A 8 3.84 18.20 -0.56
C PRO A 8 5.20 18.89 -0.72
N GLU A 9 6.25 18.27 -0.26
CA GLU A 9 7.56 18.92 -0.31
C GLU A 9 8.36 18.56 -1.57
N GLY A 10 7.67 18.04 -2.56
CA GLY A 10 8.33 17.67 -3.80
C GLY A 10 9.12 16.41 -3.61
N SER A 11 8.44 15.38 -3.23
CA SER A 11 9.06 14.13 -2.94
C SER A 11 8.03 13.06 -3.22
N ARG A 12 8.43 11.82 -3.24
CA ARG A 12 7.52 10.74 -3.49
C ARG A 12 7.16 10.07 -2.20
N ILE A 13 8.16 9.63 -1.48
CA ILE A 13 7.96 8.97 -0.23
C ILE A 13 8.35 9.87 0.93
N THR A 14 7.37 10.21 1.71
CA THR A 14 7.58 11.03 2.87
C THR A 14 7.69 10.13 4.11
N TYR A 15 8.79 10.23 4.84
CA TYR A 15 9.01 9.40 6.03
C TYR A 15 8.53 10.11 7.28
N VAL A 16 7.51 9.57 7.90
CA VAL A 16 7.02 10.10 9.13
C VAL A 16 6.85 9.00 10.15
N LYS A 17 7.17 9.29 11.37
CA LYS A 17 6.98 8.35 12.43
C LYS A 17 5.64 8.63 13.09
N GLY A 18 4.80 7.66 13.08
CA GLY A 18 3.47 7.79 13.60
C GLY A 18 2.62 6.65 13.17
N ASP A 19 1.44 6.54 13.72
CA ASP A 19 0.57 5.41 13.42
C ASP A 19 -0.10 5.61 12.06
N LEU A 20 -0.07 4.58 11.25
CA LEU A 20 -0.63 4.63 9.90
C LEU A 20 -2.16 4.76 9.90
N PHE A 21 -2.79 4.23 10.92
CA PHE A 21 -4.25 4.24 10.99
C PHE A 21 -4.80 5.59 11.40
N ALA A 22 -3.92 6.53 11.65
CA ALA A 22 -4.31 7.87 12.01
C ALA A 22 -4.47 8.76 10.76
N CYS A 23 -4.38 8.14 9.59
CA CYS A 23 -4.47 8.85 8.31
C CYS A 23 -5.91 9.32 7.96
N PRO A 24 -6.01 10.44 7.19
CA PRO A 24 -7.30 11.03 6.75
C PRO A 24 -8.11 10.13 5.81
N LYS A 25 -9.38 10.48 5.60
CA LYS A 25 -10.31 9.69 4.79
C LYS A 25 -10.03 9.86 3.30
N THR A 26 -9.37 10.91 2.96
CA THR A 26 -9.03 11.18 1.57
C THR A 26 -7.69 10.49 1.23
N ASP A 27 -7.02 10.01 2.26
CA ASP A 27 -5.71 9.40 2.11
C ASP A 27 -5.86 7.88 2.29
N SER A 28 -5.56 7.15 1.23
CA SER A 28 -5.79 5.70 1.18
C SER A 28 -4.60 4.89 1.70
N LEU A 29 -4.88 3.68 2.20
CA LEU A 29 -3.84 2.81 2.78
C LEU A 29 -3.42 1.75 1.78
N ALA A 30 -2.15 1.42 1.76
CA ALA A 30 -1.67 0.33 0.92
C ALA A 30 -0.72 -0.54 1.72
N HIS A 31 -0.66 -1.81 1.36
CA HIS A 31 0.24 -2.76 2.00
C HIS A 31 0.25 -4.05 1.22
N CYS A 32 1.25 -4.84 1.43
CA CYS A 32 1.41 -6.08 0.73
C CYS A 32 0.95 -7.25 1.58
N ILE A 33 0.37 -8.25 0.93
CA ILE A 33 -0.02 -9.51 1.55
C ILE A 33 0.13 -10.61 0.50
N SER A 34 -0.04 -11.82 0.90
CA SER A 34 0.11 -12.94 0.01
C SER A 34 -1.28 -13.35 -0.62
N GLU A 35 -1.25 -14.28 -1.60
CA GLU A 35 -2.47 -14.79 -2.29
C GLU A 35 -3.38 -15.49 -1.29
N ASP A 36 -2.76 -16.15 -0.31
CA ASP A 36 -3.48 -16.85 0.76
C ASP A 36 -4.11 -15.84 1.72
N CYS A 37 -3.61 -14.62 1.67
CA CYS A 37 -4.09 -13.49 2.46
C CYS A 37 -4.07 -13.77 3.96
N ARG A 38 -2.91 -13.57 4.54
CA ARG A 38 -2.75 -13.72 5.96
C ARG A 38 -2.48 -12.38 6.57
N MET A 39 -3.41 -11.89 7.33
CA MET A 39 -3.23 -10.62 8.00
C MET A 39 -2.72 -10.82 9.40
N GLY A 40 -2.75 -12.04 9.88
CA GLY A 40 -2.34 -12.34 11.24
C GLY A 40 -0.84 -12.34 11.42
N ALA A 41 -0.20 -11.32 10.89
CA ALA A 41 1.22 -11.14 10.94
C ALA A 41 1.56 -9.73 10.50
N GLY A 42 2.27 -9.02 11.33
CA GLY A 42 2.68 -7.68 10.99
C GLY A 42 1.54 -6.67 11.17
N ILE A 43 1.63 -5.58 10.42
CA ILE A 43 0.65 -4.49 10.48
C ILE A 43 -0.72 -4.89 9.86
N ALA A 44 -0.70 -5.95 9.07
CA ALA A 44 -1.88 -6.42 8.35
C ALA A 44 -3.05 -6.74 9.28
N VAL A 45 -2.73 -7.08 10.54
CA VAL A 45 -3.72 -7.45 11.57
C VAL A 45 -4.75 -6.34 11.75
N LEU A 46 -4.28 -5.11 11.85
CA LEU A 46 -5.14 -3.99 12.15
C LEU A 46 -6.07 -3.68 10.98
N PHE A 47 -5.57 -3.86 9.76
CA PHE A 47 -6.37 -3.61 8.56
C PHE A 47 -7.52 -4.60 8.47
N LYS A 48 -7.23 -5.87 8.79
CA LYS A 48 -8.22 -6.92 8.75
C LYS A 48 -9.33 -6.58 9.74
N LYS A 49 -8.93 -6.23 10.94
CA LYS A 49 -9.84 -5.90 11.99
C LYS A 49 -10.71 -4.68 11.65
N LYS A 50 -10.09 -3.59 11.22
CA LYS A 50 -10.81 -2.34 11.00
C LYS A 50 -11.56 -2.31 9.66
N PHE A 51 -10.91 -2.72 8.60
CA PHE A 51 -11.49 -2.60 7.28
C PHE A 51 -12.19 -3.86 6.82
N GLY A 52 -12.00 -4.97 7.55
CA GLY A 52 -12.65 -6.24 7.20
C GLY A 52 -12.34 -6.68 5.80
N GLY A 53 -11.08 -6.73 5.47
CA GLY A 53 -10.69 -7.03 4.12
C GLY A 53 -10.59 -8.48 3.76
N VAL A 54 -10.23 -9.34 4.71
CA VAL A 54 -9.85 -10.74 4.44
C VAL A 54 -10.87 -11.53 3.56
N GLN A 55 -12.12 -11.55 3.95
CA GLN A 55 -13.09 -12.32 3.22
C GLN A 55 -13.39 -11.68 1.88
N GLU A 56 -13.49 -10.37 1.88
CA GLU A 56 -13.77 -9.59 0.67
C GLU A 56 -12.70 -9.79 -0.39
N LEU A 57 -11.47 -9.95 0.02
CA LEU A 57 -10.37 -10.15 -0.91
C LEU A 57 -10.49 -11.51 -1.56
N LEU A 58 -10.77 -12.52 -0.75
CA LEU A 58 -10.98 -13.86 -1.23
C LEU A 58 -12.26 -13.92 -2.06
N ASN A 59 -13.18 -13.05 -1.73
CA ASN A 59 -14.43 -12.96 -2.45
C ASN A 59 -14.19 -12.43 -3.86
N GLN A 60 -13.27 -11.46 -3.98
CA GLN A 60 -12.93 -10.89 -5.28
C GLN A 60 -11.97 -11.80 -6.05
N GLN A 61 -11.19 -12.58 -5.31
CA GLN A 61 -10.20 -13.52 -5.87
C GLN A 61 -9.09 -12.83 -6.61
N LYS A 62 -8.14 -12.39 -5.86
CA LYS A 62 -6.96 -11.78 -6.41
C LYS A 62 -5.75 -12.63 -6.18
N LYS A 63 -4.93 -12.72 -7.20
CA LYS A 63 -3.76 -13.54 -7.18
C LYS A 63 -2.52 -12.72 -7.48
N SER A 64 -1.37 -13.36 -7.33
CA SER A 64 -0.06 -12.74 -7.48
C SER A 64 0.04 -11.84 -8.73
N GLY A 65 0.46 -10.60 -8.49
CA GLY A 65 0.60 -9.65 -9.56
C GLY A 65 -0.62 -8.75 -9.67
N GLU A 66 -1.56 -8.94 -8.78
CA GLU A 66 -2.76 -8.13 -8.76
C GLU A 66 -2.85 -7.34 -7.48
N VAL A 67 -3.80 -6.45 -7.42
CA VAL A 67 -4.05 -5.68 -6.25
C VAL A 67 -5.54 -5.80 -5.92
N ALA A 68 -5.83 -5.90 -4.69
CA ALA A 68 -7.20 -5.93 -4.26
C ALA A 68 -7.49 -4.65 -3.53
N VAL A 69 -8.54 -3.97 -3.89
CA VAL A 69 -8.84 -2.69 -3.30
C VAL A 69 -10.23 -2.74 -2.72
N LEU A 70 -10.41 -2.07 -1.61
CA LEU A 70 -11.70 -1.99 -0.97
C LEU A 70 -11.98 -0.53 -0.67
N LYS A 71 -13.17 -0.07 -0.98
CA LYS A 71 -13.55 1.26 -0.55
C LYS A 71 -14.08 1.17 0.85
N ARG A 72 -13.40 1.78 1.78
CA ARG A 72 -13.78 1.72 3.18
C ARG A 72 -13.63 3.09 3.81
N ASP A 73 -14.71 3.59 4.40
CA ASP A 73 -14.77 4.93 5.05
C ASP A 73 -14.46 6.02 4.01
N GLY A 74 -14.80 5.71 2.77
CA GLY A 74 -14.58 6.65 1.69
C GLY A 74 -13.18 6.60 1.11
N ARG A 75 -12.29 5.87 1.75
CA ARG A 75 -10.91 5.80 1.28
C ARG A 75 -10.70 4.44 0.65
N TYR A 76 -9.58 4.23 0.04
CA TYR A 76 -9.29 2.96 -0.54
C TYR A 76 -8.25 2.21 0.24
N ILE A 77 -8.30 0.91 0.14
CA ILE A 77 -7.36 0.08 0.82
C ILE A 77 -6.74 -0.82 -0.23
N TYR A 78 -5.47 -0.70 -0.42
CA TYR A 78 -4.77 -1.44 -1.44
C TYR A 78 -4.04 -2.63 -0.85
N TYR A 79 -4.40 -3.78 -1.30
CA TYR A 79 -3.76 -5.01 -0.94
C TYR A 79 -2.96 -5.50 -2.11
N LEU A 80 -1.67 -5.33 -2.04
CA LEU A 80 -0.79 -5.81 -3.09
C LEU A 80 -0.59 -7.29 -2.90
N ILE A 81 -1.08 -8.07 -3.84
CA ILE A 81 -0.96 -9.50 -3.74
C ILE A 81 0.38 -9.94 -4.24
N THR A 82 1.20 -10.40 -3.34
CA THR A 82 2.54 -10.75 -3.62
C THR A 82 2.68 -12.16 -4.18
N LYS A 83 2.80 -13.13 -3.32
CA LYS A 83 2.96 -14.51 -3.70
C LYS A 83 2.04 -15.35 -2.89
N LYS A 84 2.06 -16.65 -3.10
CA LYS A 84 1.07 -17.52 -2.51
C LYS A 84 0.97 -17.47 -1.00
N ARG A 85 2.07 -17.56 -0.28
CA ARG A 85 1.99 -17.54 1.19
C ARG A 85 3.16 -16.79 1.80
N ALA A 86 3.11 -16.57 3.11
CA ALA A 86 4.11 -15.77 3.85
C ALA A 86 5.47 -16.46 3.93
N SER A 87 5.47 -17.76 3.72
CA SER A 87 6.71 -18.54 3.74
C SER A 87 7.44 -18.41 2.39
N HIS A 88 6.87 -17.63 1.49
CA HIS A 88 7.41 -17.45 0.16
C HIS A 88 7.95 -16.04 0.05
N LYS A 89 9.12 -15.89 -0.51
CA LYS A 89 9.71 -14.58 -0.64
C LYS A 89 9.24 -13.90 -1.93
N PRO A 90 8.54 -12.76 -1.81
CA PRO A 90 8.09 -11.97 -2.97
C PRO A 90 9.25 -11.43 -3.78
N THR A 91 9.06 -11.33 -5.07
CA THR A 91 10.02 -10.78 -5.92
C THR A 91 9.69 -9.31 -6.17
N TYR A 92 10.68 -8.51 -6.51
CA TYR A 92 10.47 -7.09 -6.72
C TYR A 92 9.70 -6.83 -7.99
N GLU A 93 9.95 -7.63 -9.01
CA GLU A 93 9.25 -7.50 -10.27
C GLU A 93 7.75 -7.69 -10.10
N ASN A 94 7.38 -8.75 -9.41
CA ASN A 94 5.98 -9.04 -9.14
C ASN A 94 5.36 -7.95 -8.26
N LEU A 95 6.15 -7.42 -7.35
CA LEU A 95 5.71 -6.33 -6.50
C LEU A 95 5.48 -5.07 -7.34
N GLN A 96 6.39 -4.82 -8.28
CA GLN A 96 6.29 -3.69 -9.20
C GLN A 96 4.98 -3.77 -9.96
N LYS A 97 4.63 -4.98 -10.40
CA LYS A 97 3.38 -5.23 -11.13
C LYS A 97 2.18 -4.73 -10.33
N SER A 98 2.19 -5.04 -9.04
CA SER A 98 1.11 -4.64 -8.17
C SER A 98 1.14 -3.11 -7.87
N LEU A 99 2.35 -2.53 -7.85
CA LEU A 99 2.50 -1.07 -7.61
C LEU A 99 1.89 -0.28 -8.75
N GLU A 100 2.05 -0.82 -9.95
CA GLU A 100 1.55 -0.18 -11.18
C GLU A 100 0.04 -0.13 -11.16
N ALA A 101 -0.55 -1.15 -10.60
CA ALA A 101 -1.98 -1.24 -10.52
C ALA A 101 -2.54 -0.19 -9.57
N MET A 102 -1.76 0.16 -8.53
CA MET A 102 -2.21 1.17 -7.58
C MET A 102 -2.25 2.54 -8.21
N LYS A 103 -1.18 2.94 -8.89
CA LYS A 103 -1.12 4.25 -9.52
C LYS A 103 -2.23 4.43 -10.54
N SER A 104 -2.44 3.40 -11.33
CA SER A 104 -3.49 3.38 -12.34
C SER A 104 -4.88 3.60 -11.71
N HIS A 105 -5.14 2.98 -10.57
CA HIS A 105 -6.41 3.15 -9.89
C HIS A 105 -6.54 4.53 -9.25
N CYS A 106 -5.48 4.95 -8.59
CA CYS A 106 -5.47 6.22 -7.87
C CYS A 106 -5.79 7.39 -8.78
N LEU A 107 -5.03 7.52 -9.86
CA LEU A 107 -5.20 8.64 -10.79
C LEU A 107 -6.60 8.64 -11.41
N LYS A 108 -7.10 7.45 -11.68
CA LYS A 108 -8.40 7.27 -12.28
C LYS A 108 -9.52 7.82 -11.39
N ASN A 109 -9.44 7.53 -10.10
CA ASN A 109 -10.49 7.94 -9.16
C ASN A 109 -10.23 9.33 -8.59
N GLY A 110 -9.02 9.81 -8.75
CA GLY A 110 -8.67 11.11 -8.21
C GLY A 110 -8.11 10.98 -6.82
N VAL A 111 -7.52 9.84 -6.56
CA VAL A 111 -6.91 9.57 -5.29
C VAL A 111 -5.46 10.02 -5.36
N THR A 112 -5.22 11.17 -4.82
CA THR A 112 -3.94 11.80 -4.84
C THR A 112 -3.22 11.62 -3.51
N ASP A 113 -3.76 10.80 -2.65
CA ASP A 113 -3.19 10.62 -1.33
C ASP A 113 -3.17 9.17 -0.96
N LEU A 114 -1.98 8.64 -0.76
CA LEU A 114 -1.82 7.26 -0.42
C LEU A 114 -0.75 7.14 0.69
N SER A 115 -1.07 6.46 1.74
CA SER A 115 -0.16 6.20 2.81
C SER A 115 0.07 4.70 2.96
N MET A 116 1.23 4.35 3.40
CA MET A 116 1.59 2.98 3.55
C MET A 116 2.62 2.89 4.65
N PRO A 117 2.84 1.73 5.23
CA PRO A 117 3.87 1.56 6.23
C PRO A 117 5.16 1.17 5.52
N ARG A 118 6.15 0.73 6.25
CA ARG A 118 7.32 0.22 5.59
C ARG A 118 7.04 -1.17 5.05
N ILE A 119 6.57 -1.21 3.82
CA ILE A 119 6.32 -2.45 3.14
C ILE A 119 7.61 -2.96 2.58
N GLY A 120 7.73 -4.25 2.46
CA GLY A 120 8.96 -4.80 2.03
C GLY A 120 10.02 -4.63 3.10
N CYS A 121 9.61 -4.92 4.34
CA CYS A 121 10.47 -4.80 5.50
C CYS A 121 10.04 -5.78 6.61
N GLY A 122 9.06 -6.62 6.34
CA GLY A 122 8.57 -7.52 7.35
C GLY A 122 8.74 -8.97 6.98
N LEU A 123 7.65 -9.73 7.04
CA LEU A 123 7.67 -11.16 6.70
C LEU A 123 7.88 -11.35 5.21
N ASP A 124 7.67 -10.27 4.49
CA ASP A 124 7.92 -10.17 3.05
C ASP A 124 9.42 -10.35 2.74
N ARG A 125 10.28 -10.06 3.75
CA ARG A 125 11.73 -10.30 3.70
C ARG A 125 12.44 -9.43 2.68
N LEU A 126 11.89 -8.28 2.34
CA LEU A 126 12.46 -7.47 1.29
C LEU A 126 13.38 -6.37 1.81
N GLN A 127 14.19 -5.83 0.92
CA GLN A 127 15.08 -4.73 1.24
C GLN A 127 14.47 -3.41 0.79
N TRP A 128 14.21 -2.55 1.76
CA TRP A 128 13.53 -1.27 1.55
C TRP A 128 14.24 -0.37 0.56
N GLU A 129 15.55 -0.40 0.52
CA GLU A 129 16.30 0.42 -0.43
C GLU A 129 15.83 0.10 -1.86
N ASN A 130 15.64 -1.17 -2.14
CA ASN A 130 15.17 -1.60 -3.45
C ASN A 130 13.67 -1.34 -3.62
N VAL A 131 12.91 -1.58 -2.55
CA VAL A 131 11.45 -1.42 -2.58
C VAL A 131 11.06 0.05 -2.76
N SER A 132 11.57 0.90 -1.89
CA SER A 132 11.27 2.32 -1.88
C SER A 132 11.59 2.94 -3.22
N ALA A 133 12.82 2.73 -3.70
CA ALA A 133 13.25 3.31 -4.96
C ALA A 133 12.34 2.91 -6.11
N MET A 134 11.89 1.67 -6.08
CA MET A 134 11.00 1.16 -7.10
C MET A 134 9.63 1.88 -7.04
N ILE A 135 9.12 2.07 -5.82
CA ILE A 135 7.87 2.81 -5.61
C ILE A 135 8.05 4.26 -6.10
N GLU A 136 9.18 4.83 -5.75
CA GLU A 136 9.54 6.19 -6.12
C GLU A 136 9.63 6.37 -7.64
N GLU A 137 9.98 5.30 -8.35
CA GLU A 137 10.01 5.35 -9.80
C GLU A 137 8.60 5.26 -10.37
N VAL A 138 7.85 4.25 -9.92
CA VAL A 138 6.49 3.99 -10.39
C VAL A 138 5.56 5.22 -10.21
N PHE A 139 5.67 5.85 -9.06
CA PHE A 139 4.86 7.01 -8.74
C PHE A 139 5.57 8.34 -9.01
N GLU A 140 6.72 8.28 -9.70
CA GLU A 140 7.56 9.48 -9.92
C GLU A 140 6.82 10.66 -10.53
N ALA A 141 6.00 10.39 -11.48
CA ALA A 141 5.26 11.43 -12.12
C ALA A 141 3.78 11.26 -11.92
N THR A 142 3.36 11.50 -10.70
CA THR A 142 1.96 11.42 -10.34
C THR A 142 1.65 12.51 -9.33
N ASP A 143 0.37 12.83 -9.15
CA ASP A 143 -0.03 13.82 -8.13
C ASP A 143 -0.32 13.10 -6.82
N ILE A 144 0.12 11.87 -6.72
CA ILE A 144 -0.12 11.05 -5.57
C ILE A 144 0.90 11.39 -4.49
N LYS A 145 0.40 11.81 -3.37
CA LYS A 145 1.20 12.15 -2.23
C LYS A 145 1.36 10.86 -1.41
N ILE A 146 2.57 10.35 -1.35
CA ILE A 146 2.86 9.16 -0.59
C ILE A 146 3.56 9.48 0.70
N THR A 147 3.07 8.92 1.73
CA THR A 147 3.64 9.09 3.04
C THR A 147 3.71 7.75 3.72
N VAL A 148 4.87 7.40 4.21
CA VAL A 148 5.02 6.17 4.90
C VAL A 148 5.04 6.43 6.37
N TYR A 149 4.24 5.71 7.07
CA TYR A 149 4.23 5.80 8.47
C TYR A 149 5.11 4.73 9.01
N THR A 150 6.08 5.16 9.72
CA THR A 150 7.09 4.33 10.21
C THR A 150 7.01 4.23 11.72
N LEU A 151 6.91 3.02 12.21
CA LEU A 151 6.87 2.77 13.62
C LEU A 151 8.09 2.01 14.04
N1 APR B . 1.05 2.21 11.66
C2 APR B . 2.26 2.57 11.20
N3 APR B . 3.27 1.72 11.18
C4 APR B . 3.10 0.47 11.64
C5 APR B . 1.89 0.07 12.12
C6 APR B . 0.85 0.97 12.13
N6 APR B . -0.33 0.62 12.60
N7 APR B . 2.00 -1.20 12.51
C8 APR B . 3.25 -1.58 12.28
N9 APR B . 3.93 -0.53 11.75
C1' APR B . 5.41 -0.48 11.37
C2' APR B . 6.12 -1.84 11.79
O2' APR B . 7.07 -1.60 12.75
C3' APR B . 6.77 -2.31 10.46
O3' APR B . 8.10 -1.93 10.41
O4' APR B . 5.59 -0.28 9.97
C4' APR B . 5.93 -1.54 9.39
C5' APR B . 4.69 -2.37 9.02
O5' APR B . 4.81 -2.89 7.68
PA APR B . 5.25 -4.43 7.46
O1A APR B . 4.16 -5.41 7.77
O2A APR B . 6.53 -4.69 8.41
O3A APR B . 5.77 -4.57 5.93
PB APR B . 4.82 -5.21 4.80
O1B APR B . 5.40 -5.19 3.43
O2B APR B . 3.42 -4.39 4.86
O5D APR B . 4.47 -6.71 5.27
C5D APR B . 3.64 -7.53 4.45
O4D APR B . 4.02 -9.68 5.60
O1D APR B . 1.70 -9.23 5.99
C1D APR B . 2.69 -10.22 5.57
O2D APR B . 2.67 -12.01 3.90
C2D APR B . 2.41 -10.64 4.08
O3D APR B . 4.27 -10.53 2.47
C3D APR B . 3.42 -9.79 3.28
C4D APR B . 4.20 -8.98 4.38
H2 APR B . 2.41 3.58 10.81
H61 APR B . -0.49 -0.31 12.94
H62 APR B . -1.09 1.28 12.60
H8 APR B . 3.62 -2.59 12.48
H'1 APR B . 5.90 0.48 11.38
H'2 APR B . 5.74 -2.52 12.54
HO'2 APR B . 6.74 -0.91 13.39
H'3 APR B . 7.19 -3.29 10.31
HO'3 APR B . 8.22 -1.19 9.74
H'4 APR B . 6.33 -0.85 8.66
H5'1 APR B . 4.55 -3.19 9.71
H5'2 APR B . 3.81 -1.71 9.07
HOA2 APR B . 7.17 -3.90 8.34
HOB2 APR B . 2.77 -4.82 4.22
H5R1 APR B . 3.63 -7.12 3.44
H5R2 APR B . 2.63 -7.52 4.85
HOR1 APR B . 1.21 -9.59 6.79
HR'1 APR B . 3.19 -10.85 6.29
HOR2 APR B . 3.66 -12.14 3.80
HR'2 APR B . 1.44 -10.93 3.71
HOR3 APR B . 5.01 -10.91 3.03
HR'3 APR B . 3.15 -9.34 2.32
HR'4 APR B . 5.23 -9.19 4.66
N SER A 2 -9.80 33.78 -2.59
CA SER A 2 -9.38 33.14 -3.79
C SER A 2 -8.80 31.79 -3.43
N SER A 3 -9.47 30.72 -3.80
CA SER A 3 -8.94 29.43 -3.55
C SER A 3 -7.79 29.18 -4.52
N LEU A 4 -6.65 28.88 -3.99
CA LEU A 4 -5.50 28.66 -4.80
C LEU A 4 -5.03 27.25 -4.54
N ASN A 5 -5.34 26.37 -5.45
CA ASN A 5 -5.08 24.96 -5.28
C ASN A 5 -3.75 24.55 -5.90
N GLU A 6 -3.16 23.49 -5.33
CA GLU A 6 -1.93 22.86 -5.77
C GLU A 6 -0.65 23.55 -5.36
N ASP A 7 -0.12 23.09 -4.27
CA ASP A 7 1.18 23.49 -3.79
C ASP A 7 2.01 22.24 -3.68
N PRO A 8 3.12 22.17 -4.42
CA PRO A 8 3.97 20.99 -4.43
C PRO A 8 4.61 20.72 -3.09
N GLU A 9 4.55 19.48 -2.69
CA GLU A 9 5.13 19.04 -1.45
C GLU A 9 6.54 18.56 -1.70
N GLY A 10 6.73 17.92 -2.82
CA GLY A 10 8.04 17.42 -3.20
C GLY A 10 8.26 15.99 -2.76
N SER A 11 9.11 15.25 -3.50
CA SER A 11 9.44 13.85 -3.22
C SER A 11 8.25 12.93 -3.57
N ARG A 12 8.52 11.65 -3.76
CA ARG A 12 7.44 10.70 -4.02
C ARG A 12 6.95 10.19 -2.70
N ILE A 13 7.92 9.85 -1.87
CA ILE A 13 7.67 9.30 -0.58
C ILE A 13 7.90 10.36 0.50
N THR A 14 6.94 10.47 1.38
CA THR A 14 7.03 11.32 2.52
C THR A 14 7.15 10.43 3.74
N TYR A 15 8.16 10.66 4.54
CA TYR A 15 8.42 9.84 5.70
C TYR A 15 7.82 10.48 6.94
N VAL A 16 6.87 9.83 7.56
CA VAL A 16 6.24 10.34 8.76
C VAL A 16 6.47 9.40 9.89
N LYS A 17 6.92 9.93 10.98
CA LYS A 17 7.06 9.17 12.16
C LYS A 17 5.83 9.32 12.97
N GLY A 18 4.88 8.54 12.62
CA GLY A 18 3.61 8.54 13.29
C GLY A 18 2.89 7.25 13.08
N ASP A 19 1.75 7.10 13.71
CA ASP A 19 0.96 5.86 13.62
C ASP A 19 0.22 5.82 12.27
N LEU A 20 0.27 4.66 11.64
CA LEU A 20 -0.32 4.45 10.32
C LEU A 20 -1.86 4.54 10.35
N PHE A 21 -2.45 4.06 11.42
CA PHE A 21 -3.91 4.00 11.58
C PHE A 21 -4.55 5.32 11.95
N ALA A 22 -3.74 6.37 12.08
CA ALA A 22 -4.18 7.73 12.40
C ALA A 22 -4.80 8.42 11.16
N CYS A 23 -5.08 7.60 10.16
CA CYS A 23 -5.61 7.94 8.85
C CYS A 23 -6.58 9.11 8.78
N PRO A 24 -6.17 10.17 8.08
CA PRO A 24 -7.08 11.25 7.66
C PRO A 24 -8.19 10.73 6.70
N LYS A 25 -9.03 11.61 6.22
CA LYS A 25 -10.09 11.24 5.29
C LYS A 25 -9.53 11.02 3.87
N THR A 26 -8.52 11.80 3.53
CA THR A 26 -7.90 11.74 2.20
C THR A 26 -6.89 10.56 2.12
N ASP A 27 -6.70 9.92 3.23
CA ASP A 27 -5.72 8.83 3.40
C ASP A 27 -6.21 7.53 2.74
N SER A 28 -5.45 7.02 1.79
CA SER A 28 -5.75 5.73 1.20
C SER A 28 -4.67 4.71 1.57
N LEU A 29 -5.02 3.76 2.42
CA LEU A 29 -4.08 2.76 2.94
C LEU A 29 -3.73 1.72 1.92
N ALA A 30 -2.49 1.35 1.88
CA ALA A 30 -2.02 0.31 1.01
C ALA A 30 -0.97 -0.51 1.73
N HIS A 31 -0.89 -1.78 1.39
CA HIS A 31 0.12 -2.68 1.92
C HIS A 31 0.08 -3.98 1.18
N CYS A 32 1.08 -4.78 1.39
CA CYS A 32 1.19 -6.05 0.74
C CYS A 32 0.72 -7.15 1.67
N ILE A 33 0.20 -8.22 1.07
CA ILE A 33 -0.15 -9.46 1.74
C ILE A 33 -0.01 -10.58 0.73
N SER A 34 -0.16 -11.80 1.15
CA SER A 34 -0.03 -12.93 0.25
C SER A 34 -1.40 -13.29 -0.36
N GLU A 35 -1.35 -14.08 -1.43
CA GLU A 35 -2.53 -14.54 -2.19
C GLU A 35 -3.43 -15.41 -1.32
N ASP A 36 -2.82 -16.07 -0.36
CA ASP A 36 -3.52 -16.96 0.56
C ASP A 36 -4.39 -16.15 1.55
N CYS A 37 -4.13 -14.85 1.58
CA CYS A 37 -4.90 -13.85 2.36
C CYS A 37 -4.74 -13.97 3.88
N ARG A 38 -3.78 -14.75 4.33
CA ARG A 38 -3.46 -14.78 5.75
C ARG A 38 -2.52 -13.66 6.08
N MET A 39 -3.08 -12.55 6.49
CA MET A 39 -2.30 -11.37 6.78
C MET A 39 -1.95 -11.28 8.26
N GLY A 40 -2.33 -12.28 9.00
CA GLY A 40 -2.15 -12.28 10.44
C GLY A 40 -0.74 -12.60 10.89
N ALA A 41 0.23 -11.82 10.43
CA ALA A 41 1.62 -12.04 10.82
C ALA A 41 2.36 -10.74 11.17
N GLY A 42 1.69 -9.60 11.06
CA GLY A 42 2.35 -8.33 11.34
C GLY A 42 1.37 -7.20 11.41
N ILE A 43 1.75 -6.03 10.91
CA ILE A 43 0.85 -4.84 10.91
C ILE A 43 -0.46 -5.13 10.15
N ALA A 44 -0.41 -6.11 9.27
CA ALA A 44 -1.56 -6.52 8.52
C ALA A 44 -2.67 -7.08 9.44
N VAL A 45 -2.29 -7.61 10.63
CA VAL A 45 -3.25 -8.07 11.66
C VAL A 45 -4.15 -6.90 12.03
N LEU A 46 -3.51 -5.77 12.26
CA LEU A 46 -4.16 -4.53 12.64
C LEU A 46 -5.14 -4.04 11.57
N PHE A 47 -4.85 -4.39 10.32
CA PHE A 47 -5.73 -4.08 9.20
C PHE A 47 -6.96 -4.98 9.17
N LYS A 48 -6.81 -6.28 9.47
CA LYS A 48 -7.91 -7.24 9.37
C LYS A 48 -9.14 -6.83 10.20
N LYS A 49 -8.93 -6.37 11.41
CA LYS A 49 -10.03 -5.96 12.27
C LYS A 49 -10.73 -4.71 11.77
N LYS A 50 -9.96 -3.79 11.24
CA LYS A 50 -10.50 -2.52 10.78
C LYS A 50 -11.06 -2.63 9.38
N PHE A 51 -10.44 -3.45 8.58
CA PHE A 51 -10.80 -3.65 7.22
C PHE A 51 -10.77 -5.12 6.95
N GLY A 52 -11.91 -5.74 7.12
CA GLY A 52 -12.07 -7.16 6.86
C GLY A 52 -11.92 -7.48 5.41
N GLY A 53 -10.69 -7.56 4.98
CA GLY A 53 -10.40 -7.77 3.60
C GLY A 53 -10.46 -9.20 3.18
N VAL A 54 -10.22 -10.13 4.09
CA VAL A 54 -10.06 -11.56 3.72
C VAL A 54 -11.22 -12.10 2.84
N GLN A 55 -12.47 -11.84 3.23
CA GLN A 55 -13.58 -12.27 2.41
C GLN A 55 -13.66 -11.45 1.12
N GLU A 56 -13.46 -10.17 1.25
CA GLU A 56 -13.50 -9.25 0.13
C GLU A 56 -12.47 -9.63 -0.94
N LEU A 57 -11.31 -10.08 -0.50
CA LEU A 57 -10.23 -10.46 -1.38
C LEU A 57 -10.61 -11.72 -2.14
N LEU A 58 -11.10 -12.71 -1.41
CA LEU A 58 -11.51 -13.97 -1.99
C LEU A 58 -12.70 -13.78 -2.92
N ASN A 59 -13.55 -12.85 -2.58
CA ASN A 59 -14.75 -12.57 -3.33
C ASN A 59 -14.45 -11.74 -4.59
N GLN A 60 -13.51 -10.80 -4.49
CA GLN A 60 -13.10 -10.00 -5.65
C GLN A 60 -12.12 -10.77 -6.52
N GLN A 61 -11.62 -11.87 -5.97
CA GLN A 61 -10.73 -12.81 -6.63
C GLN A 61 -9.50 -12.17 -7.24
N LYS A 62 -8.55 -11.87 -6.41
CA LYS A 62 -7.31 -11.31 -6.83
C LYS A 62 -6.17 -12.24 -6.47
N LYS A 63 -5.34 -12.49 -7.43
CA LYS A 63 -4.23 -13.38 -7.26
C LYS A 63 -2.95 -12.59 -7.27
N SER A 64 -1.87 -13.25 -6.93
CA SER A 64 -0.58 -12.60 -6.85
C SER A 64 -0.17 -11.87 -8.14
N GLY A 65 0.26 -10.63 -7.98
CA GLY A 65 0.59 -9.81 -9.11
C GLY A 65 -0.58 -8.90 -9.48
N GLU A 66 -1.53 -8.79 -8.58
CA GLU A 66 -2.69 -7.93 -8.74
C GLU A 66 -2.93 -7.16 -7.46
N VAL A 67 -3.84 -6.22 -7.50
CA VAL A 67 -4.17 -5.44 -6.33
C VAL A 67 -5.66 -5.53 -6.08
N ALA A 68 -6.01 -5.67 -4.85
CA ALA A 68 -7.39 -5.67 -4.46
C ALA A 68 -7.66 -4.41 -3.71
N VAL A 69 -8.82 -3.82 -3.90
CA VAL A 69 -9.13 -2.58 -3.25
C VAL A 69 -10.43 -2.74 -2.49
N LEU A 70 -10.52 -2.09 -1.37
CA LEU A 70 -11.72 -2.13 -0.58
C LEU A 70 -12.20 -0.71 -0.38
N LYS A 71 -13.48 -0.50 -0.54
CA LYS A 71 -14.02 0.81 -0.26
C LYS A 71 -14.58 0.80 1.14
N ARG A 72 -13.94 1.54 1.99
CA ARG A 72 -14.33 1.69 3.40
C ARG A 72 -14.18 3.14 3.78
N ASP A 73 -15.12 3.65 4.56
CA ASP A 73 -15.10 5.06 5.07
C ASP A 73 -15.03 6.07 3.89
N GLY A 74 -15.56 5.67 2.75
CA GLY A 74 -15.56 6.49 1.56
C GLY A 74 -14.18 6.61 0.93
N ARG A 75 -13.25 5.82 1.41
CA ARG A 75 -11.90 5.86 0.95
C ARG A 75 -11.47 4.48 0.48
N TYR A 76 -10.30 4.40 -0.10
CA TYR A 76 -9.82 3.17 -0.66
C TYR A 76 -8.68 2.56 0.10
N ILE A 77 -8.68 1.23 0.12
CA ILE A 77 -7.68 0.46 0.81
C ILE A 77 -7.10 -0.52 -0.19
N TYR A 78 -5.80 -0.52 -0.33
CA TYR A 78 -5.13 -1.34 -1.31
C TYR A 78 -4.45 -2.55 -0.69
N TYR A 79 -4.66 -3.67 -1.30
CA TYR A 79 -4.01 -4.90 -0.94
C TYR A 79 -3.21 -5.42 -2.09
N LEU A 80 -1.91 -5.27 -1.99
CA LEU A 80 -1.00 -5.76 -2.99
C LEU A 80 -0.80 -7.24 -2.76
N ILE A 81 -1.21 -8.04 -3.71
CA ILE A 81 -1.11 -9.47 -3.55
C ILE A 81 0.28 -9.93 -4.04
N THR A 82 1.12 -10.27 -3.09
CA THR A 82 2.51 -10.62 -3.35
C THR A 82 2.70 -11.97 -4.04
N LYS A 83 2.67 -13.03 -3.25
CA LYS A 83 2.84 -14.37 -3.75
C LYS A 83 1.80 -15.32 -3.20
N LYS A 84 1.88 -16.55 -3.64
CA LYS A 84 0.84 -17.56 -3.42
C LYS A 84 0.51 -17.77 -1.90
N ARG A 85 1.52 -17.94 -1.05
CA ARG A 85 1.25 -18.09 0.41
C ARG A 85 2.19 -17.23 1.22
N ALA A 86 1.87 -17.05 2.51
CA ALA A 86 2.60 -16.13 3.42
C ALA A 86 4.02 -16.60 3.74
N SER A 87 4.27 -17.87 3.57
CA SER A 87 5.58 -18.41 3.82
C SER A 87 6.44 -18.33 2.54
N HIS A 88 5.91 -17.71 1.51
CA HIS A 88 6.62 -17.51 0.27
C HIS A 88 7.26 -16.16 0.33
N LYS A 89 8.35 -15.98 -0.35
CA LYS A 89 9.00 -14.71 -0.33
C LYS A 89 8.53 -13.85 -1.50
N PRO A 90 8.14 -12.60 -1.26
CA PRO A 90 7.73 -11.71 -2.33
C PRO A 90 8.89 -11.36 -3.25
N THR A 91 8.60 -11.29 -4.53
CA THR A 91 9.59 -10.99 -5.52
C THR A 91 9.56 -9.49 -5.75
N TYR A 92 10.64 -8.92 -6.20
CA TYR A 92 10.67 -7.52 -6.55
C TYR A 92 9.82 -7.25 -7.78
N GLU A 93 9.78 -8.20 -8.68
CA GLU A 93 8.98 -8.04 -9.87
C GLU A 93 7.49 -8.09 -9.52
N ASN A 94 7.08 -9.04 -8.66
CA ASN A 94 5.68 -9.12 -8.22
C ASN A 94 5.28 -7.89 -7.42
N LEU A 95 6.24 -7.32 -6.70
CA LEU A 95 6.00 -6.10 -5.94
C LEU A 95 5.74 -4.96 -6.90
N GLN A 96 6.60 -4.86 -7.91
CA GLN A 96 6.53 -3.84 -8.95
C GLN A 96 5.16 -3.86 -9.61
N LYS A 97 4.74 -5.05 -10.06
CA LYS A 97 3.48 -5.24 -10.76
C LYS A 97 2.31 -4.72 -9.93
N SER A 98 2.37 -4.99 -8.66
CA SER A 98 1.34 -4.60 -7.74
C SER A 98 1.34 -3.06 -7.54
N LEU A 99 2.54 -2.48 -7.38
CA LEU A 99 2.68 -1.03 -7.20
C LEU A 99 2.14 -0.26 -8.41
N GLU A 100 2.38 -0.81 -9.58
CA GLU A 100 1.98 -0.18 -10.83
C GLU A 100 0.46 -0.16 -10.99
N ALA A 101 -0.19 -1.13 -10.40
CA ALA A 101 -1.62 -1.21 -10.45
C ALA A 101 -2.26 -0.11 -9.60
N MET A 102 -1.61 0.25 -8.49
CA MET A 102 -2.14 1.26 -7.59
C MET A 102 -2.15 2.62 -8.23
N LYS A 103 -1.05 2.98 -8.91
CA LYS A 103 -0.94 4.30 -9.54
C LYS A 103 -2.07 4.54 -10.54
N SER A 104 -2.30 3.54 -11.38
CA SER A 104 -3.34 3.61 -12.37
C SER A 104 -4.72 3.78 -11.70
N HIS A 105 -4.99 2.94 -10.69
CA HIS A 105 -6.25 2.99 -9.96
C HIS A 105 -6.46 4.34 -9.28
N CYS A 106 -5.40 4.86 -8.65
CA CYS A 106 -5.48 6.12 -7.95
C CYS A 106 -5.90 7.24 -8.85
N LEU A 107 -5.25 7.36 -10.00
CA LEU A 107 -5.56 8.40 -10.98
C LEU A 107 -7.02 8.31 -11.42
N LYS A 108 -7.47 7.10 -11.67
CA LYS A 108 -8.84 6.85 -12.13
C LYS A 108 -9.88 7.20 -11.06
N ASN A 109 -9.59 6.85 -9.81
CA ASN A 109 -10.55 7.08 -8.69
C ASN A 109 -10.39 8.44 -8.04
N GLY A 110 -9.43 9.22 -8.47
CA GLY A 110 -9.25 10.53 -7.88
C GLY A 110 -8.53 10.47 -6.55
N VAL A 111 -7.72 9.46 -6.40
CA VAL A 111 -6.92 9.25 -5.20
C VAL A 111 -5.50 9.75 -5.48
N THR A 112 -4.99 10.59 -4.64
CA THR A 112 -3.66 11.12 -4.85
C THR A 112 -2.80 11.06 -3.56
N ASP A 113 -3.44 10.79 -2.44
CA ASP A 113 -2.73 10.63 -1.17
C ASP A 113 -2.68 9.15 -0.89
N LEU A 114 -1.50 8.61 -0.82
CA LEU A 114 -1.36 7.20 -0.62
C LEU A 114 -0.69 7.01 0.73
N SER A 115 -1.20 6.12 1.52
CA SER A 115 -0.69 5.90 2.83
C SER A 115 -0.26 4.45 2.98
N MET A 116 0.94 4.25 3.41
CA MET A 116 1.46 2.91 3.59
C MET A 116 2.52 2.95 4.69
N PRO A 117 2.74 1.85 5.38
CA PRO A 117 3.85 1.75 6.30
C PRO A 117 5.10 1.36 5.50
N ARG A 118 6.21 1.13 6.15
CA ARG A 118 7.36 0.66 5.41
C ARG A 118 7.19 -0.79 5.03
N ILE A 119 6.76 -1.00 3.81
CA ILE A 119 6.61 -2.31 3.26
C ILE A 119 7.95 -2.76 2.70
N GLY A 120 8.22 -4.02 2.76
CA GLY A 120 9.46 -4.49 2.27
C GLY A 120 10.37 -4.93 3.39
N CYS A 121 10.66 -4.01 4.30
CA CYS A 121 11.59 -4.27 5.38
C CYS A 121 10.96 -5.02 6.55
N GLY A 122 9.71 -5.41 6.41
CA GLY A 122 9.05 -6.18 7.44
C GLY A 122 8.93 -7.65 7.04
N LEU A 123 7.69 -8.11 6.89
CA LEU A 123 7.38 -9.51 6.54
C LEU A 123 7.85 -9.85 5.14
N ASP A 124 7.97 -8.83 4.31
CA ASP A 124 8.35 -8.99 2.92
C ASP A 124 9.80 -9.47 2.82
N ARG A 125 10.59 -9.10 3.82
CA ARG A 125 12.01 -9.48 3.98
C ARG A 125 12.91 -8.91 2.90
N LEU A 126 12.41 -7.91 2.22
CA LEU A 126 13.12 -7.27 1.15
C LEU A 126 13.93 -6.10 1.69
N GLN A 127 14.79 -5.56 0.88
CA GLN A 127 15.53 -4.40 1.28
C GLN A 127 14.78 -3.16 0.89
N TRP A 128 14.47 -2.32 1.87
CA TRP A 128 13.75 -1.06 1.65
C TRP A 128 14.47 -0.15 0.69
N GLU A 129 15.77 -0.25 0.67
CA GLU A 129 16.61 0.49 -0.25
C GLU A 129 16.10 0.28 -1.72
N ASN A 130 15.76 -0.97 -2.06
CA ASN A 130 15.21 -1.27 -3.39
C ASN A 130 13.77 -0.85 -3.47
N VAL A 131 13.00 -1.23 -2.45
CA VAL A 131 11.56 -1.00 -2.40
C VAL A 131 11.23 0.47 -2.55
N SER A 132 11.85 1.30 -1.73
CA SER A 132 11.66 2.73 -1.76
C SER A 132 11.94 3.26 -3.17
N ALA A 133 13.09 2.89 -3.73
CA ALA A 133 13.49 3.34 -5.06
C ALA A 133 12.48 2.88 -6.13
N MET A 134 11.94 1.68 -5.94
CA MET A 134 10.95 1.14 -6.86
C MET A 134 9.66 1.96 -6.76
N ILE A 135 9.25 2.27 -5.56
CA ILE A 135 8.06 3.07 -5.34
C ILE A 135 8.28 4.46 -5.95
N GLU A 136 9.45 4.99 -5.71
CA GLU A 136 9.83 6.29 -6.21
C GLU A 136 9.87 6.32 -7.75
N GLU A 137 10.30 5.24 -8.39
CA GLU A 137 10.38 5.19 -9.85
C GLU A 137 9.00 4.98 -10.48
N VAL A 138 8.14 4.24 -9.81
CA VAL A 138 6.80 3.94 -10.31
C VAL A 138 5.87 5.16 -10.20
N PHE A 139 5.98 5.88 -9.12
CA PHE A 139 5.07 6.98 -8.89
C PHE A 139 5.62 8.36 -9.30
N GLU A 140 6.80 8.39 -9.92
CA GLU A 140 7.39 9.68 -10.32
C GLU A 140 6.71 10.31 -11.54
N ALA A 141 5.95 9.52 -12.26
CA ALA A 141 5.19 10.01 -13.40
C ALA A 141 3.82 10.50 -12.94
N THR A 142 3.60 10.46 -11.65
CA THR A 142 2.34 10.88 -11.09
C THR A 142 2.57 11.88 -9.97
N ASP A 143 1.54 12.56 -9.57
CA ASP A 143 1.63 13.55 -8.50
C ASP A 143 1.16 12.92 -7.21
N ILE A 144 1.01 11.61 -7.24
CA ILE A 144 0.58 10.84 -6.09
C ILE A 144 1.61 10.95 -4.99
N LYS A 145 1.19 11.46 -3.87
CA LYS A 145 2.04 11.69 -2.75
C LYS A 145 1.92 10.51 -1.80
N ILE A 146 3.00 9.79 -1.64
CA ILE A 146 2.98 8.61 -0.83
C ILE A 146 3.54 8.87 0.53
N THR A 147 2.76 8.54 1.47
CA THR A 147 3.08 8.76 2.84
C THR A 147 3.48 7.42 3.46
N VAL A 148 4.70 7.31 3.95
CA VAL A 148 5.07 6.10 4.62
C VAL A 148 5.17 6.36 6.10
N TYR A 149 4.47 5.60 6.84
CA TYR A 149 4.55 5.72 8.25
C TYR A 149 5.64 4.87 8.77
N THR A 150 6.54 5.51 9.43
CA THR A 150 7.66 4.89 10.00
C THR A 150 7.65 5.18 11.47
N LEU A 151 7.48 4.17 12.25
CA LEU A 151 7.43 4.31 13.67
C LEU A 151 8.80 3.96 14.25
N1 APR B . 1.61 1.53 12.38
C2 APR B . 2.53 1.82 11.46
N3 APR B . 3.50 0.98 11.17
C4 APR B . 3.60 -0.18 11.79
C5 APR B . 2.70 -0.52 12.75
C6 APR B . 1.67 0.36 13.03
N6 APR B . 0.77 0.06 13.96
N7 APR B . 3.02 -1.72 13.21
C8 APR B . 4.13 -2.11 12.55
N9 APR B . 4.46 -1.14 11.68
C1' APR B . 5.62 -1.15 10.70
C2' APR B . 6.73 -2.13 11.20
O2' APR B . 7.55 -1.50 12.11
C3' APR B . 7.49 -2.42 9.89
O3' APR B . 8.53 -1.50 9.69
O4' APR B . 5.23 -1.60 9.41
C4' APR B . 6.38 -2.24 8.79
C5' APR B . 5.99 -3.64 8.22
O5' APR B . 5.69 -3.56 6.84
PA APR B . 6.11 -4.75 5.85
O1A APR B . 6.01 -6.12 6.48
O2A APR B . 7.62 -4.45 5.38
O3A APR B . 5.19 -4.63 4.56
PB APR B . 3.86 -5.51 4.41
O1B APR B . 3.05 -5.20 3.19
O2B APR B . 2.97 -5.24 5.75
O5D APR B . 4.29 -7.06 4.49
C5D APR B . 3.55 -8.03 3.77
O4D APR B . 4.13 -10.37 4.31
O1D APR B . 1.75 -10.43 4.05
C1D APR B . 3.03 -11.06 3.73
O2D APR B . 3.95 -12.17 1.75
C2D APR B . 3.26 -11.03 2.18
O3D APR B . 5.27 -10.00 1.24
C3D APR B . 4.12 -9.76 1.97
C4D APR B . 4.41 -9.29 3.44
H2 APR B . 2.55 2.78 10.93
H61 APR B . 0.82 -0.81 14.45
H62 APR B . 0.03 0.71 14.17
H8 APR B . 4.64 -3.04 12.73
H'1 APR B . 5.82 -0.27 10.10
H'2 APR B . 6.62 -2.84 12.01
HO'2 APR B . 8.50 -1.57 11.82
H'3 APR B . 8.30 -3.13 9.80
HO'3 APR B . 8.40 -0.72 10.31
H'4 APR B . 6.29 -1.34 8.19
H5'1 APR B . 5.13 -4.02 8.77
H5'2 APR B . 6.84 -4.32 8.36
HOA2 APR B . 7.96 -5.23 4.86
HOB2 APR B . 2.18 -5.84 5.75
H5R1 APR B . 3.21 -7.60 2.83
H5R2 APR B . 2.68 -8.33 4.37
HOR1 APR B . 1.83 -9.98 4.93
HR'1 APR B . 3.46 -11.81 4.38
HOR2 APR B . 4.51 -12.52 2.51
HR'2 APR B . 2.54 -11.39 1.46
HOR3 APR B . 5.58 -9.15 0.82
HR'3 APR B . 3.92 -9.06 1.18
HR'4 APR B . 5.38 -9.44 3.91
N SER A 2 -1.09 32.22 14.55
CA SER A 2 -1.13 31.72 13.20
C SER A 2 0.19 32.03 12.49
N SER A 3 1.16 32.51 13.24
CA SER A 3 2.45 32.80 12.70
C SER A 3 3.28 31.53 12.59
N LEU A 4 3.13 30.87 11.47
CA LEU A 4 3.83 29.66 11.16
C LEU A 4 3.85 29.47 9.68
N ASN A 5 4.67 28.58 9.22
CA ASN A 5 4.76 28.28 7.80
C ASN A 5 4.71 26.81 7.60
N GLU A 6 3.68 26.36 6.97
CA GLU A 6 3.56 24.96 6.68
C GLU A 6 4.09 24.69 5.27
N ASP A 7 5.35 24.35 5.19
CA ASP A 7 5.95 24.07 3.91
C ASP A 7 5.89 22.60 3.64
N PRO A 8 5.17 22.19 2.61
CA PRO A 8 5.10 20.82 2.20
C PRO A 8 6.22 20.49 1.23
N GLU A 9 6.17 19.33 0.66
CA GLU A 9 7.14 18.90 -0.25
C GLU A 9 6.52 17.86 -1.12
N GLY A 10 6.65 18.04 -2.40
CA GLY A 10 6.19 17.07 -3.36
C GLY A 10 7.12 15.88 -3.39
N SER A 11 7.19 15.20 -2.28
CA SER A 11 8.05 14.09 -2.09
C SER A 11 7.50 12.87 -2.79
N ARG A 12 8.38 12.08 -3.37
CA ARG A 12 7.98 10.80 -3.89
C ARG A 12 7.47 9.97 -2.73
N ILE A 13 8.27 9.91 -1.68
CA ILE A 13 7.93 9.24 -0.45
C ILE A 13 8.20 10.16 0.72
N THR A 14 7.21 10.34 1.54
CA THR A 14 7.30 11.19 2.71
C THR A 14 7.38 10.32 3.95
N TYR A 15 8.42 10.49 4.73
CA TYR A 15 8.59 9.71 5.95
C TYR A 15 8.05 10.46 7.13
N VAL A 16 7.03 9.92 7.73
CA VAL A 16 6.44 10.50 8.90
C VAL A 16 6.35 9.46 9.99
N LYS A 17 6.64 9.86 11.19
CA LYS A 17 6.60 8.97 12.30
C LYS A 17 5.27 8.99 12.99
N GLY A 18 4.74 7.83 13.14
CA GLY A 18 3.47 7.63 13.75
C GLY A 18 2.83 6.39 13.23
N ASP A 19 1.86 5.87 13.95
CA ASP A 19 1.14 4.70 13.52
C ASP A 19 0.38 5.03 12.24
N LEU A 20 0.35 4.10 11.32
CA LEU A 20 -0.29 4.29 10.02
C LEU A 20 -1.77 4.60 10.17
N PHE A 21 -2.39 4.05 11.18
CA PHE A 21 -3.81 4.25 11.40
C PHE A 21 -4.13 5.62 11.99
N ALA A 22 -3.11 6.41 12.21
CA ALA A 22 -3.28 7.76 12.74
C ALA A 22 -3.36 8.77 11.60
N CYS A 23 -3.46 8.29 10.38
CA CYS A 23 -3.54 9.13 9.21
C CYS A 23 -4.98 9.56 8.96
N PRO A 24 -5.19 10.72 8.29
CA PRO A 24 -6.53 11.18 7.89
C PRO A 24 -7.28 10.13 7.07
N LYS A 25 -8.59 10.20 7.09
CA LYS A 25 -9.44 9.23 6.40
C LYS A 25 -9.42 9.49 4.90
N THR A 26 -8.95 10.64 4.53
CA THR A 26 -8.86 11.03 3.15
C THR A 26 -7.64 10.41 2.46
N ASP A 27 -6.77 9.81 3.26
CA ASP A 27 -5.62 9.09 2.75
C ASP A 27 -5.99 7.62 2.64
N SER A 28 -5.68 7.02 1.54
CA SER A 28 -5.97 5.62 1.38
C SER A 28 -4.81 4.78 1.92
N LEU A 29 -5.13 3.62 2.45
CA LEU A 29 -4.14 2.76 3.09
C LEU A 29 -3.68 1.67 2.15
N ALA A 30 -2.39 1.50 2.02
CA ALA A 30 -1.85 0.46 1.18
C ALA A 30 -0.88 -0.42 1.95
N HIS A 31 -0.80 -1.68 1.57
CA HIS A 31 0.11 -2.63 2.18
C HIS A 31 0.14 -3.91 1.37
N CYS A 32 1.14 -4.72 1.59
CA CYS A 32 1.29 -5.95 0.87
C CYS A 32 0.81 -7.12 1.71
N ILE A 33 0.23 -8.11 1.04
CA ILE A 33 -0.24 -9.34 1.66
C ILE A 33 -0.09 -10.45 0.65
N SER A 34 -0.36 -11.65 1.05
CA SER A 34 -0.27 -12.76 0.16
C SER A 34 -1.64 -13.04 -0.53
N GLU A 35 -1.59 -13.83 -1.58
CA GLU A 35 -2.74 -14.25 -2.41
C GLU A 35 -3.76 -15.01 -1.55
N ASP A 36 -3.24 -15.81 -0.63
CA ASP A 36 -4.06 -16.62 0.29
C ASP A 36 -4.74 -15.73 1.35
N CYS A 37 -4.59 -14.39 1.19
CA CYS A 37 -5.24 -13.38 2.02
C CYS A 37 -4.79 -13.50 3.46
N ARG A 38 -3.54 -13.83 3.62
CA ARG A 38 -2.98 -14.00 4.93
C ARG A 38 -2.54 -12.68 5.53
N MET A 39 -3.46 -12.04 6.21
CA MET A 39 -3.18 -10.84 6.95
C MET A 39 -2.90 -11.18 8.39
N GLY A 40 -2.71 -12.44 8.69
CA GLY A 40 -2.44 -12.84 10.06
C GLY A 40 -0.99 -12.63 10.45
N ALA A 41 -0.43 -11.48 10.11
CA ALA A 41 0.95 -11.13 10.40
C ALA A 41 1.23 -9.69 10.03
N GLY A 42 2.24 -9.11 10.68
CA GLY A 42 2.66 -7.75 10.39
C GLY A 42 1.59 -6.73 10.68
N ILE A 43 1.63 -5.62 9.99
CA ILE A 43 0.62 -4.57 10.15
C ILE A 43 -0.72 -5.02 9.56
N ALA A 44 -0.65 -6.03 8.68
CA ALA A 44 -1.81 -6.52 7.97
C ALA A 44 -2.88 -7.05 8.92
N VAL A 45 -2.45 -7.53 10.08
CA VAL A 45 -3.39 -8.06 11.07
C VAL A 45 -4.21 -6.91 11.69
N LEU A 46 -3.59 -5.76 11.82
CA LEU A 46 -4.25 -4.58 12.35
C LEU A 46 -5.34 -4.13 11.38
N PHE A 47 -5.05 -4.25 10.09
CA PHE A 47 -6.03 -3.94 9.06
C PHE A 47 -7.20 -4.89 9.14
N LYS A 48 -6.92 -6.17 9.41
CA LYS A 48 -7.94 -7.18 9.51
C LYS A 48 -9.00 -6.82 10.57
N LYS A 49 -8.54 -6.33 11.71
CA LYS A 49 -9.42 -5.92 12.78
C LYS A 49 -10.23 -4.67 12.45
N LYS A 50 -9.59 -3.70 11.85
CA LYS A 50 -10.23 -2.42 11.57
C LYS A 50 -11.06 -2.44 10.27
N PHE A 51 -10.70 -3.34 9.38
CA PHE A 51 -11.32 -3.45 8.10
C PHE A 51 -11.45 -4.92 7.78
N GLY A 52 -12.64 -5.42 7.92
CA GLY A 52 -12.96 -6.80 7.54
C GLY A 52 -12.78 -7.05 6.04
N GLY A 53 -11.54 -7.09 5.62
CA GLY A 53 -11.19 -7.24 4.24
C GLY A 53 -11.14 -8.65 3.75
N VAL A 54 -10.90 -9.60 4.66
CA VAL A 54 -10.66 -11.00 4.30
C VAL A 54 -11.73 -11.58 3.35
N GLN A 55 -13.01 -11.44 3.68
CA GLN A 55 -14.06 -11.96 2.81
C GLN A 55 -14.11 -11.24 1.49
N GLU A 56 -13.90 -9.96 1.51
CA GLU A 56 -13.96 -9.15 0.31
C GLU A 56 -12.85 -9.55 -0.66
N LEU A 57 -11.72 -9.91 -0.11
CA LEU A 57 -10.59 -10.35 -0.91
C LEU A 57 -10.85 -11.74 -1.47
N LEU A 58 -11.41 -12.60 -0.63
CA LEU A 58 -11.81 -13.96 -1.01
C LEU A 58 -12.93 -13.92 -2.03
N ASN A 59 -13.70 -12.86 -2.00
CA ASN A 59 -14.82 -12.67 -2.88
C ASN A 59 -14.37 -12.27 -4.30
N GLN A 60 -13.31 -11.46 -4.38
CA GLN A 60 -12.80 -10.98 -5.67
C GLN A 60 -11.90 -11.99 -6.42
N GLN A 61 -11.12 -12.79 -5.66
CA GLN A 61 -10.08 -13.69 -6.24
C GLN A 61 -9.00 -12.90 -6.98
N LYS A 62 -7.96 -12.54 -6.28
CA LYS A 62 -6.87 -11.80 -6.89
C LYS A 62 -5.61 -12.60 -6.82
N LYS A 63 -4.81 -12.48 -7.83
CA LYS A 63 -3.59 -13.25 -7.95
C LYS A 63 -2.33 -12.40 -7.80
N SER A 64 -1.20 -13.08 -7.70
CA SER A 64 0.12 -12.47 -7.50
C SER A 64 0.50 -11.45 -8.60
N GLY A 65 1.04 -10.31 -8.19
CA GLY A 65 1.42 -9.28 -9.14
C GLY A 65 0.26 -8.35 -9.44
N GLU A 66 -0.72 -8.37 -8.57
CA GLU A 66 -1.91 -7.58 -8.70
C GLU A 66 -2.23 -6.94 -7.39
N VAL A 67 -3.22 -6.08 -7.40
CA VAL A 67 -3.65 -5.43 -6.19
C VAL A 67 -5.13 -5.72 -6.00
N ALA A 68 -5.52 -5.82 -4.77
CA ALA A 68 -6.91 -5.95 -4.41
C ALA A 68 -7.26 -4.69 -3.66
N VAL A 69 -8.37 -4.09 -3.98
CA VAL A 69 -8.69 -2.83 -3.36
C VAL A 69 -10.07 -2.92 -2.76
N LEU A 70 -10.24 -2.29 -1.65
CA LEU A 70 -11.52 -2.19 -1.02
C LEU A 70 -11.80 -0.72 -0.81
N LYS A 71 -13.04 -0.34 -0.94
CA LYS A 71 -13.39 1.03 -0.69
C LYS A 71 -14.04 1.07 0.66
N ARG A 72 -13.61 1.93 1.48
CA ARG A 72 -14.22 2.03 2.78
C ARG A 72 -14.40 3.49 3.14
N ASP A 73 -15.64 3.91 3.23
CA ASP A 73 -16.05 5.26 3.66
C ASP A 73 -15.20 6.38 3.01
N GLY A 74 -15.10 6.33 1.69
CA GLY A 74 -14.40 7.34 0.93
C GLY A 74 -12.90 7.10 0.75
N ARG A 75 -12.33 6.14 1.45
CA ARG A 75 -10.91 5.88 1.28
C ARG A 75 -10.72 4.50 0.69
N TYR A 76 -9.59 4.26 0.12
CA TYR A 76 -9.32 2.96 -0.43
C TYR A 76 -8.34 2.19 0.41
N ILE A 77 -8.39 0.90 0.28
CA ILE A 77 -7.49 0.03 1.00
C ILE A 77 -6.85 -0.86 -0.04
N TYR A 78 -5.56 -0.75 -0.18
CA TYR A 78 -4.84 -1.49 -1.18
C TYR A 78 -4.12 -2.67 -0.59
N TYR A 79 -4.38 -3.81 -1.16
CA TYR A 79 -3.73 -5.02 -0.80
C TYR A 79 -2.89 -5.49 -1.97
N LEU A 80 -1.60 -5.27 -1.90
CA LEU A 80 -0.70 -5.72 -2.94
C LEU A 80 -0.51 -7.20 -2.76
N ILE A 81 -0.87 -7.96 -3.76
CA ILE A 81 -0.81 -9.40 -3.68
C ILE A 81 0.57 -9.88 -4.08
N THR A 82 1.29 -10.36 -3.11
CA THR A 82 2.64 -10.80 -3.29
C THR A 82 2.73 -12.24 -3.85
N LYS A 83 2.75 -13.18 -2.97
CA LYS A 83 2.88 -14.57 -3.33
C LYS A 83 1.67 -15.32 -2.92
N LYS A 84 1.64 -16.61 -3.25
CA LYS A 84 0.50 -17.45 -2.94
C LYS A 84 0.20 -17.43 -1.44
N ARG A 85 1.22 -17.61 -0.61
CA ARG A 85 0.99 -17.66 0.83
C ARG A 85 2.05 -16.85 1.55
N ALA A 86 1.83 -16.56 2.83
CA ALA A 86 2.71 -15.66 3.62
C ALA A 86 4.15 -16.17 3.75
N SER A 87 4.31 -17.48 3.74
CA SER A 87 5.62 -18.09 3.89
C SER A 87 6.40 -18.14 2.55
N HIS A 88 5.86 -17.52 1.53
CA HIS A 88 6.53 -17.44 0.23
C HIS A 88 7.14 -16.05 0.09
N LYS A 89 8.37 -15.97 -0.40
CA LYS A 89 9.05 -14.67 -0.55
C LYS A 89 8.73 -14.05 -1.92
N PRO A 90 8.29 -12.78 -1.93
CA PRO A 90 8.03 -12.05 -3.17
C PRO A 90 9.32 -11.50 -3.80
N THR A 91 9.23 -11.09 -5.05
CA THR A 91 10.31 -10.47 -5.73
C THR A 91 9.98 -8.99 -5.90
N TYR A 92 10.95 -8.20 -6.31
CA TYR A 92 10.71 -6.80 -6.56
C TYR A 92 9.86 -6.65 -7.81
N GLU A 93 10.04 -7.59 -8.75
CA GLU A 93 9.21 -7.64 -9.97
C GLU A 93 7.75 -7.72 -9.59
N ASN A 94 7.45 -8.66 -8.72
CA ASN A 94 6.10 -8.93 -8.27
C ASN A 94 5.53 -7.72 -7.55
N LEU A 95 6.30 -7.18 -6.62
CA LEU A 95 5.88 -6.04 -5.86
C LEU A 95 5.65 -4.83 -6.80
N GLN A 96 6.53 -4.69 -7.79
CA GLN A 96 6.44 -3.62 -8.77
C GLN A 96 5.15 -3.68 -9.53
N LYS A 97 4.82 -4.86 -10.06
CA LYS A 97 3.63 -5.02 -10.88
C LYS A 97 2.37 -4.78 -10.06
N SER A 98 2.48 -4.99 -8.77
CA SER A 98 1.42 -4.71 -7.85
C SER A 98 1.30 -3.17 -7.64
N LEU A 99 2.46 -2.49 -7.55
CA LEU A 99 2.51 -1.02 -7.44
C LEU A 99 1.87 -0.41 -8.70
N GLU A 100 2.22 -1.04 -9.82
CA GLU A 100 1.74 -0.68 -11.16
C GLU A 100 0.21 -0.78 -11.23
N ALA A 101 -0.33 -1.70 -10.50
CA ALA A 101 -1.75 -1.90 -10.46
C ALA A 101 -2.45 -0.81 -9.67
N MET A 102 -1.92 -0.46 -8.50
CA MET A 102 -2.59 0.54 -7.70
C MET A 102 -2.43 1.93 -8.24
N LYS A 103 -1.30 2.24 -8.87
CA LYS A 103 -1.11 3.56 -9.48
C LYS A 103 -2.14 3.80 -10.57
N SER A 104 -2.39 2.77 -11.38
CA SER A 104 -3.36 2.85 -12.43
C SER A 104 -4.75 3.09 -11.84
N HIS A 105 -5.06 2.41 -10.75
CA HIS A 105 -6.34 2.61 -10.06
C HIS A 105 -6.45 4.04 -9.52
N CYS A 106 -5.38 4.52 -8.93
CA CYS A 106 -5.36 5.83 -8.34
C CYS A 106 -5.57 6.94 -9.36
N LEU A 107 -4.92 6.83 -10.51
CA LEU A 107 -5.07 7.85 -11.53
C LEU A 107 -6.48 7.88 -12.15
N LYS A 108 -7.15 6.74 -12.10
CA LYS A 108 -8.53 6.65 -12.58
C LYS A 108 -9.50 7.29 -11.58
N ASN A 109 -9.30 7.00 -10.31
CA ASN A 109 -10.22 7.46 -9.24
C ASN A 109 -9.84 8.81 -8.64
N GLY A 110 -8.70 9.34 -9.04
CA GLY A 110 -8.25 10.60 -8.50
C GLY A 110 -7.72 10.44 -7.07
N VAL A 111 -7.13 9.29 -6.81
CA VAL A 111 -6.56 9.00 -5.51
C VAL A 111 -5.13 9.53 -5.47
N THR A 112 -4.97 10.62 -4.77
CA THR A 112 -3.71 11.31 -4.67
C THR A 112 -3.06 11.08 -3.29
N ASP A 113 -3.86 10.68 -2.35
CA ASP A 113 -3.40 10.51 -0.97
C ASP A 113 -3.15 9.04 -0.71
N LEU A 114 -1.89 8.68 -0.53
CA LEU A 114 -1.56 7.30 -0.32
C LEU A 114 -0.76 7.19 0.99
N SER A 115 -1.22 6.38 1.89
CA SER A 115 -0.52 6.13 3.12
C SER A 115 -0.21 4.65 3.26
N MET A 116 1.04 4.37 3.48
CA MET A 116 1.50 3.00 3.64
C MET A 116 2.55 3.00 4.74
N PRO A 117 2.88 1.86 5.30
CA PRO A 117 3.95 1.77 6.26
C PRO A 117 5.22 1.34 5.54
N ARG A 118 6.25 1.00 6.28
CA ARG A 118 7.44 0.51 5.64
C ARG A 118 7.28 -0.95 5.25
N ILE A 119 6.74 -1.15 4.07
CA ILE A 119 6.56 -2.47 3.54
C ILE A 119 7.87 -3.03 2.99
N GLY A 120 7.89 -4.30 2.68
CA GLY A 120 9.10 -4.90 2.19
C GLY A 120 10.05 -5.28 3.31
N CYS A 121 10.53 -4.27 4.03
CA CYS A 121 11.54 -4.45 5.08
C CYS A 121 10.98 -5.09 6.37
N GLY A 122 9.75 -5.54 6.33
CA GLY A 122 9.19 -6.22 7.45
C GLY A 122 9.15 -7.71 7.20
N LEU A 123 8.01 -8.32 7.43
CA LEU A 123 7.81 -9.77 7.21
C LEU A 123 7.81 -10.09 5.72
N ASP A 124 7.66 -9.05 4.92
CA ASP A 124 7.58 -9.15 3.45
C ASP A 124 8.89 -9.74 2.86
N ARG A 125 10.05 -9.44 3.52
CA ARG A 125 11.40 -10.03 3.19
C ARG A 125 12.18 -9.30 2.09
N LEU A 126 11.80 -8.09 1.77
CA LEU A 126 12.50 -7.32 0.74
C LEU A 126 13.25 -6.14 1.36
N GLN A 127 14.27 -5.66 0.68
CA GLN A 127 15.03 -4.51 1.14
C GLN A 127 14.39 -3.22 0.69
N TRP A 128 14.04 -2.39 1.67
CA TRP A 128 13.37 -1.12 1.44
C TRP A 128 14.18 -0.20 0.59
N GLU A 129 15.50 -0.30 0.67
CA GLU A 129 16.38 0.51 -0.17
C GLU A 129 16.00 0.35 -1.64
N ASN A 130 15.76 -0.88 -2.06
CA ASN A 130 15.35 -1.15 -3.44
C ASN A 130 13.89 -0.76 -3.63
N VAL A 131 13.05 -1.17 -2.66
CA VAL A 131 11.60 -0.94 -2.72
C VAL A 131 11.27 0.54 -2.88
N SER A 132 11.78 1.36 -1.98
CA SER A 132 11.57 2.79 -1.98
C SER A 132 11.90 3.41 -3.33
N ALA A 133 13.11 3.15 -3.84
CA ALA A 133 13.54 3.70 -5.12
C ALA A 133 12.61 3.25 -6.25
N MET A 134 12.16 2.01 -6.17
CA MET A 134 11.26 1.45 -7.15
C MET A 134 9.88 2.13 -7.09
N ILE A 135 9.38 2.36 -5.88
CA ILE A 135 8.11 3.05 -5.66
C ILE A 135 8.21 4.47 -6.22
N GLU A 136 9.31 5.14 -5.92
CA GLU A 136 9.57 6.49 -6.39
C GLU A 136 9.57 6.57 -7.93
N GLU A 137 10.08 5.53 -8.57
CA GLU A 137 10.13 5.40 -10.01
C GLU A 137 8.71 5.21 -10.57
N VAL A 138 8.01 4.22 -10.03
CA VAL A 138 6.66 3.84 -10.47
C VAL A 138 5.65 4.99 -10.35
N PHE A 139 5.65 5.67 -9.24
CA PHE A 139 4.65 6.71 -8.98
C PHE A 139 5.12 8.12 -9.33
N GLU A 140 6.30 8.26 -9.92
CA GLU A 140 6.89 9.59 -10.22
C GLU A 140 5.98 10.46 -11.09
N ALA A 141 5.35 9.86 -12.06
CA ALA A 141 4.54 10.57 -13.03
C ALA A 141 3.17 10.96 -12.49
N THR A 142 2.84 10.53 -11.30
CA THR A 142 1.55 10.83 -10.74
C THR A 142 1.65 11.86 -9.63
N ASP A 143 0.52 12.42 -9.21
CA ASP A 143 0.49 13.46 -8.17
C ASP A 143 0.38 12.81 -6.82
N ILE A 144 0.42 11.50 -6.84
CA ILE A 144 0.24 10.70 -5.66
C ILE A 144 1.32 10.96 -4.63
N LYS A 145 0.88 11.38 -3.48
CA LYS A 145 1.71 11.62 -2.37
C LYS A 145 1.80 10.35 -1.60
N ILE A 146 2.96 9.79 -1.53
CA ILE A 146 3.14 8.58 -0.79
C ILE A 146 3.74 8.87 0.53
N THR A 147 2.94 8.74 1.50
CA THR A 147 3.33 9.00 2.83
C THR A 147 3.52 7.69 3.57
N VAL A 148 4.70 7.45 4.08
CA VAL A 148 4.94 6.25 4.83
C VAL A 148 4.92 6.57 6.29
N TYR A 149 4.16 5.84 7.01
CA TYR A 149 4.12 5.98 8.41
C TYR A 149 5.05 4.99 9.01
N THR A 150 5.99 5.50 9.73
CA THR A 150 7.02 4.73 10.31
C THR A 150 6.89 4.88 11.82
N LEU A 151 6.87 3.77 12.52
CA LEU A 151 6.65 3.81 13.94
C LEU A 151 7.91 4.25 14.67
N1 APR B . 1.39 1.78 11.81
C2 APR B . 2.39 1.93 10.93
N3 APR B . 3.21 0.93 10.66
C4 APR B . 3.07 -0.25 11.27
C5 APR B . 2.07 -0.44 12.17
C6 APR B . 1.21 0.60 12.44
N6 APR B . 0.23 0.45 13.32
N7 APR B . 2.14 -1.70 12.60
C8 APR B . 3.18 -2.28 11.98
N9 APR B . 3.74 -1.36 11.15
C1' APR B . 4.93 -1.55 10.24
C2' APR B . 5.68 -2.87 10.61
O2' APR B . 6.62 -2.64 11.61
C3' APR B . 6.38 -3.23 9.27
O3' APR B . 7.71 -2.84 9.30
O4' APR B . 4.54 -1.67 8.89
C4' APR B . 5.58 -2.38 8.20
C5' APR B . 4.98 -3.35 7.12
O5' APR B . 5.24 -4.70 7.44
PA APR B . 5.45 -5.79 6.27
O1A APR B . 5.63 -7.19 6.77
O2A APR B . 6.73 -5.31 5.42
O3A APR B . 4.17 -5.67 5.30
PB APR B . 2.74 -6.26 5.75
O1B APR B . 1.58 -5.55 5.13
O2B APR B . 2.69 -6.15 7.37
O5D APR B . 2.75 -7.84 5.41
C5D APR B . 3.66 -8.36 4.41
O4D APR B . 3.09 -10.47 5.54
O1D APR B . 1.09 -9.74 4.45
C1D APR B . 2.02 -10.84 4.67
O2D APR B . 2.73 -12.65 3.17
C2D APR B . 2.68 -11.26 3.29
O3D APR B . 5.12 -11.62 3.39
C3D APR B . 4.11 -10.66 3.39
C4D APR B . 4.05 -9.83 4.72
H2 APR B . 2.54 2.89 10.44
H61 APR B . 0.10 -0.42 13.78
H62 APR B . -0.39 1.22 13.51
H8 APR B . 3.49 -3.31 12.12
H'1 APR B . 5.38 -0.65 9.83
H'2 APR B . 5.34 -3.63 11.30
HO'2 APR B . 6.14 -2.32 12.44
H'3 APR B . 6.84 -4.19 9.05
HO'3 APR B . 7.99 -2.55 8.38
H'4 APR B . 5.82 -1.35 7.95
H5'1 APR B . 5.43 -3.12 6.15
H5'2 APR B . 3.91 -3.18 7.05
HOA2 APR B . 7.20 -6.11 5.04
HOB2 APR B . 2.09 -6.88 7.72
H5R1 APR B . 4.57 -7.75 4.39
H5R2 APR B . 3.18 -8.31 3.44
HOR1 APR B . 1.44 -9.16 3.71
HR'1 APR B . 1.91 -11.53 5.49
HOR2 APR B . 3.33 -12.90 2.41
HR'2 APR B . 2.13 -11.35 2.37
HOR3 APR B . 6.02 -11.17 3.33
HR'3 APR B . 4.64 -10.31 2.52
HR'4 APR B . 4.64 -10.08 5.61
N SER A 2 8.18 36.53 12.11
CA SER A 2 6.94 36.01 11.68
C SER A 2 7.08 35.47 10.27
N SER A 3 7.53 34.27 10.20
CA SER A 3 7.69 33.54 8.99
C SER A 3 7.59 32.09 9.35
N LEU A 4 6.40 31.57 9.32
CA LEU A 4 6.17 30.22 9.67
C LEU A 4 5.66 29.47 8.48
N ASN A 5 6.56 28.80 7.84
CA ASN A 5 6.24 28.06 6.66
C ASN A 5 6.58 26.61 6.83
N GLU A 6 5.89 25.77 6.14
CA GLU A 6 6.13 24.37 6.18
C GLU A 6 5.78 23.80 4.84
N ASP A 7 6.80 23.47 4.08
CA ASP A 7 6.63 22.99 2.74
C ASP A 7 7.14 21.58 2.59
N PRO A 8 6.23 20.61 2.55
CA PRO A 8 6.58 19.26 2.23
C PRO A 8 6.82 19.17 0.73
N GLU A 9 7.97 18.76 0.38
CA GLU A 9 8.35 18.69 -1.00
C GLU A 9 8.89 17.31 -1.28
N GLY A 10 8.03 16.50 -1.81
CA GLY A 10 8.37 15.15 -2.13
C GLY A 10 7.16 14.28 -2.03
N SER A 11 6.46 14.11 -3.13
CA SER A 11 5.26 13.32 -3.15
C SER A 11 5.57 11.84 -3.30
N ARG A 12 6.82 11.55 -3.63
CA ARG A 12 7.24 10.18 -3.88
C ARG A 12 7.23 9.37 -2.58
N ILE A 13 7.97 9.84 -1.59
CA ILE A 13 8.02 9.18 -0.29
C ILE A 13 7.97 10.27 0.79
N THR A 14 7.24 10.03 1.85
CA THR A 14 7.23 10.94 2.98
C THR A 14 7.26 10.14 4.28
N TYR A 15 8.32 10.29 5.05
CA TYR A 15 8.48 9.62 6.33
C TYR A 15 7.87 10.40 7.48
N VAL A 16 6.86 9.84 8.09
CA VAL A 16 6.29 10.42 9.29
C VAL A 16 6.47 9.42 10.37
N LYS A 17 6.96 9.83 11.48
CA LYS A 17 7.10 8.93 12.56
C LYS A 17 5.92 8.92 13.44
N GLY A 18 4.97 8.20 12.99
CA GLY A 18 3.73 8.05 13.70
C GLY A 18 3.06 6.76 13.34
N ASP A 19 1.86 6.58 13.83
CA ASP A 19 1.07 5.37 13.59
C ASP A 19 0.37 5.47 12.24
N LEU A 20 0.34 4.37 11.51
CA LEU A 20 -0.23 4.33 10.16
C LEU A 20 -1.72 4.63 10.17
N PHE A 21 -2.41 4.18 11.18
CA PHE A 21 -3.85 4.32 11.27
C PHE A 21 -4.28 5.72 11.69
N ALA A 22 -3.32 6.60 11.91
CA ALA A 22 -3.59 7.96 12.30
C ALA A 22 -3.77 8.85 11.05
N CYS A 23 -3.71 8.23 9.89
CA CYS A 23 -3.82 8.89 8.59
C CYS A 23 -5.21 9.56 8.36
N PRO A 24 -5.26 10.64 7.53
CA PRO A 24 -6.50 11.38 7.18
C PRO A 24 -7.53 10.54 6.37
N LYS A 25 -8.71 11.10 6.18
CA LYS A 25 -9.79 10.46 5.40
C LYS A 25 -9.56 10.56 3.89
N THR A 26 -8.74 11.52 3.48
CA THR A 26 -8.42 11.71 2.06
C THR A 26 -7.39 10.70 1.63
N ASP A 27 -6.78 10.13 2.61
CA ASP A 27 -5.73 9.19 2.44
C ASP A 27 -6.29 7.79 2.18
N SER A 28 -5.49 6.92 1.66
CA SER A 28 -5.86 5.53 1.46
C SER A 28 -4.73 4.63 1.95
N LEU A 29 -5.07 3.58 2.66
CA LEU A 29 -4.10 2.67 3.27
C LEU A 29 -3.68 1.57 2.32
N ALA A 30 -2.39 1.34 2.23
CA ALA A 30 -1.88 0.28 1.39
C ALA A 30 -0.86 -0.55 2.14
N HIS A 31 -0.77 -1.81 1.78
CA HIS A 31 0.21 -2.74 2.33
C HIS A 31 0.20 -4.01 1.52
N CYS A 32 1.16 -4.85 1.72
CA CYS A 32 1.28 -6.03 0.93
C CYS A 32 0.89 -7.27 1.75
N ILE A 33 0.30 -8.27 1.06
CA ILE A 33 -0.11 -9.56 1.66
C ILE A 33 -0.05 -10.65 0.60
N SER A 34 -0.32 -11.86 0.99
CA SER A 34 -0.29 -12.99 0.10
C SER A 34 -1.69 -13.26 -0.51
N GLU A 35 -1.74 -14.17 -1.48
CA GLU A 35 -2.96 -14.55 -2.17
C GLU A 35 -3.96 -15.21 -1.24
N ASP A 36 -3.48 -16.05 -0.35
CA ASP A 36 -4.35 -16.89 0.48
C ASP A 36 -5.12 -16.06 1.54
N CYS A 37 -4.82 -14.77 1.58
CA CYS A 37 -5.50 -13.79 2.44
C CYS A 37 -5.12 -13.96 3.90
N ARG A 38 -4.13 -14.76 4.16
CA ARG A 38 -3.60 -14.87 5.48
C ARG A 38 -2.71 -13.69 5.81
N MET A 39 -3.33 -12.62 6.26
CA MET A 39 -2.60 -11.43 6.63
C MET A 39 -2.32 -11.46 8.13
N GLY A 40 -2.51 -12.61 8.71
CA GLY A 40 -2.31 -12.80 10.13
C GLY A 40 -0.85 -12.85 10.51
N ALA A 41 -0.16 -11.77 10.26
CA ALA A 41 1.23 -11.61 10.61
C ALA A 41 1.59 -10.13 10.61
N GLY A 42 2.11 -9.65 11.72
CA GLY A 42 2.58 -8.29 11.83
C GLY A 42 1.47 -7.25 11.76
N ILE A 43 1.78 -6.12 11.14
CA ILE A 43 0.86 -4.97 11.02
C ILE A 43 -0.45 -5.36 10.28
N ALA A 44 -0.36 -6.38 9.47
CA ALA A 44 -1.48 -6.80 8.66
C ALA A 44 -2.67 -7.30 9.50
N VAL A 45 -2.40 -7.79 10.72
CA VAL A 45 -3.48 -8.24 11.62
C VAL A 45 -4.39 -7.06 11.98
N LEU A 46 -3.79 -5.88 12.08
CA LEU A 46 -4.49 -4.66 12.45
C LEU A 46 -5.53 -4.30 11.41
N PHE A 47 -5.18 -4.51 10.16
CA PHE A 47 -6.10 -4.25 9.08
C PHE A 47 -7.25 -5.24 9.06
N LYS A 48 -6.97 -6.51 9.37
CA LYS A 48 -7.98 -7.55 9.39
C LYS A 48 -9.05 -7.21 10.45
N LYS A 49 -8.58 -6.71 11.56
CA LYS A 49 -9.43 -6.37 12.69
C LYS A 49 -10.34 -5.19 12.39
N LYS A 50 -9.77 -4.17 11.80
CA LYS A 50 -10.50 -2.93 11.55
C LYS A 50 -11.26 -2.95 10.22
N PHE A 51 -10.82 -3.77 9.29
CA PHE A 51 -11.38 -3.83 7.98
C PHE A 51 -11.52 -5.26 7.57
N GLY A 52 -12.72 -5.74 7.67
CA GLY A 52 -13.09 -7.09 7.20
C GLY A 52 -12.90 -7.24 5.68
N GLY A 53 -11.66 -7.33 5.29
CA GLY A 53 -11.28 -7.38 3.91
C GLY A 53 -11.32 -8.74 3.29
N VAL A 54 -11.15 -9.80 4.09
CA VAL A 54 -10.98 -11.18 3.57
C VAL A 54 -12.06 -11.56 2.54
N GLN A 55 -13.31 -11.26 2.86
CA GLN A 55 -14.41 -11.58 1.98
C GLN A 55 -14.30 -10.86 0.63
N GLU A 56 -14.01 -9.58 0.69
CA GLU A 56 -13.81 -8.77 -0.51
C GLU A 56 -12.57 -9.23 -1.27
N LEU A 57 -11.55 -9.67 -0.53
CA LEU A 57 -10.33 -10.14 -1.16
C LEU A 57 -10.63 -11.38 -1.98
N LEU A 58 -11.44 -12.25 -1.42
CA LEU A 58 -11.83 -13.47 -2.07
C LEU A 58 -12.72 -13.21 -3.28
N ASN A 59 -13.68 -12.29 -3.13
CA ASN A 59 -14.67 -12.03 -4.20
C ASN A 59 -14.08 -11.28 -5.40
N GLN A 60 -12.93 -10.68 -5.22
CA GLN A 60 -12.24 -9.98 -6.31
C GLN A 60 -11.48 -10.93 -7.24
N GLN A 61 -11.17 -12.12 -6.75
CA GLN A 61 -10.29 -13.06 -7.44
C GLN A 61 -8.96 -12.43 -7.78
N LYS A 62 -8.16 -12.28 -6.79
CA LYS A 62 -6.86 -11.69 -6.93
C LYS A 62 -5.78 -12.75 -7.14
N LYS A 63 -4.73 -12.33 -7.74
CA LYS A 63 -3.60 -13.18 -8.10
C LYS A 63 -2.31 -12.39 -7.95
N SER A 64 -1.21 -13.09 -8.04
CA SER A 64 0.12 -12.52 -7.90
C SER A 64 0.36 -11.33 -8.85
N GLY A 65 0.85 -10.23 -8.30
CA GLY A 65 1.18 -9.06 -9.11
C GLY A 65 0.00 -8.15 -9.32
N GLU A 66 -1.06 -8.39 -8.58
CA GLU A 66 -2.25 -7.59 -8.68
C GLU A 66 -2.58 -7.00 -7.34
N VAL A 67 -3.54 -6.12 -7.28
CA VAL A 67 -3.88 -5.50 -6.03
C VAL A 67 -5.36 -5.72 -5.73
N ALA A 68 -5.65 -6.01 -4.51
CA ALA A 68 -7.00 -6.12 -4.06
C ALA A 68 -7.32 -4.86 -3.31
N VAL A 69 -8.45 -4.27 -3.57
CA VAL A 69 -8.76 -3.00 -2.96
C VAL A 69 -10.09 -3.09 -2.23
N LEU A 70 -10.22 -2.33 -1.18
CA LEU A 70 -11.45 -2.26 -0.43
C LEU A 70 -11.85 -0.81 -0.42
N LYS A 71 -13.08 -0.53 -0.72
CA LYS A 71 -13.54 0.81 -0.64
C LYS A 71 -14.23 0.94 0.69
N ARG A 72 -13.67 1.71 1.56
CA ARG A 72 -14.16 1.82 2.94
C ARG A 72 -14.25 3.28 3.35
N ASP A 73 -15.47 3.74 3.62
CA ASP A 73 -15.73 5.13 4.10
C ASP A 73 -15.20 6.18 3.10
N GLY A 74 -15.20 5.80 1.84
CA GLY A 74 -14.72 6.69 0.81
C GLY A 74 -13.21 6.61 0.62
N ARG A 75 -12.55 5.75 1.38
CA ARG A 75 -11.12 5.55 1.24
C ARG A 75 -10.88 4.25 0.54
N TYR A 76 -9.66 4.02 0.18
CA TYR A 76 -9.29 2.79 -0.43
C TYR A 76 -8.26 2.07 0.38
N ILE A 77 -8.33 0.77 0.38
CA ILE A 77 -7.40 -0.04 1.10
C ILE A 77 -6.75 -0.96 0.10
N TYR A 78 -5.48 -0.84 -0.08
CA TYR A 78 -4.77 -1.59 -1.08
C TYR A 78 -4.02 -2.76 -0.47
N TYR A 79 -4.24 -3.90 -1.05
CA TYR A 79 -3.55 -5.11 -0.69
C TYR A 79 -2.73 -5.59 -1.86
N LEU A 80 -1.44 -5.39 -1.79
CA LEU A 80 -0.53 -5.82 -2.81
C LEU A 80 -0.39 -7.33 -2.72
N ILE A 81 -0.89 -8.03 -3.72
CA ILE A 81 -0.90 -9.49 -3.72
C ILE A 81 0.42 -10.03 -4.27
N THR A 82 1.12 -10.77 -3.44
CA THR A 82 2.41 -11.34 -3.79
C THR A 82 2.29 -12.70 -4.45
N LYS A 83 2.10 -13.70 -3.64
CA LYS A 83 1.92 -15.08 -4.04
C LYS A 83 1.17 -15.82 -2.99
N LYS A 84 1.14 -17.14 -3.05
CA LYS A 84 0.20 -17.93 -2.26
C LYS A 84 0.24 -17.69 -0.74
N ARG A 85 1.40 -17.69 -0.11
CA ARG A 85 1.41 -17.57 1.36
C ARG A 85 2.35 -16.53 1.91
N ALA A 86 1.98 -16.00 3.08
CA ALA A 86 2.69 -14.95 3.78
C ALA A 86 4.04 -15.41 4.32
N SER A 87 4.19 -16.71 4.47
CA SER A 87 5.41 -17.29 4.98
C SER A 87 6.50 -17.39 3.90
N HIS A 88 6.18 -16.92 2.71
CA HIS A 88 7.11 -16.95 1.59
C HIS A 88 7.79 -15.60 1.50
N LYS A 89 8.88 -15.52 0.78
CA LYS A 89 9.50 -14.25 0.54
C LYS A 89 9.12 -13.77 -0.84
N PRO A 90 8.48 -12.62 -0.92
CA PRO A 90 8.06 -12.05 -2.20
C PRO A 90 9.23 -11.50 -3.02
N THR A 91 9.07 -11.52 -4.31
CA THR A 91 10.01 -10.98 -5.20
C THR A 91 9.63 -9.54 -5.55
N TYR A 92 10.61 -8.75 -5.97
CA TYR A 92 10.38 -7.37 -6.35
C TYR A 92 9.52 -7.32 -7.61
N GLU A 93 9.70 -8.35 -8.43
CA GLU A 93 8.99 -8.50 -9.70
C GLU A 93 7.47 -8.45 -9.50
N ASN A 94 6.96 -9.23 -8.55
CA ASN A 94 5.52 -9.27 -8.27
C ASN A 94 5.07 -8.04 -7.52
N LEU A 95 5.95 -7.53 -6.67
CA LEU A 95 5.65 -6.35 -5.91
C LEU A 95 5.46 -5.17 -6.85
N GLN A 96 6.39 -5.04 -7.80
CA GLN A 96 6.38 -3.98 -8.79
C GLN A 96 5.06 -3.93 -9.53
N LYS A 97 4.63 -5.07 -10.06
CA LYS A 97 3.39 -5.17 -10.81
C LYS A 97 2.20 -4.74 -9.98
N SER A 98 2.24 -5.08 -8.71
CA SER A 98 1.15 -4.77 -7.83
C SER A 98 1.18 -3.25 -7.48
N LEU A 99 2.38 -2.67 -7.37
CA LEU A 99 2.55 -1.23 -7.13
C LEU A 99 1.93 -0.45 -8.26
N GLU A 100 2.13 -0.97 -9.46
CA GLU A 100 1.63 -0.36 -10.69
C GLU A 100 0.12 -0.36 -10.70
N ALA A 101 -0.45 -1.41 -10.17
CA ALA A 101 -1.88 -1.56 -10.11
C ALA A 101 -2.48 -0.47 -9.23
N MET A 102 -1.80 -0.16 -8.13
CA MET A 102 -2.26 0.92 -7.26
C MET A 102 -2.17 2.24 -7.98
N LYS A 103 -1.04 2.45 -8.65
CA LYS A 103 -0.73 3.68 -9.37
C LYS A 103 -1.84 3.95 -10.40
N SER A 104 -2.07 2.99 -11.25
CA SER A 104 -3.07 3.07 -12.30
C SER A 104 -4.47 3.34 -11.71
N HIS A 105 -4.81 2.66 -10.61
CA HIS A 105 -6.09 2.83 -9.96
C HIS A 105 -6.22 4.23 -9.33
N CYS A 106 -5.19 4.66 -8.63
CA CYS A 106 -5.21 5.93 -7.92
C CYS A 106 -5.45 7.11 -8.83
N LEU A 107 -4.68 7.22 -9.91
CA LEU A 107 -4.85 8.36 -10.81
C LEU A 107 -6.22 8.39 -11.49
N LYS A 108 -6.80 7.23 -11.66
CA LYS A 108 -8.09 7.10 -12.30
C LYS A 108 -9.19 7.55 -11.36
N ASN A 109 -9.08 7.17 -10.09
CA ASN A 109 -10.10 7.51 -9.08
C ASN A 109 -9.88 8.89 -8.50
N GLY A 110 -8.70 9.45 -8.70
CA GLY A 110 -8.40 10.74 -8.15
C GLY A 110 -7.84 10.60 -6.74
N VAL A 111 -7.20 9.48 -6.48
CA VAL A 111 -6.59 9.22 -5.21
C VAL A 111 -5.15 9.68 -5.27
N THR A 112 -4.85 10.76 -4.60
CA THR A 112 -3.54 11.37 -4.65
C THR A 112 -2.92 11.49 -3.27
N ASP A 113 -3.52 10.85 -2.31
CA ASP A 113 -3.03 10.88 -0.95
C ASP A 113 -3.11 9.44 -0.42
N LEU A 114 -1.97 8.79 -0.29
CA LEU A 114 -1.93 7.36 0.04
C LEU A 114 -0.88 7.11 1.13
N SER A 115 -1.26 6.37 2.14
CA SER A 115 -0.36 6.05 3.20
C SER A 115 -0.10 4.56 3.25
N MET A 116 1.12 4.24 3.44
CA MET A 116 1.56 2.89 3.53
C MET A 116 2.66 2.84 4.57
N PRO A 117 2.89 1.72 5.21
CA PRO A 117 3.98 1.61 6.14
C PRO A 117 5.25 1.31 5.37
N ARG A 118 6.32 1.02 6.05
CA ARG A 118 7.52 0.70 5.34
C ARG A 118 7.44 -0.73 4.81
N ILE A 119 6.91 -0.86 3.63
CA ILE A 119 6.86 -2.14 2.99
C ILE A 119 8.15 -2.36 2.23
N GLY A 120 8.81 -3.44 2.50
CA GLY A 120 10.12 -3.63 1.94
C GLY A 120 11.16 -3.65 3.04
N CYS A 121 10.78 -4.18 4.20
CA CYS A 121 11.66 -4.29 5.35
C CYS A 121 11.04 -5.16 6.46
N GLY A 122 9.95 -5.83 6.16
CA GLY A 122 9.29 -6.61 7.19
C GLY A 122 9.15 -8.06 6.81
N LEU A 123 7.91 -8.50 6.69
CA LEU A 123 7.57 -9.89 6.33
C LEU A 123 8.07 -10.18 4.92
N ASP A 124 8.11 -9.13 4.14
CA ASP A 124 8.55 -9.15 2.76
C ASP A 124 10.03 -9.56 2.66
N ARG A 125 10.82 -9.16 3.67
CA ARG A 125 12.24 -9.48 3.77
C ARG A 125 13.05 -8.86 2.61
N LEU A 126 12.56 -7.76 2.06
CA LEU A 126 13.21 -7.11 0.93
C LEU A 126 14.04 -5.92 1.40
N GLN A 127 14.79 -5.32 0.49
CA GLN A 127 15.58 -4.13 0.81
C GLN A 127 14.83 -2.89 0.38
N TRP A 128 14.64 -1.99 1.33
CA TRP A 128 13.91 -0.75 1.12
C TRP A 128 14.49 0.12 0.03
N GLU A 129 15.80 0.12 -0.06
CA GLU A 129 16.53 0.88 -1.06
C GLU A 129 15.93 0.62 -2.45
N ASN A 130 15.75 -0.67 -2.75
CA ASN A 130 15.21 -1.09 -4.03
C ASN A 130 13.72 -0.82 -4.10
N VAL A 131 13.02 -1.18 -3.04
CA VAL A 131 11.56 -1.06 -2.99
C VAL A 131 11.12 0.38 -3.14
N SER A 132 11.66 1.26 -2.31
CA SER A 132 11.31 2.67 -2.32
C SER A 132 11.57 3.29 -3.69
N ALA A 133 12.71 2.98 -4.28
CA ALA A 133 13.06 3.51 -5.59
C ALA A 133 12.09 3.00 -6.65
N MET A 134 11.77 1.73 -6.56
CA MET A 134 10.86 1.10 -7.49
C MET A 134 9.46 1.71 -7.37
N ILE A 135 9.03 2.01 -6.14
CA ILE A 135 7.75 2.66 -5.89
C ILE A 135 7.74 4.04 -6.53
N GLU A 136 8.80 4.81 -6.27
CA GLU A 136 8.88 6.16 -6.74
C GLU A 136 8.93 6.28 -8.26
N GLU A 137 9.48 5.28 -8.94
CA GLU A 137 9.48 5.27 -10.40
C GLU A 137 8.06 5.08 -10.91
N VAL A 138 7.34 4.18 -10.30
CA VAL A 138 5.99 3.84 -10.70
C VAL A 138 5.03 5.04 -10.61
N PHE A 139 5.12 5.79 -9.53
CA PHE A 139 4.22 6.95 -9.31
C PHE A 139 4.88 8.28 -9.75
N GLU A 140 6.02 8.19 -10.42
CA GLU A 140 6.82 9.39 -10.77
C GLU A 140 6.07 10.44 -11.60
N ALA A 141 5.18 9.99 -12.43
CA ALA A 141 4.45 10.91 -13.30
C ALA A 141 3.12 11.34 -12.70
N THR A 142 2.89 11.06 -11.42
CA THR A 142 1.63 11.42 -10.81
C THR A 142 1.79 12.45 -9.69
N ASP A 143 0.66 12.88 -9.17
CA ASP A 143 0.60 13.84 -8.07
C ASP A 143 0.25 13.12 -6.79
N ILE A 144 0.36 11.81 -6.84
CA ILE A 144 0.03 10.97 -5.74
C ILE A 144 1.11 11.05 -4.67
N LYS A 145 0.71 11.42 -3.48
CA LYS A 145 1.62 11.51 -2.38
C LYS A 145 1.64 10.22 -1.62
N ILE A 146 2.80 9.72 -1.39
CA ILE A 146 2.98 8.52 -0.64
C ILE A 146 3.62 8.79 0.68
N THR A 147 2.88 8.54 1.69
CA THR A 147 3.31 8.79 3.02
C THR A 147 3.53 7.48 3.76
N VAL A 148 4.72 7.31 4.29
CA VAL A 148 5.05 6.15 5.04
C VAL A 148 5.04 6.48 6.52
N TYR A 149 4.33 5.73 7.26
CA TYR A 149 4.37 5.87 8.67
C TYR A 149 5.38 4.93 9.23
N THR A 150 6.33 5.50 9.90
CA THR A 150 7.41 4.79 10.45
C THR A 150 7.43 5.03 11.94
N LEU A 151 7.23 3.99 12.67
CA LEU A 151 7.18 4.09 14.10
C LEU A 151 8.57 3.94 14.65
N1 APR B . 1.46 1.56 11.93
C2 APR B . 2.46 1.85 11.09
N3 APR B . 3.43 0.98 10.85
C4 APR B . 3.42 -0.22 11.44
C5 APR B . 2.42 -0.56 12.30
C6 APR B . 1.42 0.37 12.53
N6 APR B . 0.43 0.07 13.37
N7 APR B . 2.66 -1.79 12.74
C8 APR B . 3.79 -2.21 12.16
N9 APR B . 4.27 -1.23 11.37
C1' APR B . 5.53 -1.24 10.54
C2' APR B . 6.36 -2.52 10.81
O2' APR B . 7.21 -2.33 11.91
C3' APR B . 7.17 -2.66 9.51
O3' APR B . 8.32 -1.88 9.56
O4' APR B . 5.25 -1.19 9.13
C4' APR B . 6.16 -2.09 8.45
C5' APR B . 5.39 -3.27 7.77
O5' APR B . 6.19 -3.93 6.78
PA APR B . 5.58 -5.18 5.97
O1A APR B . 4.14 -5.41 6.24
O2A APR B . 6.46 -6.47 6.36
O3A APR B . 5.85 -4.91 4.42
PB APR B . 5.12 -5.81 3.29
O1B APR B . 5.74 -5.71 1.94
O2B APR B . 3.57 -5.34 3.25
O5D APR B . 5.11 -7.34 3.82
C5D APR B . 4.06 -8.23 3.42
O4D APR B . 4.49 -10.60 4.01
O1D APR B . 2.13 -10.39 4.32
C1D APR B . 3.23 -11.21 3.81
O2D APR B . 3.71 -12.57 1.85
C2D APR B . 3.09 -11.39 2.27
O3D APR B . 4.67 -10.44 0.67
C3D APR B . 3.84 -10.16 1.73
C4D APR B . 4.63 -9.62 2.99
H2 APR B . 2.54 2.84 10.66
H61 APR B . 0.42 -0.82 13.83
H62 APR B . -0.29 0.74 13.53
H8 APR B . 4.22 -3.20 12.34
H'1 APR B . 5.97 -0.29 10.25
H'2 APR B . 6.04 -3.37 11.40
HO'2 APR B . 6.72 -2.51 12.76
H'3 APR B . 7.88 -3.44 9.31
HO'3 APR B . 8.90 -2.10 8.77
H'4 APR B . 6.32 -1.16 7.92
H5'1 APR B . 5.11 -3.99 8.54
H5'2 APR B . 4.48 -2.88 7.30
HOA2 APR B . 6.99 -6.74 5.56
HOB2 APR B . 2.98 -6.04 3.65
H5R1 APR B . 3.54 -7.80 2.58
H5R2 APR B . 3.37 -8.35 4.26
HOR1 APR B . 1.95 -9.64 3.68
HR'1 APR B . 3.75 -11.92 4.45
HOR2 APR B . 3.76 -12.57 0.85
HR'2 APR B . 2.23 -11.85 1.79
HOR3 APR B . 5.12 -9.60 0.35
HR'3 APR B . 3.39 -9.49 1.01
HR'4 APR B . 5.67 -9.88 3.18
N SER A 2 -11.62 17.33 -24.33
CA SER A 2 -10.43 17.79 -23.70
C SER A 2 -10.47 17.50 -22.21
N SER A 3 -10.09 16.32 -21.86
CA SER A 3 -10.00 15.94 -20.49
C SER A 3 -8.53 15.72 -20.16
N LEU A 4 -7.85 16.81 -19.88
CA LEU A 4 -6.45 16.77 -19.60
C LEU A 4 -6.18 17.59 -18.35
N ASN A 5 -5.94 16.93 -17.27
CA ASN A 5 -5.72 17.62 -16.01
C ASN A 5 -4.79 16.83 -15.13
N GLU A 6 -4.03 17.53 -14.34
CA GLU A 6 -3.13 16.96 -13.41
C GLU A 6 -3.00 17.94 -12.27
N ASP A 7 -2.74 17.45 -11.10
CA ASP A 7 -2.69 18.29 -9.91
C ASP A 7 -1.95 17.62 -8.76
N PRO A 8 -0.62 17.71 -8.77
CA PRO A 8 0.22 17.15 -7.74
C PRO A 8 0.85 18.19 -6.80
N GLU A 9 1.23 17.74 -5.62
CA GLU A 9 2.02 18.57 -4.72
C GLU A 9 3.48 18.19 -4.88
N GLY A 10 3.72 17.12 -5.62
CA GLY A 10 5.06 16.63 -5.86
C GLY A 10 5.65 15.98 -4.64
N SER A 11 5.23 14.77 -4.37
CA SER A 11 5.72 14.05 -3.23
C SER A 11 5.91 12.57 -3.58
N ARG A 12 7.16 12.19 -3.85
CA ARG A 12 7.48 10.80 -4.17
C ARG A 12 7.22 9.88 -2.97
N ILE A 13 8.07 9.93 -1.97
CA ILE A 13 7.84 9.26 -0.72
C ILE A 13 8.24 10.15 0.41
N THR A 14 7.28 10.57 1.14
CA THR A 14 7.49 11.40 2.26
C THR A 14 7.49 10.56 3.52
N TYR A 15 8.54 10.64 4.28
CA TYR A 15 8.61 9.93 5.53
C TYR A 15 8.06 10.78 6.63
N VAL A 16 7.08 10.27 7.32
CA VAL A 16 6.51 10.96 8.45
C VAL A 16 6.46 10.02 9.63
N LYS A 17 6.79 10.52 10.76
CA LYS A 17 6.77 9.74 11.94
C LYS A 17 5.38 9.79 12.53
N GLY A 18 4.71 8.68 12.54
CA GLY A 18 3.37 8.60 13.02
C GLY A 18 2.74 7.28 12.68
N ASP A 19 1.65 6.97 13.33
CA ASP A 19 0.91 5.72 13.15
C ASP A 19 -0.09 5.85 11.99
N LEU A 20 -0.28 4.79 11.20
CA LEU A 20 -1.25 4.80 10.09
C LEU A 20 -2.67 4.85 10.59
N PHE A 21 -2.91 4.22 11.71
CA PHE A 21 -4.25 4.10 12.27
C PHE A 21 -4.72 5.36 12.95
N ALA A 22 -3.89 6.38 12.94
CA ALA A 22 -4.31 7.69 13.40
C ALA A 22 -5.20 8.28 12.30
N CYS A 23 -5.02 7.71 11.09
CA CYS A 23 -5.83 7.90 9.88
C CYS A 23 -6.30 9.32 9.56
N PRO A 24 -5.55 10.04 8.73
CA PRO A 24 -6.00 11.30 8.14
C PRO A 24 -7.07 10.97 7.07
N LYS A 25 -7.86 11.93 6.65
CA LYS A 25 -8.96 11.65 5.72
C LYS A 25 -8.49 11.44 4.27
N THR A 26 -7.44 12.12 3.93
CA THR A 26 -6.98 12.18 2.56
C THR A 26 -6.17 10.92 2.17
N ASP A 27 -5.57 10.32 3.16
CA ASP A 27 -4.67 9.19 3.00
C ASP A 27 -5.42 7.86 2.77
N SER A 28 -5.23 7.23 1.63
CA SER A 28 -5.76 5.90 1.40
C SER A 28 -4.70 4.89 1.84
N LEU A 29 -5.10 3.90 2.60
CA LEU A 29 -4.15 2.95 3.19
C LEU A 29 -3.86 1.79 2.26
N ALA A 30 -2.61 1.49 2.11
CA ALA A 30 -2.17 0.40 1.29
C ALA A 30 -1.15 -0.42 2.03
N HIS A 31 -0.96 -1.66 1.60
CA HIS A 31 0.04 -2.54 2.17
C HIS A 31 0.19 -3.78 1.33
N CYS A 32 1.22 -4.53 1.60
CA CYS A 32 1.55 -5.71 0.87
C CYS A 32 1.08 -6.94 1.64
N ILE A 33 0.64 -7.97 0.90
CA ILE A 33 0.27 -9.27 1.45
C ILE A 33 0.51 -10.35 0.39
N SER A 34 0.32 -11.57 0.78
CA SER A 34 0.38 -12.66 -0.15
C SER A 34 -1.06 -13.00 -0.63
N GLU A 35 -1.18 -13.75 -1.71
CA GLU A 35 -2.48 -14.10 -2.32
C GLU A 35 -3.31 -14.95 -1.37
N ASP A 36 -2.63 -15.73 -0.54
CA ASP A 36 -3.27 -16.65 0.42
C ASP A 36 -3.93 -15.87 1.53
N CYS A 37 -3.52 -14.62 1.67
CA CYS A 37 -4.02 -13.70 2.67
C CYS A 37 -3.66 -14.17 4.09
N ARG A 38 -2.46 -13.86 4.50
CA ARG A 38 -1.98 -14.23 5.79
C ARG A 38 -1.64 -13.00 6.61
N MET A 39 -2.62 -12.54 7.36
CA MET A 39 -2.48 -11.36 8.20
C MET A 39 -2.10 -11.72 9.62
N GLY A 40 -1.68 -12.95 9.84
CA GLY A 40 -1.42 -13.46 11.21
C GLY A 40 -0.36 -12.65 12.01
N ALA A 41 0.35 -11.79 11.34
CA ALA A 41 1.38 -10.98 11.95
C ALA A 41 1.60 -9.75 11.10
N GLY A 42 2.43 -8.85 11.57
CA GLY A 42 2.69 -7.63 10.87
C GLY A 42 1.55 -6.65 11.01
N ILE A 43 1.61 -5.56 10.30
CA ILE A 43 0.56 -4.56 10.37
C ILE A 43 -0.73 -5.07 9.66
N ALA A 44 -0.58 -6.11 8.84
CA ALA A 44 -1.68 -6.68 8.08
C ALA A 44 -2.86 -7.09 8.98
N VAL A 45 -2.55 -7.62 10.17
CA VAL A 45 -3.58 -8.02 11.14
C VAL A 45 -4.38 -6.82 11.64
N LEU A 46 -3.72 -5.69 11.73
CA LEU A 46 -4.34 -4.47 12.20
C LEU A 46 -5.38 -3.98 11.18
N PHE A 47 -5.06 -4.10 9.90
CA PHE A 47 -6.02 -3.75 8.83
C PHE A 47 -7.13 -4.78 8.77
N LYS A 48 -6.75 -6.04 8.96
CA LYS A 48 -7.67 -7.16 8.98
C LYS A 48 -8.74 -6.93 10.06
N LYS A 49 -8.29 -6.60 11.25
CA LYS A 49 -9.13 -6.36 12.37
C LYS A 49 -9.99 -5.08 12.18
N LYS A 50 -9.46 -4.09 11.51
CA LYS A 50 -10.11 -2.81 11.36
C LYS A 50 -11.14 -2.79 10.23
N PHE A 51 -10.79 -3.36 9.09
CA PHE A 51 -11.67 -3.27 7.92
C PHE A 51 -12.36 -4.59 7.59
N GLY A 52 -11.88 -5.70 8.14
CA GLY A 52 -12.44 -7.01 7.80
C GLY A 52 -12.19 -7.32 6.34
N GLY A 53 -11.01 -6.94 5.90
CA GLY A 53 -10.63 -7.07 4.51
C GLY A 53 -10.47 -8.49 4.02
N VAL A 54 -10.15 -9.41 4.91
CA VAL A 54 -9.86 -10.80 4.56
C VAL A 54 -10.96 -11.44 3.68
N GLN A 55 -12.24 -11.33 4.07
CA GLN A 55 -13.31 -11.88 3.28
C GLN A 55 -13.41 -11.22 1.95
N GLU A 56 -13.34 -9.91 1.94
CA GLU A 56 -13.45 -9.15 0.73
C GLU A 56 -12.36 -9.50 -0.27
N LEU A 57 -11.19 -9.81 0.23
CA LEU A 57 -10.09 -10.21 -0.63
C LEU A 57 -10.36 -11.58 -1.25
N LEU A 58 -10.99 -12.45 -0.48
CA LEU A 58 -11.37 -13.77 -0.96
C LEU A 58 -12.59 -13.64 -1.89
N ASN A 59 -13.44 -12.69 -1.57
CA ASN A 59 -14.65 -12.37 -2.32
C ASN A 59 -14.30 -11.72 -3.67
N GLN A 60 -13.23 -10.93 -3.69
CA GLN A 60 -12.71 -10.39 -4.95
C GLN A 60 -12.02 -11.47 -5.73
N GLN A 61 -11.40 -12.37 -4.99
CA GLN A 61 -10.51 -13.38 -5.51
C GLN A 61 -9.33 -12.70 -6.13
N LYS A 62 -8.56 -12.09 -5.26
CA LYS A 62 -7.35 -11.43 -5.63
C LYS A 62 -6.32 -12.40 -6.21
N LYS A 63 -5.40 -11.87 -6.95
CA LYS A 63 -4.41 -12.65 -7.64
C LYS A 63 -3.06 -11.96 -7.58
N SER A 64 -2.02 -12.76 -7.56
CA SER A 64 -0.66 -12.30 -7.46
C SER A 64 -0.22 -11.43 -8.65
N GLY A 65 0.49 -10.35 -8.35
CA GLY A 65 0.97 -9.44 -9.40
C GLY A 65 -0.08 -8.41 -9.75
N GLU A 66 -1.06 -8.30 -8.89
CA GLU A 66 -2.17 -7.39 -9.04
C GLU A 66 -2.50 -6.78 -7.69
N VAL A 67 -3.40 -5.82 -7.67
CA VAL A 67 -3.74 -5.17 -6.44
C VAL A 67 -5.23 -5.30 -6.17
N ALA A 68 -5.54 -5.63 -4.97
CA ALA A 68 -6.91 -5.74 -4.56
C ALA A 68 -7.24 -4.50 -3.78
N VAL A 69 -8.41 -3.99 -3.94
CA VAL A 69 -8.75 -2.76 -3.30
C VAL A 69 -10.15 -2.81 -2.74
N LEU A 70 -10.33 -2.18 -1.62
CA LEU A 70 -11.60 -2.16 -0.96
C LEU A 70 -12.00 -0.73 -0.77
N LYS A 71 -13.23 -0.42 -1.09
CA LYS A 71 -13.72 0.89 -0.85
C LYS A 71 -14.34 0.88 0.52
N ARG A 72 -13.76 1.60 1.40
CA ARG A 72 -14.20 1.63 2.78
C ARG A 72 -14.48 3.04 3.18
N ASP A 73 -15.72 3.33 3.48
CA ASP A 73 -16.17 4.65 3.97
C ASP A 73 -15.80 5.77 2.99
N GLY A 74 -15.76 5.43 1.72
CA GLY A 74 -15.41 6.39 0.69
C GLY A 74 -13.92 6.50 0.43
N ARG A 75 -13.11 5.75 1.15
CA ARG A 75 -11.67 5.78 0.94
C ARG A 75 -11.26 4.44 0.35
N TYR A 76 -10.02 4.31 -0.07
CA TYR A 76 -9.56 3.07 -0.61
C TYR A 76 -8.48 2.42 0.22
N ILE A 77 -8.49 1.10 0.20
CA ILE A 77 -7.53 0.30 0.91
C ILE A 77 -6.91 -0.65 -0.10
N TYR A 78 -5.63 -0.53 -0.32
CA TYR A 78 -4.94 -1.30 -1.35
C TYR A 78 -4.15 -2.46 -0.78
N TYR A 79 -4.29 -3.59 -1.41
CA TYR A 79 -3.59 -4.79 -1.06
C TYR A 79 -2.74 -5.25 -2.22
N LEU A 80 -1.45 -5.09 -2.10
CA LEU A 80 -0.53 -5.52 -3.12
C LEU A 80 -0.32 -7.03 -2.95
N ILE A 81 -0.70 -7.78 -3.96
CA ILE A 81 -0.65 -9.23 -3.87
C ILE A 81 0.66 -9.76 -4.46
N THR A 82 1.48 -10.35 -3.64
CA THR A 82 2.79 -10.84 -4.04
C THR A 82 2.77 -12.23 -4.70
N LYS A 83 2.79 -13.26 -3.89
CA LYS A 83 2.81 -14.65 -4.34
C LYS A 83 1.63 -15.40 -3.77
N LYS A 84 1.39 -16.62 -4.26
CA LYS A 84 0.25 -17.42 -3.81
C LYS A 84 0.25 -17.65 -2.32
N ARG A 85 1.38 -18.01 -1.77
CA ARG A 85 1.46 -18.26 -0.36
C ARG A 85 2.68 -17.60 0.22
N ALA A 86 2.63 -17.31 1.52
CA ALA A 86 3.73 -16.65 2.23
C ALA A 86 5.00 -17.52 2.24
N SER A 87 4.81 -18.80 2.01
CA SER A 87 5.90 -19.75 1.96
C SER A 87 6.70 -19.59 0.65
N HIS A 88 6.23 -18.74 -0.24
CA HIS A 88 6.91 -18.47 -1.48
C HIS A 88 7.76 -17.22 -1.29
N LYS A 89 8.83 -17.12 -2.04
CA LYS A 89 9.72 -15.98 -1.92
C LYS A 89 9.25 -14.84 -2.82
N PRO A 90 8.88 -13.70 -2.23
CA PRO A 90 8.41 -12.57 -2.98
C PRO A 90 9.54 -11.82 -3.68
N THR A 91 9.27 -11.38 -4.87
CA THR A 91 10.17 -10.66 -5.64
C THR A 91 9.71 -9.22 -5.74
N TYR A 92 10.64 -8.33 -6.01
CA TYR A 92 10.34 -6.93 -6.14
C TYR A 92 9.50 -6.68 -7.38
N GLU A 93 9.72 -7.50 -8.41
CA GLU A 93 8.98 -7.38 -9.67
C GLU A 93 7.49 -7.47 -9.44
N ASN A 94 7.06 -8.49 -8.70
CA ASN A 94 5.62 -8.73 -8.44
C ASN A 94 5.05 -7.62 -7.61
N LEU A 95 5.86 -7.09 -6.72
CA LEU A 95 5.46 -6.00 -5.89
C LEU A 95 5.31 -4.74 -6.75
N GLN A 96 6.26 -4.55 -7.67
CA GLN A 96 6.24 -3.44 -8.60
C GLN A 96 5.00 -3.49 -9.48
N LYS A 97 4.66 -4.68 -9.97
CA LYS A 97 3.49 -4.85 -10.83
C LYS A 97 2.22 -4.49 -10.06
N SER A 98 2.24 -4.75 -8.79
CA SER A 98 1.13 -4.42 -7.93
C SER A 98 1.08 -2.88 -7.71
N LEU A 99 2.26 -2.25 -7.60
CA LEU A 99 2.36 -0.77 -7.48
C LEU A 99 1.76 -0.15 -8.75
N GLU A 100 2.15 -0.73 -9.87
CA GLU A 100 1.71 -0.33 -11.22
C GLU A 100 0.20 -0.47 -11.35
N ALA A 101 -0.35 -1.40 -10.62
CA ALA A 101 -1.75 -1.62 -10.65
C ALA A 101 -2.52 -0.55 -9.88
N MET A 102 -2.05 -0.22 -8.67
CA MET A 102 -2.78 0.74 -7.86
C MET A 102 -2.68 2.16 -8.38
N LYS A 103 -1.54 2.51 -8.98
CA LYS A 103 -1.38 3.83 -9.58
C LYS A 103 -2.40 4.06 -10.69
N SER A 104 -2.59 3.04 -11.51
CA SER A 104 -3.56 3.07 -12.58
C SER A 104 -4.99 3.27 -12.04
N HIS A 105 -5.25 2.74 -10.86
CA HIS A 105 -6.55 2.90 -10.19
C HIS A 105 -6.70 4.31 -9.63
N CYS A 106 -5.65 4.80 -8.99
CA CYS A 106 -5.67 6.09 -8.32
C CYS A 106 -5.98 7.25 -9.25
N LEU A 107 -5.22 7.41 -10.33
CA LEU A 107 -5.44 8.55 -11.26
C LEU A 107 -6.81 8.49 -11.92
N LYS A 108 -7.31 7.29 -12.13
CA LYS A 108 -8.60 7.10 -12.76
C LYS A 108 -9.74 7.44 -11.79
N ASN A 109 -9.52 7.22 -10.50
CA ASN A 109 -10.54 7.52 -9.47
C ASN A 109 -10.37 8.92 -8.90
N GLY A 110 -9.27 9.56 -9.21
CA GLY A 110 -9.01 10.89 -8.69
C GLY A 110 -8.41 10.82 -7.30
N VAL A 111 -7.84 9.68 -6.96
CA VAL A 111 -7.19 9.47 -5.68
C VAL A 111 -5.72 9.77 -5.86
N THR A 112 -5.24 10.72 -5.15
CA THR A 112 -3.88 11.13 -5.30
C THR A 112 -3.03 10.87 -4.07
N ASP A 113 -3.62 10.45 -2.98
CA ASP A 113 -2.83 10.20 -1.79
C ASP A 113 -2.82 8.75 -1.44
N LEU A 114 -1.65 8.23 -1.27
CA LEU A 114 -1.46 6.83 -1.02
C LEU A 114 -0.56 6.73 0.21
N SER A 115 -0.97 5.98 1.19
CA SER A 115 -0.19 5.84 2.40
C SER A 115 0.01 4.39 2.76
N MET A 116 1.24 4.00 2.92
CA MET A 116 1.56 2.67 3.32
C MET A 116 2.60 2.74 4.44
N PRO A 117 2.77 1.68 5.21
CA PRO A 117 3.85 1.60 6.19
C PRO A 117 5.11 1.12 5.48
N ARG A 118 6.11 0.75 6.22
CA ARG A 118 7.27 0.21 5.59
C ARG A 118 7.05 -1.23 5.17
N ILE A 119 6.44 -1.40 4.04
CA ILE A 119 6.20 -2.69 3.48
C ILE A 119 7.44 -3.17 2.78
N GLY A 120 7.92 -4.28 3.20
CA GLY A 120 9.12 -4.79 2.65
C GLY A 120 10.22 -4.74 3.67
N CYS A 121 9.97 -5.31 4.84
CA CYS A 121 10.98 -5.34 5.88
C CYS A 121 10.75 -6.46 6.89
N GLY A 122 9.50 -6.82 7.12
CA GLY A 122 9.21 -7.84 8.10
C GLY A 122 8.94 -9.18 7.46
N LEU A 123 7.68 -9.58 7.43
CA LEU A 123 7.24 -10.86 6.83
C LEU A 123 7.58 -10.87 5.34
N ASP A 124 7.72 -9.68 4.82
CA ASP A 124 7.90 -9.39 3.41
C ASP A 124 9.17 -10.00 2.85
N ARG A 125 10.16 -10.24 3.74
CA ARG A 125 11.47 -10.82 3.36
C ARG A 125 12.28 -9.91 2.44
N LEU A 126 11.90 -8.65 2.37
CA LEU A 126 12.55 -7.71 1.46
C LEU A 126 13.17 -6.59 2.23
N GLN A 127 14.03 -5.82 1.58
CA GLN A 127 14.64 -4.64 2.19
C GLN A 127 13.91 -3.39 1.72
N TRP A 128 13.50 -2.56 2.67
CA TRP A 128 12.74 -1.33 2.38
C TRP A 128 13.47 -0.36 1.51
N GLU A 129 14.77 -0.27 1.67
CA GLU A 129 15.57 0.65 0.86
C GLU A 129 15.35 0.36 -0.63
N ASN A 130 15.24 -0.90 -0.96
CA ASN A 130 15.00 -1.32 -2.34
C ASN A 130 13.56 -1.05 -2.74
N VAL A 131 12.63 -1.43 -1.86
CA VAL A 131 11.20 -1.27 -2.10
C VAL A 131 10.86 0.21 -2.29
N SER A 132 11.28 1.02 -1.36
CA SER A 132 11.06 2.44 -1.36
C SER A 132 11.56 3.09 -2.66
N ALA A 133 12.81 2.76 -3.04
CA ALA A 133 13.41 3.30 -4.27
C ALA A 133 12.58 2.92 -5.49
N MET A 134 12.05 1.71 -5.46
CA MET A 134 11.22 1.21 -6.53
C MET A 134 9.88 1.94 -6.56
N ILE A 135 9.28 2.11 -5.39
CA ILE A 135 8.01 2.81 -5.25
C ILE A 135 8.15 4.24 -5.78
N GLU A 136 9.20 4.92 -5.35
CA GLU A 136 9.46 6.29 -5.80
C GLU A 136 9.57 6.37 -7.31
N GLU A 137 10.26 5.42 -7.89
CA GLU A 137 10.47 5.37 -9.33
C GLU A 137 9.14 5.11 -10.08
N VAL A 138 8.27 4.33 -9.48
CA VAL A 138 6.97 3.99 -10.07
C VAL A 138 5.96 5.15 -10.03
N PHE A 139 5.93 5.87 -8.92
CA PHE A 139 4.96 6.94 -8.72
C PHE A 139 5.51 8.35 -9.04
N GLU A 140 6.79 8.40 -9.37
CA GLU A 140 7.52 9.66 -9.64
C GLU A 140 6.83 10.57 -10.66
N ALA A 141 6.29 9.98 -11.67
CA ALA A 141 5.66 10.73 -12.75
C ALA A 141 4.15 10.86 -12.58
N THR A 142 3.64 10.58 -11.40
CA THR A 142 2.20 10.65 -11.21
C THR A 142 1.79 11.80 -10.29
N ASP A 143 0.48 11.98 -10.14
CA ASP A 143 -0.08 13.05 -9.30
C ASP A 143 -0.24 12.55 -7.88
N ILE A 144 0.26 11.37 -7.64
CA ILE A 144 0.14 10.73 -6.37
C ILE A 144 1.23 11.23 -5.41
N LYS A 145 0.80 11.47 -4.19
CA LYS A 145 1.67 11.84 -3.11
C LYS A 145 1.77 10.65 -2.20
N ILE A 146 2.91 10.09 -2.09
CA ILE A 146 3.09 8.96 -1.21
C ILE A 146 3.75 9.35 0.07
N THR A 147 3.13 9.00 1.13
CA THR A 147 3.61 9.31 2.43
C THR A 147 3.61 8.04 3.27
N VAL A 148 4.75 7.67 3.81
CA VAL A 148 4.80 6.48 4.62
C VAL A 148 4.85 6.89 6.06
N TYR A 149 4.08 6.24 6.84
CA TYR A 149 4.04 6.52 8.23
C TYR A 149 4.96 5.57 8.94
N THR A 150 5.92 6.11 9.60
CA THR A 150 6.91 5.34 10.26
C THR A 150 6.84 5.57 11.76
N LEU A 151 6.53 4.53 12.45
CA LEU A 151 6.43 4.51 13.86
C LEU A 151 7.27 3.40 14.46
N1 APR B . 0.97 1.83 11.58
C2 APR B . 1.90 2.03 10.65
N3 APR B . 2.86 1.12 10.45
C4 APR B . 2.93 0.00 11.20
C5 APR B . 1.98 -0.22 12.15
C6 APR B . 0.99 0.71 12.35
N6 APR B . 0.08 0.54 13.28
N7 APR B . 2.24 -1.39 12.72
C8 APR B . 3.33 -1.89 12.12
N9 APR B . 3.75 -1.03 11.20
C1' APR B . 4.96 -1.18 10.30
C2' APR B . 6.16 -1.69 11.16
O2' APR B . 6.74 -0.67 11.89
C3' APR B . 7.11 -2.21 10.06
O3' APR B . 7.97 -1.20 9.65
O4' APR B . 4.79 -2.14 9.27
C4' APR B . 6.12 -2.60 8.89
C5' APR B . 6.15 -4.15 8.70
O5' APR B . 5.83 -4.52 7.36
PA APR B . 4.32 -4.92 6.98
O1A APR B . 3.59 -3.80 6.27
O2A APR B . 3.57 -5.32 8.36
O3A APR B . 4.38 -6.25 6.10
PB APR B . 3.23 -6.58 5.03
O1B APR B . 3.34 -5.82 3.73
O2B APR B . 1.80 -6.27 5.75
O5D APR B . 3.26 -8.18 4.81
C5D APR B . 3.29 -8.74 3.49
O4D APR B . 4.06 -11.00 4.14
O1D APR B . 1.90 -11.51 3.26
C1D APR B . 3.32 -11.86 3.30
O2D APR B . 4.95 -12.67 1.67
C2D APR B . 3.94 -11.73 1.86
O3D APR B . 5.83 -10.23 1.41
C3D APR B . 4.52 -10.30 1.87
C4D APR B . 4.38 -9.84 3.38
H2 APR B . 1.91 2.94 10.07
H61 APR B . 0.09 -0.28 13.85
H62 APR B . -0.64 1.23 13.41
H8 APR B . 3.80 -2.86 12.35
H'1 APR B . 5.06 -0.54 9.44
H'2 APR B . 6.06 -2.14 12.14
HO'2 APR B . 7.40 -1.05 12.53
H'3 APR B . 8.04 -2.72 10.26
HO'3 APR B . 8.08 -1.25 8.65
H'4 APR B . 5.89 -1.95 8.06
H5'1 APR B . 7.16 -4.50 8.91
H5'2 APR B . 5.46 -4.62 9.41
HOA2 APR B . 3.68 -4.57 9.03
HOB2 APR B . 1.08 -6.75 5.27
H5R1 APR B . 2.32 -9.20 3.27
H5R2 APR B . 3.50 -7.97 2.75
HOR1 APR B . 1.69 -10.89 4.02
HR'1 APR B . 3.70 -12.53 4.06
HOR2 APR B . 5.58 -12.34 0.98
HR'2 APR B . 3.54 -12.21 0.98
HOR3 APR B . 5.92 -10.79 0.58
HR'3 APR B . 4.36 -9.62 1.05
HR'4 APR B . 5.20 -9.87 4.09
N SER A 2 5.79 34.03 18.30
CA SER A 2 4.74 33.44 17.53
C SER A 2 5.29 32.24 16.75
N SER A 3 4.79 31.07 17.05
CA SER A 3 5.23 29.87 16.39
C SER A 3 4.46 29.67 15.08
N LEU A 4 5.16 29.90 13.97
CA LEU A 4 4.57 29.80 12.65
C LEU A 4 4.33 28.33 12.29
N ASN A 5 3.19 28.04 11.70
CA ASN A 5 2.84 26.66 11.35
C ASN A 5 2.56 26.53 9.86
N GLU A 6 3.51 26.00 9.14
CA GLU A 6 3.37 25.77 7.73
C GLU A 6 3.22 24.28 7.46
N ASP A 7 2.44 23.96 6.46
CA ASP A 7 2.14 22.57 6.13
C ASP A 7 3.26 21.95 5.30
N PRO A 8 3.64 20.70 5.60
CA PRO A 8 4.76 19.99 4.92
C PRO A 8 4.60 19.90 3.40
N GLU A 9 5.72 19.94 2.71
CA GLU A 9 5.74 19.83 1.25
C GLU A 9 5.76 18.38 0.85
N GLY A 10 6.66 17.67 1.45
CA GLY A 10 6.81 16.28 1.19
C GLY A 10 7.68 16.00 -0.01
N SER A 11 7.54 14.84 -0.53
CA SER A 11 8.26 14.35 -1.67
C SER A 11 7.41 13.24 -2.27
N ARG A 12 7.97 12.43 -3.17
CA ARG A 12 7.23 11.30 -3.73
C ARG A 12 6.88 10.39 -2.59
N ILE A 13 7.89 10.14 -1.78
CA ILE A 13 7.76 9.41 -0.57
C ILE A 13 8.11 10.32 0.58
N THR A 14 7.15 10.59 1.36
CA THR A 14 7.33 11.45 2.49
C THR A 14 7.48 10.61 3.74
N TYR A 15 8.63 10.68 4.35
CA TYR A 15 8.90 9.91 5.54
C TYR A 15 8.44 10.68 6.75
N VAL A 16 7.45 10.15 7.42
CA VAL A 16 6.94 10.76 8.62
C VAL A 16 6.87 9.74 9.73
N LYS A 17 7.25 10.15 10.89
CA LYS A 17 7.21 9.29 12.03
C LYS A 17 5.89 9.42 12.71
N GLY A 18 5.38 8.32 13.17
CA GLY A 18 4.10 8.33 13.81
C GLY A 18 3.26 7.17 13.35
N ASP A 19 2.18 6.91 14.04
CA ASP A 19 1.30 5.80 13.77
C ASP A 19 0.57 5.99 12.45
N LEU A 20 0.56 4.94 11.63
CA LEU A 20 -0.07 4.95 10.30
C LEU A 20 -1.57 5.20 10.38
N PHE A 21 -2.20 4.60 11.35
CA PHE A 21 -3.66 4.60 11.48
C PHE A 21 -4.26 5.96 11.89
N ALA A 22 -3.43 6.95 12.02
CA ALA A 22 -3.89 8.28 12.40
C ALA A 22 -4.11 9.18 11.16
N CYS A 23 -4.11 8.58 9.97
CA CYS A 23 -4.28 9.34 8.74
C CYS A 23 -5.77 9.67 8.45
N PRO A 24 -6.05 10.76 7.67
CA PRO A 24 -7.42 11.23 7.33
C PRO A 24 -8.23 10.23 6.48
N LYS A 25 -9.53 10.51 6.34
CA LYS A 25 -10.42 9.69 5.55
C LYS A 25 -10.25 9.93 4.06
N THR A 26 -9.62 11.03 3.74
CA THR A 26 -9.32 11.36 2.36
C THR A 26 -8.03 10.67 1.88
N ASP A 27 -7.38 10.00 2.82
CA ASP A 27 -6.15 9.25 2.56
C ASP A 27 -6.50 7.83 2.03
N SER A 28 -5.52 7.07 1.65
CA SER A 28 -5.71 5.70 1.25
C SER A 28 -4.56 4.86 1.77
N LEU A 29 -4.88 3.76 2.43
CA LEU A 29 -3.88 2.90 3.05
C LEU A 29 -3.50 1.77 2.11
N ALA A 30 -2.21 1.58 1.92
CA ALA A 30 -1.73 0.49 1.10
C ALA A 30 -0.77 -0.36 1.88
N HIS A 31 -0.72 -1.65 1.57
CA HIS A 31 0.20 -2.57 2.22
C HIS A 31 0.31 -3.87 1.45
N CYS A 32 1.28 -4.66 1.81
CA CYS A 32 1.61 -5.88 1.14
C CYS A 32 1.05 -7.10 1.89
N ILE A 33 0.56 -8.08 1.11
CA ILE A 33 0.10 -9.39 1.60
C ILE A 33 0.32 -10.42 0.48
N SER A 34 0.08 -11.66 0.76
CA SER A 34 0.20 -12.68 -0.27
C SER A 34 -1.20 -13.11 -0.77
N GLU A 35 -1.22 -13.89 -1.86
CA GLU A 35 -2.44 -14.40 -2.53
C GLU A 35 -3.23 -15.34 -1.60
N ASP A 36 -2.52 -15.86 -0.62
CA ASP A 36 -3.04 -16.75 0.43
C ASP A 36 -3.93 -15.97 1.39
N CYS A 37 -3.78 -14.64 1.36
CA CYS A 37 -4.59 -13.66 2.13
C CYS A 37 -4.52 -13.86 3.65
N ARG A 38 -3.59 -14.67 4.10
CA ARG A 38 -3.39 -14.84 5.51
C ARG A 38 -2.41 -13.82 6.00
N MET A 39 -2.95 -12.68 6.35
CA MET A 39 -2.16 -11.55 6.76
C MET A 39 -2.04 -11.49 8.29
N GLY A 40 -2.55 -12.52 8.94
CA GLY A 40 -2.63 -12.56 10.39
C GLY A 40 -1.31 -12.86 11.08
N ALA A 41 -0.30 -12.06 10.81
CA ALA A 41 1.01 -12.22 11.44
C ALA A 41 1.81 -10.91 11.45
N GLY A 42 1.16 -9.81 11.15
CA GLY A 42 1.85 -8.52 11.13
C GLY A 42 0.87 -7.36 11.19
N ILE A 43 1.31 -6.16 10.80
CA ILE A 43 0.47 -4.93 10.82
C ILE A 43 -0.84 -5.12 10.05
N ALA A 44 -0.84 -6.07 9.15
CA ALA A 44 -1.99 -6.39 8.37
C ALA A 44 -3.19 -6.84 9.26
N VAL A 45 -2.88 -7.36 10.47
CA VAL A 45 -3.92 -7.75 11.45
C VAL A 45 -4.75 -6.51 11.82
N LEU A 46 -4.04 -5.41 12.02
CA LEU A 46 -4.63 -4.13 12.38
C LEU A 46 -5.59 -3.65 11.31
N PHE A 47 -5.28 -3.99 10.07
CA PHE A 47 -6.16 -3.69 8.97
C PHE A 47 -7.36 -4.62 8.98
N LYS A 48 -7.13 -5.92 9.19
CA LYS A 48 -8.19 -6.91 9.21
C LYS A 48 -9.27 -6.55 10.26
N LYS A 49 -8.82 -6.06 11.40
CA LYS A 49 -9.72 -5.70 12.50
C LYS A 49 -10.58 -4.49 12.17
N LYS A 50 -9.98 -3.54 11.50
CA LYS A 50 -10.68 -2.31 11.15
C LYS A 50 -11.43 -2.44 9.84
N PHE A 51 -10.98 -3.33 9.01
CA PHE A 51 -11.49 -3.48 7.70
C PHE A 51 -11.67 -4.95 7.44
N GLY A 52 -12.89 -5.41 7.59
CA GLY A 52 -13.24 -6.80 7.26
C GLY A 52 -13.07 -7.10 5.78
N GLY A 53 -11.84 -7.14 5.36
CA GLY A 53 -11.46 -7.30 3.99
C GLY A 53 -11.35 -8.72 3.50
N VAL A 54 -11.11 -9.65 4.42
CA VAL A 54 -10.72 -11.03 4.06
C VAL A 54 -11.63 -11.68 2.99
N GLN A 55 -12.93 -11.69 3.19
CA GLN A 55 -13.82 -12.29 2.21
C GLN A 55 -13.81 -11.55 0.90
N GLU A 56 -13.75 -10.26 0.98
CA GLU A 56 -13.75 -9.40 -0.19
C GLU A 56 -12.48 -9.62 -1.02
N LEU A 57 -11.39 -9.92 -0.36
CA LEU A 57 -10.15 -10.22 -1.03
C LEU A 57 -10.28 -11.50 -1.85
N LEU A 58 -10.86 -12.54 -1.24
CA LEU A 58 -11.14 -13.79 -1.94
C LEU A 58 -12.19 -13.59 -3.02
N ASN A 59 -13.06 -12.62 -2.81
CA ASN A 59 -14.11 -12.27 -3.77
C ASN A 59 -13.48 -11.62 -5.02
N GLN A 60 -12.45 -10.82 -4.81
CA GLN A 60 -11.76 -10.15 -5.92
C GLN A 60 -10.90 -11.11 -6.69
N GLN A 61 -10.42 -12.15 -6.00
CA GLN A 61 -9.55 -13.18 -6.56
C GLN A 61 -8.32 -12.59 -7.17
N LYS A 62 -7.43 -12.17 -6.35
CA LYS A 62 -6.22 -11.58 -6.81
C LYS A 62 -5.06 -12.50 -6.66
N LYS A 63 -4.30 -12.59 -7.71
CA LYS A 63 -3.16 -13.44 -7.80
C LYS A 63 -1.91 -12.58 -7.84
N SER A 64 -0.77 -13.24 -7.73
CA SER A 64 0.53 -12.57 -7.71
C SER A 64 0.69 -11.50 -8.80
N GLY A 65 1.04 -10.28 -8.41
CA GLY A 65 1.25 -9.22 -9.37
C GLY A 65 0.01 -8.34 -9.53
N GLU A 66 -0.98 -8.56 -8.71
CA GLU A 66 -2.20 -7.79 -8.74
C GLU A 66 -2.42 -7.05 -7.45
N VAL A 67 -3.41 -6.19 -7.46
CA VAL A 67 -3.74 -5.42 -6.31
C VAL A 67 -5.21 -5.63 -6.00
N ALA A 68 -5.53 -5.75 -4.75
CA ALA A 68 -6.89 -5.86 -4.32
C ALA A 68 -7.24 -4.61 -3.56
N VAL A 69 -8.38 -4.03 -3.85
CA VAL A 69 -8.74 -2.80 -3.23
C VAL A 69 -10.15 -2.82 -2.69
N LEU A 70 -10.34 -2.25 -1.54
CA LEU A 70 -11.63 -2.21 -0.89
C LEU A 70 -11.94 -0.76 -0.57
N LYS A 71 -13.19 -0.37 -0.68
CA LYS A 71 -13.56 0.93 -0.24
C LYS A 71 -14.04 0.81 1.19
N ARG A 72 -13.29 1.35 2.09
CA ARG A 72 -13.56 1.26 3.51
C ARG A 72 -13.30 2.61 4.12
N ASP A 73 -14.11 3.00 5.12
CA ASP A 73 -13.94 4.31 5.82
C ASP A 73 -14.04 5.45 4.77
N GLY A 74 -14.84 5.15 3.72
CA GLY A 74 -15.06 6.07 2.61
C GLY A 74 -13.85 6.24 1.71
N ARG A 75 -12.82 5.46 1.94
CA ARG A 75 -11.57 5.58 1.21
C ARG A 75 -11.09 4.22 0.72
N TYR A 76 -10.04 4.21 -0.05
CA TYR A 76 -9.53 2.97 -0.58
C TYR A 76 -8.40 2.37 0.21
N ILE A 77 -8.42 1.05 0.29
CA ILE A 77 -7.41 0.30 1.00
C ILE A 77 -6.81 -0.68 0.00
N TYR A 78 -5.51 -0.58 -0.19
CA TYR A 78 -4.82 -1.38 -1.17
C TYR A 78 -4.11 -2.57 -0.56
N TYR A 79 -4.30 -3.69 -1.18
CA TYR A 79 -3.64 -4.91 -0.82
C TYR A 79 -2.81 -5.38 -1.99
N LEU A 80 -1.53 -5.25 -1.86
CA LEU A 80 -0.60 -5.68 -2.88
C LEU A 80 -0.39 -7.17 -2.75
N ILE A 81 -0.78 -7.91 -3.75
CA ILE A 81 -0.70 -9.35 -3.73
C ILE A 81 0.65 -9.84 -4.27
N THR A 82 1.47 -10.34 -3.37
CA THR A 82 2.80 -10.80 -3.71
C THR A 82 2.87 -12.14 -4.41
N LYS A 83 2.83 -13.22 -3.66
CA LYS A 83 2.94 -14.52 -4.27
C LYS A 83 1.84 -15.42 -3.70
N LYS A 84 1.81 -16.68 -4.12
CA LYS A 84 0.73 -17.59 -3.76
C LYS A 84 0.51 -17.75 -2.27
N ARG A 85 1.54 -17.98 -1.48
CA ARG A 85 1.30 -18.13 -0.05
C ARG A 85 2.32 -17.40 0.79
N ALA A 86 1.96 -17.16 2.04
CA ALA A 86 2.75 -16.38 3.00
C ALA A 86 4.11 -17.02 3.31
N SER A 87 4.18 -18.34 3.29
CA SER A 87 5.42 -19.03 3.61
C SER A 87 6.35 -19.08 2.38
N HIS A 88 6.01 -18.35 1.35
CA HIS A 88 6.85 -18.21 0.16
C HIS A 88 7.54 -16.87 0.29
N LYS A 89 8.74 -16.73 -0.20
CA LYS A 89 9.42 -15.45 -0.10
C LYS A 89 9.04 -14.60 -1.31
N PRO A 90 8.51 -13.38 -1.08
CA PRO A 90 8.07 -12.49 -2.16
C PRO A 90 9.24 -11.99 -3.00
N THR A 91 8.98 -11.82 -4.27
CA THR A 91 9.90 -11.24 -5.15
C THR A 91 9.50 -9.79 -5.41
N TYR A 92 10.46 -9.00 -5.80
CA TYR A 92 10.23 -7.59 -6.06
C TYR A 92 9.37 -7.40 -7.29
N GLU A 93 9.51 -8.30 -8.25
CA GLU A 93 8.75 -8.27 -9.49
C GLU A 93 7.24 -8.20 -9.23
N ASN A 94 6.77 -9.10 -8.39
CA ASN A 94 5.33 -9.17 -8.09
C ASN A 94 4.87 -7.93 -7.35
N LEU A 95 5.69 -7.47 -6.41
CA LEU A 95 5.38 -6.29 -5.62
C LEU A 95 5.27 -5.08 -6.54
N GLN A 96 6.21 -5.00 -7.46
CA GLN A 96 6.30 -3.96 -8.45
C GLN A 96 5.02 -3.92 -9.28
N LYS A 97 4.63 -5.07 -9.78
CA LYS A 97 3.45 -5.20 -10.62
C LYS A 97 2.18 -4.81 -9.88
N SER A 98 2.15 -5.09 -8.58
CA SER A 98 1.04 -4.69 -7.75
C SER A 98 1.03 -3.16 -7.56
N LEU A 99 2.21 -2.56 -7.33
CA LEU A 99 2.35 -1.10 -7.19
C LEU A 99 1.91 -0.42 -8.47
N GLU A 100 2.30 -1.01 -9.57
CA GLU A 100 2.00 -0.51 -10.91
C GLU A 100 0.51 -0.53 -11.18
N ALA A 101 -0.18 -1.45 -10.58
CA ALA A 101 -1.61 -1.55 -10.77
C ALA A 101 -2.36 -0.47 -10.01
N MET A 102 -1.93 -0.17 -8.78
CA MET A 102 -2.66 0.77 -7.98
C MET A 102 -2.56 2.20 -8.48
N LYS A 103 -1.42 2.56 -9.10
CA LYS A 103 -1.26 3.90 -9.66
C LYS A 103 -2.36 4.24 -10.66
N SER A 104 -2.65 3.29 -11.55
CA SER A 104 -3.69 3.46 -12.56
C SER A 104 -5.06 3.65 -11.90
N HIS A 105 -5.30 2.89 -10.86
CA HIS A 105 -6.53 2.95 -10.06
C HIS A 105 -6.65 4.31 -9.38
N CYS A 106 -5.58 4.77 -8.78
CA CYS A 106 -5.56 6.04 -8.06
C CYS A 106 -5.87 7.21 -8.99
N LEU A 107 -5.18 7.26 -10.12
CA LEU A 107 -5.34 8.33 -11.10
C LEU A 107 -6.76 8.37 -11.66
N LYS A 108 -7.40 7.23 -11.69
CA LYS A 108 -8.72 7.09 -12.26
C LYS A 108 -9.77 7.70 -11.35
N ASN A 109 -9.72 7.38 -10.08
CA ASN A 109 -10.76 7.79 -9.16
C ASN A 109 -10.43 8.99 -8.27
N GLY A 110 -9.18 9.36 -8.17
CA GLY A 110 -8.86 10.54 -7.41
C GLY A 110 -7.96 10.29 -6.21
N VAL A 111 -7.57 9.04 -5.98
CA VAL A 111 -6.63 8.77 -4.89
C VAL A 111 -5.28 9.43 -5.18
N THR A 112 -4.99 10.49 -4.45
CA THR A 112 -3.81 11.27 -4.67
C THR A 112 -2.89 11.26 -3.44
N ASP A 113 -3.50 11.22 -2.28
CA ASP A 113 -2.77 11.17 -1.02
C ASP A 113 -2.89 9.76 -0.49
N LEU A 114 -1.76 9.07 -0.36
CA LEU A 114 -1.77 7.67 0.03
C LEU A 114 -0.74 7.47 1.13
N SER A 115 -1.12 6.80 2.19
CA SER A 115 -0.23 6.53 3.27
C SER A 115 0.02 5.02 3.40
N MET A 116 1.25 4.68 3.64
CA MET A 116 1.65 3.31 3.79
C MET A 116 2.74 3.26 4.86
N PRO A 117 2.95 2.12 5.50
CA PRO A 117 4.02 1.97 6.47
C PRO A 117 5.32 1.55 5.80
N ARG A 118 6.29 1.12 6.58
CA ARG A 118 7.51 0.60 5.99
C ARG A 118 7.28 -0.79 5.40
N ILE A 119 6.81 -0.83 4.18
CA ILE A 119 6.63 -2.08 3.48
C ILE A 119 7.92 -2.46 2.80
N GLY A 120 8.69 -3.23 3.48
CA GLY A 120 9.98 -3.60 3.01
C GLY A 120 10.91 -3.81 4.16
N CYS A 121 10.40 -4.48 5.20
CA CYS A 121 11.18 -4.76 6.39
C CYS A 121 10.42 -5.70 7.37
N GLY A 122 9.28 -6.20 6.96
CA GLY A 122 8.50 -7.06 7.81
C GLY A 122 8.39 -8.45 7.23
N LEU A 123 7.16 -8.90 7.08
CA LEU A 123 6.88 -10.23 6.53
C LEU A 123 7.22 -10.29 5.06
N ASP A 124 7.34 -9.11 4.48
CA ASP A 124 7.74 -8.94 3.09
C ASP A 124 9.10 -9.58 2.82
N ARG A 125 10.02 -9.52 3.82
CA ARG A 125 11.37 -10.10 3.70
C ARG A 125 12.17 -9.41 2.60
N LEU A 126 11.90 -8.13 2.38
CA LEU A 126 12.49 -7.39 1.30
C LEU A 126 13.28 -6.20 1.85
N GLN A 127 14.08 -5.57 1.00
CA GLN A 127 14.82 -4.37 1.39
C GLN A 127 14.09 -3.13 0.94
N TRP A 128 13.91 -2.21 1.85
CA TRP A 128 13.23 -0.94 1.60
C TRP A 128 13.98 -0.13 0.55
N GLU A 129 15.29 -0.29 0.48
CA GLU A 129 16.11 0.37 -0.53
C GLU A 129 15.51 0.14 -1.92
N ASN A 130 15.16 -1.09 -2.20
CA ASN A 130 14.61 -1.47 -3.50
C ASN A 130 13.18 -1.01 -3.61
N VAL A 131 12.39 -1.28 -2.56
CA VAL A 131 10.96 -0.97 -2.58
C VAL A 131 10.71 0.52 -2.76
N SER A 132 11.35 1.33 -1.95
CA SER A 132 11.21 2.77 -2.01
C SER A 132 11.63 3.32 -3.40
N ALA A 133 12.68 2.74 -3.98
CA ALA A 133 13.15 3.17 -5.30
C ALA A 133 12.16 2.71 -6.37
N MET A 134 11.58 1.56 -6.14
CA MET A 134 10.57 0.99 -7.01
C MET A 134 9.35 1.89 -7.02
N ILE A 135 8.90 2.28 -5.83
CA ILE A 135 7.76 3.16 -5.65
C ILE A 135 7.99 4.50 -6.36
N GLU A 136 9.17 5.11 -6.16
CA GLU A 136 9.48 6.38 -6.82
C GLU A 136 9.51 6.24 -8.35
N GLU A 137 9.84 5.05 -8.83
CA GLU A 137 9.85 4.78 -10.24
C GLU A 137 8.41 4.63 -10.78
N VAL A 138 7.58 3.90 -10.06
CA VAL A 138 6.19 3.67 -10.46
C VAL A 138 5.38 4.98 -10.49
N PHE A 139 5.56 5.77 -9.47
CA PHE A 139 4.81 7.00 -9.27
C PHE A 139 5.56 8.24 -9.77
N GLU A 140 6.62 8.02 -10.55
CA GLU A 140 7.57 9.09 -10.97
C GLU A 140 6.90 10.35 -11.57
N ALA A 141 5.89 10.15 -12.36
CA ALA A 141 5.25 11.26 -13.05
C ALA A 141 3.81 11.42 -12.63
N THR A 142 3.47 10.86 -11.50
CA THR A 142 2.13 11.00 -11.00
C THR A 142 2.13 12.02 -9.89
N ASP A 143 0.99 12.61 -9.63
CA ASP A 143 0.86 13.62 -8.58
C ASP A 143 0.53 12.97 -7.28
N ILE A 144 0.48 11.65 -7.31
CA ILE A 144 0.22 10.86 -6.14
C ILE A 144 1.38 11.04 -5.19
N LYS A 145 1.08 11.52 -4.02
CA LYS A 145 2.07 11.80 -3.04
C LYS A 145 1.92 10.77 -1.94
N ILE A 146 2.96 10.02 -1.72
CA ILE A 146 2.92 8.96 -0.77
C ILE A 146 3.54 9.34 0.54
N THR A 147 2.83 9.06 1.57
CA THR A 147 3.25 9.34 2.89
C THR A 147 3.54 8.02 3.60
N VAL A 148 4.75 7.84 4.07
CA VAL A 148 5.03 6.62 4.77
C VAL A 148 5.19 6.88 6.24
N TYR A 149 4.43 6.18 7.02
CA TYR A 149 4.52 6.30 8.43
C TYR A 149 5.57 5.36 8.92
N THR A 150 6.53 5.92 9.55
CA THR A 150 7.64 5.19 9.96
C THR A 150 7.59 4.94 11.47
N LEU A 151 7.46 3.68 11.80
CA LEU A 151 7.53 3.23 13.16
C LEU A 151 8.74 2.33 13.24
N1 APR B . 1.39 1.56 12.35
C2 APR B . 2.31 1.80 11.42
N3 APR B . 3.24 0.90 11.13
C4 APR B . 3.27 -0.27 11.77
C5 APR B . 2.35 -0.55 12.73
C6 APR B . 1.38 0.40 13.02
N6 APR B . 0.47 0.15 13.95
N7 APR B . 2.61 -1.76 13.20
C8 APR B . 3.68 -2.23 12.54
N9 APR B . 4.07 -1.30 11.67
C1' APR B . 5.24 -1.41 10.70
C2' APR B . 6.39 -2.26 11.37
O2' APR B . 7.43 -1.44 11.78
C3' APR B . 6.86 -3.20 10.21
O3' APR B . 8.23 -3.09 10.01
O4' APR B . 4.87 -2.06 9.47
C4' APR B . 6.07 -2.65 8.96
C5' APR B . 5.80 -3.82 7.97
O5' APR B . 5.09 -4.90 8.58
PA APR B . 4.26 -5.94 7.67
O1A APR B . 3.19 -6.68 8.40
O2A APR B . 5.35 -6.97 7.03
O3A APR B . 3.67 -5.07 6.44
PB APR B . 2.65 -5.72 5.38
O1B APR B . 2.96 -5.33 3.97
O2B APR B . 1.15 -5.24 5.78
O5D APR B . 2.68 -7.31 5.59
C5D APR B . 3.42 -8.14 4.71
O4D APR B . 1.54 -9.74 5.03
O1D APR B . -0.15 -11.21 4.14
C1D APR B . 1.20 -11.10 4.66
O2D APR B . 2.83 -12.76 3.87
C2D APR B . 2.23 -11.54 3.55
O3D APR B . 4.60 -10.84 3.49
C3D APR B . 3.27 -10.40 3.54
C4D APR B . 2.95 -9.62 4.86
H2 APR B . 2.38 2.77 10.91
H61 APR B . -0.23 0.84 14.16
H62 APR B . 0.48 -0.71 14.45
H8 APR B . 4.16 -3.19 12.71
H'1 APR B . 5.41 -0.60 10.00
H'2 APR B . 6.41 -2.54 12.41
HO'2 APR B . 7.17 -0.97 12.63
H'3 APR B . 7.11 -4.25 10.35
HO'3 APR B . 8.66 -2.82 10.87
H'4 APR B . 6.17 -1.65 8.55
H5'1 APR B . 6.76 -4.19 7.58
H5'2 APR B . 5.21 -3.44 7.14
HOA2 APR B . 5.97 -6.47 6.42
HOB2 APR B . 0.87 -5.70 6.63
H5R1 APR B . 4.47 -8.09 4.98
H5R2 APR B . 3.31 -7.81 3.68
HOR1 APR B . -0.60 -12.01 4.53
HR'1 APR B . 1.36 -11.20 5.73
HOR2 APR B . 2.51 -13.49 3.26
HR'2 APR B . 1.93 -12.10 2.66
HOR3 APR B . 4.72 -11.59 4.15
HR'3 APR B . 3.57 -9.90 2.62
HR'4 APR B . 2.90 -10.03 5.85
N SER A 2 7.81 35.74 14.36
CA SER A 2 7.03 34.58 14.16
C SER A 2 7.02 34.20 12.69
N SER A 3 8.05 33.52 12.28
CA SER A 3 8.17 33.07 10.94
C SER A 3 8.01 31.57 10.96
N LEU A 4 6.82 31.12 10.68
CA LEU A 4 6.55 29.72 10.71
C LEU A 4 6.79 29.13 9.35
N ASN A 5 7.99 28.66 9.14
CA ASN A 5 8.34 28.05 7.89
C ASN A 5 7.80 26.66 7.86
N GLU A 6 6.65 26.53 7.27
CA GLU A 6 6.00 25.25 7.14
C GLU A 6 6.31 24.69 5.78
N ASP A 7 5.80 25.39 4.75
CA ASP A 7 6.01 25.07 3.31
C ASP A 7 5.56 23.66 2.95
N PRO A 8 4.50 23.50 2.14
CA PRO A 8 4.10 22.19 1.69
C PRO A 8 5.22 21.56 0.89
N GLU A 9 5.78 20.57 1.44
CA GLU A 9 6.98 19.98 0.93
C GLU A 9 6.88 18.49 1.17
N GLY A 10 6.78 17.78 0.11
CA GLY A 10 6.71 16.37 0.17
C GLY A 10 7.41 15.78 -1.00
N SER A 11 7.33 14.52 -1.14
CA SER A 11 7.91 13.82 -2.25
C SER A 11 7.04 12.65 -2.59
N ARG A 12 7.46 11.86 -3.59
CA ARG A 12 6.66 10.70 -3.99
C ARG A 12 6.53 9.77 -2.82
N ILE A 13 7.61 9.56 -2.09
CA ILE A 13 7.54 8.95 -0.80
C ILE A 13 7.92 9.96 0.26
N THR A 14 7.00 10.26 1.11
CA THR A 14 7.20 11.18 2.17
C THR A 14 7.22 10.42 3.50
N TYR A 15 8.31 10.51 4.21
CA TYR A 15 8.45 9.80 5.47
C TYR A 15 8.00 10.67 6.63
N VAL A 16 6.98 10.24 7.29
CA VAL A 16 6.50 10.90 8.48
C VAL A 16 6.46 9.88 9.59
N LYS A 17 7.00 10.23 10.70
CA LYS A 17 7.06 9.32 11.80
C LYS A 17 5.81 9.32 12.61
N GLY A 18 5.11 8.26 12.48
CA GLY A 18 3.86 8.06 13.13
C GLY A 18 3.27 6.74 12.74
N ASP A 19 2.06 6.49 13.17
CA ASP A 19 1.38 5.26 12.90
C ASP A 19 0.37 5.49 11.80
N LEU A 20 0.17 4.51 10.94
CA LEU A 20 -0.88 4.57 9.93
C LEU A 20 -2.23 4.57 10.62
N PHE A 21 -2.24 3.94 11.76
CA PHE A 21 -3.43 3.77 12.58
C PHE A 21 -3.84 5.02 13.32
N ALA A 22 -3.10 6.10 13.11
CA ALA A 22 -3.51 7.42 13.59
C ALA A 22 -4.62 7.92 12.68
N CYS A 23 -4.80 7.18 11.58
CA CYS A 23 -5.88 7.32 10.64
C CYS A 23 -5.83 8.56 9.76
N PRO A 24 -5.30 8.42 8.55
CA PRO A 24 -5.39 9.46 7.55
C PRO A 24 -6.75 9.36 6.86
N LYS A 25 -7.66 10.21 7.23
CA LYS A 25 -9.01 10.17 6.70
C LYS A 25 -9.10 10.77 5.29
N THR A 26 -8.23 11.69 4.99
CA THR A 26 -8.28 12.41 3.74
C THR A 26 -7.56 11.62 2.61
N ASP A 27 -7.00 10.47 2.93
CA ASP A 27 -6.26 9.69 1.95
C ASP A 27 -6.38 8.18 2.20
N SER A 28 -5.88 7.39 1.25
CA SER A 28 -6.02 5.93 1.28
C SER A 28 -4.89 5.23 2.05
N LEU A 29 -5.15 3.97 2.40
CA LEU A 29 -4.20 3.12 3.14
C LEU A 29 -3.85 1.91 2.28
N ALA A 30 -2.57 1.65 2.12
CA ALA A 30 -2.12 0.52 1.32
C ALA A 30 -1.11 -0.30 2.06
N HIS A 31 -0.99 -1.56 1.66
CA HIS A 31 0.01 -2.48 2.17
C HIS A 31 0.01 -3.74 1.32
N CYS A 32 1.03 -4.53 1.45
CA CYS A 32 1.13 -5.74 0.70
C CYS A 32 0.70 -6.89 1.58
N ILE A 33 0.23 -7.95 0.95
CA ILE A 33 -0.13 -9.21 1.59
C ILE A 33 0.09 -10.32 0.59
N SER A 34 -0.07 -11.54 1.00
CA SER A 34 0.10 -12.65 0.11
C SER A 34 -1.27 -13.09 -0.45
N GLU A 35 -1.24 -13.87 -1.54
CA GLU A 35 -2.45 -14.40 -2.23
C GLU A 35 -3.15 -15.40 -1.30
N ASP A 36 -2.38 -15.93 -0.40
CA ASP A 36 -2.79 -16.92 0.60
C ASP A 36 -3.69 -16.28 1.68
N CYS A 37 -3.68 -14.94 1.72
CA CYS A 37 -4.56 -14.13 2.58
C CYS A 37 -4.30 -14.37 4.08
N ARG A 38 -3.11 -14.77 4.42
CA ARG A 38 -2.75 -14.87 5.80
C ARG A 38 -2.26 -13.55 6.32
N MET A 39 -3.18 -12.73 6.77
CA MET A 39 -2.85 -11.46 7.35
C MET A 39 -2.73 -11.55 8.85
N GLY A 40 -2.84 -12.76 9.38
CA GLY A 40 -2.77 -12.95 10.82
C GLY A 40 -1.36 -12.80 11.40
N ALA A 41 -0.70 -11.71 11.07
CA ALA A 41 0.63 -11.41 11.54
C ALA A 41 0.93 -9.93 11.32
N GLY A 42 1.61 -9.34 12.29
CA GLY A 42 2.07 -7.96 12.20
C GLY A 42 0.99 -6.94 11.90
N ILE A 43 1.33 -6.00 11.04
CA ILE A 43 0.44 -4.90 10.69
C ILE A 43 -0.77 -5.36 9.84
N ALA A 44 -0.63 -6.47 9.14
CA ALA A 44 -1.68 -6.93 8.25
C ALA A 44 -2.91 -7.37 9.04
N VAL A 45 -2.70 -7.89 10.25
CA VAL A 45 -3.82 -8.33 11.07
C VAL A 45 -4.58 -7.13 11.60
N LEU A 46 -3.84 -6.05 11.86
CA LEU A 46 -4.41 -4.81 12.33
C LEU A 46 -5.43 -4.29 11.33
N PHE A 47 -5.04 -4.23 10.05
CA PHE A 47 -5.96 -3.80 9.00
C PHE A 47 -7.13 -4.77 8.85
N LYS A 48 -6.84 -6.06 8.81
CA LYS A 48 -7.87 -7.08 8.64
C LYS A 48 -8.91 -7.05 9.78
N LYS A 49 -8.44 -6.84 10.99
CA LYS A 49 -9.25 -6.77 12.15
C LYS A 49 -10.11 -5.49 12.14
N LYS A 50 -9.53 -4.36 11.77
CA LYS A 50 -10.25 -3.10 11.84
C LYS A 50 -11.10 -2.86 10.59
N PHE A 51 -10.71 -3.46 9.52
CA PHE A 51 -11.37 -3.36 8.28
C PHE A 51 -11.52 -4.75 7.75
N GLY A 52 -12.69 -5.30 7.99
CA GLY A 52 -13.03 -6.64 7.53
C GLY A 52 -13.02 -6.78 6.02
N GLY A 53 -11.83 -6.75 5.48
CA GLY A 53 -11.60 -6.88 4.07
C GLY A 53 -11.45 -8.31 3.60
N VAL A 54 -11.04 -9.17 4.52
CA VAL A 54 -10.63 -10.55 4.19
C VAL A 54 -11.62 -11.31 3.30
N GLN A 55 -12.88 -11.35 3.67
CA GLN A 55 -13.86 -12.10 2.90
C GLN A 55 -14.08 -11.46 1.52
N GLU A 56 -14.03 -10.16 1.46
CA GLU A 56 -14.13 -9.45 0.21
C GLU A 56 -12.98 -9.80 -0.70
N LEU A 57 -11.78 -9.85 -0.14
CA LEU A 57 -10.58 -10.13 -0.92
C LEU A 57 -10.70 -11.50 -1.58
N LEU A 58 -11.15 -12.48 -0.81
CA LEU A 58 -11.37 -13.82 -1.33
C LEU A 58 -12.42 -13.85 -2.44
N ASN A 59 -13.46 -13.02 -2.37
CA ASN A 59 -14.46 -13.07 -3.42
C ASN A 59 -13.99 -12.33 -4.67
N GLN A 60 -12.98 -11.49 -4.50
CA GLN A 60 -12.39 -10.75 -5.59
C GLN A 60 -11.48 -11.65 -6.41
N GLN A 61 -10.73 -12.50 -5.70
CA GLN A 61 -9.76 -13.43 -6.32
C GLN A 61 -8.65 -12.71 -7.02
N LYS A 62 -7.66 -12.39 -6.26
CA LYS A 62 -6.50 -11.70 -6.74
C LYS A 62 -5.26 -12.53 -6.53
N LYS A 63 -4.46 -12.63 -7.56
CA LYS A 63 -3.24 -13.38 -7.54
C LYS A 63 -2.04 -12.47 -7.61
N SER A 64 -0.86 -13.04 -7.41
CA SER A 64 0.39 -12.29 -7.36
C SER A 64 0.55 -11.31 -8.54
N GLY A 65 0.81 -10.06 -8.20
CA GLY A 65 0.97 -9.03 -9.19
C GLY A 65 -0.30 -8.23 -9.41
N GLU A 66 -1.31 -8.50 -8.60
CA GLU A 66 -2.57 -7.78 -8.66
C GLU A 66 -2.80 -7.02 -7.38
N VAL A 67 -3.82 -6.18 -7.38
CA VAL A 67 -4.15 -5.42 -6.22
C VAL A 67 -5.62 -5.59 -5.89
N ALA A 68 -5.90 -5.74 -4.65
CA ALA A 68 -7.24 -5.80 -4.19
C ALA A 68 -7.52 -4.50 -3.46
N VAL A 69 -8.50 -3.78 -3.90
CA VAL A 69 -8.80 -2.51 -3.29
C VAL A 69 -10.20 -2.58 -2.78
N LEU A 70 -10.43 -2.01 -1.65
CA LEU A 70 -11.72 -1.99 -1.06
C LEU A 70 -12.10 -0.57 -0.79
N LYS A 71 -13.34 -0.22 -1.04
CA LYS A 71 -13.80 1.09 -0.66
C LYS A 71 -14.39 0.96 0.70
N ARG A 72 -13.76 1.55 1.65
CA ARG A 72 -14.24 1.47 2.99
C ARG A 72 -14.11 2.81 3.68
N ASP A 73 -15.20 3.28 4.26
CA ASP A 73 -15.22 4.53 5.06
C ASP A 73 -14.86 5.76 4.19
N GLY A 74 -15.18 5.66 2.92
CA GLY A 74 -14.93 6.76 1.99
C GLY A 74 -13.53 6.73 1.40
N ARG A 75 -12.69 5.89 1.94
CA ARG A 75 -11.34 5.74 1.51
C ARG A 75 -11.13 4.42 0.82
N TYR A 76 -9.97 4.28 0.23
CA TYR A 76 -9.60 3.05 -0.40
C TYR A 76 -8.53 2.35 0.37
N ILE A 77 -8.59 1.06 0.37
CA ILE A 77 -7.65 0.28 1.09
C ILE A 77 -7.02 -0.66 0.10
N TYR A 78 -5.74 -0.54 -0.11
CA TYR A 78 -5.04 -1.31 -1.11
C TYR A 78 -4.32 -2.50 -0.50
N TYR A 79 -4.54 -3.64 -1.10
CA TYR A 79 -3.87 -4.86 -0.75
C TYR A 79 -3.09 -5.35 -1.97
N LEU A 80 -1.80 -5.17 -1.94
CA LEU A 80 -0.95 -5.64 -3.03
C LEU A 80 -0.68 -7.12 -2.84
N ILE A 81 -1.03 -7.90 -3.82
CA ILE A 81 -0.86 -9.33 -3.72
C ILE A 81 0.54 -9.73 -4.18
N THR A 82 1.35 -10.13 -3.23
CA THR A 82 2.73 -10.46 -3.45
C THR A 82 2.98 -11.81 -4.10
N LYS A 83 2.86 -12.88 -3.34
CA LYS A 83 3.11 -14.23 -3.85
C LYS A 83 1.97 -15.15 -3.40
N LYS A 84 1.97 -16.39 -3.87
CA LYS A 84 0.89 -17.34 -3.59
C LYS A 84 0.70 -17.65 -2.11
N ARG A 85 1.79 -17.79 -1.36
CA ARG A 85 1.69 -18.20 0.04
C ARG A 85 2.63 -17.42 0.94
N ALA A 86 2.33 -17.39 2.23
CA ALA A 86 3.09 -16.62 3.23
C ALA A 86 4.53 -17.12 3.39
N SER A 87 4.75 -18.39 3.16
CA SER A 87 6.09 -18.97 3.27
C SER A 87 6.94 -18.65 2.03
N HIS A 88 6.34 -18.02 1.04
CA HIS A 88 7.07 -17.64 -0.16
C HIS A 88 7.71 -16.31 0.07
N LYS A 89 8.88 -16.11 -0.44
CA LYS A 89 9.54 -14.84 -0.29
C LYS A 89 9.10 -13.95 -1.44
N PRO A 90 8.51 -12.78 -1.14
CA PRO A 90 8.03 -11.88 -2.17
C PRO A 90 9.14 -11.37 -3.06
N THR A 91 8.85 -11.26 -4.31
CA THR A 91 9.78 -10.79 -5.22
C THR A 91 9.46 -9.36 -5.61
N TYR A 92 10.47 -8.66 -6.05
CA TYR A 92 10.34 -7.27 -6.46
C TYR A 92 9.57 -7.19 -7.75
N GLU A 93 9.72 -8.23 -8.53
CA GLU A 93 9.03 -8.43 -9.79
C GLU A 93 7.51 -8.25 -9.61
N ASN A 94 6.96 -8.93 -8.60
CA ASN A 94 5.54 -8.85 -8.32
C ASN A 94 5.15 -7.56 -7.66
N LEU A 95 6.07 -6.98 -6.88
CA LEU A 95 5.81 -5.69 -6.26
C LEU A 95 5.54 -4.67 -7.31
N GLN A 96 6.42 -4.61 -8.31
CA GLN A 96 6.31 -3.68 -9.41
C GLN A 96 4.94 -3.77 -10.03
N LYS A 97 4.55 -5.00 -10.33
CA LYS A 97 3.28 -5.29 -10.99
C LYS A 97 2.11 -4.80 -10.15
N SER A 98 2.23 -4.94 -8.85
CA SER A 98 1.17 -4.55 -7.96
C SER A 98 1.16 -3.01 -7.78
N LEU A 99 2.35 -2.41 -7.71
CA LEU A 99 2.49 -0.97 -7.56
C LEU A 99 1.92 -0.24 -8.78
N GLU A 100 2.07 -0.85 -9.94
CA GLU A 100 1.58 -0.27 -11.22
C GLU A 100 0.06 -0.20 -11.21
N ALA A 101 -0.55 -1.18 -10.58
CA ALA A 101 -1.98 -1.26 -10.52
C ALA A 101 -2.54 -0.14 -9.62
N MET A 102 -1.78 0.24 -8.59
CA MET A 102 -2.24 1.30 -7.68
C MET A 102 -2.25 2.63 -8.37
N LYS A 103 -1.17 2.98 -9.07
CA LYS A 103 -1.12 4.25 -9.78
C LYS A 103 -2.24 4.36 -10.79
N SER A 104 -2.46 3.28 -11.50
CA SER A 104 -3.51 3.20 -12.49
C SER A 104 -4.87 3.48 -11.81
N HIS A 105 -5.10 2.86 -10.66
CA HIS A 105 -6.33 3.07 -9.90
C HIS A 105 -6.45 4.51 -9.39
N CYS A 106 -5.33 5.08 -8.99
CA CYS A 106 -5.30 6.42 -8.45
C CYS A 106 -5.74 7.46 -9.48
N LEU A 107 -5.19 7.41 -10.68
CA LEU A 107 -5.62 8.35 -11.74
C LEU A 107 -7.06 8.07 -12.16
N LYS A 108 -7.43 6.80 -12.17
CA LYS A 108 -8.77 6.39 -12.56
C LYS A 108 -9.83 6.95 -11.59
N ASN A 109 -9.55 6.90 -10.30
CA ASN A 109 -10.54 7.34 -9.28
C ASN A 109 -10.32 8.79 -8.83
N GLY A 110 -9.18 9.34 -9.14
CA GLY A 110 -8.90 10.72 -8.74
C GLY A 110 -8.31 10.80 -7.35
N VAL A 111 -7.41 9.88 -7.06
CA VAL A 111 -6.75 9.82 -5.77
C VAL A 111 -5.27 10.18 -5.95
N THR A 112 -4.81 11.22 -5.28
CA THR A 112 -3.42 11.64 -5.38
C THR A 112 -2.73 11.55 -4.04
N ASP A 113 -3.38 10.97 -3.06
CA ASP A 113 -2.81 10.87 -1.73
C ASP A 113 -2.95 9.45 -1.24
N LEU A 114 -1.85 8.81 -0.98
CA LEU A 114 -1.88 7.44 -0.56
C LEU A 114 -0.89 7.23 0.61
N SER A 115 -1.34 6.64 1.68
CA SER A 115 -0.48 6.35 2.80
C SER A 115 -0.25 4.85 2.94
N MET A 116 0.96 4.49 3.20
CA MET A 116 1.34 3.09 3.33
C MET A 116 2.46 3.02 4.37
N PRO A 117 2.79 1.85 4.89
CA PRO A 117 3.90 1.70 5.80
C PRO A 117 5.16 1.34 5.02
N ARG A 118 6.17 0.90 5.71
CA ARG A 118 7.33 0.43 5.04
C ARG A 118 7.07 -0.99 4.53
N ILE A 119 6.60 -1.08 3.33
CA ILE A 119 6.33 -2.37 2.74
C ILE A 119 7.57 -2.95 2.14
N GLY A 120 7.87 -4.15 2.50
CA GLY A 120 9.04 -4.77 2.00
C GLY A 120 10.18 -4.66 2.97
N CYS A 121 9.92 -5.01 4.23
CA CYS A 121 10.96 -4.95 5.24
C CYS A 121 10.74 -5.96 6.38
N GLY A 122 9.50 -6.08 6.86
CA GLY A 122 9.25 -6.91 8.02
C GLY A 122 8.90 -8.33 7.67
N LEU A 123 7.62 -8.59 7.52
CA LEU A 123 7.09 -9.91 7.17
C LEU A 123 7.45 -10.22 5.73
N ASP A 124 7.79 -9.17 5.02
CA ASP A 124 8.11 -9.21 3.62
C ASP A 124 9.50 -9.80 3.44
N ARG A 125 10.35 -9.58 4.45
CA ARG A 125 11.74 -10.06 4.47
C ARG A 125 12.66 -9.34 3.48
N LEU A 126 12.12 -8.38 2.78
CA LEU A 126 12.86 -7.67 1.74
C LEU A 126 13.52 -6.42 2.30
N GLN A 127 14.29 -5.74 1.45
CA GLN A 127 14.91 -4.49 1.80
C GLN A 127 14.10 -3.32 1.28
N TRP A 128 13.69 -2.44 2.17
CA TRP A 128 12.93 -1.25 1.85
C TRP A 128 13.69 -0.29 0.95
N GLU A 129 15.01 -0.33 1.03
CA GLU A 129 15.87 0.50 0.19
C GLU A 129 15.47 0.32 -1.29
N ASN A 130 15.33 -0.92 -1.69
CA ASN A 130 14.99 -1.24 -3.08
C ASN A 130 13.53 -0.96 -3.37
N VAL A 131 12.66 -1.28 -2.41
CA VAL A 131 11.22 -1.11 -2.60
C VAL A 131 10.86 0.35 -2.72
N SER A 132 11.37 1.15 -1.80
CA SER A 132 11.14 2.58 -1.80
C SER A 132 11.60 3.20 -3.12
N ALA A 133 12.78 2.79 -3.59
CA ALA A 133 13.31 3.26 -4.86
C ALA A 133 12.39 2.85 -6.01
N MET A 134 11.81 1.65 -5.91
CA MET A 134 10.88 1.13 -6.92
C MET A 134 9.61 1.97 -6.95
N ILE A 135 9.06 2.22 -5.78
CA ILE A 135 7.84 2.97 -5.64
C ILE A 135 7.97 4.35 -6.27
N GLU A 136 9.01 5.07 -5.90
CA GLU A 136 9.22 6.40 -6.47
C GLU A 136 9.54 6.33 -7.96
N GLU A 137 10.15 5.24 -8.39
CA GLU A 137 10.46 4.98 -9.77
C GLU A 137 9.16 4.86 -10.60
N VAL A 138 8.19 4.19 -10.03
CA VAL A 138 6.89 4.00 -10.68
C VAL A 138 6.03 5.29 -10.62
N PHE A 139 6.09 5.98 -9.50
CA PHE A 139 5.24 7.14 -9.29
C PHE A 139 5.90 8.48 -9.61
N GLU A 140 7.08 8.49 -10.21
CA GLU A 140 7.75 9.77 -10.51
C GLU A 140 7.02 10.64 -11.53
N ALA A 141 6.34 9.99 -12.45
CA ALA A 141 5.61 10.67 -13.50
C ALA A 141 4.23 11.12 -13.03
N THR A 142 3.91 10.78 -11.81
CA THR A 142 2.64 11.15 -11.23
C THR A 142 2.90 12.04 -10.03
N ASP A 143 1.98 12.92 -9.71
CA ASP A 143 2.16 13.84 -8.58
C ASP A 143 1.47 13.29 -7.33
N ILE A 144 1.17 12.02 -7.38
CA ILE A 144 0.57 11.31 -6.27
C ILE A 144 1.57 11.26 -5.11
N LYS A 145 1.16 11.74 -3.96
CA LYS A 145 2.02 11.69 -2.79
C LYS A 145 1.77 10.48 -1.97
N ILE A 146 2.79 9.70 -1.80
CA ILE A 146 2.75 8.58 -0.97
C ILE A 146 3.38 8.91 0.33
N THR A 147 2.61 8.86 1.33
CA THR A 147 3.03 9.21 2.63
C THR A 147 3.21 7.94 3.44
N VAL A 148 4.40 7.67 3.86
CA VAL A 148 4.63 6.51 4.64
C VAL A 148 4.76 6.88 6.09
N TYR A 149 4.01 6.24 6.91
CA TYR A 149 4.13 6.46 8.30
C TYR A 149 5.17 5.54 8.83
N THR A 150 6.17 6.11 9.39
CA THR A 150 7.29 5.39 9.82
C THR A 150 7.33 5.30 11.34
N LEU A 151 7.23 4.10 11.80
CA LEU A 151 7.37 3.80 13.20
C LEU A 151 8.83 3.47 13.46
N1 APR B . 1.22 1.71 11.72
C2 APR B . 2.07 1.99 10.72
N3 APR B . 2.99 1.12 10.34
C4 APR B . 3.09 -0.08 10.93
C5 APR B . 2.24 -0.40 11.94
C6 APR B . 1.30 0.51 12.34
N6 APR B . 0.47 0.22 13.34
N7 APR B . 2.57 -1.62 12.36
C8 APR B . 3.60 -2.05 11.62
N9 APR B . 3.92 -1.09 10.74
C1' APR B . 5.04 -1.12 9.74
C2' APR B . 6.36 -1.53 10.47
O2' APR B . 6.99 -0.41 11.01
C3' APR B . 7.20 -2.13 9.31
O3' APR B . 8.14 -1.20 8.87
O4' APR B . 4.83 -2.07 8.70
C4' APR B . 6.13 -2.42 8.19
C5' APR B . 6.18 -3.92 7.80
O5' APR B . 4.89 -4.40 7.45
PA APR B . 4.73 -5.87 6.84
O1A APR B . 3.54 -6.61 7.34
O2A APR B . 6.10 -6.66 7.19
O3A APR B . 4.69 -5.70 5.24
PB APR B . 3.34 -5.99 4.44
O1B APR B . 3.37 -5.56 3.02
O2B APR B . 2.13 -5.22 5.22
O5D APR B . 3.03 -7.58 4.60
C5D APR B . 3.07 -8.44 3.45
O4D APR B . 3.99 -10.53 4.41
O1D APR B . 2.09 -11.42 3.26
C1D APR B . 3.51 -11.58 3.58
O2D APR B . 5.58 -12.18 2.44
C2D APR B . 4.36 -11.52 2.28
O3D APR B . 5.83 -9.66 1.65
C3D APR B . 4.57 -10.00 2.11
C4D APR B . 4.27 -9.42 3.54
H2 APR B . 2.10 2.98 10.26
H61 APR B . 0.53 -0.66 13.80
H62 APR B . -0.22 0.89 13.63
H8 APR B . 4.09 -3.02 11.72
H'1 APR B . 5.01 -0.46 8.87
H'2 APR B . 6.41 -1.86 11.49
HO'2 APR B . 6.34 0.10 11.58
H'3 APR B . 8.09 -2.73 9.46
HO'3 APR B . 7.73 -0.29 8.88
H'4 APR B . 5.82 -1.68 7.46
H5'1 APR B . 6.55 -4.49 8.66
H5'2 APR B . 6.86 -4.06 6.96
HOA2 APR B . 6.87 -6.18 6.77
HOB2 APR B . 2.38 -4.27 5.36
H5R1 APR B . 3.19 -7.85 2.55
H5R2 APR B . 2.15 -9.01 3.41
HOR1 APR B . 2.01 -10.76 2.50
HR'1 APR B . 3.83 -12.10 4.48
HOR2 APR B . 6.17 -11.63 3.03
HR'2 APR B . 4.26 -12.22 1.45
HOR3 APR B . 5.91 -8.67 1.61
HR'3 APR B . 4.27 -9.48 1.20
HR'4 APR B . 5.03 -9.30 4.30
N SER A 2 -7.42 25.52 18.34
CA SER A 2 -6.79 26.15 17.24
C SER A 2 -6.25 25.09 16.30
N SER A 3 -6.98 24.85 15.25
CA SER A 3 -6.58 23.88 14.27
C SER A 3 -5.95 24.58 13.09
N LEU A 4 -4.63 24.56 13.04
CA LEU A 4 -3.91 25.19 11.96
C LEU A 4 -4.01 24.30 10.74
N ASN A 5 -4.75 24.75 9.76
CA ASN A 5 -4.94 23.97 8.55
C ASN A 5 -3.73 24.10 7.67
N GLU A 6 -2.97 23.06 7.59
CA GLU A 6 -1.81 23.00 6.76
C GLU A 6 -1.81 21.60 6.15
N ASP A 7 -1.18 21.44 5.01
CA ASP A 7 -1.20 20.16 4.32
C ASP A 7 0.20 19.66 4.11
N PRO A 8 0.38 18.34 4.00
CA PRO A 8 1.66 17.77 3.63
C PRO A 8 2.05 18.23 2.24
N GLU A 9 3.31 18.58 2.05
CA GLU A 9 3.81 19.05 0.77
C GLU A 9 3.71 17.98 -0.26
N GLY A 10 4.09 16.80 0.13
CA GLY A 10 4.11 15.71 -0.77
C GLY A 10 5.41 15.66 -1.52
N SER A 11 5.68 14.54 -2.12
CA SER A 11 6.88 14.29 -2.87
C SER A 11 6.71 12.89 -3.41
N ARG A 12 7.79 12.26 -3.83
CA ARG A 12 7.75 10.87 -4.23
C ARG A 12 7.22 10.05 -3.06
N ILE A 13 7.97 10.07 -1.97
CA ILE A 13 7.57 9.41 -0.75
C ILE A 13 7.89 10.28 0.45
N THR A 14 6.89 10.68 1.15
CA THR A 14 7.07 11.43 2.35
C THR A 14 7.26 10.45 3.51
N TYR A 15 8.42 10.48 4.11
CA TYR A 15 8.74 9.56 5.14
C TYR A 15 8.49 10.23 6.50
N VAL A 16 7.54 9.73 7.24
CA VAL A 16 7.21 10.32 8.51
C VAL A 16 7.13 9.25 9.61
N LYS A 17 7.59 9.59 10.76
CA LYS A 17 7.59 8.68 11.88
C LYS A 17 6.24 8.77 12.62
N GLY A 18 5.61 7.64 12.83
CA GLY A 18 4.34 7.60 13.52
C GLY A 18 3.49 6.42 13.10
N ASP A 19 2.43 6.18 13.86
CA ASP A 19 1.49 5.08 13.58
C ASP A 19 0.54 5.44 12.45
N LEU A 20 0.32 4.50 11.56
CA LEU A 20 -0.48 4.72 10.36
C LEU A 20 -1.98 4.90 10.66
N PHE A 21 -2.50 4.11 11.58
CA PHE A 21 -3.93 4.08 11.85
C PHE A 21 -4.41 5.26 12.68
N ALA A 22 -3.50 5.97 13.29
CA ALA A 22 -3.87 7.10 14.13
C ALA A 22 -3.79 8.39 13.34
N CYS A 23 -3.62 8.30 12.04
CA CYS A 23 -3.40 9.47 11.23
C CYS A 23 -4.51 9.71 10.17
N PRO A 24 -4.59 11.00 9.65
CA PRO A 24 -5.54 11.51 8.64
C PRO A 24 -6.33 10.51 7.77
N LYS A 25 -7.64 10.80 7.70
CA LYS A 25 -8.65 10.06 6.94
C LYS A 25 -8.55 10.34 5.44
N THR A 26 -7.84 11.35 5.11
CA THR A 26 -7.77 11.83 3.76
C THR A 26 -6.90 10.97 2.85
N ASP A 27 -5.96 10.26 3.42
CA ASP A 27 -5.10 9.39 2.65
C ASP A 27 -5.64 7.99 2.64
N SER A 28 -5.59 7.33 1.51
CA SER A 28 -5.98 5.94 1.41
C SER A 28 -4.87 5.05 2.01
N LEU A 29 -5.11 3.76 2.14
CA LEU A 29 -4.14 2.87 2.80
C LEU A 29 -3.72 1.73 1.91
N ALA A 30 -2.45 1.41 1.93
CA ALA A 30 -1.92 0.31 1.13
C ALA A 30 -1.00 -0.55 1.97
N HIS A 31 -0.93 -1.82 1.63
CA HIS A 31 -0.06 -2.78 2.31
C HIS A 31 -0.03 -4.08 1.54
N CYS A 32 0.87 -4.94 1.86
CA CYS A 32 1.03 -6.19 1.17
C CYS A 32 0.40 -7.34 1.95
N ILE A 33 -0.05 -8.35 1.22
CA ILE A 33 -0.50 -9.63 1.77
C ILE A 33 -0.22 -10.71 0.73
N SER A 34 -0.43 -11.93 1.06
CA SER A 34 -0.19 -13.01 0.14
C SER A 34 -1.48 -13.32 -0.68
N GLU A 35 -1.35 -14.18 -1.71
CA GLU A 35 -2.49 -14.57 -2.58
C GLU A 35 -3.53 -15.31 -1.74
N ASP A 36 -3.04 -16.08 -0.78
CA ASP A 36 -3.86 -16.88 0.12
C ASP A 36 -4.57 -15.98 1.13
N CYS A 37 -4.07 -14.75 1.22
CA CYS A 37 -4.54 -13.73 2.16
C CYS A 37 -4.26 -14.13 3.59
N ARG A 38 -3.02 -13.98 3.96
CA ARG A 38 -2.55 -14.30 5.28
C ARG A 38 -2.29 -13.05 6.08
N MET A 39 -3.21 -12.75 6.98
CA MET A 39 -3.04 -11.65 7.89
C MET A 39 -2.46 -12.14 9.20
N GLY A 40 -1.96 -13.38 9.19
CA GLY A 40 -1.44 -14.02 10.40
C GLY A 40 -0.40 -13.20 11.14
N ALA A 41 0.40 -12.48 10.42
CA ALA A 41 1.42 -11.65 11.01
C ALA A 41 1.59 -10.39 10.20
N GLY A 42 2.15 -9.38 10.82
CA GLY A 42 2.35 -8.13 10.14
C GLY A 42 1.31 -7.10 10.52
N ILE A 43 1.30 -6.00 9.80
CA ILE A 43 0.34 -4.91 10.03
C ILE A 43 -1.08 -5.32 9.59
N ALA A 44 -1.14 -6.38 8.78
CA ALA A 44 -2.38 -6.87 8.21
C ALA A 44 -3.44 -7.23 9.28
N VAL A 45 -2.97 -7.60 10.49
CA VAL A 45 -3.87 -7.92 11.59
C VAL A 45 -4.76 -6.71 11.97
N LEU A 46 -4.19 -5.50 11.92
CA LEU A 46 -4.94 -4.30 12.30
C LEU A 46 -5.95 -3.93 11.24
N PHE A 47 -5.56 -4.04 9.96
CA PHE A 47 -6.47 -3.72 8.87
C PHE A 47 -7.68 -4.62 8.88
N LYS A 48 -7.49 -5.91 9.15
CA LYS A 48 -8.58 -6.87 9.17
C LYS A 48 -9.67 -6.45 10.20
N LYS A 49 -9.23 -5.86 11.31
CA LYS A 49 -10.12 -5.44 12.37
C LYS A 49 -11.00 -4.30 11.93
N LYS A 50 -10.38 -3.27 11.39
CA LYS A 50 -11.07 -2.04 11.03
C LYS A 50 -11.70 -2.13 9.67
N PHE A 51 -11.18 -2.99 8.85
CA PHE A 51 -11.64 -3.17 7.53
C PHE A 51 -11.81 -4.65 7.30
N GLY A 52 -13.02 -5.12 7.53
CA GLY A 52 -13.37 -6.52 7.27
C GLY A 52 -13.30 -6.86 5.80
N GLY A 53 -12.11 -6.83 5.29
CA GLY A 53 -11.83 -7.06 3.92
C GLY A 53 -11.68 -8.48 3.53
N VAL A 54 -11.31 -9.33 4.48
CA VAL A 54 -10.87 -10.71 4.19
C VAL A 54 -11.80 -11.49 3.25
N GLN A 55 -13.10 -11.53 3.51
CA GLN A 55 -13.99 -12.23 2.61
C GLN A 55 -14.07 -11.57 1.25
N GLU A 56 -14.11 -10.26 1.26
CA GLU A 56 -14.18 -9.47 0.04
C GLU A 56 -12.92 -9.68 -0.81
N LEU A 57 -11.81 -9.86 -0.13
CA LEU A 57 -10.54 -10.14 -0.76
C LEU A 57 -10.54 -11.53 -1.35
N LEU A 58 -11.07 -12.48 -0.58
CA LEU A 58 -11.17 -13.86 -1.04
C LEU A 58 -12.11 -13.95 -2.24
N ASN A 59 -13.06 -13.04 -2.28
CA ASN A 59 -14.03 -12.94 -3.36
C ASN A 59 -13.38 -12.35 -4.63
N GLN A 60 -12.48 -11.38 -4.44
CA GLN A 60 -11.76 -10.80 -5.57
C GLN A 60 -10.61 -11.71 -6.01
N GLN A 61 -10.12 -12.49 -5.05
CA GLN A 61 -9.05 -13.47 -5.22
C GLN A 61 -7.71 -12.77 -5.41
N LYS A 62 -7.47 -12.34 -6.64
CA LYS A 62 -6.25 -11.69 -7.10
C LYS A 62 -4.99 -12.53 -6.95
N LYS A 63 -4.14 -12.47 -7.93
CA LYS A 63 -2.92 -13.22 -7.86
C LYS A 63 -1.73 -12.31 -7.81
N SER A 64 -0.57 -12.89 -7.55
CA SER A 64 0.68 -12.18 -7.47
C SER A 64 0.87 -11.24 -8.66
N GLY A 65 1.15 -9.99 -8.35
CA GLY A 65 1.27 -8.98 -9.37
C GLY A 65 -0.02 -8.20 -9.53
N GLU A 66 -1.01 -8.55 -8.75
CA GLU A 66 -2.27 -7.84 -8.74
C GLU A 66 -2.50 -7.19 -7.40
N VAL A 67 -3.52 -6.38 -7.31
CA VAL A 67 -3.86 -5.70 -6.09
C VAL A 67 -5.34 -5.88 -5.84
N ALA A 68 -5.71 -6.09 -4.61
CA ALA A 68 -7.11 -6.15 -4.26
C ALA A 68 -7.43 -4.87 -3.54
N VAL A 69 -8.46 -4.18 -3.96
CA VAL A 69 -8.76 -2.90 -3.37
C VAL A 69 -10.15 -2.94 -2.79
N LEU A 70 -10.36 -2.18 -1.74
CA LEU A 70 -11.66 -2.05 -1.12
C LEU A 70 -11.95 -0.58 -0.90
N LYS A 71 -13.16 -0.16 -1.16
CA LYS A 71 -13.52 1.21 -0.89
C LYS A 71 -14.23 1.30 0.45
N ARG A 72 -13.59 1.95 1.39
CA ARG A 72 -14.12 2.16 2.75
C ARG A 72 -13.97 3.60 3.16
N ASP A 73 -15.09 4.22 3.52
CA ASP A 73 -15.17 5.63 3.97
C ASP A 73 -14.66 6.58 2.92
N GLY A 74 -14.79 6.18 1.67
CA GLY A 74 -14.30 6.99 0.56
C GLY A 74 -12.80 6.86 0.38
N ARG A 75 -12.18 6.00 1.14
CA ARG A 75 -10.77 5.75 1.07
C ARG A 75 -10.58 4.42 0.39
N TYR A 76 -9.47 4.24 -0.23
CA TYR A 76 -9.17 2.99 -0.83
C TYR A 76 -8.16 2.22 -0.05
N ILE A 77 -8.35 0.93 0.01
CA ILE A 77 -7.45 0.10 0.75
C ILE A 77 -6.83 -0.85 -0.23
N TYR A 78 -5.55 -0.76 -0.39
CA TYR A 78 -4.83 -1.55 -1.35
C TYR A 78 -4.15 -2.73 -0.71
N TYR A 79 -4.44 -3.87 -1.23
CA TYR A 79 -3.84 -5.10 -0.81
C TYR A 79 -2.95 -5.61 -1.92
N LEU A 80 -1.68 -5.38 -1.77
CA LEU A 80 -0.71 -5.82 -2.74
C LEU A 80 -0.52 -7.31 -2.62
N ILE A 81 -0.93 -8.06 -3.63
CA ILE A 81 -0.82 -9.50 -3.63
C ILE A 81 0.63 -9.87 -3.95
N THR A 82 1.32 -10.41 -2.97
CA THR A 82 2.72 -10.74 -3.09
C THR A 82 2.97 -12.12 -3.73
N LYS A 83 2.83 -13.17 -2.93
CA LYS A 83 3.00 -14.54 -3.38
C LYS A 83 1.98 -15.43 -2.72
N LYS A 84 1.98 -16.69 -3.07
CA LYS A 84 0.96 -17.64 -2.59
C LYS A 84 0.93 -17.78 -1.07
N ARG A 85 2.08 -17.96 -0.47
CA ARG A 85 2.14 -18.22 0.97
C ARG A 85 3.10 -17.25 1.63
N ALA A 86 2.85 -16.96 2.89
CA ALA A 86 3.63 -15.98 3.66
C ALA A 86 5.06 -16.43 3.93
N SER A 87 5.31 -17.73 3.85
CA SER A 87 6.62 -18.25 4.12
C SER A 87 7.51 -18.15 2.84
N HIS A 88 6.94 -17.61 1.77
CA HIS A 88 7.68 -17.39 0.54
C HIS A 88 8.06 -15.94 0.53
N LYS A 89 9.26 -15.62 0.10
CA LYS A 89 9.62 -14.23 0.03
C LYS A 89 9.23 -13.67 -1.34
N PRO A 90 8.46 -12.58 -1.36
CA PRO A 90 8.08 -11.94 -2.60
C PRO A 90 9.29 -11.42 -3.36
N THR A 91 9.16 -11.37 -4.65
CA THR A 91 10.18 -10.83 -5.46
C THR A 91 9.77 -9.40 -5.79
N TYR A 92 10.71 -8.53 -6.10
CA TYR A 92 10.37 -7.16 -6.46
C TYR A 92 9.50 -7.11 -7.68
N GLU A 93 9.71 -8.07 -8.57
CA GLU A 93 8.91 -8.23 -9.76
C GLU A 93 7.42 -8.33 -9.41
N ASN A 94 7.08 -9.21 -8.45
CA ASN A 94 5.67 -9.42 -8.06
C ASN A 94 5.12 -8.15 -7.45
N LEU A 95 5.90 -7.55 -6.56
CA LEU A 95 5.51 -6.36 -5.86
C LEU A 95 5.33 -5.20 -6.85
N GLN A 96 6.25 -5.08 -7.79
CA GLN A 96 6.26 -4.02 -8.79
C GLN A 96 4.96 -4.01 -9.56
N LYS A 97 4.56 -5.17 -10.06
CA LYS A 97 3.36 -5.29 -10.85
C LYS A 97 2.13 -4.90 -10.04
N SER A 98 2.19 -5.19 -8.76
CA SER A 98 1.12 -4.88 -7.86
C SER A 98 1.11 -3.35 -7.56
N LEU A 99 2.30 -2.76 -7.43
CA LEU A 99 2.46 -1.31 -7.19
C LEU A 99 1.89 -0.53 -8.35
N GLU A 100 2.12 -1.03 -9.54
CA GLU A 100 1.67 -0.39 -10.78
C GLU A 100 0.17 -0.34 -10.83
N ALA A 101 -0.44 -1.40 -10.35
CA ALA A 101 -1.88 -1.51 -10.33
C ALA A 101 -2.50 -0.43 -9.44
N MET A 102 -1.81 -0.10 -8.34
CA MET A 102 -2.27 0.97 -7.45
C MET A 102 -2.20 2.29 -8.17
N LYS A 103 -1.07 2.52 -8.83
CA LYS A 103 -0.83 3.76 -9.52
C LYS A 103 -1.86 3.98 -10.63
N SER A 104 -2.10 2.95 -11.42
CA SER A 104 -3.10 3.04 -12.49
C SER A 104 -4.50 3.30 -11.90
N HIS A 105 -4.80 2.66 -10.77
CA HIS A 105 -6.08 2.80 -10.10
C HIS A 105 -6.28 4.22 -9.53
N CYS A 106 -5.23 4.75 -8.93
CA CYS A 106 -5.29 6.03 -8.25
C CYS A 106 -5.72 7.18 -9.15
N LEU A 107 -5.04 7.39 -10.27
CA LEU A 107 -5.39 8.51 -11.16
C LEU A 107 -6.79 8.38 -11.70
N LYS A 108 -7.16 7.17 -12.05
CA LYS A 108 -8.45 6.91 -12.64
C LYS A 108 -9.61 7.07 -11.63
N ASN A 109 -9.32 6.87 -10.35
CA ASN A 109 -10.35 7.08 -9.30
C ASN A 109 -10.25 8.45 -8.65
N GLY A 110 -9.18 9.16 -8.89
CA GLY A 110 -9.02 10.46 -8.30
C GLY A 110 -8.41 10.37 -6.91
N VAL A 111 -7.70 9.28 -6.67
CA VAL A 111 -7.04 9.05 -5.40
C VAL A 111 -5.69 9.70 -5.49
N THR A 112 -5.57 10.82 -4.88
CA THR A 112 -4.35 11.58 -4.96
C THR A 112 -3.58 11.50 -3.64
N ASP A 113 -4.22 10.95 -2.63
CA ASP A 113 -3.64 10.84 -1.31
C ASP A 113 -3.57 9.38 -0.92
N LEU A 114 -2.37 8.85 -0.81
CA LEU A 114 -2.22 7.45 -0.50
C LEU A 114 -1.12 7.30 0.55
N SER A 115 -1.41 6.61 1.63
CA SER A 115 -0.46 6.38 2.66
C SER A 115 -0.31 4.89 2.93
N MET A 116 0.90 4.48 3.11
CA MET A 116 1.20 3.11 3.43
C MET A 116 2.26 3.10 4.51
N PRO A 117 2.50 1.98 5.18
CA PRO A 117 3.60 1.88 6.12
C PRO A 117 4.85 1.46 5.36
N ARG A 118 5.84 0.93 6.04
CA ARG A 118 7.02 0.42 5.35
C ARG A 118 6.68 -0.91 4.67
N ILE A 119 6.17 -0.83 3.47
CA ILE A 119 5.84 -2.01 2.72
C ILE A 119 7.09 -2.64 2.16
N GLY A 120 7.13 -3.94 2.18
CA GLY A 120 8.30 -4.61 1.76
C GLY A 120 9.35 -4.59 2.84
N CYS A 121 8.92 -4.74 4.09
CA CYS A 121 9.82 -4.68 5.23
C CYS A 121 9.42 -5.64 6.35
N GLY A 122 8.34 -6.37 6.18
CA GLY A 122 7.91 -7.30 7.20
C GLY A 122 8.22 -8.70 6.79
N LEU A 123 7.17 -9.48 6.57
CA LEU A 123 7.31 -10.86 6.09
C LEU A 123 7.78 -10.83 4.64
N ASP A 124 7.63 -9.65 4.04
CA ASP A 124 8.02 -9.35 2.68
C ASP A 124 9.49 -9.71 2.48
N ARG A 125 10.30 -9.47 3.54
CA ARG A 125 11.74 -9.82 3.54
C ARG A 125 12.54 -9.02 2.51
N LEU A 126 11.99 -7.91 2.11
CA LEU A 126 12.61 -7.08 1.11
C LEU A 126 13.37 -5.94 1.75
N GLN A 127 14.19 -5.27 0.98
CA GLN A 127 14.93 -4.12 1.46
C GLN A 127 14.21 -2.86 1.03
N TRP A 128 13.99 -1.96 1.95
CA TRP A 128 13.27 -0.72 1.69
C TRP A 128 14.00 0.16 0.72
N GLU A 129 15.31 0.06 0.71
CA GLU A 129 16.14 0.78 -0.24
C GLU A 129 15.63 0.45 -1.66
N ASN A 130 15.31 -0.82 -1.86
CA ASN A 130 14.87 -1.32 -3.15
C ASN A 130 13.41 -0.97 -3.39
N VAL A 131 12.59 -1.23 -2.37
CA VAL A 131 11.15 -1.03 -2.44
C VAL A 131 10.81 0.42 -2.73
N SER A 132 11.34 1.32 -1.91
CA SER A 132 11.10 2.73 -2.06
C SER A 132 11.46 3.21 -3.44
N ALA A 133 12.66 2.85 -3.90
CA ALA A 133 13.15 3.27 -5.21
C ALA A 133 12.23 2.80 -6.32
N MET A 134 11.65 1.63 -6.14
CA MET A 134 10.75 1.05 -7.12
C MET A 134 9.38 1.74 -7.10
N ILE A 135 8.91 2.09 -5.90
CA ILE A 135 7.66 2.84 -5.75
C ILE A 135 7.83 4.22 -6.40
N GLU A 136 8.93 4.86 -6.06
CA GLU A 136 9.29 6.18 -6.55
C GLU A 136 9.45 6.19 -8.09
N GLU A 137 9.84 5.06 -8.65
CA GLU A 137 10.00 4.91 -10.06
C GLU A 137 8.61 4.96 -10.74
N VAL A 138 7.69 4.17 -10.22
CA VAL A 138 6.35 4.07 -10.78
C VAL A 138 5.56 5.39 -10.65
N PHE A 139 5.62 5.98 -9.49
CA PHE A 139 4.86 7.19 -9.20
C PHE A 139 5.66 8.48 -9.50
N GLU A 140 6.80 8.34 -10.17
CA GLU A 140 7.72 9.47 -10.46
C GLU A 140 7.01 10.65 -11.12
N ALA A 141 6.14 10.34 -12.03
CA ALA A 141 5.49 11.35 -12.83
C ALA A 141 4.03 11.53 -12.42
N THR A 142 3.70 11.17 -11.20
CA THR A 142 2.33 11.32 -10.78
C THR A 142 2.17 12.54 -9.88
N ASP A 143 0.94 12.88 -9.58
CA ASP A 143 0.64 13.98 -8.65
C ASP A 143 0.16 13.41 -7.33
N ILE A 144 0.39 12.12 -7.16
CA ILE A 144 -0.07 11.39 -5.99
C ILE A 144 0.88 11.61 -4.82
N LYS A 145 0.32 11.99 -3.69
CA LYS A 145 1.10 12.19 -2.51
C LYS A 145 1.19 10.89 -1.75
N ILE A 146 2.38 10.37 -1.67
CA ILE A 146 2.64 9.16 -0.95
C ILE A 146 3.35 9.45 0.32
N THR A 147 2.83 8.95 1.37
CA THR A 147 3.40 9.13 2.67
C THR A 147 3.48 7.80 3.39
N VAL A 148 4.64 7.49 3.90
CA VAL A 148 4.78 6.29 4.66
C VAL A 148 4.87 6.62 6.13
N TYR A 149 4.12 5.94 6.92
CA TYR A 149 4.22 6.09 8.33
C TYR A 149 5.14 5.04 8.86
N THR A 150 6.17 5.49 9.49
CA THR A 150 7.19 4.65 9.95
C THR A 150 7.27 4.66 11.46
N LEU A 151 7.01 3.53 12.04
CA LEU A 151 7.09 3.32 13.44
C LEU A 151 7.93 2.09 13.74
N1 APR B . 1.21 1.20 11.53
C2 APR B . 2.06 1.41 10.52
N3 APR B . 2.91 0.45 10.14
C4 APR B . 2.92 -0.74 10.74
C5 APR B . 2.06 -0.99 11.77
C6 APR B . 1.19 0.01 12.17
N6 APR B . 0.33 -0.20 13.15
N7 APR B . 2.27 -2.23 12.18
C8 APR B . 3.24 -2.76 11.42
N9 APR B . 3.64 -1.83 10.52
C1' APR B . 4.70 -1.97 9.46
C2' APR B . 5.43 -3.37 9.60
O2' APR B . 6.80 -3.19 9.82
C3' APR B . 5.18 -4.04 8.23
O3' APR B . 6.32 -4.70 7.78
O4' APR B . 4.14 -1.91 8.13
C4' APR B . 4.86 -2.81 7.32
C5' APR B . 4.06 -3.26 6.06
O5' APR B . 4.36 -4.61 5.68
PA APR B . 3.95 -5.14 4.21
O1A APR B . 4.80 -4.60 3.11
O2A APR B . 2.39 -4.69 3.98
O3A APR B . 3.97 -6.73 4.24
PB APR B . 3.61 -7.53 5.59
O1B APR B . 3.07 -6.66 6.70
O2B APR B . 4.94 -8.34 6.05
O5D APR B . 2.54 -8.66 5.16
C5D APR B . 2.59 -9.20 3.85
O4D APR B . 3.53 -11.36 4.54
O1D APR B . 1.31 -11.91 3.84
C1D APR B . 2.73 -12.25 3.79
O2D APR B . 4.23 -13.14 2.08
C2D APR B . 3.25 -12.17 2.31
O3D APR B . 5.14 -10.70 1.74
C3D APR B . 3.83 -10.75 2.24
C4D APR B . 3.74 -10.23 3.73
H2 APR B . 2.12 2.38 10.04
H61 APR B . 0.32 -1.09 13.62
H62 APR B . -0.30 0.52 13.43
H8 APR B . 3.63 -3.77 11.50
H'1 APR B . 5.18 -1.08 9.06
H'2 APR B . 5.51 -3.91 10.53
HO'2 APR B . 7.26 -3.08 8.94
H'3 APR B . 4.74 -5.03 8.10
HO'3 APR B . 7.04 -4.03 7.58
H'4 APR B . 5.48 -1.92 7.27
H5'1 APR B . 4.28 -2.60 5.23
H5'2 APR B . 2.99 -3.19 6.26
HOA2 APR B . 2.34 -3.70 3.92
HOB2 APR B . 5.44 -8.60 5.23
H5R1 APR B . 2.76 -8.41 3.13
H5R2 APR B . 1.63 -9.69 3.62
HOR1 APR B . 0.94 -12.13 4.73
HR'1 APR B . 3.17 -12.89 4.54
HOR2 APR B . 4.97 -13.01 2.74
HR'2 APR B . 2.77 -12.69 1.48
HOR3 APR B . 5.43 -9.75 1.66
HR'3 APR B . 3.65 -10.09 1.40
HR'4 APR B . 4.60 -10.17 4.38
N SER A 2 -6.25 33.47 6.04
CA SER A 2 -5.24 32.45 6.13
C SER A 2 -5.00 31.80 4.77
N SER A 3 -3.76 31.53 4.47
CA SER A 3 -3.41 30.81 3.28
C SER A 3 -2.42 29.73 3.68
N LEU A 4 -2.94 28.56 3.95
CA LEU A 4 -2.13 27.47 4.43
C LEU A 4 -2.31 26.27 3.52
N ASN A 5 -1.23 25.86 2.88
CA ASN A 5 -1.30 24.76 1.93
C ASN A 5 -0.13 23.82 2.07
N GLU A 6 -0.43 22.55 2.26
CA GLU A 6 0.59 21.54 2.33
C GLU A 6 0.59 20.74 1.03
N ASP A 7 1.45 21.10 0.14
CA ASP A 7 1.56 20.41 -1.13
C ASP A 7 2.87 19.65 -1.15
N PRO A 8 2.98 18.56 -1.99
CA PRO A 8 4.18 17.70 -2.08
C PRO A 8 5.47 18.50 -2.10
N GLU A 9 6.33 18.17 -1.19
CA GLU A 9 7.55 18.90 -1.00
C GLU A 9 8.65 18.36 -1.92
N GLY A 10 9.15 17.23 -1.57
CA GLY A 10 10.18 16.60 -2.34
C GLY A 10 10.00 15.12 -2.36
N SER A 11 10.41 14.48 -3.43
CA SER A 11 10.28 13.03 -3.61
C SER A 11 8.79 12.63 -3.71
N ARG A 12 8.56 11.39 -4.05
CA ARG A 12 7.24 10.85 -4.06
C ARG A 12 6.94 10.24 -2.70
N ILE A 13 8.01 9.92 -1.98
CA ILE A 13 7.89 9.29 -0.68
C ILE A 13 8.30 10.26 0.42
N THR A 14 7.42 10.44 1.36
CA THR A 14 7.66 11.28 2.50
C THR A 14 7.73 10.40 3.76
N TYR A 15 8.78 10.53 4.53
CA TYR A 15 8.94 9.74 5.74
C TYR A 15 8.43 10.50 6.95
N VAL A 16 7.38 9.99 7.55
CA VAL A 16 6.80 10.61 8.72
C VAL A 16 6.58 9.57 9.82
N LYS A 17 6.79 9.96 11.03
CA LYS A 17 6.57 9.11 12.16
C LYS A 17 5.13 9.26 12.61
N GLY A 18 4.45 8.15 12.81
CA GLY A 18 3.07 8.20 13.21
C GLY A 18 2.34 6.94 12.89
N ASP A 19 1.26 6.71 13.58
CA ASP A 19 0.45 5.51 13.41
C ASP A 19 -0.37 5.64 12.14
N LEU A 20 -0.36 4.62 11.34
CA LEU A 20 -1.00 4.60 10.03
C LEU A 20 -2.54 4.68 10.14
N PHE A 21 -3.10 4.17 11.20
CA PHE A 21 -4.54 4.19 11.36
C PHE A 21 -5.06 5.53 11.84
N ALA A 22 -4.15 6.46 12.09
CA ALA A 22 -4.52 7.79 12.54
C ALA A 22 -4.49 8.78 11.37
N CYS A 23 -4.29 8.26 10.17
CA CYS A 23 -4.21 9.07 8.97
C CYS A 23 -5.59 9.60 8.53
N PRO A 24 -5.61 10.79 7.85
CA PRO A 24 -6.85 11.45 7.36
C PRO A 24 -7.78 10.49 6.61
N LYS A 25 -9.06 10.83 6.63
CA LYS A 25 -10.13 10.00 6.08
C LYS A 25 -9.92 9.64 4.59
N THR A 26 -9.35 10.54 3.82
CA THR A 26 -9.14 10.31 2.41
C THR A 26 -7.67 9.86 2.12
N ASP A 27 -6.91 9.61 3.18
CA ASP A 27 -5.52 9.18 3.04
C ASP A 27 -5.55 7.63 2.96
N SER A 28 -5.54 7.15 1.71
CA SER A 28 -5.77 5.72 1.36
C SER A 28 -4.67 4.78 1.83
N LEU A 29 -5.06 3.77 2.60
CA LEU A 29 -4.14 2.84 3.24
C LEU A 29 -3.73 1.70 2.29
N ALA A 30 -2.47 1.61 2.01
CA ALA A 30 -1.93 0.55 1.19
C ALA A 30 -0.99 -0.31 2.01
N HIS A 31 -0.90 -1.58 1.68
CA HIS A 31 -0.02 -2.50 2.37
C HIS A 31 0.20 -3.77 1.58
N CYS A 32 1.20 -4.50 1.97
CA CYS A 32 1.59 -5.71 1.33
C CYS A 32 1.05 -6.92 2.09
N ILE A 33 0.65 -7.94 1.34
CA ILE A 33 0.23 -9.23 1.89
C ILE A 33 0.53 -10.34 0.88
N SER A 34 0.30 -11.55 1.29
CA SER A 34 0.45 -12.68 0.43
C SER A 34 -0.91 -12.96 -0.26
N GLU A 35 -0.88 -13.72 -1.35
CA GLU A 35 -2.07 -14.08 -2.15
C GLU A 35 -3.06 -14.87 -1.32
N ASP A 36 -2.53 -15.69 -0.41
CA ASP A 36 -3.39 -16.52 0.49
C ASP A 36 -4.09 -15.61 1.50
N CYS A 37 -3.75 -14.33 1.44
CA CYS A 37 -4.28 -13.30 2.29
C CYS A 37 -3.86 -13.52 3.72
N ARG A 38 -2.67 -13.06 4.02
CA ARG A 38 -2.10 -13.22 5.32
C ARG A 38 -2.23 -11.97 6.14
N MET A 39 -3.37 -11.80 6.76
CA MET A 39 -3.55 -10.73 7.68
C MET A 39 -3.29 -11.17 9.08
N GLY A 40 -2.97 -12.43 9.27
CA GLY A 40 -2.68 -12.93 10.60
C GLY A 40 -1.21 -12.84 10.91
N ALA A 41 -0.62 -11.67 10.71
CA ALA A 41 0.79 -11.53 10.92
C ALA A 41 1.17 -10.24 11.63
N GLY A 42 1.44 -9.23 10.89
CA GLY A 42 1.89 -7.97 11.46
C GLY A 42 0.83 -6.90 11.45
N ILE A 43 1.13 -5.77 10.83
CA ILE A 43 0.19 -4.64 10.74
C ILE A 43 -1.07 -5.03 9.94
N ALA A 44 -0.93 -6.07 9.13
CA ALA A 44 -2.02 -6.57 8.32
C ALA A 44 -3.21 -7.03 9.20
N VAL A 45 -2.90 -7.44 10.45
CA VAL A 45 -3.93 -7.88 11.42
C VAL A 45 -4.89 -6.74 11.68
N LEU A 46 -4.32 -5.58 11.91
CA LEU A 46 -5.04 -4.37 12.24
C LEU A 46 -6.03 -3.99 11.13
N PHE A 47 -5.63 -4.17 9.88
CA PHE A 47 -6.49 -3.86 8.76
C PHE A 47 -7.70 -4.78 8.69
N LYS A 48 -7.48 -6.09 8.82
CA LYS A 48 -8.56 -7.03 8.76
C LYS A 48 -9.51 -6.79 9.93
N LYS A 49 -8.93 -6.52 11.08
CA LYS A 49 -9.64 -6.30 12.29
C LYS A 49 -10.49 -5.03 12.21
N LYS A 50 -9.93 -3.98 11.64
CA LYS A 50 -10.60 -2.71 11.57
C LYS A 50 -11.66 -2.66 10.46
N PHE A 51 -11.43 -3.33 9.36
CA PHE A 51 -12.34 -3.22 8.22
C PHE A 51 -13.18 -4.48 7.97
N GLY A 52 -12.63 -5.65 8.23
CA GLY A 52 -13.34 -6.89 7.90
C GLY A 52 -13.23 -7.19 6.40
N GLY A 53 -12.22 -6.58 5.81
CA GLY A 53 -11.95 -6.61 4.37
C GLY A 53 -11.74 -7.99 3.75
N VAL A 54 -11.32 -8.94 4.57
CA VAL A 54 -10.94 -10.28 4.11
C VAL A 54 -11.99 -10.95 3.20
N GLN A 55 -13.26 -10.76 3.49
CA GLN A 55 -14.32 -11.36 2.71
C GLN A 55 -14.32 -10.85 1.26
N GLU A 56 -14.11 -9.55 1.09
CA GLU A 56 -14.02 -8.99 -0.25
C GLU A 56 -12.77 -9.45 -0.96
N LEU A 57 -11.71 -9.63 -0.23
CA LEU A 57 -10.46 -10.08 -0.81
C LEU A 57 -10.66 -11.48 -1.39
N LEU A 58 -11.33 -12.31 -0.61
CA LEU A 58 -11.61 -13.68 -0.99
C LEU A 58 -12.52 -13.77 -2.20
N ASN A 59 -13.46 -12.84 -2.35
CA ASN A 59 -14.35 -12.94 -3.51
C ASN A 59 -13.67 -12.44 -4.78
N GLN A 60 -12.73 -11.51 -4.64
CA GLN A 60 -12.01 -10.98 -5.79
C GLN A 60 -11.02 -12.01 -6.31
N GLN A 61 -10.28 -12.61 -5.39
CA GLN A 61 -9.19 -13.56 -5.71
C GLN A 61 -8.12 -12.87 -6.52
N LYS A 62 -7.18 -12.29 -5.85
CA LYS A 62 -6.10 -11.63 -6.49
C LYS A 62 -4.85 -12.46 -6.39
N LYS A 63 -4.17 -12.62 -7.49
CA LYS A 63 -2.97 -13.41 -7.59
C LYS A 63 -1.77 -12.51 -7.80
N SER A 64 -0.57 -13.07 -7.73
CA SER A 64 0.68 -12.32 -7.79
C SER A 64 0.70 -11.26 -8.91
N GLY A 65 1.00 -10.02 -8.54
CA GLY A 65 1.07 -8.95 -9.51
C GLY A 65 -0.22 -8.17 -9.59
N GLU A 66 -1.15 -8.48 -8.73
CA GLU A 66 -2.42 -7.81 -8.69
C GLU A 66 -2.60 -7.08 -7.38
N VAL A 67 -3.64 -6.30 -7.31
CA VAL A 67 -3.95 -5.55 -6.12
C VAL A 67 -5.43 -5.68 -5.81
N ALA A 68 -5.74 -5.90 -4.57
CA ALA A 68 -7.11 -5.94 -4.16
C ALA A 68 -7.40 -4.63 -3.46
N VAL A 69 -8.48 -3.99 -3.82
CA VAL A 69 -8.78 -2.70 -3.24
C VAL A 69 -10.13 -2.76 -2.59
N LEU A 70 -10.25 -2.06 -1.52
CA LEU A 70 -11.50 -1.95 -0.82
C LEU A 70 -11.78 -0.49 -0.58
N LYS A 71 -12.99 -0.04 -0.81
CA LYS A 71 -13.29 1.31 -0.46
C LYS A 71 -13.81 1.27 0.95
N ARG A 72 -13.04 1.80 1.84
CA ARG A 72 -13.34 1.71 3.25
C ARG A 72 -13.08 3.02 3.94
N ASP A 73 -14.06 3.45 4.73
CA ASP A 73 -13.99 4.68 5.55
C ASP A 73 -13.76 5.91 4.64
N GLY A 74 -14.24 5.80 3.40
CA GLY A 74 -14.11 6.88 2.46
C GLY A 74 -12.75 6.92 1.76
N ARG A 75 -11.89 5.98 2.06
CA ARG A 75 -10.57 5.93 1.45
C ARG A 75 -10.42 4.59 0.77
N TYR A 76 -9.36 4.42 0.04
CA TYR A 76 -9.10 3.16 -0.58
C TYR A 76 -8.08 2.36 0.15
N ILE A 77 -8.25 1.05 0.14
CA ILE A 77 -7.35 0.18 0.86
C ILE A 77 -6.73 -0.75 -0.14
N TYR A 78 -5.42 -0.72 -0.23
CA TYR A 78 -4.71 -1.50 -1.21
C TYR A 78 -4.01 -2.69 -0.60
N TYR A 79 -4.21 -3.82 -1.21
CA TYR A 79 -3.57 -5.05 -0.83
C TYR A 79 -2.70 -5.54 -1.98
N LEU A 80 -1.40 -5.37 -1.85
CA LEU A 80 -0.46 -5.82 -2.88
C LEU A 80 -0.30 -7.32 -2.75
N ILE A 81 -0.42 -8.02 -3.85
CA ILE A 81 -0.32 -9.46 -3.84
C ILE A 81 1.06 -9.93 -4.32
N THR A 82 1.79 -10.51 -3.40
CA THR A 82 3.15 -10.95 -3.61
C THR A 82 3.30 -12.38 -4.17
N LYS A 83 3.13 -13.36 -3.30
CA LYS A 83 3.23 -14.78 -3.65
C LYS A 83 2.06 -15.53 -3.05
N LYS A 84 1.89 -16.79 -3.46
CA LYS A 84 0.77 -17.62 -3.03
C LYS A 84 0.71 -17.74 -1.52
N ARG A 85 1.83 -18.04 -0.88
CA ARG A 85 1.85 -18.12 0.56
C ARG A 85 3.03 -17.34 1.12
N ALA A 86 2.89 -16.87 2.36
CA ALA A 86 3.90 -16.06 3.05
C ALA A 86 5.16 -16.84 3.30
N SER A 87 5.07 -18.14 3.26
CA SER A 87 6.20 -19.01 3.44
C SER A 87 7.10 -19.02 2.18
N HIS A 88 6.69 -18.27 1.18
CA HIS A 88 7.43 -18.11 -0.05
C HIS A 88 7.93 -16.68 -0.05
N LYS A 89 9.04 -16.39 -0.68
CA LYS A 89 9.53 -15.02 -0.67
C LYS A 89 8.96 -14.20 -1.82
N PRO A 90 8.38 -13.03 -1.51
CA PRO A 90 7.94 -12.08 -2.52
C PRO A 90 9.07 -11.67 -3.45
N THR A 91 8.76 -11.50 -4.69
CA THR A 91 9.70 -11.06 -5.63
C THR A 91 9.41 -9.62 -6.01
N TYR A 92 10.42 -8.92 -6.46
CA TYR A 92 10.26 -7.54 -6.87
C TYR A 92 9.42 -7.43 -8.13
N GLU A 93 9.49 -8.46 -8.97
CA GLU A 93 8.71 -8.54 -10.21
C GLU A 93 7.23 -8.32 -9.93
N ASN A 94 6.70 -9.05 -8.97
CA ASN A 94 5.28 -8.98 -8.64
C ASN A 94 4.97 -7.73 -7.87
N LEU A 95 5.94 -7.28 -7.11
CA LEU A 95 5.79 -6.08 -6.32
C LEU A 95 5.57 -4.89 -7.25
N GLN A 96 6.40 -4.81 -8.27
CA GLN A 96 6.34 -3.75 -9.25
C GLN A 96 4.97 -3.72 -9.93
N LYS A 97 4.51 -4.88 -10.37
CA LYS A 97 3.22 -5.00 -11.03
C LYS A 97 2.08 -4.59 -10.10
N SER A 98 2.23 -4.90 -8.83
CA SER A 98 1.23 -4.57 -7.84
C SER A 98 1.21 -3.03 -7.58
N LEU A 99 2.40 -2.41 -7.55
CA LEU A 99 2.51 -0.95 -7.36
C LEU A 99 1.91 -0.23 -8.55
N GLU A 100 2.16 -0.80 -9.71
CA GLU A 100 1.65 -0.29 -11.00
C GLU A 100 0.13 -0.27 -11.01
N ALA A 101 -0.44 -1.31 -10.45
CA ALA A 101 -1.87 -1.43 -10.36
C ALA A 101 -2.45 -0.38 -9.42
N MET A 102 -1.80 -0.15 -8.26
CA MET A 102 -2.27 0.87 -7.31
C MET A 102 -2.27 2.23 -7.96
N LYS A 103 -1.19 2.54 -8.64
CA LYS A 103 -1.03 3.81 -9.31
C LYS A 103 -2.14 4.06 -10.31
N SER A 104 -2.32 3.13 -11.22
CA SER A 104 -3.35 3.24 -12.24
C SER A 104 -4.74 3.41 -11.61
N HIS A 105 -5.00 2.65 -10.54
CA HIS A 105 -6.26 2.75 -9.82
C HIS A 105 -6.43 4.14 -9.20
N CYS A 106 -5.38 4.66 -8.61
CA CYS A 106 -5.42 5.96 -7.96
C CYS A 106 -5.69 7.05 -8.98
N LEU A 107 -5.02 6.98 -10.12
CA LEU A 107 -5.15 7.97 -11.18
C LEU A 107 -6.58 8.06 -11.69
N LYS A 108 -7.25 6.92 -11.80
CA LYS A 108 -8.62 6.88 -12.28
C LYS A 108 -9.58 7.51 -11.29
N ASN A 109 -9.42 7.17 -10.03
CA ASN A 109 -10.34 7.61 -8.98
C ASN A 109 -9.96 8.95 -8.36
N GLY A 110 -8.85 9.50 -8.82
CA GLY A 110 -8.40 10.79 -8.31
C GLY A 110 -7.85 10.69 -6.91
N VAL A 111 -7.27 9.54 -6.61
CA VAL A 111 -6.71 9.29 -5.32
C VAL A 111 -5.25 9.71 -5.31
N THR A 112 -4.99 10.86 -4.73
CA THR A 112 -3.67 11.40 -4.71
C THR A 112 -3.00 11.23 -3.35
N ASP A 113 -3.76 10.78 -2.38
CA ASP A 113 -3.24 10.58 -1.03
C ASP A 113 -3.06 9.10 -0.80
N LEU A 114 -1.83 8.66 -0.75
CA LEU A 114 -1.56 7.26 -0.52
C LEU A 114 -0.85 7.17 0.83
N SER A 115 -1.38 6.38 1.69
CA SER A 115 -0.89 6.21 3.00
C SER A 115 -0.40 4.78 3.13
N MET A 116 0.82 4.61 3.54
CA MET A 116 1.36 3.28 3.67
C MET A 116 2.37 3.27 4.80
N PRO A 117 2.63 2.10 5.39
CA PRO A 117 3.68 1.96 6.36
C PRO A 117 4.94 1.55 5.62
N ARG A 118 5.94 1.10 6.33
CA ARG A 118 7.09 0.60 5.65
C ARG A 118 6.86 -0.83 5.24
N ILE A 119 6.51 -0.99 4.00
CA ILE A 119 6.22 -2.27 3.41
C ILE A 119 7.45 -2.83 2.74
N GLY A 120 7.38 -4.08 2.31
CA GLY A 120 8.47 -4.70 1.58
C GLY A 120 9.77 -4.72 2.36
N CYS A 121 9.70 -5.09 3.61
CA CYS A 121 10.89 -5.10 4.47
C CYS A 121 10.69 -5.92 5.75
N GLY A 122 9.46 -6.27 6.06
CA GLY A 122 9.22 -7.05 7.25
C GLY A 122 9.25 -8.51 6.94
N LEU A 123 8.09 -9.14 6.97
CA LEU A 123 7.97 -10.55 6.63
C LEU A 123 8.18 -10.74 5.13
N ASP A 124 8.09 -9.62 4.43
CA ASP A 124 8.24 -9.52 2.99
C ASP A 124 9.61 -10.03 2.55
N ARG A 125 10.60 -9.88 3.44
CA ARG A 125 12.00 -10.31 3.22
C ARG A 125 12.68 -9.46 2.13
N LEU A 126 12.05 -8.38 1.76
CA LEU A 126 12.55 -7.50 0.73
C LEU A 126 13.38 -6.38 1.36
N GLN A 127 14.10 -5.65 0.54
CA GLN A 127 14.87 -4.54 1.02
C GLN A 127 14.09 -3.26 0.79
N TRP A 128 13.93 -2.47 1.82
CA TRP A 128 13.16 -1.23 1.72
C TRP A 128 13.73 -0.26 0.75
N GLU A 129 15.02 -0.16 0.67
CA GLU A 129 15.64 0.75 -0.26
C GLU A 129 15.24 0.39 -1.69
N ASN A 130 15.04 -0.89 -1.91
CA ASN A 130 14.73 -1.40 -3.24
C ASN A 130 13.29 -1.11 -3.55
N VAL A 131 12.43 -1.42 -2.59
CA VAL A 131 11.01 -1.18 -2.69
C VAL A 131 10.74 0.31 -2.86
N SER A 132 11.33 1.08 -1.97
CA SER A 132 11.20 2.52 -1.99
C SER A 132 11.71 3.09 -3.33
N ALA A 133 12.87 2.61 -3.80
CA ALA A 133 13.43 3.04 -5.08
C ALA A 133 12.49 2.71 -6.23
N MET A 134 11.86 1.56 -6.14
CA MET A 134 10.89 1.11 -7.12
C MET A 134 9.69 2.05 -7.12
N ILE A 135 9.17 2.32 -5.92
CA ILE A 135 8.03 3.20 -5.74
C ILE A 135 8.33 4.59 -6.33
N GLU A 136 9.56 5.07 -6.12
CA GLU A 136 10.02 6.35 -6.68
C GLU A 136 9.84 6.39 -8.18
N GLU A 137 10.20 5.30 -8.84
CA GLU A 137 10.15 5.21 -10.29
C GLU A 137 8.72 5.00 -10.79
N VAL A 138 8.01 4.15 -10.11
CA VAL A 138 6.64 3.84 -10.45
C VAL A 138 5.74 5.08 -10.39
N PHE A 139 5.81 5.81 -9.30
CA PHE A 139 4.93 6.95 -9.07
C PHE A 139 5.54 8.31 -9.44
N GLU A 140 6.72 8.32 -10.06
CA GLU A 140 7.44 9.60 -10.31
C GLU A 140 6.65 10.61 -11.15
N ALA A 141 5.97 10.13 -12.14
CA ALA A 141 5.23 11.01 -13.04
C ALA A 141 3.81 11.28 -12.56
N THR A 142 3.48 10.84 -11.38
CA THR A 142 2.14 11.01 -10.89
C THR A 142 2.10 11.99 -9.72
N ASP A 143 0.91 12.49 -9.45
CA ASP A 143 0.67 13.45 -8.36
C ASP A 143 0.32 12.71 -7.09
N ILE A 144 0.46 11.41 -7.14
CA ILE A 144 0.17 10.56 -6.03
C ILE A 144 1.26 10.74 -4.99
N LYS A 145 0.86 11.13 -3.83
CA LYS A 145 1.76 11.34 -2.74
C LYS A 145 1.86 10.10 -1.96
N ILE A 146 3.04 9.74 -1.62
CA ILE A 146 3.26 8.58 -0.84
C ILE A 146 3.91 8.92 0.44
N THR A 147 3.12 8.90 1.42
CA THR A 147 3.54 9.24 2.72
C THR A 147 3.65 7.94 3.52
N VAL A 148 4.82 7.65 4.03
CA VAL A 148 5.00 6.43 4.77
C VAL A 148 5.00 6.77 6.23
N TYR A 149 4.16 6.10 6.93
CA TYR A 149 4.05 6.29 8.34
C TYR A 149 4.90 5.27 9.01
N THR A 150 5.81 5.75 9.77
CA THR A 150 6.81 4.95 10.34
C THR A 150 6.67 4.88 11.86
N LEU A 151 6.81 3.68 12.39
CA LEU A 151 6.80 3.42 13.80
C LEU A 151 8.09 2.70 14.16
N1 APR B . 0.99 2.36 11.65
C2 APR B . 2.21 2.74 11.23
N3 APR B . 3.24 1.91 11.31
C4 APR B . 3.09 0.68 11.80
C5 APR B . 1.86 0.26 12.23
C6 APR B . 0.80 1.13 12.15
N6 APR B . -0.40 0.76 12.55
N7 APR B . 1.99 -0.99 12.67
C8 APR B . 3.26 -1.34 12.52
N9 APR B . 3.93 -0.30 11.99
C1' APR B . 5.42 -0.24 11.69
C2' APR B . 6.12 -1.52 12.26
O2' APR B . 7.36 -1.20 12.80
C3' APR B . 6.30 -2.42 10.99
O3' APR B . 7.64 -2.69 10.77
O4' APR B . 5.68 -0.17 10.30
C4' APR B . 5.70 -1.53 9.82
C5' APR B . 4.30 -2.06 9.43
O5' APR B . 4.30 -2.56 8.08
PA APR B . 5.05 -3.95 7.71
O1A APR B . 4.28 -5.17 8.11
O2A APR B . 6.49 -3.90 8.45
O3A APR B . 5.36 -3.93 6.14
PB APR B . 4.46 -4.77 5.11
O1B APR B . 4.99 -4.79 3.72
O2B APR B . 2.97 -4.14 5.16
O5D APR B . 4.32 -6.26 5.71
C5D APR B . 3.48 -7.19 5.05
O4D APR B . 3.99 -9.31 6.22
O1D APR B . 1.71 -8.96 6.86
C1D APR B . 2.67 -9.86 6.23
O2D APR B . 2.22 -11.53 4.49
C2D APR B . 2.26 -10.15 4.73
O3D APR B . 4.24 -10.38 3.29
C3D APR B . 3.39 -9.47 3.92
C4D APR B . 4.13 -8.60 5.00
H2 APR B . 2.35 3.75 10.83
H61 APR B . -0.54 -0.16 12.92
H62 APR B . -1.17 1.40 12.48
H8 APR B . 3.67 -2.32 12.79
H'1 APR B . 5.88 0.75 11.62
H'2 APR B . 5.96 -1.91 13.25
HO'2 APR B . 7.64 -0.29 12.49
H'3 APR B . 6.24 -3.49 11.02
HO'3 APR B . 8.07 -3.00 11.63
H'4 APR B . 6.27 -1.02 9.05
H5'1 APR B . 3.59 -1.24 9.51
H5'2 APR B . 4.01 -2.85 10.11
HOA2 APR B . 6.44 -4.41 9.31
HOB2 APR B . 2.31 -4.85 5.42
H5R1 APR B . 3.33 -6.85 4.03
H5R2 APR B . 2.51 -7.23 5.56
HOR1 APR B . 2.18 -8.14 7.18
HR'1 APR B . 3.24 -10.57 6.82
HOR2 APR B . 3.11 -11.92 4.70
HR'2 APR B . 1.23 -10.21 4.40
HOR3 APR B . 5.07 -9.90 3.00
HR'3 APR B . 3.24 -9.13 2.91
HR'4 APR B . 5.16 -8.76 5.28
N SER A 2 -7.59 35.04 10.58
CA SER A 2 -6.28 34.46 10.67
C SER A 2 -6.34 32.96 10.43
N SER A 3 -6.18 32.58 9.18
CA SER A 3 -6.16 31.19 8.81
C SER A 3 -5.43 31.06 7.46
N LEU A 4 -4.74 32.12 7.08
CA LEU A 4 -4.07 32.15 5.81
C LEU A 4 -2.65 31.62 5.92
N ASN A 5 -2.56 30.33 5.75
CA ASN A 5 -1.32 29.59 5.78
C ASN A 5 -1.62 28.25 5.15
N GLU A 6 -0.78 27.77 4.29
CA GLU A 6 -1.07 26.55 3.58
C GLU A 6 0.09 25.59 3.71
N ASP A 7 -0.18 24.33 3.54
CA ASP A 7 0.83 23.29 3.59
C ASP A 7 0.74 22.42 2.36
N PRO A 8 1.45 22.78 1.28
CA PRO A 8 1.47 21.99 0.07
C PRO A 8 2.42 20.81 0.23
N GLU A 9 2.09 19.70 -0.36
CA GLU A 9 2.90 18.53 -0.21
C GLU A 9 3.26 17.98 -1.59
N GLY A 10 4.42 18.35 -2.06
CA GLY A 10 4.87 17.92 -3.36
C GLY A 10 6.12 17.12 -3.24
N SER A 11 5.99 15.82 -3.39
CA SER A 11 7.11 14.93 -3.23
C SER A 11 6.66 13.52 -3.63
N ARG A 12 7.53 12.55 -3.51
CA ARG A 12 7.17 11.18 -3.83
C ARG A 12 6.89 10.45 -2.56
N ILE A 13 7.92 10.30 -1.76
CA ILE A 13 7.82 9.62 -0.52
C ILE A 13 8.03 10.58 0.63
N THR A 14 7.04 10.68 1.44
CA THR A 14 7.08 11.53 2.58
C THR A 14 7.18 10.66 3.83
N TYR A 15 8.27 10.81 4.54
CA TYR A 15 8.46 10.08 5.77
C TYR A 15 7.89 10.87 6.92
N VAL A 16 6.87 10.35 7.53
CA VAL A 16 6.26 10.99 8.65
C VAL A 16 6.34 10.06 9.84
N LYS A 17 6.59 10.60 10.98
CA LYS A 17 6.71 9.81 12.17
C LYS A 17 5.36 9.68 12.86
N GLY A 18 4.94 8.45 13.06
CA GLY A 18 3.68 8.20 13.72
C GLY A 18 3.03 6.93 13.23
N ASP A 19 1.87 6.62 13.78
CA ASP A 19 1.10 5.44 13.41
C ASP A 19 0.37 5.68 12.11
N LEU A 20 0.28 4.66 11.28
CA LEU A 20 -0.33 4.75 9.96
C LEU A 20 -1.79 5.20 10.03
N PHE A 21 -2.51 4.72 11.02
CA PHE A 21 -3.95 4.98 11.14
C PHE A 21 -4.28 6.40 11.58
N ALA A 22 -3.26 7.22 11.78
CA ALA A 22 -3.43 8.61 12.18
C ALA A 22 -3.62 9.52 10.95
N CYS A 23 -3.86 8.91 9.80
CA CYS A 23 -4.03 9.63 8.55
C CYS A 23 -5.51 10.09 8.34
N PRO A 24 -5.73 11.10 7.46
CA PRO A 24 -7.08 11.64 7.13
C PRO A 24 -8.07 10.59 6.59
N LYS A 25 -9.35 10.95 6.59
CA LYS A 25 -10.45 10.08 6.14
C LYS A 25 -10.36 9.73 4.64
N THR A 26 -9.83 10.64 3.88
CA THR A 26 -9.74 10.49 2.44
C THR A 26 -8.42 9.78 2.06
N ASP A 27 -7.60 9.56 3.06
CA ASP A 27 -6.29 8.98 2.85
C ASP A 27 -6.37 7.47 2.64
N SER A 28 -5.79 7.00 1.57
CA SER A 28 -5.87 5.61 1.23
C SER A 28 -4.70 4.81 1.80
N LEU A 29 -5.04 3.74 2.50
CA LEU A 29 -4.08 2.89 3.18
C LEU A 29 -3.67 1.74 2.29
N ALA A 30 -2.40 1.63 2.03
CA ALA A 30 -1.89 0.54 1.22
C ALA A 30 -1.00 -0.37 2.03
N HIS A 31 -1.00 -1.63 1.67
CA HIS A 31 -0.16 -2.63 2.30
C HIS A 31 -0.19 -3.90 1.46
N CYS A 32 0.68 -4.81 1.74
CA CYS A 32 0.79 -6.02 0.97
C CYS A 32 0.31 -7.23 1.76
N ILE A 33 -0.18 -8.23 1.03
CA ILE A 33 -0.56 -9.53 1.57
C ILE A 33 -0.37 -10.56 0.47
N SER A 34 -0.30 -11.79 0.83
CA SER A 34 -0.17 -12.85 -0.14
C SER A 34 -1.59 -13.34 -0.55
N GLU A 35 -1.71 -14.16 -1.62
CA GLU A 35 -3.00 -14.71 -2.05
C GLU A 35 -3.67 -15.54 -0.98
N ASP A 36 -2.88 -16.23 -0.22
CA ASP A 36 -3.40 -17.07 0.86
C ASP A 36 -3.79 -16.23 2.07
N CYS A 37 -3.52 -14.93 1.95
CA CYS A 37 -3.89 -13.90 2.91
C CYS A 37 -3.47 -14.22 4.33
N ARG A 38 -2.23 -14.00 4.61
CA ARG A 38 -1.72 -14.23 5.91
C ARG A 38 -1.51 -12.88 6.58
N MET A 39 -2.48 -12.46 7.36
CA MET A 39 -2.36 -11.18 8.03
C MET A 39 -1.73 -11.35 9.37
N GLY A 40 -1.80 -12.56 9.89
CA GLY A 40 -1.43 -12.87 11.27
C GLY A 40 0.05 -12.86 11.57
N ALA A 41 0.69 -11.74 11.28
CA ALA A 41 2.11 -11.55 11.59
C ALA A 41 2.54 -10.14 11.30
N GLY A 42 2.00 -9.59 10.25
CA GLY A 42 2.38 -8.26 9.85
C GLY A 42 1.41 -7.21 10.35
N ILE A 43 1.51 -6.01 9.80
CA ILE A 43 0.61 -4.91 10.17
C ILE A 43 -0.81 -5.20 9.67
N ALA A 44 -0.90 -6.13 8.74
CA ALA A 44 -2.15 -6.56 8.16
C ALA A 44 -3.20 -6.96 9.22
N VAL A 45 -2.73 -7.41 10.41
CA VAL A 45 -3.61 -7.77 11.54
C VAL A 45 -4.55 -6.59 11.91
N LEU A 46 -4.04 -5.37 11.83
CA LEU A 46 -4.80 -4.16 12.17
C LEU A 46 -5.92 -3.92 11.17
N PHE A 47 -5.59 -4.01 9.89
CA PHE A 47 -6.57 -3.81 8.83
C PHE A 47 -7.59 -4.94 8.84
N LYS A 48 -7.10 -6.13 9.17
CA LYS A 48 -7.90 -7.33 9.29
C LYS A 48 -9.04 -7.09 10.30
N LYS A 49 -8.70 -6.59 11.49
CA LYS A 49 -9.72 -6.27 12.49
C LYS A 49 -10.58 -5.06 12.09
N LYS A 50 -9.95 -4.00 11.64
CA LYS A 50 -10.64 -2.75 11.38
C LYS A 50 -11.60 -2.81 10.19
N PHE A 51 -11.18 -3.37 9.09
CA PHE A 51 -12.00 -3.34 7.90
C PHE A 51 -12.75 -4.62 7.64
N GLY A 52 -12.16 -5.74 8.02
CA GLY A 52 -12.79 -7.02 7.72
C GLY A 52 -12.71 -7.30 6.24
N GLY A 53 -11.52 -7.18 5.71
CA GLY A 53 -11.31 -7.27 4.29
C GLY A 53 -11.16 -8.66 3.76
N VAL A 54 -10.71 -9.59 4.59
CA VAL A 54 -10.32 -10.94 4.15
C VAL A 54 -11.40 -11.64 3.28
N GLN A 55 -12.66 -11.60 3.71
CA GLN A 55 -13.71 -12.23 2.93
C GLN A 55 -13.89 -11.59 1.58
N GLU A 56 -13.90 -10.27 1.55
CA GLU A 56 -14.05 -9.56 0.30
C GLU A 56 -12.90 -9.87 -0.64
N LEU A 57 -11.72 -10.02 -0.08
CA LEU A 57 -10.54 -10.34 -0.86
C LEU A 57 -10.66 -11.74 -1.44
N LEU A 58 -11.14 -12.68 -0.63
CA LEU A 58 -11.35 -14.05 -1.07
C LEU A 58 -12.45 -14.08 -2.13
N ASN A 59 -13.45 -13.28 -1.90
CA ASN A 59 -14.63 -13.19 -2.75
C ASN A 59 -14.31 -12.48 -4.08
N GLN A 60 -13.38 -11.51 -4.06
CA GLN A 60 -12.92 -10.86 -5.30
C GLN A 60 -12.13 -11.84 -6.16
N GLN A 61 -11.46 -12.77 -5.50
CA GLN A 61 -10.59 -13.74 -6.17
C GLN A 61 -9.43 -13.03 -6.84
N LYS A 62 -8.76 -12.21 -6.06
CA LYS A 62 -7.56 -11.49 -6.48
C LYS A 62 -6.40 -12.44 -6.80
N LYS A 63 -5.35 -11.90 -7.35
CA LYS A 63 -4.18 -12.67 -7.77
C LYS A 63 -2.89 -11.94 -7.54
N SER A 64 -1.84 -12.72 -7.37
CA SER A 64 -0.50 -12.26 -7.14
C SER A 64 0.01 -11.33 -8.26
N GLY A 65 0.62 -10.24 -7.87
CA GLY A 65 1.13 -9.28 -8.82
C GLY A 65 0.14 -8.17 -9.07
N GLU A 66 -1.01 -8.29 -8.47
CA GLU A 66 -2.08 -7.34 -8.62
C GLU A 66 -2.49 -6.80 -7.27
N VAL A 67 -3.38 -5.85 -7.29
CA VAL A 67 -3.79 -5.21 -6.09
C VAL A 67 -5.31 -5.35 -5.93
N ALA A 68 -5.73 -5.59 -4.73
CA ALA A 68 -7.13 -5.65 -4.40
C ALA A 68 -7.44 -4.42 -3.60
N VAL A 69 -8.60 -3.85 -3.79
CA VAL A 69 -8.91 -2.60 -3.13
C VAL A 69 -10.25 -2.72 -2.45
N LEU A 70 -10.39 -2.02 -1.35
CA LEU A 70 -11.64 -1.94 -0.65
C LEU A 70 -12.01 -0.49 -0.52
N LYS A 71 -13.21 -0.15 -0.89
CA LYS A 71 -13.68 1.21 -0.74
C LYS A 71 -14.31 1.32 0.60
N ARG A 72 -13.69 2.08 1.46
CA ARG A 72 -14.15 2.18 2.83
C ARG A 72 -14.10 3.59 3.34
N ASP A 73 -15.26 4.13 3.64
CA ASP A 73 -15.40 5.45 4.28
C ASP A 73 -14.76 6.55 3.46
N GLY A 74 -14.79 6.38 2.16
CA GLY A 74 -14.23 7.37 1.27
C GLY A 74 -12.75 7.18 0.98
N ARG A 75 -12.10 6.28 1.67
CA ARG A 75 -10.71 6.01 1.40
C ARG A 75 -10.61 4.67 0.71
N TYR A 76 -9.50 4.41 0.09
CA TYR A 76 -9.28 3.13 -0.49
C TYR A 76 -8.28 2.35 0.29
N ILE A 77 -8.42 1.06 0.29
CA ILE A 77 -7.50 0.21 1.00
C ILE A 77 -6.86 -0.68 -0.02
N TYR A 78 -5.58 -0.57 -0.17
CA TYR A 78 -4.87 -1.33 -1.16
C TYR A 78 -4.21 -2.55 -0.56
N TYR A 79 -4.50 -3.67 -1.16
CA TYR A 79 -3.89 -4.91 -0.81
C TYR A 79 -3.06 -5.38 -1.97
N LEU A 80 -1.78 -5.13 -1.88
CA LEU A 80 -0.86 -5.58 -2.88
C LEU A 80 -0.71 -7.08 -2.70
N ILE A 81 -1.18 -7.83 -3.65
CA ILE A 81 -1.15 -9.26 -3.54
C ILE A 81 0.21 -9.74 -3.99
N THR A 82 0.96 -10.25 -3.06
CA THR A 82 2.30 -10.62 -3.32
C THR A 82 2.45 -12.05 -3.89
N LYS A 83 2.46 -13.05 -3.05
CA LYS A 83 2.71 -14.41 -3.49
C LYS A 83 1.43 -15.18 -3.61
N LYS A 84 1.55 -16.41 -4.05
CA LYS A 84 0.43 -17.31 -4.10
C LYS A 84 0.17 -17.82 -2.68
N ARG A 85 1.27 -17.98 -1.93
CA ARG A 85 1.24 -18.40 -0.54
C ARG A 85 2.39 -17.72 0.19
N ALA A 86 2.22 -17.44 1.48
CA ALA A 86 3.21 -16.67 2.24
C ALA A 86 4.55 -17.38 2.41
N SER A 87 4.53 -18.69 2.42
CA SER A 87 5.75 -19.47 2.63
C SER A 87 6.62 -19.59 1.36
N HIS A 88 6.31 -18.82 0.33
CA HIS A 88 7.11 -18.79 -0.90
C HIS A 88 8.15 -17.68 -0.78
N LYS A 89 9.12 -17.65 -1.68
CA LYS A 89 10.14 -16.62 -1.66
C LYS A 89 9.69 -15.38 -2.44
N PRO A 90 10.21 -14.18 -2.12
CA PRO A 90 9.79 -12.94 -2.73
C PRO A 90 10.72 -12.38 -3.82
N THR A 91 10.13 -11.83 -4.87
CA THR A 91 10.88 -11.13 -5.82
C THR A 91 10.52 -9.63 -5.71
N TYR A 92 11.40 -8.76 -6.15
CA TYR A 92 11.08 -7.35 -6.17
C TYR A 92 10.06 -7.03 -7.25
N GLU A 93 10.20 -7.72 -8.39
CA GLU A 93 9.27 -7.58 -9.53
C GLU A 93 7.83 -7.86 -9.08
N ASN A 94 7.68 -8.80 -8.17
CA ASN A 94 6.39 -9.19 -7.58
C ASN A 94 5.68 -7.97 -7.02
N LEU A 95 6.43 -7.21 -6.26
CA LEU A 95 5.94 -6.05 -5.59
C LEU A 95 5.82 -4.88 -6.56
N GLN A 96 6.78 -4.79 -7.46
CA GLN A 96 6.84 -3.74 -8.46
C GLN A 96 5.55 -3.71 -9.28
N LYS A 97 5.15 -4.88 -9.77
CA LYS A 97 3.94 -5.01 -10.59
C LYS A 97 2.70 -4.62 -9.79
N SER A 98 2.74 -4.89 -8.51
CA SER A 98 1.64 -4.59 -7.63
C SER A 98 1.55 -3.07 -7.40
N LEU A 99 2.70 -2.42 -7.26
CA LEU A 99 2.76 -0.97 -7.03
C LEU A 99 2.20 -0.23 -8.25
N GLU A 100 2.44 -0.79 -9.42
CA GLU A 100 1.97 -0.21 -10.67
C GLU A 100 0.47 -0.20 -10.72
N ALA A 101 -0.10 -1.30 -10.25
CA ALA A 101 -1.53 -1.50 -10.27
C ALA A 101 -2.25 -0.46 -9.44
N MET A 102 -1.73 -0.18 -8.25
CA MET A 102 -2.40 0.78 -7.39
C MET A 102 -2.25 2.18 -7.92
N LYS A 103 -1.11 2.48 -8.56
CA LYS A 103 -0.88 3.79 -9.16
C LYS A 103 -1.95 4.10 -10.17
N SER A 104 -2.13 3.19 -11.11
CA SER A 104 -3.14 3.31 -12.13
C SER A 104 -4.52 3.51 -11.52
N HIS A 105 -4.84 2.74 -10.48
CA HIS A 105 -6.11 2.88 -9.79
C HIS A 105 -6.26 4.30 -9.20
N CYS A 106 -5.19 4.79 -8.58
CA CYS A 106 -5.22 6.10 -7.94
C CYS A 106 -5.50 7.20 -8.94
N LEU A 107 -4.74 7.23 -10.03
CA LEU A 107 -4.90 8.28 -11.01
C LEU A 107 -6.26 8.27 -11.72
N LYS A 108 -6.88 7.11 -11.80
CA LYS A 108 -8.22 6.99 -12.40
C LYS A 108 -9.27 7.53 -11.44
N ASN A 109 -9.12 7.16 -10.19
CA ASN A 109 -10.11 7.52 -9.16
C ASN A 109 -9.86 8.90 -8.58
N GLY A 110 -8.77 9.52 -8.99
CA GLY A 110 -8.43 10.84 -8.50
C GLY A 110 -7.83 10.80 -7.11
N VAL A 111 -7.40 9.63 -6.72
CA VAL A 111 -6.83 9.40 -5.41
C VAL A 111 -5.44 10.00 -5.38
N THR A 112 -5.22 10.88 -4.44
CA THR A 112 -3.98 11.59 -4.34
C THR A 112 -3.28 11.28 -3.00
N ASP A 113 -4.03 10.73 -2.07
CA ASP A 113 -3.53 10.45 -0.74
C ASP A 113 -3.26 8.97 -0.59
N LEU A 114 -2.00 8.61 -0.48
CA LEU A 114 -1.63 7.21 -0.31
C LEU A 114 -0.75 7.14 0.94
N SER A 115 -1.11 6.32 1.87
CA SER A 115 -0.30 6.09 3.03
C SER A 115 0.03 4.63 3.20
N MET A 116 1.26 4.37 3.54
CA MET A 116 1.74 3.03 3.72
C MET A 116 2.64 2.97 4.94
N PRO A 117 2.69 1.82 5.62
CA PRO A 117 3.54 1.67 6.81
C PRO A 117 5.00 1.42 6.41
N ARG A 118 5.16 0.39 5.58
CA ARG A 118 6.39 -0.12 4.97
C ARG A 118 6.03 -1.41 4.31
N ILE A 119 6.18 -1.46 3.03
CA ILE A 119 5.88 -2.65 2.29
C ILE A 119 7.10 -3.17 1.61
N GLY A 120 7.20 -4.48 1.50
CA GLY A 120 8.36 -5.07 0.91
C GLY A 120 9.51 -5.04 1.88
N CYS A 121 9.23 -5.42 3.12
CA CYS A 121 10.25 -5.36 4.14
C CYS A 121 10.16 -6.49 5.17
N GLY A 122 9.20 -6.38 6.09
CA GLY A 122 9.07 -7.32 7.20
C GLY A 122 8.84 -8.75 6.78
N LEU A 123 7.60 -9.12 6.65
CA LEU A 123 7.25 -10.46 6.24
C LEU A 123 7.58 -10.71 4.77
N ASP A 124 7.77 -9.62 4.03
CA ASP A 124 8.09 -9.68 2.61
C ASP A 124 9.52 -10.12 2.40
N ARG A 125 10.31 -10.11 3.49
CA ARG A 125 11.73 -10.53 3.51
C ARG A 125 12.66 -9.62 2.70
N LEU A 126 12.14 -8.55 2.17
CA LEU A 126 12.91 -7.67 1.29
C LEU A 126 13.40 -6.42 2.01
N GLN A 127 14.23 -5.64 1.35
CA GLN A 127 14.75 -4.39 1.93
C GLN A 127 13.98 -3.18 1.43
N TRP A 128 13.50 -2.38 2.37
CA TRP A 128 12.76 -1.14 2.10
C TRP A 128 13.53 -0.17 1.24
N GLU A 129 14.84 -0.13 1.39
CA GLU A 129 15.68 0.76 0.59
C GLU A 129 15.40 0.56 -0.90
N ASN A 130 15.43 -0.69 -1.33
CA ASN A 130 15.16 -1.05 -2.74
C ASN A 130 13.74 -0.68 -3.12
N VAL A 131 12.81 -1.05 -2.25
CA VAL A 131 11.39 -0.83 -2.47
C VAL A 131 11.04 0.64 -2.55
N SER A 132 11.55 1.39 -1.62
CA SER A 132 11.32 2.80 -1.53
C SER A 132 11.84 3.51 -2.82
N ALA A 133 12.95 3.01 -3.36
CA ALA A 133 13.48 3.54 -4.61
C ALA A 133 12.56 3.14 -5.77
N MET A 134 12.10 1.90 -5.72
CA MET A 134 11.17 1.32 -6.70
C MET A 134 9.90 2.17 -6.82
N ILE A 135 9.35 2.53 -5.67
CA ILE A 135 8.13 3.33 -5.59
C ILE A 135 8.28 4.65 -6.37
N GLU A 136 9.42 5.31 -6.20
CA GLU A 136 9.68 6.56 -6.91
C GLU A 136 9.76 6.36 -8.41
N GLU A 137 10.19 5.18 -8.82
CA GLU A 137 10.29 4.85 -10.23
C GLU A 137 8.91 4.58 -10.83
N VAL A 138 8.03 4.03 -10.03
CA VAL A 138 6.68 3.72 -10.49
C VAL A 138 5.81 4.99 -10.63
N PHE A 139 5.89 5.86 -9.64
CA PHE A 139 5.05 7.08 -9.56
C PHE A 139 5.73 8.33 -10.15
N GLU A 140 6.83 8.12 -10.85
CA GLU A 140 7.71 9.21 -11.36
C GLU A 140 7.04 10.34 -12.19
N ALA A 141 5.82 10.15 -12.61
CA ALA A 141 5.16 11.18 -13.41
C ALA A 141 3.72 11.40 -12.95
N THR A 142 3.46 11.12 -11.69
CA THR A 142 2.12 11.31 -11.16
C THR A 142 2.11 12.35 -10.03
N ASP A 143 0.94 12.67 -9.53
CA ASP A 143 0.82 13.63 -8.42
C ASP A 143 0.35 12.96 -7.14
N ILE A 144 0.35 11.63 -7.15
CA ILE A 144 -0.05 10.88 -5.97
C ILE A 144 1.00 11.05 -4.90
N LYS A 145 0.57 11.40 -3.73
CA LYS A 145 1.45 11.58 -2.62
C LYS A 145 1.57 10.28 -1.88
N ILE A 146 2.75 9.93 -1.54
CA ILE A 146 2.97 8.76 -0.77
C ILE A 146 3.54 9.08 0.57
N THR A 147 2.72 8.88 1.53
CA THR A 147 3.06 9.17 2.87
C THR A 147 3.31 7.87 3.62
N VAL A 148 4.52 7.67 4.05
CA VAL A 148 4.85 6.49 4.77
C VAL A 148 5.10 6.79 6.22
N TYR A 149 4.35 6.11 7.06
CA TYR A 149 4.39 6.32 8.48
C TYR A 149 5.44 5.48 9.14
N THR A 150 6.32 6.16 9.79
CA THR A 150 7.40 5.54 10.49
C THR A 150 7.23 5.69 11.99
N LEU A 151 7.08 4.58 12.63
CA LEU A 151 6.95 4.51 14.06
C LEU A 151 8.32 4.61 14.71
N1 APR B . 1.33 2.11 11.86
C2 APR B . 2.29 2.30 10.96
N3 APR B . 3.15 1.33 10.65
C4 APR B . 3.07 0.14 11.24
C5 APR B . 2.11 -0.10 12.18
C6 APR B . 1.22 0.91 12.49
N6 APR B . 0.27 0.72 13.40
N7 APR B . 2.25 -1.35 12.60
C8 APR B . 3.29 -1.89 11.94
N9 APR B . 3.79 -0.96 11.10
C1' APR B . 4.97 -1.12 10.18
C2' APR B . 6.12 -1.85 10.93
O2' APR B . 6.86 -0.96 11.70
C3' APR B . 6.95 -2.39 9.76
O3' APR B . 7.88 -1.44 9.33
O4' APR B . 4.65 -1.90 9.03
C4' APR B . 5.85 -2.63 8.64
C5' APR B . 5.57 -4.15 8.53
O5' APR B . 5.43 -4.57 7.18
PA APR B . 4.68 -5.96 6.84
O1A APR B . 3.66 -6.34 7.87
O2A APR B . 5.84 -7.10 6.70
O3A APR B . 4.03 -5.79 5.38
PB APR B . 2.50 -6.23 5.08
O1B APR B . 1.77 -5.27 4.16
O2B APR B . 1.71 -6.34 6.51
O5D APR B . 2.56 -7.72 4.49
C5D APR B . 3.71 -8.53 4.71
O4D APR B . 3.44 -10.97 4.95
O1D APR B . 1.88 -9.92 6.42
C1D APR B . 2.08 -10.91 5.38
O2D APR B . 0.63 -11.67 3.56
C2D APR B . 1.23 -10.54 4.11
O3D APR B . 2.47 -10.71 1.98
C3D APR B . 2.31 -9.95 3.14
C4D APR B . 3.59 -9.92 4.02
H2 APR B . 2.45 3.28 10.49
H61 APR B . -0.36 1.45 13.62
H62 APR B . 0.20 -0.17 13.86
H8 APR B . 3.66 -2.91 12.04
H'1 APR B . 5.14 -0.40 9.39
H'2 APR B . 6.01 -2.36 11.89
HO'2 APR B . 7.80 -1.30 11.78
H'3 APR B . 7.83 -2.99 9.86
HO'3 APR B . 8.38 -1.10 10.13
H'4 APR B . 5.71 -1.96 7.80
H5'1 APR B . 4.65 -4.37 9.08
H5'2 APR B . 6.40 -4.69 8.98
HOA2 APR B . 5.98 -7.31 5.74
HOB2 APR B . 1.91 -7.23 6.91
H5R1 APR B . 4.59 -8.00 4.33
H5R2 APR B . 3.84 -8.65 5.79
HOR1 APR B . 0.98 -10.06 6.84
HR'1 APR B . 2.37 -11.93 5.63
HOR2 APR B . 0.65 -12.41 4.24
HR'2 APR B . 0.21 -10.20 4.17
HOR3 APR B . 3.45 -10.82 1.80
HR'3 APR B . 2.10 -9.18 2.43
HR'4 APR B . 4.47 -10.52 3.82
N SER A 2 -11.20 34.15 -5.70
CA SER A 2 -10.07 33.47 -6.25
C SER A 2 -9.91 32.11 -5.58
N SER A 3 -10.32 31.09 -6.28
CA SER A 3 -10.27 29.76 -5.78
C SER A 3 -9.02 29.08 -6.30
N LEU A 4 -8.03 28.97 -5.46
CA LEU A 4 -6.80 28.35 -5.86
C LEU A 4 -6.24 27.50 -4.75
N ASN A 5 -6.62 26.26 -4.75
CA ASN A 5 -6.09 25.30 -3.83
C ASN A 5 -5.17 24.40 -4.59
N GLU A 6 -3.90 24.51 -4.31
CA GLU A 6 -2.91 23.79 -5.05
C GLU A 6 -2.19 22.83 -4.14
N ASP A 7 -1.82 21.71 -4.69
CA ASP A 7 -1.08 20.70 -3.95
C ASP A 7 -0.15 19.90 -4.88
N PRO A 8 0.88 20.55 -5.44
CA PRO A 8 1.83 19.85 -6.32
C PRO A 8 2.74 18.94 -5.51
N GLU A 9 3.56 19.57 -4.68
CA GLU A 9 4.50 18.92 -3.77
C GLU A 9 5.38 17.86 -4.42
N GLY A 10 6.55 18.30 -4.86
CA GLY A 10 7.49 17.44 -5.53
C GLY A 10 8.24 16.54 -4.56
N SER A 11 7.51 15.68 -3.91
CA SER A 11 8.04 14.69 -3.01
C SER A 11 7.40 13.37 -3.37
N ARG A 12 8.13 12.29 -3.31
CA ARG A 12 7.58 10.99 -3.66
C ARG A 12 7.23 10.19 -2.42
N ILE A 13 8.20 10.02 -1.55
CA ILE A 13 7.99 9.29 -0.33
C ILE A 13 8.33 10.14 0.86
N THR A 14 7.34 10.43 1.62
CA THR A 14 7.49 11.17 2.83
C THR A 14 7.48 10.21 4.02
N TYR A 15 8.42 10.36 4.91
CA TYR A 15 8.52 9.51 6.07
C TYR A 15 8.00 10.25 7.28
N VAL A 16 7.09 9.62 7.99
CA VAL A 16 6.56 10.19 9.22
C VAL A 16 6.64 9.15 10.29
N LYS A 17 7.20 9.49 11.41
CA LYS A 17 7.23 8.59 12.50
C LYS A 17 6.01 8.74 13.34
N GLY A 18 4.97 8.19 12.83
CA GLY A 18 3.70 8.22 13.48
C GLY A 18 2.85 7.09 12.98
N ASP A 19 1.68 6.94 13.57
CA ASP A 19 0.76 5.88 13.20
C ASP A 19 0.13 6.14 11.85
N LEU A 20 0.04 5.09 11.08
CA LEU A 20 -0.52 5.11 9.73
C LEU A 20 -2.02 5.41 9.74
N PHE A 21 -2.68 5.04 10.79
CA PHE A 21 -4.12 5.20 10.91
C PHE A 21 -4.57 6.64 11.26
N ALA A 22 -3.62 7.54 11.39
CA ALA A 22 -3.92 8.93 11.73
C ALA A 22 -4.19 9.79 10.46
N CYS A 23 -4.13 9.15 9.30
CA CYS A 23 -4.32 9.83 8.00
C CYS A 23 -5.74 10.40 7.82
N PRO A 24 -5.91 11.42 6.93
CA PRO A 24 -7.21 12.04 6.62
C PRO A 24 -8.22 11.05 5.99
N LYS A 25 -9.46 11.49 5.84
CA LYS A 25 -10.53 10.64 5.36
C LYS A 25 -10.42 10.32 3.86
N THR A 26 -9.88 11.23 3.10
CA THR A 26 -9.77 11.09 1.66
C THR A 26 -8.59 10.18 1.28
N ASP A 27 -7.57 10.21 2.12
CA ASP A 27 -6.33 9.45 1.96
C ASP A 27 -6.61 7.95 1.89
N SER A 28 -5.79 7.20 1.21
CA SER A 28 -5.99 5.78 1.11
C SER A 28 -4.82 4.99 1.69
N LEU A 29 -5.13 3.89 2.37
CA LEU A 29 -4.14 3.04 3.03
C LEU A 29 -3.74 1.90 2.11
N ALA A 30 -2.47 1.66 1.98
CA ALA A 30 -1.97 0.58 1.16
C ALA A 30 -0.97 -0.23 1.90
N HIS A 31 -0.85 -1.49 1.53
CA HIS A 31 0.14 -2.40 2.09
C HIS A 31 0.16 -3.67 1.29
N CYS A 32 1.22 -4.41 1.41
CA CYS A 32 1.34 -5.64 0.70
C CYS A 32 1.00 -6.79 1.61
N ILE A 33 0.52 -7.86 1.02
CA ILE A 33 0.25 -9.10 1.70
C ILE A 33 0.43 -10.22 0.71
N SER A 34 0.37 -11.41 1.19
CA SER A 34 0.45 -12.56 0.34
C SER A 34 -1.02 -12.94 -0.08
N GLU A 35 -1.16 -13.68 -1.18
CA GLU A 35 -2.48 -14.11 -1.71
C GLU A 35 -3.19 -14.98 -0.67
N ASP A 36 -2.39 -15.75 0.06
CA ASP A 36 -2.86 -16.71 1.08
C ASP A 36 -3.45 -15.98 2.29
N CYS A 37 -3.34 -14.65 2.27
CA CYS A 37 -3.84 -13.79 3.31
C CYS A 37 -3.20 -14.09 4.66
N ARG A 38 -2.01 -13.60 4.80
CA ARG A 38 -1.21 -13.79 5.98
C ARG A 38 -1.34 -12.63 6.93
N MET A 39 -2.52 -12.00 6.97
CA MET A 39 -2.74 -10.83 7.82
C MET A 39 -2.92 -11.20 9.29
N GLY A 40 -2.56 -12.42 9.63
CA GLY A 40 -2.60 -12.84 11.01
C GLY A 40 -1.30 -12.52 11.73
N ALA A 41 -0.43 -11.80 11.05
CA ALA A 41 0.84 -11.37 11.59
C ALA A 41 1.22 -9.99 11.04
N GLY A 42 1.94 -9.22 11.83
CA GLY A 42 2.38 -7.90 11.41
C GLY A 42 1.30 -6.84 11.53
N ILE A 43 1.52 -5.71 10.87
CA ILE A 43 0.57 -4.59 10.87
C ILE A 43 -0.70 -4.97 10.09
N ALA A 44 -0.59 -6.00 9.27
CA ALA A 44 -1.69 -6.46 8.47
C ALA A 44 -2.89 -6.90 9.34
N VAL A 45 -2.60 -7.34 10.57
CA VAL A 45 -3.63 -7.74 11.56
C VAL A 45 -4.55 -6.56 11.85
N LEU A 46 -3.96 -5.40 11.91
CA LEU A 46 -4.63 -4.22 12.27
C LEU A 46 -5.63 -3.79 11.18
N PHE A 47 -5.27 -4.01 9.93
CA PHE A 47 -6.20 -3.76 8.82
C PHE A 47 -7.25 -4.88 8.77
N LYS A 48 -6.78 -6.09 9.02
CA LYS A 48 -7.58 -7.29 9.05
C LYS A 48 -8.73 -7.16 10.07
N LYS A 49 -8.42 -6.69 11.27
CA LYS A 49 -9.42 -6.42 12.30
C LYS A 49 -10.33 -5.24 11.96
N LYS A 50 -9.74 -4.14 11.58
CA LYS A 50 -10.46 -2.90 11.39
C LYS A 50 -11.35 -2.89 10.14
N PHE A 51 -10.93 -3.53 9.07
CA PHE A 51 -11.71 -3.50 7.83
C PHE A 51 -12.36 -4.82 7.49
N GLY A 52 -12.00 -5.89 8.21
CA GLY A 52 -12.56 -7.22 7.91
C GLY A 52 -12.25 -7.63 6.48
N GLY A 53 -11.02 -7.36 6.09
CA GLY A 53 -10.56 -7.55 4.73
C GLY A 53 -10.61 -8.98 4.24
N VAL A 54 -10.53 -9.95 5.16
CA VAL A 54 -10.44 -11.34 4.83
C VAL A 54 -11.49 -11.83 3.81
N GLN A 55 -12.75 -11.53 4.04
CA GLN A 55 -13.80 -11.98 3.14
C GLN A 55 -13.74 -11.21 1.83
N GLU A 56 -13.56 -9.92 1.94
CA GLU A 56 -13.52 -9.03 0.79
C GLU A 56 -12.41 -9.41 -0.17
N LEU A 57 -11.29 -9.84 0.36
CA LEU A 57 -10.15 -10.20 -0.45
C LEU A 57 -10.41 -11.50 -1.20
N LEU A 58 -11.09 -12.42 -0.55
CA LEU A 58 -11.40 -13.70 -1.14
C LEU A 58 -12.53 -13.57 -2.16
N ASN A 59 -13.39 -12.60 -1.93
CA ASN A 59 -14.52 -12.34 -2.83
C ASN A 59 -14.02 -11.69 -4.12
N GLN A 60 -13.04 -10.81 -4.01
CA GLN A 60 -12.47 -10.14 -5.17
C GLN A 60 -11.66 -11.08 -6.04
N GLN A 61 -10.92 -11.98 -5.37
CA GLN A 61 -10.03 -12.91 -5.98
C GLN A 61 -8.88 -12.22 -6.69
N LYS A 62 -7.73 -12.34 -6.13
CA LYS A 62 -6.54 -11.74 -6.65
C LYS A 62 -5.40 -12.73 -6.77
N LYS A 63 -4.33 -12.29 -7.35
CA LYS A 63 -3.17 -13.12 -7.62
C LYS A 63 -1.92 -12.29 -7.46
N SER A 64 -0.75 -12.91 -7.48
CA SER A 64 0.50 -12.20 -7.32
C SER A 64 0.69 -11.14 -8.42
N GLY A 65 0.98 -9.92 -8.01
CA GLY A 65 1.15 -8.85 -8.95
C GLY A 65 -0.12 -8.03 -9.14
N GLU A 66 -1.12 -8.34 -8.34
CA GLU A 66 -2.40 -7.65 -8.41
C GLU A 66 -2.64 -6.91 -7.14
N VAL A 67 -3.68 -6.12 -7.14
CA VAL A 67 -4.02 -5.35 -5.99
C VAL A 67 -5.52 -5.47 -5.72
N ALA A 68 -5.86 -5.75 -4.51
CA ALA A 68 -7.23 -5.78 -4.12
C ALA A 68 -7.51 -4.51 -3.37
N VAL A 69 -8.64 -3.92 -3.60
CA VAL A 69 -8.93 -2.65 -2.99
C VAL A 69 -10.21 -2.78 -2.20
N LEU A 70 -10.31 -2.03 -1.14
CA LEU A 70 -11.51 -2.00 -0.38
C LEU A 70 -11.97 -0.58 -0.31
N LYS A 71 -13.20 -0.36 -0.65
CA LYS A 71 -13.76 0.95 -0.56
C LYS A 71 -14.43 1.06 0.78
N ARG A 72 -13.89 1.89 1.60
CA ARG A 72 -14.35 2.04 2.96
C ARG A 72 -14.40 3.49 3.34
N ASP A 73 -15.60 3.97 3.64
CA ASP A 73 -15.83 5.35 4.10
C ASP A 73 -15.35 6.36 3.06
N GLY A 74 -15.39 5.96 1.81
CA GLY A 74 -14.96 6.83 0.74
C GLY A 74 -13.47 6.74 0.44
N ARG A 75 -12.72 6.05 1.28
CA ARG A 75 -11.28 5.92 1.04
C ARG A 75 -11.00 4.53 0.54
N TYR A 76 -9.80 4.27 0.12
CA TYR A 76 -9.45 2.99 -0.39
C TYR A 76 -8.39 2.31 0.42
N ILE A 77 -8.42 1.01 0.39
CA ILE A 77 -7.45 0.21 1.09
C ILE A 77 -6.84 -0.72 0.06
N TYR A 78 -5.57 -0.59 -0.17
CA TYR A 78 -4.90 -1.37 -1.18
C TYR A 78 -4.14 -2.54 -0.59
N TYR A 79 -4.37 -3.69 -1.16
CA TYR A 79 -3.68 -4.89 -0.80
C TYR A 79 -2.85 -5.38 -1.96
N LEU A 80 -1.57 -5.12 -1.90
CA LEU A 80 -0.65 -5.54 -2.94
C LEU A 80 -0.36 -7.01 -2.74
N ILE A 81 -0.60 -7.81 -3.74
CA ILE A 81 -0.40 -9.23 -3.59
C ILE A 81 1.00 -9.61 -4.05
N THR A 82 1.80 -10.04 -3.12
CA THR A 82 3.16 -10.40 -3.36
C THR A 82 3.30 -11.76 -4.06
N LYS A 83 3.04 -12.82 -3.34
CA LYS A 83 3.05 -14.17 -3.86
C LYS A 83 1.90 -14.93 -3.29
N LYS A 84 1.65 -16.14 -3.80
CA LYS A 84 0.53 -16.93 -3.32
C LYS A 84 0.66 -17.25 -1.85
N ARG A 85 1.86 -17.54 -1.41
CA ARG A 85 2.11 -17.77 0.00
C ARG A 85 3.37 -17.07 0.44
N ALA A 86 3.42 -16.71 1.70
CA ALA A 86 4.56 -15.99 2.31
C ALA A 86 5.77 -16.89 2.40
N SER A 87 5.53 -18.18 2.33
CA SER A 87 6.58 -19.17 2.34
C SER A 87 7.28 -19.19 0.97
N HIS A 88 6.72 -18.47 0.01
CA HIS A 88 7.28 -18.34 -1.30
C HIS A 88 8.06 -17.05 -1.31
N LYS A 89 8.97 -16.91 -2.22
CA LYS A 89 9.80 -15.74 -2.25
C LYS A 89 9.19 -14.64 -3.13
N PRO A 90 8.79 -13.50 -2.53
CA PRO A 90 8.25 -12.36 -3.25
C PRO A 90 9.27 -11.76 -4.20
N THR A 91 8.81 -11.27 -5.30
CA THR A 91 9.68 -10.69 -6.27
C THR A 91 9.46 -9.18 -6.22
N TYR A 92 10.45 -8.39 -6.60
CA TYR A 92 10.26 -6.97 -6.67
C TYR A 92 9.37 -6.63 -7.83
N GLU A 93 9.54 -7.38 -8.92
CA GLU A 93 8.72 -7.25 -10.10
C GLU A 93 7.24 -7.42 -9.75
N ASN A 94 6.92 -8.44 -8.95
CA ASN A 94 5.52 -8.65 -8.54
C ASN A 94 5.01 -7.54 -7.65
N LEU A 95 5.90 -6.96 -6.85
CA LEU A 95 5.52 -5.86 -6.01
C LEU A 95 5.34 -4.61 -6.88
N GLN A 96 6.21 -4.47 -7.89
CA GLN A 96 6.15 -3.38 -8.86
C GLN A 96 4.82 -3.40 -9.60
N LYS A 97 4.44 -4.60 -10.05
CA LYS A 97 3.16 -4.82 -10.72
C LYS A 97 2.01 -4.33 -9.84
N SER A 98 2.11 -4.67 -8.58
CA SER A 98 1.13 -4.29 -7.59
C SER A 98 1.13 -2.74 -7.39
N LEU A 99 2.33 -2.14 -7.33
CA LEU A 99 2.47 -0.68 -7.20
C LEU A 99 1.84 0.03 -8.40
N GLU A 100 2.12 -0.51 -9.57
CA GLU A 100 1.61 -0.02 -10.85
C GLU A 100 0.10 -0.05 -10.91
N ALA A 101 -0.46 -1.08 -10.31
CA ALA A 101 -1.88 -1.25 -10.27
C ALA A 101 -2.55 -0.19 -9.40
N MET A 102 -1.87 0.23 -8.33
CA MET A 102 -2.42 1.27 -7.45
C MET A 102 -2.50 2.59 -8.18
N LYS A 103 -1.45 2.90 -8.95
CA LYS A 103 -1.39 4.11 -9.77
C LYS A 103 -2.56 4.18 -10.67
N SER A 104 -2.69 3.13 -11.45
CA SER A 104 -3.79 2.97 -12.39
C SER A 104 -5.15 3.20 -11.71
N HIS A 105 -5.38 2.55 -10.57
CA HIS A 105 -6.64 2.73 -9.84
C HIS A 105 -6.81 4.18 -9.34
N CYS A 106 -5.75 4.76 -8.82
CA CYS A 106 -5.81 6.11 -8.28
C CYS A 106 -6.10 7.13 -9.36
N LEU A 107 -5.47 6.99 -10.52
CA LEU A 107 -5.67 7.91 -11.63
C LEU A 107 -7.12 7.92 -12.09
N LYS A 108 -7.76 6.77 -12.02
CA LYS A 108 -9.16 6.63 -12.41
C LYS A 108 -10.07 7.28 -11.39
N ASN A 109 -9.82 7.02 -10.12
CA ASN A 109 -10.73 7.51 -9.05
C ASN A 109 -10.40 8.91 -8.57
N GLY A 110 -9.22 9.38 -8.90
CA GLY A 110 -8.81 10.70 -8.47
C GLY A 110 -8.12 10.66 -7.11
N VAL A 111 -7.74 9.46 -6.70
CA VAL A 111 -7.03 9.27 -5.44
C VAL A 111 -5.63 9.87 -5.56
N THR A 112 -5.32 10.76 -4.68
CA THR A 112 -4.09 11.51 -4.77
C THR A 112 -3.15 11.22 -3.56
N ASP A 113 -3.74 10.93 -2.41
CA ASP A 113 -2.97 10.68 -1.20
C ASP A 113 -2.87 9.19 -0.95
N LEU A 114 -1.67 8.71 -0.73
CA LEU A 114 -1.45 7.31 -0.49
C LEU A 114 -0.63 7.18 0.79
N SER A 115 -1.11 6.39 1.71
CA SER A 115 -0.39 6.13 2.93
C SER A 115 -0.10 4.65 3.06
N MET A 116 1.11 4.31 3.43
CA MET A 116 1.50 2.94 3.58
C MET A 116 2.53 2.83 4.68
N PRO A 117 2.71 1.66 5.29
CA PRO A 117 3.77 1.43 6.25
C PRO A 117 5.02 0.97 5.49
N ARG A 118 5.96 0.41 6.18
CA ARG A 118 7.10 -0.17 5.53
C ARG A 118 6.70 -1.53 4.98
N ILE A 119 6.32 -1.54 3.74
CA ILE A 119 5.90 -2.74 3.08
C ILE A 119 7.10 -3.50 2.56
N GLY A 120 6.96 -4.80 2.41
CA GLY A 120 8.00 -5.61 1.87
C GLY A 120 9.09 -5.96 2.87
N CYS A 121 9.05 -5.33 4.01
CA CYS A 121 10.13 -5.43 4.95
C CYS A 121 9.99 -6.60 5.91
N GLY A 122 8.79 -7.09 6.07
CA GLY A 122 8.56 -8.14 7.03
C GLY A 122 8.53 -9.50 6.41
N LEU A 123 7.32 -10.04 6.30
CA LEU A 123 7.10 -11.40 5.79
C LEU A 123 7.45 -11.51 4.31
N ASP A 124 7.55 -10.36 3.66
CA ASP A 124 7.85 -10.28 2.24
C ASP A 124 9.35 -10.53 2.01
N ARG A 125 10.14 -10.35 3.08
CA ARG A 125 11.59 -10.62 3.09
C ARG A 125 12.40 -9.69 2.17
N LEU A 126 11.82 -8.58 1.78
CA LEU A 126 12.44 -7.67 0.83
C LEU A 126 13.13 -6.51 1.60
N GLN A 127 14.12 -5.91 0.99
CA GLN A 127 14.84 -4.81 1.63
C GLN A 127 14.20 -3.49 1.24
N TRP A 128 13.89 -2.66 2.22
CA TRP A 128 13.23 -1.37 2.01
C TRP A 128 14.05 -0.47 1.11
N GLU A 129 15.37 -0.62 1.14
CA GLU A 129 16.23 0.15 0.26
C GLU A 129 15.80 -0.07 -1.19
N ASN A 130 15.54 -1.33 -1.55
CA ASN A 130 15.10 -1.61 -2.92
C ASN A 130 13.64 -1.20 -3.09
N VAL A 131 12.82 -1.58 -2.11
CA VAL A 131 11.37 -1.33 -2.15
C VAL A 131 11.05 0.16 -2.31
N SER A 132 11.57 0.98 -1.41
CA SER A 132 11.33 2.41 -1.39
C SER A 132 11.79 3.05 -2.69
N ALA A 133 12.96 2.66 -3.14
CA ALA A 133 13.52 3.18 -4.36
C ALA A 133 12.65 2.79 -5.55
N MET A 134 12.20 1.55 -5.56
CA MET A 134 11.34 1.09 -6.61
C MET A 134 10.02 1.86 -6.58
N ILE A 135 9.51 2.10 -5.39
CA ILE A 135 8.29 2.88 -5.22
C ILE A 135 8.48 4.30 -5.78
N GLU A 136 9.57 4.96 -5.42
CA GLU A 136 9.80 6.30 -5.88
C GLU A 136 10.01 6.39 -7.39
N GLU A 137 10.56 5.34 -7.99
CA GLU A 137 10.71 5.29 -9.44
C GLU A 137 9.37 5.00 -10.13
N VAL A 138 8.57 4.14 -9.50
CA VAL A 138 7.25 3.77 -10.03
C VAL A 138 6.26 4.94 -9.98
N PHE A 139 6.28 5.68 -8.89
CA PHE A 139 5.38 6.82 -8.72
C PHE A 139 6.03 8.14 -9.07
N GLU A 140 7.21 8.10 -9.66
CA GLU A 140 8.01 9.29 -9.97
C GLU A 140 7.24 10.32 -10.80
N ALA A 141 6.51 9.84 -11.74
CA ALA A 141 5.71 10.68 -12.58
C ALA A 141 4.24 10.34 -12.42
N THR A 142 3.74 10.59 -11.22
CA THR A 142 2.37 10.37 -10.90
C THR A 142 1.97 11.51 -9.92
N ASP A 143 0.68 11.77 -9.74
CA ASP A 143 0.23 12.82 -8.79
C ASP A 143 0.04 12.26 -7.40
N ILE A 144 0.43 11.03 -7.21
CA ILE A 144 0.25 10.36 -5.96
C ILE A 144 1.34 10.76 -4.97
N LYS A 145 0.92 11.23 -3.82
CA LYS A 145 1.82 11.58 -2.73
C LYS A 145 1.89 10.41 -1.80
N ILE A 146 3.04 9.80 -1.69
CA ILE A 146 3.19 8.68 -0.82
C ILE A 146 3.81 9.07 0.47
N THR A 147 3.08 8.84 1.49
CA THR A 147 3.53 9.11 2.80
C THR A 147 3.57 7.79 3.56
N VAL A 148 4.73 7.43 4.05
CA VAL A 148 4.83 6.22 4.79
C VAL A 148 4.87 6.55 6.25
N TYR A 149 4.13 5.85 6.99
CA TYR A 149 4.12 6.05 8.39
C TYR A 149 4.87 4.94 9.01
N THR A 150 5.86 5.29 9.71
CA THR A 150 6.75 4.37 10.30
C THR A 150 6.83 4.64 11.76
N LEU A 151 6.39 3.70 12.55
CA LEU A 151 6.46 3.83 13.98
C LEU A 151 7.89 3.65 14.42
N1 APR B . 1.07 2.79 11.71
C2 APR B . 2.34 2.95 11.30
N3 APR B . 3.23 2.00 11.47
C4 APR B . 2.89 0.84 12.05
C5 APR B . 1.62 0.64 12.47
C6 APR B . 0.69 1.65 12.29
N6 APR B . -0.55 1.48 12.70
N7 APR B . 1.54 -0.58 12.99
C8 APR B . 2.76 -1.14 12.89
N9 APR B . 3.58 -0.24 12.31
C1' APR B . 5.07 -0.38 12.01
C2' APR B . 5.67 -1.63 12.75
O2' APR B . 6.33 -1.25 13.91
C3' APR B . 6.67 -2.16 11.70
O3' APR B . 7.92 -1.57 11.85
O4' APR B . 5.32 -0.48 10.61
C4' APR B . 6.00 -1.72 10.36
C5' APR B . 5.04 -2.83 9.90
O5' APR B . 5.55 -4.10 10.27
PA APR B . 5.27 -5.39 9.38
O1A APR B . 3.84 -5.82 9.39
O2A APR B . 6.24 -6.56 9.95
O3A APR B . 5.78 -5.06 7.90
PB APR B . 5.60 -6.13 6.72
O1B APR B . 5.82 -7.54 7.16
O2B APR B . 6.64 -5.71 5.54
O5D APR B . 4.13 -5.92 6.12
C5D APR B . 3.71 -6.67 4.98
O4D APR B . 3.68 -8.59 6.53
O1D APR B . 1.72 -7.28 6.92
C1D APR B . 2.27 -8.61 6.68
O2D APR B . 1.40 -10.58 5.49
C2D APR B . 1.68 -9.22 5.35
O3D APR B . 3.34 -10.17 3.80
C3D APR B . 2.82 -8.99 4.33
C4D APR B . 3.90 -8.21 5.18
H2 APR B . 2.65 3.88 10.81
H61 APR B . -0.81 0.63 13.14
H62 APR B . -1.22 2.22 12.57
H8 APR B . 2.99 -2.15 13.21
H'1 APR B . 5.62 0.55 11.84
H'2 APR B . 5.13 -2.26 13.44
HO'2 APR B . 6.98 -0.53 13.69
H'3 APR B . 7.24 -3.07 11.82
HO'3 APR B . 8.02 -0.87 11.15
H'4 APR B . 6.45 -1.07 9.61
H5'1 APR B . 4.08 -2.66 10.39
H5'2 APR B . 4.91 -2.77 8.81
HOA2 APR B . 6.29 -7.30 9.28
HOB2 APR B . 6.27 -6.01 4.66
H5R1 APR B . 4.29 -6.33 4.11
H5R2 APR B . 2.66 -6.45 4.79
HOR1 APR B . 1.30 -6.95 6.08
HR'1 APR B . 2.62 -9.23 7.51
HOR2 APR B . 1.21 -10.78 6.46
HR'2 APR B . 0.62 -9.18 5.10
HOR3 APR B . 4.24 -9.99 3.42
HR'3 APR B . 2.65 -8.76 3.30
HR'4 APR B . 4.86 -8.63 5.45
N SER A 2 3.73 39.34 6.91
CA SER A 2 4.75 38.33 6.79
C SER A 2 4.14 36.97 6.46
N SER A 3 4.58 36.39 5.37
CA SER A 3 4.07 35.12 4.95
C SER A 3 5.17 34.31 4.27
N LEU A 4 5.30 33.06 4.65
CA LEU A 4 6.27 32.18 4.05
C LEU A 4 5.54 31.07 3.34
N ASN A 5 5.45 31.19 2.05
CA ASN A 5 4.78 30.22 1.24
C ASN A 5 5.78 29.30 0.55
N GLU A 6 5.57 28.01 0.68
CA GLU A 6 6.47 27.04 0.14
C GLU A 6 5.75 25.93 -0.60
N ASP A 7 6.16 25.71 -1.82
CA ASP A 7 5.63 24.61 -2.62
C ASP A 7 6.47 23.38 -2.37
N PRO A 8 5.86 22.22 -2.07
CA PRO A 8 6.59 20.97 -1.92
C PRO A 8 7.24 20.61 -3.25
N GLU A 9 8.49 20.23 -3.21
CA GLU A 9 9.23 19.95 -4.41
C GLU A 9 9.89 18.59 -4.32
N GLY A 10 9.29 17.66 -4.99
CA GLY A 10 9.80 16.33 -5.01
C GLY A 10 9.17 15.51 -3.94
N SER A 11 9.83 14.43 -3.55
CA SER A 11 9.35 13.53 -2.52
C SER A 11 8.10 12.75 -2.98
N ARG A 12 8.33 11.61 -3.61
CA ARG A 12 7.22 10.70 -3.92
C ARG A 12 6.85 10.01 -2.64
N ILE A 13 7.86 9.65 -1.91
CA ILE A 13 7.69 9.09 -0.59
C ILE A 13 8.04 10.17 0.43
N THR A 14 7.09 10.48 1.27
CA THR A 14 7.30 11.38 2.36
C THR A 14 7.43 10.55 3.64
N TYR A 15 8.52 10.75 4.37
CA TYR A 15 8.79 9.98 5.56
C TYR A 15 8.37 10.71 6.82
N VAL A 16 7.42 10.15 7.53
CA VAL A 16 6.96 10.70 8.78
C VAL A 16 6.91 9.59 9.82
N LYS A 17 7.31 9.88 11.01
CA LYS A 17 7.31 8.88 12.06
C LYS A 17 6.01 8.94 12.83
N GLY A 18 5.37 7.79 13.01
CA GLY A 18 4.10 7.79 13.71
C GLY A 18 3.27 6.52 13.48
N ASP A 19 1.95 6.66 13.54
CA ASP A 19 1.01 5.54 13.38
C ASP A 19 0.28 5.66 12.05
N LEU A 20 0.13 4.56 11.34
CA LEU A 20 -0.48 4.59 10.00
C LEU A 20 -2.01 4.79 10.07
N PHE A 21 -2.63 4.32 11.11
CA PHE A 21 -4.08 4.42 11.23
C PHE A 21 -4.54 5.79 11.68
N ALA A 22 -3.59 6.68 11.90
CA ALA A 22 -3.90 8.03 12.31
C ALA A 22 -4.09 8.95 11.10
N CYS A 23 -3.95 8.41 9.90
CA CYS A 23 -4.06 9.19 8.66
C CYS A 23 -5.50 9.73 8.45
N PRO A 24 -5.63 10.88 7.72
CA PRO A 24 -6.93 11.52 7.41
C PRO A 24 -7.98 10.57 6.82
N LYS A 25 -9.24 11.01 6.88
CA LYS A 25 -10.41 10.22 6.48
C LYS A 25 -10.38 9.74 5.01
N THR A 26 -9.74 10.51 4.17
CA THR A 26 -9.73 10.24 2.75
C THR A 26 -8.42 9.55 2.31
N ASP A 27 -7.48 9.45 3.23
CA ASP A 27 -6.17 8.88 2.96
C ASP A 27 -6.30 7.38 2.65
N SER A 28 -5.75 6.96 1.54
CA SER A 28 -5.82 5.57 1.14
C SER A 28 -4.61 4.80 1.68
N LEU A 29 -4.86 3.58 2.12
CA LEU A 29 -3.85 2.76 2.77
C LEU A 29 -3.44 1.60 1.88
N ALA A 30 -2.16 1.38 1.75
CA ALA A 30 -1.66 0.25 0.96
C ALA A 30 -0.70 -0.58 1.78
N HIS A 31 -0.63 -1.86 1.46
CA HIS A 31 0.27 -2.79 2.11
C HIS A 31 0.34 -4.10 1.35
N CYS A 32 1.29 -4.91 1.72
CA CYS A 32 1.58 -6.16 1.07
C CYS A 32 1.00 -7.34 1.81
N ILE A 33 0.45 -8.31 1.04
CA ILE A 33 -0.01 -9.60 1.53
C ILE A 33 0.14 -10.63 0.40
N SER A 34 -0.10 -11.87 0.68
CA SER A 34 -0.03 -12.88 -0.35
C SER A 34 -1.45 -13.32 -0.78
N GLU A 35 -1.53 -14.11 -1.86
CA GLU A 35 -2.78 -14.63 -2.44
C GLU A 35 -3.54 -15.45 -1.40
N ASP A 36 -2.79 -16.10 -0.54
CA ASP A 36 -3.33 -17.03 0.45
C ASP A 36 -4.11 -16.29 1.54
N CYS A 37 -4.01 -14.97 1.54
CA CYS A 37 -4.78 -14.06 2.42
C CYS A 37 -4.46 -14.21 3.91
N ARG A 38 -3.51 -15.05 4.27
CA ARG A 38 -3.08 -15.14 5.66
C ARG A 38 -2.22 -13.93 6.00
N MET A 39 -2.88 -12.84 6.32
CA MET A 39 -2.21 -11.60 6.62
C MET A 39 -2.02 -11.46 8.13
N GLY A 40 -2.59 -12.38 8.86
CA GLY A 40 -2.65 -12.31 10.29
C GLY A 40 -1.35 -12.62 11.01
N ALA A 41 -0.32 -11.88 10.70
CA ALA A 41 0.94 -12.01 11.40
C ALA A 41 1.63 -10.66 11.56
N GLY A 42 1.01 -9.63 11.04
CA GLY A 42 1.60 -8.31 11.09
C GLY A 42 0.57 -7.23 11.15
N ILE A 43 0.96 -6.01 10.76
CA ILE A 43 0.06 -4.82 10.74
C ILE A 43 -1.26 -5.09 10.00
N ALA A 44 -1.22 -6.05 9.11
CA ALA A 44 -2.35 -6.45 8.33
C ALA A 44 -3.55 -6.89 9.19
N VAL A 45 -3.28 -7.39 10.42
CA VAL A 45 -4.34 -7.78 11.36
C VAL A 45 -5.23 -6.57 11.71
N LEU A 46 -4.62 -5.40 11.74
CA LEU A 46 -5.28 -4.17 12.08
C LEU A 46 -6.23 -3.75 10.96
N PHE A 47 -5.79 -3.95 9.72
CA PHE A 47 -6.62 -3.65 8.56
C PHE A 47 -7.79 -4.63 8.48
N LYS A 48 -7.52 -5.91 8.83
CA LYS A 48 -8.54 -6.92 8.86
C LYS A 48 -9.67 -6.48 9.81
N LYS A 49 -9.30 -6.07 11.01
CA LYS A 49 -10.24 -5.66 12.04
C LYS A 49 -11.07 -4.47 11.62
N LYS A 50 -10.39 -3.43 11.26
CA LYS A 50 -11.01 -2.17 10.93
C LYS A 50 -11.82 -2.17 9.64
N PHE A 51 -11.31 -2.80 8.62
CA PHE A 51 -11.96 -2.68 7.34
C PHE A 51 -12.68 -3.95 6.89
N GLY A 52 -12.55 -5.01 7.67
CA GLY A 52 -13.17 -6.29 7.31
C GLY A 52 -12.62 -6.77 5.99
N GLY A 53 -11.32 -6.61 5.85
CA GLY A 53 -10.65 -6.89 4.61
C GLY A 53 -10.67 -8.34 4.22
N VAL A 54 -10.54 -9.22 5.20
CA VAL A 54 -10.41 -10.66 4.96
C VAL A 54 -11.55 -11.23 4.08
N GLN A 55 -12.78 -10.86 4.39
CA GLN A 55 -13.92 -11.36 3.66
C GLN A 55 -13.91 -10.87 2.22
N GLU A 56 -13.64 -9.60 2.06
CA GLU A 56 -13.62 -8.97 0.77
C GLU A 56 -12.49 -9.52 -0.10
N LEU A 57 -11.38 -9.86 0.53
CA LEU A 57 -10.22 -10.40 -0.19
C LEU A 57 -10.51 -11.79 -0.70
N LEU A 58 -11.15 -12.60 0.14
CA LEU A 58 -11.54 -13.95 -0.24
C LEU A 58 -12.61 -13.88 -1.32
N ASN A 59 -13.37 -12.80 -1.31
CA ASN A 59 -14.43 -12.57 -2.26
C ASN A 59 -13.86 -12.19 -3.65
N GLN A 60 -12.77 -11.42 -3.66
CA GLN A 60 -12.16 -11.02 -4.93
C GLN A 60 -11.30 -12.11 -5.54
N GLN A 61 -10.52 -12.77 -4.70
CA GLN A 61 -9.53 -13.79 -5.12
C GLN A 61 -8.58 -13.26 -6.20
N LYS A 62 -7.72 -12.35 -5.81
CA LYS A 62 -6.76 -11.79 -6.71
C LYS A 62 -5.53 -12.67 -6.78
N LYS A 63 -4.75 -12.51 -7.80
CA LYS A 63 -3.62 -13.36 -8.05
C LYS A 63 -2.29 -12.62 -7.93
N SER A 64 -1.21 -13.38 -7.93
CA SER A 64 0.14 -12.88 -7.73
C SER A 64 0.54 -11.82 -8.78
N GLY A 65 0.99 -10.67 -8.31
CA GLY A 65 1.41 -9.61 -9.20
C GLY A 65 0.25 -8.74 -9.62
N GLU A 66 -0.76 -8.70 -8.79
CA GLU A 66 -1.95 -7.93 -9.01
C GLU A 66 -2.36 -7.27 -7.70
N VAL A 67 -3.32 -6.39 -7.74
CA VAL A 67 -3.68 -5.66 -6.54
C VAL A 67 -5.16 -5.82 -6.20
N ALA A 68 -5.43 -6.04 -4.95
CA ALA A 68 -6.76 -6.13 -4.46
C ALA A 68 -7.08 -4.85 -3.73
N VAL A 69 -8.11 -4.17 -4.14
CA VAL A 69 -8.47 -2.93 -3.51
C VAL A 69 -9.87 -3.01 -2.96
N LEU A 70 -10.05 -2.43 -1.82
CA LEU A 70 -11.32 -2.42 -1.16
C LEU A 70 -11.69 -1.00 -0.89
N LYS A 71 -12.89 -0.61 -1.24
CA LYS A 71 -13.34 0.68 -0.85
C LYS A 71 -13.87 0.53 0.55
N ARG A 72 -13.22 1.13 1.47
CA ARG A 72 -13.53 0.96 2.88
C ARG A 72 -13.61 2.29 3.56
N ASP A 73 -14.78 2.62 4.10
CA ASP A 73 -15.01 3.89 4.84
C ASP A 73 -14.71 5.10 3.92
N GLY A 74 -14.91 4.91 2.64
CA GLY A 74 -14.65 5.95 1.67
C GLY A 74 -13.20 6.01 1.24
N ARG A 75 -12.39 5.13 1.79
CA ARG A 75 -10.99 5.08 1.45
C ARG A 75 -10.76 3.90 0.56
N TYR A 76 -9.59 3.81 0.04
CA TYR A 76 -9.18 2.66 -0.68
C TYR A 76 -8.08 1.97 0.05
N ILE A 77 -8.17 0.68 0.13
CA ILE A 77 -7.19 -0.08 0.82
C ILE A 77 -6.59 -1.02 -0.19
N TYR A 78 -5.33 -0.88 -0.43
CA TYR A 78 -4.65 -1.63 -1.45
C TYR A 78 -3.88 -2.78 -0.84
N TYR A 79 -4.16 -3.94 -1.35
CA TYR A 79 -3.47 -5.12 -0.97
C TYR A 79 -2.66 -5.61 -2.14
N LEU A 80 -1.38 -5.46 -2.05
CA LEU A 80 -0.49 -5.90 -3.09
C LEU A 80 -0.31 -7.40 -2.94
N ILE A 81 -0.79 -8.15 -3.92
CA ILE A 81 -0.75 -9.61 -3.86
C ILE A 81 0.59 -10.11 -4.38
N THR A 82 1.37 -10.62 -3.49
CA THR A 82 2.70 -11.06 -3.79
C THR A 82 2.79 -12.46 -4.39
N LYS A 83 2.78 -13.44 -3.52
CA LYS A 83 2.92 -14.82 -3.91
C LYS A 83 1.68 -15.57 -3.59
N LYS A 84 1.65 -16.83 -3.96
CA LYS A 84 0.53 -17.70 -3.71
C LYS A 84 0.30 -17.89 -2.21
N ARG A 85 1.37 -18.08 -1.46
CA ARG A 85 1.26 -18.26 -0.03
C ARG A 85 2.18 -17.32 0.71
N ALA A 86 1.79 -16.96 1.93
CA ALA A 86 2.52 -15.99 2.77
C ALA A 86 3.85 -16.58 3.23
N SER A 87 3.93 -17.88 3.21
CA SER A 87 5.13 -18.59 3.60
C SER A 87 6.20 -18.47 2.47
N HIS A 88 5.83 -17.86 1.35
CA HIS A 88 6.74 -17.66 0.22
C HIS A 88 7.20 -16.21 0.23
N LYS A 89 8.43 -15.96 -0.17
CA LYS A 89 8.92 -14.59 -0.21
C LYS A 89 8.65 -13.96 -1.58
N PRO A 90 8.24 -12.70 -1.62
CA PRO A 90 7.92 -12.00 -2.85
C PRO A 90 9.14 -11.64 -3.69
N THR A 91 8.88 -11.40 -4.95
CA THR A 91 9.87 -10.94 -5.86
C THR A 91 9.53 -9.49 -6.15
N TYR A 92 10.50 -8.68 -6.55
CA TYR A 92 10.20 -7.30 -6.88
C TYR A 92 9.32 -7.20 -8.09
N GLU A 93 9.46 -8.17 -8.99
CA GLU A 93 8.61 -8.30 -10.16
C GLU A 93 7.12 -8.33 -9.77
N ASN A 94 6.77 -9.18 -8.79
CA ASN A 94 5.38 -9.28 -8.31
C ASN A 94 4.97 -7.98 -7.66
N LEU A 95 5.85 -7.46 -6.83
CA LEU A 95 5.60 -6.23 -6.08
C LEU A 95 5.36 -5.05 -7.03
N GLN A 96 6.20 -4.94 -8.04
CA GLN A 96 6.13 -3.87 -9.03
C GLN A 96 4.79 -3.89 -9.74
N LYS A 97 4.41 -5.05 -10.26
CA LYS A 97 3.14 -5.19 -10.96
C LYS A 97 1.93 -4.95 -10.06
N SER A 98 2.12 -5.12 -8.80
CA SER A 98 1.09 -4.82 -7.86
C SER A 98 1.05 -3.30 -7.58
N LEU A 99 2.24 -2.69 -7.43
CA LEU A 99 2.35 -1.29 -7.08
C LEU A 99 1.98 -0.33 -8.21
N GLU A 100 2.28 -0.70 -9.43
CA GLU A 100 1.95 0.17 -10.55
C GLU A 100 0.46 0.13 -10.87
N ALA A 101 -0.13 -1.00 -10.58
CA ALA A 101 -1.55 -1.20 -10.73
C ALA A 101 -2.32 -0.25 -9.82
N MET A 102 -1.86 -0.11 -8.57
CA MET A 102 -2.54 0.78 -7.66
C MET A 102 -2.32 2.23 -8.05
N LYS A 103 -1.14 2.53 -8.63
CA LYS A 103 -0.86 3.88 -9.10
C LYS A 103 -1.89 4.30 -10.12
N SER A 104 -2.05 3.47 -11.13
CA SER A 104 -3.02 3.71 -12.18
C SER A 104 -4.43 3.87 -11.60
N HIS A 105 -4.78 2.98 -10.66
CA HIS A 105 -6.08 3.05 -9.99
C HIS A 105 -6.27 4.40 -9.29
N CYS A 106 -5.25 4.83 -8.58
CA CYS A 106 -5.29 6.09 -7.86
C CYS A 106 -5.51 7.25 -8.83
N LEU A 107 -4.74 7.27 -9.90
CA LEU A 107 -4.84 8.31 -10.93
C LEU A 107 -6.25 8.36 -11.50
N LYS A 108 -6.77 7.20 -11.82
CA LYS A 108 -8.08 7.05 -12.41
C LYS A 108 -9.21 7.45 -11.43
N ASN A 109 -8.99 7.27 -10.14
CA ASN A 109 -10.03 7.60 -9.13
C ASN A 109 -9.87 8.98 -8.53
N GLY A 110 -8.77 9.64 -8.82
CA GLY A 110 -8.52 10.95 -8.24
C GLY A 110 -7.94 10.84 -6.84
N VAL A 111 -7.27 9.74 -6.59
CA VAL A 111 -6.63 9.48 -5.32
C VAL A 111 -5.16 9.86 -5.42
N THR A 112 -4.82 10.99 -4.88
CA THR A 112 -3.47 11.50 -4.93
C THR A 112 -2.84 11.48 -3.54
N ASP A 113 -3.43 10.70 -2.67
CA ASP A 113 -3.04 10.67 -1.28
C ASP A 113 -3.07 9.24 -0.76
N LEU A 114 -1.91 8.64 -0.56
CA LEU A 114 -1.82 7.25 -0.15
C LEU A 114 -0.76 7.11 0.94
N SER A 115 -1.08 6.45 2.03
CA SER A 115 -0.11 6.21 3.06
C SER A 115 0.16 4.70 3.17
N MET A 116 1.34 4.38 3.61
CA MET A 116 1.75 3.02 3.79
C MET A 116 2.78 2.97 4.90
N PRO A 117 2.97 1.85 5.55
CA PRO A 117 3.96 1.73 6.62
C PRO A 117 5.29 1.32 6.04
N ARG A 118 6.18 0.88 6.88
CA ARG A 118 7.43 0.38 6.40
C ARG A 118 7.25 -1.03 5.86
N ILE A 119 6.88 -1.11 4.60
CA ILE A 119 6.73 -2.38 3.94
C ILE A 119 8.04 -2.77 3.29
N GLY A 120 8.12 -3.95 2.79
CA GLY A 120 9.38 -4.44 2.29
C GLY A 120 10.24 -4.88 3.45
N CYS A 121 10.65 -3.91 4.24
CA CYS A 121 11.45 -4.14 5.39
C CYS A 121 10.57 -4.56 6.57
N GLY A 122 10.06 -5.74 6.47
CA GLY A 122 9.28 -6.32 7.51
C GLY A 122 8.98 -7.76 7.18
N LEU A 123 7.72 -8.13 7.26
CA LEU A 123 7.29 -9.49 6.94
C LEU A 123 7.39 -9.73 5.44
N ASP A 124 7.48 -8.65 4.68
CA ASP A 124 7.58 -8.69 3.23
C ASP A 124 8.92 -9.34 2.80
N ARG A 125 9.93 -9.30 3.70
CA ARG A 125 11.22 -10.00 3.50
C ARG A 125 12.10 -9.35 2.43
N LEU A 126 11.88 -8.09 2.13
CA LEU A 126 12.67 -7.41 1.11
C LEU A 126 13.38 -6.19 1.70
N GLN A 127 14.22 -5.54 0.91
CA GLN A 127 14.90 -4.34 1.37
C GLN A 127 14.19 -3.10 0.91
N TRP A 128 13.90 -2.21 1.84
CA TRP A 128 13.21 -0.95 1.54
C TRP A 128 14.01 -0.07 0.59
N GLU A 129 15.33 -0.22 0.61
CA GLU A 129 16.20 0.53 -0.26
C GLU A 129 15.80 0.32 -1.73
N ASN A 130 15.49 -0.92 -2.10
CA ASN A 130 15.03 -1.21 -3.46
C ASN A 130 13.59 -0.79 -3.64
N VAL A 131 12.76 -1.17 -2.65
CA VAL A 131 11.31 -0.94 -2.70
C VAL A 131 10.97 0.52 -2.91
N SER A 132 11.49 1.37 -2.04
CA SER A 132 11.23 2.78 -2.10
C SER A 132 11.73 3.38 -3.41
N ALA A 133 12.88 2.89 -3.89
CA ALA A 133 13.45 3.38 -5.14
C ALA A 133 12.56 2.99 -6.32
N MET A 134 11.93 1.85 -6.22
CA MET A 134 11.04 1.40 -7.28
C MET A 134 9.71 2.17 -7.20
N ILE A 135 9.22 2.40 -5.99
CA ILE A 135 7.98 3.15 -5.79
C ILE A 135 8.15 4.59 -6.31
N GLU A 136 9.28 5.22 -5.99
CA GLU A 136 9.51 6.59 -6.38
C GLU A 136 9.66 6.75 -7.90
N GLU A 137 10.14 5.70 -8.57
CA GLU A 137 10.29 5.69 -9.99
C GLU A 137 8.92 5.58 -10.67
N VAL A 138 8.12 4.64 -10.20
CA VAL A 138 6.81 4.38 -10.77
C VAL A 138 5.84 5.56 -10.58
N PHE A 139 5.94 6.22 -9.45
CA PHE A 139 5.07 7.34 -9.13
C PHE A 139 5.75 8.71 -9.45
N GLU A 140 6.89 8.67 -10.16
CA GLU A 140 7.70 9.89 -10.45
C GLU A 140 6.89 10.98 -11.16
N ALA A 141 6.06 10.59 -12.05
CA ALA A 141 5.25 11.53 -12.78
C ALA A 141 3.78 11.39 -12.44
N THR A 142 3.45 11.74 -11.22
CA THR A 142 2.07 11.67 -10.78
C THR A 142 1.79 12.84 -9.85
N ASP A 143 0.55 12.96 -9.45
CA ASP A 143 0.14 13.96 -8.47
C ASP A 143 -0.06 13.26 -7.14
N ILE A 144 0.37 12.03 -7.07
CA ILE A 144 0.18 11.19 -5.91
C ILE A 144 1.30 11.44 -4.91
N LYS A 145 0.92 11.63 -3.69
CA LYS A 145 1.85 11.75 -2.60
C LYS A 145 1.73 10.56 -1.69
N ILE A 146 2.82 9.87 -1.50
CA ILE A 146 2.86 8.73 -0.65
C ILE A 146 3.48 9.08 0.66
N THR A 147 2.75 8.87 1.68
CA THR A 147 3.18 9.20 3.00
C THR A 147 3.47 7.90 3.75
N VAL A 148 4.70 7.66 4.12
CA VAL A 148 4.96 6.47 4.85
C VAL A 148 5.12 6.78 6.32
N TYR A 149 4.42 6.06 7.12
CA TYR A 149 4.55 6.20 8.53
C TYR A 149 5.56 5.25 9.03
N THR A 150 6.54 5.80 9.65
CA THR A 150 7.64 5.07 10.12
C THR A 150 7.58 4.86 11.61
N LEU A 151 7.46 3.65 11.97
CA LEU A 151 7.55 3.24 13.32
C LEU A 151 8.50 2.09 13.44
N1 APR B . 1.09 1.67 11.84
C2 APR B . 2.11 1.77 11.00
N3 APR B . 2.96 0.78 10.83
C4 APR B . 2.81 -0.37 11.49
C5 APR B . 1.78 -0.53 12.36
C6 APR B . 0.89 0.53 12.54
N6 APR B . -0.14 0.41 13.37
N7 APR B . 1.86 -1.75 12.87
C8 APR B . 2.95 -2.34 12.32
N9 APR B . 3.52 -1.46 11.48
C1' APR B . 4.76 -1.67 10.65
C2' APR B . 5.88 -2.31 11.53
O2' APR B . 6.57 -1.32 12.24
C3' APR B . 6.80 -2.96 10.47
O3' APR B . 7.92 -2.17 10.22
O4' APR B . 4.56 -2.57 9.57
C4' APR B . 5.87 -3.04 9.18
C5' APR B . 5.82 -4.49 8.66
O5' APR B . 4.50 -5.03 8.77
PA APR B . 3.97 -6.06 7.66
O1A APR B . 3.04 -7.10 8.20
O2A APR B . 5.29 -6.73 7.00
O3A APR B . 3.27 -5.17 6.52
PB APR B . 2.42 -5.86 5.32
O1B APR B . 2.75 -5.30 3.97
O2B APR B . 0.85 -5.64 5.66
O5D APR B . 2.69 -7.44 5.40
C5D APR B . 3.67 -8.06 4.56
O4D APR B . 3.07 -10.03 5.93
O1D APR B . 0.90 -9.01 5.79
C1D APR B . 1.68 -10.24 5.72
O2D APR B . 1.70 -12.26 4.35
C2D APR B . 1.54 -10.88 4.29
O3D APR B . 3.42 -11.09 2.71
C3D APR B . 2.71 -10.21 3.53
C4D APR B . 3.61 -9.61 4.68
H2 APR B . 2.39 2.69 10.48
H61 APR B . -0.27 -0.44 13.88
H62 APR B . -0.77 1.17 13.49
H8 APR B . 3.29 -3.35 12.52
H'1 APR B . 4.94 -1.01 9.81
H'2 APR B . 5.72 -2.70 12.53
HO'2 APR B . 6.76 -0.55 11.63
H'3 APR B . 7.57 -3.70 10.71
HO'3 APR B . 8.28 -2.37 9.31
H'4 APR B . 5.74 -2.21 8.49
H5'1 APR B . 6.51 -5.12 9.24
H5'2 APR B . 6.14 -4.50 7.62
HOA2 APR B . 5.49 -6.29 6.12
HOB2 APR B . 0.34 -6.48 5.46
H5R1 APR B . 4.66 -7.71 4.86
H5R2 APR B . 3.50 -7.76 3.52
HOR1 APR B . 0.71 -8.70 4.86
HR'1 APR B . 1.89 -10.83 6.61
HOR2 APR B . 2.11 -12.57 3.49
HR'2 APR B . 0.60 -11.16 3.84
HOR3 APR B . 4.15 -10.60 2.24
HR'3 APR B . 2.57 -9.69 2.59
HR'4 APR B . 4.44 -10.17 5.10
N SER A 2 -18.17 23.64 1.43
CA SER A 2 -17.06 24.54 1.23
C SER A 2 -15.83 23.96 1.88
N SER A 3 -14.92 23.53 1.08
CA SER A 3 -13.75 22.91 1.59
C SER A 3 -12.57 23.18 0.70
N LEU A 4 -11.43 23.35 1.32
CA LEU A 4 -10.23 23.50 0.59
C LEU A 4 -9.68 22.10 0.33
N ASN A 5 -10.13 21.52 -0.75
CA ASN A 5 -9.76 20.18 -1.13
C ASN A 5 -8.48 20.22 -1.92
N GLU A 6 -7.40 19.99 -1.26
CA GLU A 6 -6.09 20.05 -1.86
C GLU A 6 -5.61 18.71 -2.28
N ASP A 7 -4.81 18.70 -3.29
CA ASP A 7 -4.18 17.50 -3.78
C ASP A 7 -2.70 17.67 -3.57
N PRO A 8 -2.07 16.78 -2.82
CA PRO A 8 -0.65 16.92 -2.45
C PRO A 8 0.30 16.87 -3.65
N GLU A 9 1.36 17.66 -3.57
CA GLU A 9 2.37 17.76 -4.60
C GLU A 9 3.59 18.35 -3.94
N GLY A 10 4.68 17.67 -4.05
CA GLY A 10 5.92 18.14 -3.47
C GLY A 10 7.03 17.14 -3.66
N SER A 11 6.83 15.96 -3.17
CA SER A 11 7.81 14.91 -3.27
C SER A 11 7.11 13.58 -3.49
N ARG A 12 7.87 12.55 -3.84
CA ARG A 12 7.29 11.23 -4.07
C ARG A 12 6.95 10.57 -2.76
N ILE A 13 7.97 10.29 -1.96
CA ILE A 13 7.80 9.62 -0.70
C ILE A 13 8.17 10.54 0.44
N THR A 14 7.35 10.56 1.44
CA THR A 14 7.60 11.35 2.62
C THR A 14 7.70 10.43 3.82
N TYR A 15 8.77 10.57 4.56
CA TYR A 15 8.98 9.79 5.76
C TYR A 15 8.53 10.56 6.97
N VAL A 16 7.55 10.05 7.65
CA VAL A 16 7.06 10.67 8.86
C VAL A 16 6.98 9.63 9.96
N LYS A 17 7.32 10.02 11.14
CA LYS A 17 7.24 9.14 12.26
C LYS A 17 5.82 9.20 12.80
N GLY A 18 5.22 8.05 12.96
CA GLY A 18 3.88 7.99 13.46
C GLY A 18 3.21 6.70 13.12
N ASP A 19 1.99 6.55 13.59
CA ASP A 19 1.19 5.35 13.36
C ASP A 19 0.47 5.50 12.03
N LEU A 20 0.41 4.45 11.25
CA LEU A 20 -0.20 4.50 9.93
C LEU A 20 -1.72 4.62 10.00
N PHE A 21 -2.33 4.10 11.02
CA PHE A 21 -3.78 4.11 11.13
C PHE A 21 -4.32 5.46 11.57
N ALA A 22 -3.42 6.39 11.82
CA ALA A 22 -3.79 7.72 12.24
C ALA A 22 -4.06 8.64 11.04
N CYS A 23 -3.91 8.09 9.83
CA CYS A 23 -4.11 8.84 8.59
C CYS A 23 -5.58 9.31 8.42
N PRO A 24 -5.79 10.44 7.70
CA PRO A 24 -7.13 11.00 7.42
C PRO A 24 -7.96 10.15 6.44
N LYS A 25 -9.15 10.65 6.13
CA LYS A 25 -10.09 10.03 5.20
C LYS A 25 -9.63 10.26 3.75
N THR A 26 -8.78 11.23 3.59
CA THR A 26 -8.25 11.59 2.30
C THR A 26 -7.16 10.62 1.88
N ASP A 27 -6.47 10.09 2.86
CA ASP A 27 -5.34 9.22 2.63
C ASP A 27 -5.76 7.78 2.64
N SER A 28 -5.41 7.07 1.60
CA SER A 28 -5.73 5.67 1.46
C SER A 28 -4.57 4.79 1.94
N LEU A 29 -4.90 3.65 2.52
CA LEU A 29 -3.89 2.76 3.09
C LEU A 29 -3.49 1.68 2.11
N ALA A 30 -2.23 1.55 1.88
CA ALA A 30 -1.72 0.50 1.02
C ALA A 30 -0.76 -0.37 1.81
N HIS A 31 -0.70 -1.63 1.46
CA HIS A 31 0.22 -2.57 2.10
C HIS A 31 0.20 -3.86 1.35
N CYS A 32 1.13 -4.70 1.66
CA CYS A 32 1.22 -5.98 1.04
C CYS A 32 0.62 -7.02 1.96
N ILE A 33 0.23 -8.13 1.39
CA ILE A 33 -0.16 -9.34 2.09
C ILE A 33 0.17 -10.48 1.17
N SER A 34 0.01 -11.69 1.62
CA SER A 34 0.25 -12.80 0.75
C SER A 34 -1.08 -13.14 0.06
N GLU A 35 -1.03 -13.99 -0.92
CA GLU A 35 -2.21 -14.41 -1.69
C GLU A 35 -3.18 -15.18 -0.74
N ASP A 36 -2.64 -15.67 0.39
CA ASP A 36 -3.41 -16.49 1.34
C ASP A 36 -4.47 -15.65 2.01
N CYS A 37 -4.32 -14.32 1.95
CA CYS A 37 -5.23 -13.39 2.62
C CYS A 37 -5.12 -13.63 4.12
N ARG A 38 -3.90 -13.97 4.54
CA ARG A 38 -3.57 -14.22 5.90
C ARG A 38 -3.03 -12.95 6.53
N MET A 39 -3.85 -12.28 7.29
CA MET A 39 -3.43 -11.08 7.99
C MET A 39 -3.01 -11.40 9.41
N GLY A 40 -2.84 -12.68 9.71
CA GLY A 40 -2.54 -13.11 11.07
C GLY A 40 -1.11 -12.83 11.54
N ALA A 41 -0.61 -11.62 11.23
CA ALA A 41 0.69 -11.12 11.65
C ALA A 41 0.93 -9.77 11.03
N GLY A 42 1.88 -9.04 11.61
CA GLY A 42 2.27 -7.76 11.10
C GLY A 42 1.19 -6.72 11.23
N ILE A 43 1.33 -5.68 10.46
CA ILE A 43 0.38 -4.59 10.46
C ILE A 43 -0.96 -5.02 9.79
N ALA A 44 -0.89 -6.08 8.98
CA ALA A 44 -2.03 -6.55 8.20
C ALA A 44 -3.22 -6.92 9.06
N VAL A 45 -2.95 -7.39 10.27
CA VAL A 45 -4.00 -7.81 11.19
C VAL A 45 -4.93 -6.66 11.59
N LEU A 46 -4.39 -5.45 11.74
CA LEU A 46 -5.23 -4.33 12.14
C LEU A 46 -6.14 -3.91 10.98
N PHE A 47 -5.64 -4.04 9.76
CA PHE A 47 -6.44 -3.71 8.59
C PHE A 47 -7.62 -4.67 8.45
N LYS A 48 -7.39 -5.95 8.74
CA LYS A 48 -8.44 -6.93 8.64
C LYS A 48 -9.49 -6.66 9.70
N LYS A 49 -9.04 -6.30 10.86
CA LYS A 49 -9.87 -6.04 11.99
C LYS A 49 -10.70 -4.77 11.77
N LYS A 50 -10.06 -3.70 11.36
CA LYS A 50 -10.73 -2.43 11.21
C LYS A 50 -11.52 -2.33 9.90
N PHE A 51 -10.93 -2.73 8.80
CA PHE A 51 -11.56 -2.54 7.51
C PHE A 51 -12.32 -3.78 7.02
N GLY A 52 -11.77 -4.96 7.26
CA GLY A 52 -12.44 -6.20 6.85
C GLY A 52 -12.28 -6.47 5.37
N GLY A 53 -11.07 -6.82 4.97
CA GLY A 53 -10.77 -7.06 3.57
C GLY A 53 -11.01 -8.47 3.06
N VAL A 54 -10.95 -9.46 3.94
CA VAL A 54 -10.87 -10.89 3.55
C VAL A 54 -11.92 -11.34 2.52
N GLN A 55 -13.20 -11.13 2.80
CA GLN A 55 -14.24 -11.62 1.91
C GLN A 55 -14.19 -10.92 0.56
N GLU A 56 -13.88 -9.66 0.60
CA GLU A 56 -13.80 -8.88 -0.60
C GLU A 56 -12.60 -9.29 -1.46
N LEU A 57 -11.53 -9.69 -0.82
CA LEU A 57 -10.34 -10.12 -1.53
C LEU A 57 -10.64 -11.33 -2.38
N LEU A 58 -11.38 -12.26 -1.80
CA LEU A 58 -11.77 -13.45 -2.52
C LEU A 58 -12.70 -13.14 -3.70
N ASN A 59 -13.61 -12.16 -3.55
CA ASN A 59 -14.53 -11.88 -4.66
C ASN A 59 -13.89 -11.04 -5.76
N GLN A 60 -12.79 -10.37 -5.44
CA GLN A 60 -12.09 -9.56 -6.42
C GLN A 60 -11.28 -10.41 -7.40
N GLN A 61 -10.85 -11.58 -6.93
CA GLN A 61 -10.05 -12.52 -7.73
C GLN A 61 -8.71 -11.95 -8.14
N LYS A 62 -7.78 -12.16 -7.29
CA LYS A 62 -6.44 -11.70 -7.49
C LYS A 62 -5.43 -12.83 -7.30
N LYS A 63 -4.27 -12.61 -7.80
CA LYS A 63 -3.11 -13.48 -7.71
C LYS A 63 -1.90 -12.59 -7.58
N SER A 64 -0.73 -13.16 -7.31
CA SER A 64 0.50 -12.38 -7.13
C SER A 64 0.80 -11.42 -8.30
N GLY A 65 1.08 -10.18 -7.97
CA GLY A 65 1.34 -9.17 -8.99
C GLY A 65 0.10 -8.34 -9.30
N GLU A 66 -0.92 -8.50 -8.48
CA GLU A 66 -2.15 -7.76 -8.62
C GLU A 66 -2.48 -7.05 -7.32
N VAL A 67 -3.49 -6.20 -7.37
CA VAL A 67 -3.89 -5.48 -6.21
C VAL A 67 -5.40 -5.67 -5.96
N ALA A 68 -5.75 -5.79 -4.73
CA ALA A 68 -7.14 -5.84 -4.34
C ALA A 68 -7.43 -4.58 -3.54
N VAL A 69 -8.57 -3.97 -3.75
CA VAL A 69 -8.84 -2.70 -3.11
C VAL A 69 -10.20 -2.75 -2.42
N LEU A 70 -10.33 -2.02 -1.36
CA LEU A 70 -11.59 -1.91 -0.65
C LEU A 70 -11.95 -0.47 -0.56
N LYS A 71 -13.21 -0.13 -0.74
CA LYS A 71 -13.63 1.19 -0.41
C LYS A 71 -14.19 1.06 0.97
N ARG A 72 -13.50 1.58 1.91
CA ARG A 72 -13.92 1.41 3.27
C ARG A 72 -13.68 2.68 4.06
N ASP A 73 -14.69 3.10 4.81
CA ASP A 73 -14.56 4.21 5.77
C ASP A 73 -14.21 5.53 5.01
N GLY A 74 -14.67 5.61 3.77
CA GLY A 74 -14.47 6.80 2.97
C GLY A 74 -13.16 6.83 2.21
N ARG A 75 -12.39 5.79 2.35
CA ARG A 75 -11.08 5.72 1.73
C ARG A 75 -10.80 4.35 1.14
N TYR A 76 -9.72 4.23 0.43
CA TYR A 76 -9.39 2.99 -0.20
C TYR A 76 -8.30 2.23 0.50
N ILE A 77 -8.38 0.93 0.42
CA ILE A 77 -7.42 0.06 1.07
C ILE A 77 -6.82 -0.84 0.02
N TYR A 78 -5.53 -0.74 -0.15
CA TYR A 78 -4.85 -1.49 -1.16
C TYR A 78 -4.13 -2.69 -0.56
N TYR A 79 -4.36 -3.82 -1.15
CA TYR A 79 -3.70 -5.05 -0.81
C TYR A 79 -2.85 -5.51 -1.96
N LEU A 80 -1.57 -5.37 -1.82
CA LEU A 80 -0.64 -5.82 -2.83
C LEU A 80 -0.41 -7.31 -2.63
N ILE A 81 -0.68 -8.08 -3.67
CA ILE A 81 -0.55 -9.52 -3.58
C ILE A 81 0.88 -9.91 -3.93
N THR A 82 1.62 -10.30 -2.93
CA THR A 82 3.03 -10.62 -3.05
C THR A 82 3.31 -11.97 -3.72
N LYS A 83 3.02 -13.04 -3.01
CA LYS A 83 3.20 -14.39 -3.49
C LYS A 83 2.03 -15.24 -3.12
N LYS A 84 1.99 -16.44 -3.68
CA LYS A 84 0.92 -17.40 -3.47
C LYS A 84 0.72 -17.70 -1.99
N ARG A 85 1.82 -17.82 -1.26
CA ARG A 85 1.74 -18.08 0.16
C ARG A 85 2.79 -17.31 0.92
N ALA A 86 2.50 -17.04 2.18
CA ALA A 86 3.37 -16.28 3.10
C ALA A 86 4.73 -16.95 3.35
N SER A 87 4.82 -18.24 3.11
CA SER A 87 6.07 -18.96 3.31
C SER A 87 6.93 -18.88 2.01
N HIS A 88 6.50 -18.07 1.08
CA HIS A 88 7.20 -17.90 -0.19
C HIS A 88 7.86 -16.54 -0.18
N LYS A 89 8.97 -16.41 -0.86
CA LYS A 89 9.68 -15.15 -0.90
C LYS A 89 9.22 -14.33 -2.12
N PRO A 90 8.70 -13.12 -1.89
CA PRO A 90 8.25 -12.26 -2.95
C PRO A 90 9.40 -11.60 -3.70
N THR A 91 9.17 -11.35 -4.94
CA THR A 91 10.10 -10.70 -5.76
C THR A 91 9.65 -9.29 -6.02
N TYR A 92 10.58 -8.43 -6.36
CA TYR A 92 10.28 -7.06 -6.70
C TYR A 92 9.40 -7.01 -7.93
N GLU A 93 9.58 -8.00 -8.80
CA GLU A 93 8.76 -8.19 -9.99
C GLU A 93 7.25 -8.16 -9.66
N ASN A 94 6.85 -8.97 -8.69
CA ASN A 94 5.44 -9.05 -8.30
C ASN A 94 5.03 -7.85 -7.50
N LEU A 95 5.93 -7.37 -6.66
CA LEU A 95 5.66 -6.21 -5.84
C LEU A 95 5.44 -4.98 -6.74
N GLN A 96 6.30 -4.85 -7.75
CA GLN A 96 6.25 -3.77 -8.72
C GLN A 96 4.93 -3.74 -9.43
N LYS A 97 4.51 -4.90 -9.92
CA LYS A 97 3.26 -4.97 -10.65
C LYS A 97 2.06 -4.71 -9.77
N SER A 98 2.20 -5.03 -8.50
CA SER A 98 1.17 -4.72 -7.55
C SER A 98 1.12 -3.18 -7.35
N LEU A 99 2.32 -2.55 -7.29
CA LEU A 99 2.44 -1.09 -7.16
C LEU A 99 1.84 -0.42 -8.40
N GLU A 100 2.16 -0.99 -9.55
CA GLU A 100 1.70 -0.46 -10.83
C GLU A 100 0.20 -0.68 -11.01
N ALA A 101 -0.32 -1.69 -10.38
CA ALA A 101 -1.73 -1.94 -10.43
C ALA A 101 -2.50 -0.93 -9.59
N MET A 102 -1.96 -0.56 -8.41
CA MET A 102 -2.69 0.36 -7.56
C MET A 102 -2.67 1.78 -8.09
N LYS A 103 -1.57 2.18 -8.74
CA LYS A 103 -1.48 3.54 -9.32
C LYS A 103 -2.58 3.78 -10.34
N SER A 104 -2.83 2.78 -11.17
CA SER A 104 -3.89 2.82 -12.16
C SER A 104 -5.23 3.08 -11.47
N HIS A 105 -5.48 2.31 -10.41
CA HIS A 105 -6.69 2.45 -9.62
C HIS A 105 -6.78 3.82 -8.95
N CYS A 106 -5.66 4.31 -8.45
CA CYS A 106 -5.64 5.58 -7.74
C CYS A 106 -6.11 6.71 -8.61
N LEU A 107 -5.49 6.89 -9.77
CA LEU A 107 -5.86 7.97 -10.69
C LEU A 107 -7.31 7.81 -11.15
N LYS A 108 -7.70 6.56 -11.33
CA LYS A 108 -9.04 6.18 -11.74
C LYS A 108 -10.10 6.66 -10.71
N ASN A 109 -9.81 6.42 -9.43
CA ASN A 109 -10.78 6.74 -8.35
C ASN A 109 -10.53 8.11 -7.71
N GLY A 110 -9.51 8.80 -8.18
CA GLY A 110 -9.22 10.12 -7.65
C GLY A 110 -8.37 10.07 -6.38
N VAL A 111 -7.75 8.94 -6.15
CA VAL A 111 -6.91 8.75 -4.99
C VAL A 111 -5.54 9.34 -5.28
N THR A 112 -5.21 10.37 -4.57
CA THR A 112 -3.95 11.06 -4.76
C THR A 112 -3.09 11.00 -3.49
N ASP A 113 -3.73 10.66 -2.40
CA ASP A 113 -3.06 10.55 -1.11
C ASP A 113 -2.86 9.08 -0.82
N LEU A 114 -1.63 8.65 -0.74
CA LEU A 114 -1.35 7.24 -0.57
C LEU A 114 -0.43 7.08 0.66
N SER A 115 -0.84 6.26 1.59
CA SER A 115 -0.06 6.01 2.78
C SER A 115 0.19 4.50 2.99
N MET A 116 1.44 4.13 3.20
CA MET A 116 1.77 2.74 3.48
C MET A 116 2.79 2.69 4.62
N PRO A 117 2.98 1.52 5.25
CA PRO A 117 3.99 1.36 6.27
C PRO A 117 5.32 0.97 5.63
N ARG A 118 6.30 0.67 6.42
CA ARG A 118 7.57 0.26 5.87
C ARG A 118 7.50 -1.18 5.42
N ILE A 119 7.12 -1.36 4.18
CA ILE A 119 7.07 -2.65 3.60
C ILE A 119 8.46 -3.06 3.17
N GLY A 120 8.58 -4.25 2.67
CA GLY A 120 9.85 -4.76 2.33
C GLY A 120 10.58 -5.28 3.55
N CYS A 121 11.07 -4.37 4.35
CA CYS A 121 11.96 -4.69 5.48
C CYS A 121 11.27 -5.42 6.65
N GLY A 122 9.97 -5.58 6.58
CA GLY A 122 9.26 -6.31 7.61
C GLY A 122 9.00 -7.74 7.17
N LEU A 123 7.76 -8.18 7.33
CA LEU A 123 7.34 -9.54 6.94
C LEU A 123 7.41 -9.73 5.44
N ASP A 124 7.50 -8.64 4.73
CA ASP A 124 7.51 -8.61 3.26
C ASP A 124 8.83 -9.25 2.72
N ARG A 125 9.85 -9.35 3.61
CA ARG A 125 11.12 -10.09 3.35
C ARG A 125 12.08 -9.41 2.36
N LEU A 126 11.87 -8.17 2.06
CA LEU A 126 12.70 -7.50 1.07
C LEU A 126 13.48 -6.33 1.69
N GLN A 127 14.27 -5.66 0.89
CA GLN A 127 15.00 -4.51 1.35
C GLN A 127 14.28 -3.24 0.96
N TRP A 128 13.94 -2.42 1.94
CA TRP A 128 13.19 -1.17 1.72
C TRP A 128 13.94 -0.20 0.82
N GLU A 129 15.26 -0.23 0.90
CA GLU A 129 16.09 0.64 0.07
C GLU A 129 15.70 0.51 -1.41
N ASN A 130 15.56 -0.72 -1.86
CA ASN A 130 15.17 -1.00 -3.25
C ASN A 130 13.70 -0.74 -3.45
N VAL A 131 12.88 -1.23 -2.49
CA VAL A 131 11.41 -1.09 -2.56
C VAL A 131 11.01 0.36 -2.72
N SER A 132 11.46 1.18 -1.81
CA SER A 132 11.19 2.60 -1.78
C SER A 132 11.55 3.25 -3.11
N ALA A 133 12.75 2.97 -3.59
CA ALA A 133 13.23 3.53 -4.83
C ALA A 133 12.38 3.05 -6.01
N MET A 134 11.95 1.82 -5.96
CA MET A 134 11.09 1.28 -7.02
C MET A 134 9.71 1.93 -6.97
N ILE A 135 9.21 2.17 -5.75
CA ILE A 135 7.92 2.81 -5.56
C ILE A 135 7.94 4.21 -6.18
N GLU A 136 8.98 4.97 -5.87
CA GLU A 136 9.11 6.30 -6.41
C GLU A 136 9.28 6.30 -7.94
N GLU A 137 9.87 5.23 -8.49
CA GLU A 137 9.97 5.06 -9.95
C GLU A 137 8.61 4.79 -10.58
N VAL A 138 7.76 4.12 -9.84
CA VAL A 138 6.44 3.78 -10.32
C VAL A 138 5.49 5.00 -10.33
N PHE A 139 5.54 5.78 -9.29
CA PHE A 139 4.63 6.91 -9.14
C PHE A 139 5.22 8.26 -9.60
N GLU A 140 6.37 8.23 -10.26
CA GLU A 140 7.07 9.48 -10.65
C GLU A 140 6.28 10.44 -11.54
N ALA A 141 5.44 9.91 -12.39
CA ALA A 141 4.69 10.73 -13.32
C ALA A 141 3.28 10.95 -12.85
N THR A 142 3.02 10.66 -11.60
CA THR A 142 1.69 10.85 -11.09
C THR A 142 1.67 11.92 -10.02
N ASP A 143 0.49 12.40 -9.69
CA ASP A 143 0.35 13.42 -8.64
C ASP A 143 0.17 12.75 -7.30
N ILE A 144 0.16 11.44 -7.32
CA ILE A 144 0.00 10.64 -6.14
C ILE A 144 1.18 10.89 -5.22
N LYS A 145 0.89 11.35 -4.05
CA LYS A 145 1.91 11.70 -3.12
C LYS A 145 1.89 10.66 -2.02
N ILE A 146 3.01 10.05 -1.80
CA ILE A 146 3.12 8.96 -0.87
C ILE A 146 3.70 9.38 0.47
N THR A 147 3.12 8.86 1.52
CA THR A 147 3.56 9.13 2.86
C THR A 147 3.74 7.80 3.59
N VAL A 148 4.92 7.55 4.13
CA VAL A 148 5.11 6.33 4.88
C VAL A 148 5.20 6.69 6.34
N TYR A 149 4.51 5.95 7.14
CA TYR A 149 4.58 6.17 8.55
C TYR A 149 5.54 5.22 9.17
N THR A 150 6.52 5.77 9.80
CA THR A 150 7.56 5.03 10.39
C THR A 150 7.48 5.14 11.90
N LEU A 151 7.39 4.03 12.53
CA LEU A 151 7.32 3.99 13.97
C LEU A 151 8.69 3.69 14.52
N1 APR B . 1.54 1.66 11.55
C2 APR B . 2.61 1.70 10.76
N3 APR B . 3.40 0.64 10.62
C4 APR B . 3.15 -0.49 11.30
C5 APR B . 2.06 -0.56 12.14
C6 APR B . 1.24 0.55 12.25
N6 APR B . 0.18 0.50 13.03
N7 APR B . 2.04 -1.77 12.68
C8 APR B . 3.09 -2.45 12.20
N9 APR B . 3.77 -1.66 11.35
C1' APR B . 5.03 -2.02 10.57
C2' APR B . 5.37 -3.53 10.78
O2' APR B . 6.07 -3.73 11.97
C3' APR B . 6.26 -3.81 9.56
O3' APR B . 7.59 -3.52 9.84
O4' APR B . 4.85 -1.85 9.17
C4' APR B . 5.69 -2.79 8.49
C5' APR B . 4.90 -3.59 7.42
O5' APR B . 5.66 -3.74 6.21
PA APR B . 6.16 -5.19 5.74
O1A APR B . 5.96 -6.27 6.76
O2A APR B . 7.72 -5.04 5.38
O3A APR B . 5.43 -5.52 4.35
PB APR B . 3.98 -6.23 4.33
O1B APR B . 2.93 -5.40 3.65
O2B APR B . 3.58 -6.55 5.85
O5D APR B . 4.18 -7.65 3.61
C5D APR B . 3.12 -8.61 3.60
O4D APR B . 3.19 -9.85 5.74
O1D APR B . 0.93 -9.05 5.65
C1D APR B . 1.81 -10.20 5.83
O2D APR B . 1.45 -12.55 5.24
C2D APR B . 1.53 -11.27 4.69
O3D APR B . 3.54 -12.28 3.70
C3D APR B . 2.77 -11.13 3.77
C4D APR B . 3.53 -9.90 4.36
H2 APR B . 2.88 2.63 10.25
H61 APR B . -0.03 -0.34 13.53
H62 APR B . -0.42 1.30 13.10
H8 APR B . 3.33 -3.48 12.47
H'1 APR B . 5.76 -1.25 10.35
H'2 APR B . 4.71 -4.28 11.21
HO'2 APR B . 7.04 -3.54 11.83
H'3 APR B . 6.67 -4.78 9.31
HO'3 APR B . 7.93 -2.85 9.18
H'4 APR B . 6.18 -1.86 8.25
H5'1 APR B . 3.98 -3.04 7.18
H5'2 APR B . 4.63 -4.58 7.80
HOA2 APR B . 8.07 -5.92 5.01
HOB2 APR B . 3.21 -7.48 5.91
H5R1 APR B . 2.87 -8.86 2.57
H5R2 APR B . 2.25 -8.18 4.09
HOR1 APR B . 1.45 -8.21 5.80
HR'1 APR B . 2.19 -10.47 6.81
HOR2 APR B . 0.59 -12.65 5.73
HR'2 APR B . 0.53 -11.52 4.34
HOR3 APR B . 3.46 -12.79 4.56
HR'3 APR B . 2.69 -11.30 2.70
HR'4 APR B . 4.51 -9.98 4.83
N SER A 2 -2.11 13.28 15.99
CA SER A 2 -0.82 13.90 15.81
C SER A 2 0.25 12.89 15.40
N SER A 3 0.78 13.07 14.23
CA SER A 3 1.85 12.28 13.77
C SER A 3 3.11 13.13 13.82
N LEU A 4 3.22 14.09 12.92
CA LEU A 4 4.35 15.01 12.94
C LEU A 4 3.93 16.29 12.25
N ASN A 5 3.72 16.17 10.95
CA ASN A 5 3.34 17.23 9.99
C ASN A 5 3.39 16.63 8.63
N GLU A 6 2.25 16.25 8.14
CA GLU A 6 2.17 15.57 6.89
C GLU A 6 2.12 16.55 5.75
N ASP A 7 3.29 17.00 5.37
CA ASP A 7 3.48 17.95 4.30
C ASP A 7 4.80 17.64 3.61
N PRO A 8 4.74 17.00 2.44
CA PRO A 8 5.94 16.68 1.67
C PRO A 8 6.58 17.91 1.06
N GLU A 9 7.84 17.79 0.66
CA GLU A 9 8.54 18.93 0.06
C GLU A 9 8.27 18.99 -1.43
N GLY A 10 7.57 18.00 -1.93
CA GLY A 10 7.32 17.88 -3.34
C GLY A 10 8.02 16.67 -3.86
N SER A 11 7.72 15.56 -3.22
CA SER A 11 8.36 14.31 -3.48
C SER A 11 7.30 13.23 -3.58
N ARG A 12 7.70 12.03 -3.94
CA ARG A 12 6.74 10.94 -4.00
C ARG A 12 6.53 10.35 -2.63
N ILE A 13 7.59 9.83 -2.04
CA ILE A 13 7.52 9.23 -0.72
C ILE A 13 7.84 10.25 0.37
N THR A 14 6.97 10.34 1.33
CA THR A 14 7.10 11.22 2.45
C THR A 14 7.25 10.39 3.73
N TYR A 15 8.30 10.64 4.48
CA TYR A 15 8.52 9.96 5.74
C TYR A 15 7.98 10.74 6.91
N VAL A 16 6.99 10.19 7.56
CA VAL A 16 6.43 10.80 8.73
C VAL A 16 6.45 9.80 9.88
N LYS A 17 6.74 10.27 11.03
CA LYS A 17 6.76 9.42 12.19
C LYS A 17 5.43 9.51 12.91
N GLY A 18 4.79 8.40 13.04
CA GLY A 18 3.50 8.34 13.65
C GLY A 18 2.82 7.06 13.29
N ASP A 19 1.66 6.84 13.84
CA ASP A 19 0.89 5.63 13.60
C ASP A 19 0.14 5.77 12.29
N LEU A 20 0.07 4.71 11.53
CA LEU A 20 -0.52 4.75 10.21
C LEU A 20 -2.02 4.98 10.27
N PHE A 21 -2.67 4.52 11.32
CA PHE A 21 -4.11 4.65 11.43
C PHE A 21 -4.53 6.06 11.86
N ALA A 22 -3.55 6.91 12.08
CA ALA A 22 -3.77 8.29 12.44
C ALA A 22 -4.04 9.13 11.18
N CYS A 23 -3.87 8.52 10.02
CA CYS A 23 -4.05 9.15 8.70
C CYS A 23 -5.48 9.72 8.50
N PRO A 24 -5.64 10.76 7.65
CA PRO A 24 -6.95 11.37 7.37
C PRO A 24 -7.85 10.46 6.52
N LYS A 25 -9.13 10.75 6.51
CA LYS A 25 -10.09 9.96 5.74
C LYS A 25 -9.99 10.34 4.25
N THR A 26 -9.36 11.45 3.99
CA THR A 26 -9.15 11.96 2.64
C THR A 26 -7.98 11.18 2.00
N ASP A 27 -7.27 10.49 2.84
CA ASP A 27 -6.14 9.66 2.46
C ASP A 27 -6.61 8.22 2.21
N SER A 28 -5.79 7.41 1.61
CA SER A 28 -6.10 6.01 1.39
C SER A 28 -4.91 5.15 1.84
N LEU A 29 -5.19 3.97 2.34
CA LEU A 29 -4.16 3.10 2.94
C LEU A 29 -3.76 1.99 2.00
N ALA A 30 -2.48 1.69 1.95
CA ALA A 30 -1.98 0.59 1.15
C ALA A 30 -0.99 -0.25 1.93
N HIS A 31 -0.90 -1.51 1.55
CA HIS A 31 0.04 -2.45 2.14
C HIS A 31 0.02 -3.71 1.31
N CYS A 32 1.06 -4.48 1.39
CA CYS A 32 1.14 -5.69 0.63
C CYS A 32 0.77 -6.87 1.54
N ILE A 33 0.30 -7.94 0.93
CA ILE A 33 -0.04 -9.20 1.61
C ILE A 33 0.18 -10.34 0.63
N SER A 34 0.00 -11.54 1.08
CA SER A 34 0.17 -12.70 0.22
C SER A 34 -1.14 -13.03 -0.50
N GLU A 35 -1.05 -13.77 -1.59
CA GLU A 35 -2.21 -14.14 -2.41
C GLU A 35 -3.19 -14.96 -1.63
N ASP A 36 -2.68 -15.85 -0.80
CA ASP A 36 -3.55 -16.73 0.00
C ASP A 36 -4.18 -15.93 1.15
N CYS A 37 -3.62 -14.76 1.38
CA CYS A 37 -4.07 -13.84 2.39
C CYS A 37 -3.88 -14.35 3.80
N ARG A 38 -2.63 -14.44 4.19
CA ARG A 38 -2.27 -14.76 5.53
C ARG A 38 -1.44 -13.61 6.03
N MET A 39 -2.12 -12.60 6.52
CA MET A 39 -1.47 -11.37 6.93
C MET A 39 -1.21 -11.37 8.44
N GLY A 40 -1.46 -12.51 9.06
CA GLY A 40 -1.43 -12.67 10.51
C GLY A 40 -0.04 -12.66 11.13
N ALA A 41 0.70 -11.60 10.92
CA ALA A 41 2.01 -11.45 11.55
C ALA A 41 2.50 -9.99 11.59
N GLY A 42 1.72 -9.07 11.07
CA GLY A 42 2.16 -7.68 11.06
C GLY A 42 1.01 -6.70 11.08
N ILE A 43 1.28 -5.44 10.73
CA ILE A 43 0.27 -4.35 10.71
C ILE A 43 -0.92 -4.68 9.79
N ALA A 44 -0.71 -5.63 8.90
CA ALA A 44 -1.75 -6.10 8.03
C ALA A 44 -2.91 -6.72 8.82
N VAL A 45 -2.62 -7.25 10.02
CA VAL A 45 -3.65 -7.82 10.90
C VAL A 45 -4.60 -6.70 11.32
N LEU A 46 -4.01 -5.56 11.66
CA LEU A 46 -4.73 -4.37 12.08
C LEU A 46 -5.73 -3.94 11.00
N PHE A 47 -5.29 -3.93 9.75
CA PHE A 47 -6.18 -3.60 8.63
C PHE A 47 -7.31 -4.62 8.51
N LYS A 48 -6.95 -5.90 8.66
CA LYS A 48 -7.91 -6.97 8.54
C LYS A 48 -9.00 -6.84 9.62
N LYS A 49 -8.57 -6.52 10.83
CA LYS A 49 -9.47 -6.30 11.95
C LYS A 49 -10.36 -5.07 11.71
N LYS A 50 -9.73 -3.94 11.43
CA LYS A 50 -10.43 -2.67 11.31
C LYS A 50 -11.34 -2.57 10.09
N PHE A 51 -10.94 -3.15 8.98
CA PHE A 51 -11.71 -2.98 7.76
C PHE A 51 -12.49 -4.21 7.35
N GLY A 52 -12.10 -5.38 7.84
CA GLY A 52 -12.79 -6.60 7.45
C GLY A 52 -12.51 -6.94 6.00
N GLY A 53 -11.26 -7.20 5.72
CA GLY A 53 -10.83 -7.41 4.35
C GLY A 53 -10.96 -8.82 3.82
N VAL A 54 -10.91 -9.83 4.69
CA VAL A 54 -10.80 -11.25 4.25
C VAL A 54 -11.83 -11.67 3.20
N GLN A 55 -13.10 -11.47 3.46
CA GLN A 55 -14.11 -11.92 2.53
C GLN A 55 -14.09 -11.09 1.27
N GLU A 56 -13.91 -9.80 1.41
CA GLU A 56 -13.89 -8.92 0.27
C GLU A 56 -12.74 -9.28 -0.68
N LEU A 57 -11.63 -9.73 -0.12
CA LEU A 57 -10.50 -10.14 -0.91
C LEU A 57 -10.81 -11.45 -1.65
N LEU A 58 -11.52 -12.34 -0.97
CA LEU A 58 -11.93 -13.62 -1.55
C LEU A 58 -13.03 -13.42 -2.58
N ASN A 59 -13.81 -12.37 -2.37
CA ASN A 59 -14.87 -11.99 -3.27
C ASN A 59 -14.27 -11.44 -4.56
N GLN A 60 -13.17 -10.70 -4.43
CA GLN A 60 -12.46 -10.16 -5.60
C GLN A 60 -11.76 -11.27 -6.38
N GLN A 61 -11.29 -12.30 -5.66
CA GLN A 61 -10.53 -13.40 -6.24
C GLN A 61 -9.24 -12.90 -6.86
N LYS A 62 -8.59 -12.04 -6.12
CA LYS A 62 -7.30 -11.47 -6.46
C LYS A 62 -6.22 -12.55 -6.67
N LYS A 63 -5.17 -12.17 -7.29
CA LYS A 63 -4.07 -13.06 -7.63
C LYS A 63 -2.77 -12.29 -7.51
N SER A 64 -1.67 -13.01 -7.45
CA SER A 64 -0.34 -12.44 -7.39
C SER A 64 -0.11 -11.47 -8.55
N GLY A 65 0.42 -10.30 -8.24
CA GLY A 65 0.69 -9.31 -9.25
C GLY A 65 -0.45 -8.35 -9.42
N GLU A 66 -1.45 -8.49 -8.60
CA GLU A 66 -2.61 -7.64 -8.65
C GLU A 66 -2.73 -6.83 -7.39
N VAL A 67 -3.65 -5.92 -7.42
CA VAL A 67 -3.93 -5.10 -6.30
C VAL A 67 -5.40 -5.25 -5.96
N ALA A 68 -5.67 -5.60 -4.76
CA ALA A 68 -7.01 -5.75 -4.30
C ALA A 68 -7.35 -4.55 -3.48
N VAL A 69 -8.39 -3.88 -3.83
CA VAL A 69 -8.75 -2.68 -3.15
C VAL A 69 -10.15 -2.76 -2.62
N LEU A 70 -10.35 -2.21 -1.47
CA LEU A 70 -11.63 -2.21 -0.85
C LEU A 70 -12.01 -0.81 -0.57
N LYS A 71 -13.24 -0.47 -0.79
CA LYS A 71 -13.70 0.80 -0.38
C LYS A 71 -14.31 0.61 0.97
N ARG A 72 -13.68 1.14 1.96
CA ARG A 72 -14.13 0.94 3.31
C ARG A 72 -13.98 2.25 4.06
N ASP A 73 -15.00 2.60 4.86
CA ASP A 73 -15.00 3.86 5.66
C ASP A 73 -14.85 5.09 4.72
N GLY A 74 -15.30 4.92 3.48
CA GLY A 74 -15.22 5.97 2.49
C GLY A 74 -13.82 6.15 1.91
N ARG A 75 -12.92 5.23 2.23
CA ARG A 75 -11.55 5.30 1.76
C ARG A 75 -11.23 4.08 0.95
N TYR A 76 -10.07 4.08 0.34
CA TYR A 76 -9.60 2.92 -0.36
C TYR A 76 -8.49 2.25 0.40
N ILE A 77 -8.54 0.95 0.44
CA ILE A 77 -7.56 0.17 1.12
C ILE A 77 -6.95 -0.76 0.10
N TYR A 78 -5.68 -0.60 -0.12
CA TYR A 78 -4.98 -1.37 -1.11
C TYR A 78 -4.25 -2.54 -0.51
N TYR A 79 -4.43 -3.67 -1.13
CA TYR A 79 -3.76 -4.88 -0.79
C TYR A 79 -2.96 -5.32 -1.99
N LEU A 80 -1.68 -5.10 -1.95
CA LEU A 80 -0.80 -5.53 -3.03
C LEU A 80 -0.54 -7.01 -2.86
N ILE A 81 -0.94 -7.78 -3.84
CA ILE A 81 -0.83 -9.21 -3.73
C ILE A 81 0.56 -9.66 -4.16
N THR A 82 1.38 -10.01 -3.18
CA THR A 82 2.75 -10.39 -3.40
C THR A 82 2.90 -11.70 -4.18
N LYS A 83 2.90 -12.82 -3.47
CA LYS A 83 3.07 -14.12 -4.10
C LYS A 83 2.02 -15.08 -3.58
N LYS A 84 1.97 -16.27 -4.15
CA LYS A 84 0.87 -17.20 -3.90
C LYS A 84 0.62 -17.56 -2.42
N ARG A 85 1.65 -17.89 -1.67
CA ARG A 85 1.45 -18.21 -0.25
C ARG A 85 2.44 -17.44 0.61
N ALA A 86 2.20 -17.41 1.92
CA ALA A 86 2.98 -16.59 2.86
C ALA A 86 4.42 -17.06 3.05
N SER A 87 4.66 -18.35 2.89
CA SER A 87 6.00 -18.88 3.07
C SER A 87 6.88 -18.62 1.83
N HIS A 88 6.28 -18.04 0.79
CA HIS A 88 7.01 -17.73 -0.44
C HIS A 88 7.80 -16.46 -0.22
N LYS A 89 9.02 -16.43 -0.71
CA LYS A 89 9.85 -15.26 -0.56
C LYS A 89 9.53 -14.32 -1.75
N PRO A 90 9.03 -13.11 -1.44
CA PRO A 90 8.60 -12.12 -2.46
C PRO A 90 9.64 -11.83 -3.52
N THR A 91 9.17 -11.66 -4.74
CA THR A 91 10.04 -11.32 -5.82
C THR A 91 9.75 -9.85 -6.17
N TYR A 92 10.71 -9.16 -6.73
CA TYR A 92 10.54 -7.76 -7.06
C TYR A 92 9.59 -7.57 -8.24
N GLU A 93 9.60 -8.56 -9.12
CA GLU A 93 8.73 -8.62 -10.28
C GLU A 93 7.26 -8.58 -9.80
N ASN A 94 6.93 -9.45 -8.84
CA ASN A 94 5.58 -9.53 -8.28
C ASN A 94 5.19 -8.22 -7.62
N LEU A 95 6.13 -7.66 -6.89
CA LEU A 95 5.90 -6.43 -6.16
C LEU A 95 5.64 -5.26 -7.09
N GLN A 96 6.43 -5.15 -8.16
CA GLN A 96 6.31 -4.04 -9.09
C GLN A 96 4.94 -4.04 -9.74
N LYS A 97 4.52 -5.20 -10.23
CA LYS A 97 3.23 -5.34 -10.93
C LYS A 97 2.08 -4.88 -10.05
N SER A 98 2.20 -5.14 -8.77
CA SER A 98 1.21 -4.75 -7.82
C SER A 98 1.18 -3.21 -7.68
N LEU A 99 2.37 -2.60 -7.59
CA LEU A 99 2.51 -1.15 -7.50
C LEU A 99 1.95 -0.47 -8.76
N GLU A 100 2.25 -1.07 -9.89
CA GLU A 100 1.84 -0.53 -11.20
C GLU A 100 0.32 -0.53 -11.34
N ALA A 101 -0.31 -1.52 -10.76
CA ALA A 101 -1.75 -1.61 -10.79
C ALA A 101 -2.37 -0.56 -9.86
N MET A 102 -1.77 -0.42 -8.69
CA MET A 102 -2.23 0.47 -7.71
C MET A 102 -2.19 1.93 -8.18
N LYS A 103 -1.09 2.34 -8.82
CA LYS A 103 -0.97 3.70 -9.32
C LYS A 103 -2.03 4.00 -10.37
N SER A 104 -2.29 3.03 -11.21
CA SER A 104 -3.30 3.14 -12.25
C SER A 104 -4.67 3.38 -11.62
N HIS A 105 -4.98 2.60 -10.58
CA HIS A 105 -6.24 2.75 -9.84
C HIS A 105 -6.34 4.14 -9.25
N CYS A 106 -5.26 4.59 -8.63
CA CYS A 106 -5.22 5.87 -7.98
C CYS A 106 -5.51 7.01 -8.95
N LEU A 107 -4.80 7.04 -10.07
CA LEU A 107 -5.00 8.08 -11.09
C LEU A 107 -6.42 8.05 -11.65
N LYS A 108 -6.93 6.86 -11.85
CA LYS A 108 -8.26 6.65 -12.39
C LYS A 108 -9.37 7.08 -11.40
N ASN A 109 -9.11 6.92 -10.11
CA ASN A 109 -10.12 7.28 -9.09
C ASN A 109 -9.93 8.69 -8.58
N GLY A 110 -8.79 9.27 -8.88
CA GLY A 110 -8.48 10.58 -8.38
C GLY A 110 -8.00 10.50 -6.95
N VAL A 111 -7.25 9.45 -6.67
CA VAL A 111 -6.67 9.21 -5.38
C VAL A 111 -5.20 9.60 -5.43
N THR A 112 -4.90 10.73 -4.87
CA THR A 112 -3.57 11.29 -4.93
C THR A 112 -2.91 11.40 -3.56
N ASP A 113 -3.56 10.90 -2.56
CA ASP A 113 -3.05 10.97 -1.20
C ASP A 113 -3.13 9.57 -0.60
N LEU A 114 -1.99 8.93 -0.43
CA LEU A 114 -1.95 7.55 -0.01
C LEU A 114 -0.91 7.37 1.09
N SER A 115 -1.32 6.77 2.18
CA SER A 115 -0.44 6.46 3.26
C SER A 115 -0.22 4.95 3.39
N MET A 116 0.99 4.57 3.63
CA MET A 116 1.39 3.19 3.80
C MET A 116 2.45 3.15 4.89
N PRO A 117 2.74 1.98 5.47
CA PRO A 117 3.81 1.88 6.44
C PRO A 117 5.11 1.58 5.70
N ARG A 118 6.15 1.24 6.42
CA ARG A 118 7.39 0.90 5.76
C ARG A 118 7.31 -0.53 5.22
N ILE A 119 6.76 -0.65 4.04
CA ILE A 119 6.63 -1.92 3.40
C ILE A 119 7.93 -2.31 2.70
N GLY A 120 8.56 -3.31 3.22
CA GLY A 120 9.82 -3.73 2.69
C GLY A 120 10.79 -4.02 3.81
N CYS A 121 10.40 -4.97 4.68
CA CYS A 121 11.22 -5.31 5.84
C CYS A 121 10.70 -6.55 6.61
N GLY A 122 9.48 -6.44 7.17
CA GLY A 122 8.92 -7.52 8.02
C GLY A 122 8.56 -8.79 7.27
N LEU A 123 7.26 -9.02 7.10
CA LEU A 123 6.74 -10.21 6.37
C LEU A 123 7.20 -10.18 4.92
N ASP A 124 7.53 -8.98 4.49
CA ASP A 124 8.01 -8.69 3.16
C ASP A 124 9.36 -9.34 2.88
N ARG A 125 10.24 -9.35 3.90
CA ARG A 125 11.56 -10.01 3.83
C ARG A 125 12.54 -9.36 2.84
N LEU A 126 12.18 -8.22 2.28
CA LEU A 126 13.04 -7.53 1.33
C LEU A 126 13.62 -6.31 2.02
N GLN A 127 14.45 -5.60 1.31
CA GLN A 127 15.01 -4.37 1.83
C GLN A 127 14.25 -3.20 1.27
N TRP A 128 13.96 -2.24 2.13
CA TRP A 128 13.31 -0.99 1.76
C TRP A 128 14.11 -0.28 0.68
N GLU A 129 15.43 -0.51 0.68
CA GLU A 129 16.35 0.01 -0.32
C GLU A 129 15.82 -0.28 -1.73
N ASN A 130 15.39 -1.52 -1.96
CA ASN A 130 14.86 -1.94 -3.26
C ASN A 130 13.47 -1.40 -3.45
N VAL A 131 12.64 -1.59 -2.44
CA VAL A 131 11.22 -1.27 -2.50
C VAL A 131 10.96 0.22 -2.71
N SER A 132 11.55 1.05 -1.86
CA SER A 132 11.40 2.50 -1.95
C SER A 132 11.80 3.00 -3.32
N ALA A 133 12.90 2.46 -3.83
CA ALA A 133 13.42 2.83 -5.13
C ALA A 133 12.40 2.49 -6.21
N MET A 134 11.88 1.28 -6.14
CA MET A 134 10.87 0.80 -7.08
C MET A 134 9.66 1.72 -7.07
N ILE A 135 9.17 2.03 -5.88
CA ILE A 135 8.02 2.88 -5.70
C ILE A 135 8.29 4.29 -6.25
N GLU A 136 9.44 4.87 -5.89
CA GLU A 136 9.74 6.23 -6.30
C GLU A 136 9.91 6.38 -7.80
N GLU A 137 10.38 5.32 -8.47
CA GLU A 137 10.50 5.33 -9.93
C GLU A 137 9.14 5.14 -10.61
N VAL A 138 8.39 4.14 -10.18
CA VAL A 138 7.10 3.81 -10.78
C VAL A 138 6.04 4.93 -10.57
N PHE A 139 6.10 5.60 -9.44
CA PHE A 139 5.16 6.69 -9.13
C PHE A 139 5.78 8.07 -9.43
N GLU A 140 6.94 8.09 -10.06
CA GLU A 140 7.71 9.34 -10.26
C GLU A 140 6.96 10.47 -10.97
N ALA A 141 6.20 10.13 -11.95
CA ALA A 141 5.54 11.15 -12.74
C ALA A 141 4.08 11.34 -12.33
N THR A 142 3.71 10.85 -11.18
CA THR A 142 2.33 10.97 -10.77
C THR A 142 2.13 12.09 -9.75
N ASP A 143 0.88 12.42 -9.49
CA ASP A 143 0.50 13.42 -8.48
C ASP A 143 0.20 12.71 -7.18
N ILE A 144 0.53 11.45 -7.15
CA ILE A 144 0.27 10.62 -6.01
C ILE A 144 1.30 10.88 -4.94
N LYS A 145 0.84 11.23 -3.79
CA LYS A 145 1.68 11.41 -2.66
C LYS A 145 1.65 10.18 -1.83
N ILE A 146 2.78 9.71 -1.48
CA ILE A 146 2.91 8.53 -0.70
C ILE A 146 3.53 8.83 0.61
N THR A 147 2.78 8.69 1.61
CA THR A 147 3.23 9.00 2.92
C THR A 147 3.44 7.72 3.72
N VAL A 148 4.62 7.54 4.27
CA VAL A 148 4.88 6.39 5.06
C VAL A 148 4.84 6.75 6.51
N TYR A 149 4.05 6.06 7.25
CA TYR A 149 3.98 6.25 8.66
C TYR A 149 4.92 5.32 9.33
N THR A 150 5.80 5.87 10.05
CA THR A 150 6.85 5.16 10.65
C THR A 150 6.79 5.26 12.16
N LEU A 151 6.75 4.14 12.83
CA LEU A 151 6.78 4.10 14.27
C LEU A 151 8.24 4.01 14.71
N1 APR B . 1.17 2.44 12.05
C2 APR B . 2.34 2.83 11.54
N3 APR B . 3.37 2.03 11.57
C4 APR B . 3.29 0.81 12.10
C5 APR B . 2.12 0.38 12.63
C6 APR B . 1.03 1.22 12.60
N6 APR B . -0.13 0.84 13.12
N7 APR B . 2.30 -0.85 13.09
C8 APR B . 3.59 -1.18 12.84
N9 APR B . 4.18 -0.13 12.24
C1' APR B . 5.61 0.00 11.80
C2' APR B . 6.47 -1.21 12.32
O2' APR B . 7.40 -0.79 13.26
C3' APR B . 7.17 -1.71 11.05
O3' APR B . 8.42 -1.14 10.90
O4' APR B . 5.74 0.06 10.37
C4' APR B . 6.20 -1.20 9.92
C5' APR B . 5.07 -2.23 9.72
O5' APR B . 5.57 -3.57 9.83
PA APR B . 5.15 -4.69 8.75
O1A APR B . 4.62 -5.95 9.35
O2A APR B . 6.47 -4.98 7.84
O3A APR B . 4.09 -4.01 7.77
PB APR B . 3.46 -4.86 6.57
O1B APR B . 2.79 -4.03 5.52
O2B APR B . 2.40 -5.91 7.21
O5D APR B . 4.66 -5.73 5.96
C5D APR B . 4.48 -7.12 5.70
O4D APR B . 3.28 -6.14 3.81
O1D APR B . 5.58 -5.52 3.64
C1D APR B . 4.42 -6.06 2.95
O2D APR B . 4.19 -7.78 1.23
C2D APR B . 4.72 -7.54 2.48
O3D APR B . 2.97 -9.17 3.01
C3D APR B . 3.99 -8.39 3.53
C4D APR B . 3.46 -7.32 4.55
H2 APR B . 2.45 3.81 11.09
H61 APR B . -0.23 -0.07 13.52
H62 APR B . -0.91 1.47 13.09
H8 APR B . 4.03 -2.14 13.11
H'1 APR B . 6.02 1.01 11.67
H'2 APR B . 6.16 -1.85 13.15
HO'2 APR B . 7.58 0.18 13.14
H'3 APR B . 7.74 -2.63 10.98
HO'3 APR B . 8.50 -0.35 11.52
H'4 APR B . 6.50 -0.57 9.10
H5'1 APR B . 4.64 -2.07 8.73
H5'2 APR B . 4.29 -2.06 10.47
HOA2 APR B . 7.28 -4.93 8.41
HOB2 APR B . 1.48 -5.53 7.14
H5R1 APR B . 4.11 -7.60 6.60
H5R2 APR B . 5.45 -7.54 5.42
HOR1 APR B . 6.21 -5.13 2.96
HR'1 APR B . 3.71 -5.39 2.49
HOR2 APR B . 3.82 -8.72 1.19
HR'2 APR B . 5.63 -7.85 1.96
HOR3 APR B . 2.56 -8.70 2.23
HR'3 APR B . 4.38 -9.37 3.80
HR'4 APR B . 2.41 -7.13 4.72
N SER A 2 1.04 23.30 14.75
CA SER A 2 1.97 23.54 13.70
C SER A 2 1.41 23.09 12.36
N SER A 3 0.56 23.91 11.78
CA SER A 3 -0.06 23.61 10.53
C SER A 3 0.91 23.93 9.40
N LEU A 4 1.20 22.94 8.60
CA LEU A 4 2.16 23.08 7.53
C LEU A 4 1.62 23.87 6.36
N ASN A 5 1.97 25.13 6.31
CA ASN A 5 1.59 25.99 5.19
C ASN A 5 2.78 26.07 4.23
N GLU A 6 3.79 25.30 4.55
CA GLU A 6 5.01 25.19 3.78
C GLU A 6 4.81 24.11 2.72
N ASP A 7 5.87 23.74 2.04
CA ASP A 7 5.79 22.63 1.11
C ASP A 7 5.88 21.36 1.93
N PRO A 8 4.95 20.41 1.71
CA PRO A 8 4.88 19.14 2.48
C PRO A 8 6.23 18.48 2.77
N GLU A 9 7.02 18.28 1.75
CA GLU A 9 8.33 17.66 1.90
C GLU A 9 9.19 17.89 0.68
N GLY A 10 8.66 17.57 -0.45
CA GLY A 10 9.39 17.68 -1.68
C GLY A 10 10.10 16.39 -1.98
N SER A 11 9.41 15.31 -1.76
CA SER A 11 9.93 14.01 -1.97
C SER A 11 8.80 13.15 -2.50
N ARG A 12 9.12 12.13 -3.25
CA ARG A 12 8.09 11.28 -3.79
C ARG A 12 7.53 10.36 -2.70
N ILE A 13 8.43 9.86 -1.88
CA ILE A 13 8.04 9.13 -0.68
C ILE A 13 8.40 9.98 0.52
N THR A 14 7.43 10.24 1.34
CA THR A 14 7.63 11.02 2.53
C THR A 14 7.71 10.09 3.74
N TYR A 15 8.68 10.32 4.58
CA TYR A 15 8.88 9.52 5.77
C TYR A 15 8.46 10.30 6.99
N VAL A 16 7.46 9.79 7.68
CA VAL A 16 6.98 10.40 8.90
C VAL A 16 6.87 9.34 9.98
N LYS A 17 7.20 9.70 11.19
CA LYS A 17 7.10 8.78 12.28
C LYS A 17 5.77 8.89 12.95
N GLY A 18 5.16 7.77 13.10
CA GLY A 18 3.86 7.70 13.70
C GLY A 18 3.10 6.50 13.20
N ASP A 19 2.07 6.11 13.93
CA ASP A 19 1.24 4.97 13.57
C ASP A 19 0.36 5.31 12.36
N LEU A 20 0.21 4.37 11.45
CA LEU A 20 -0.53 4.58 10.23
C LEU A 20 -2.03 4.82 10.48
N PHE A 21 -2.58 4.29 11.53
CA PHE A 21 -4.00 4.46 11.80
C PHE A 21 -4.32 5.85 12.35
N ALA A 22 -3.29 6.64 12.57
CA ALA A 22 -3.42 8.00 13.07
C ALA A 22 -3.49 9.00 11.89
N CYS A 23 -3.53 8.48 10.66
CA CYS A 23 -3.56 9.32 9.45
C CYS A 23 -4.90 10.03 9.25
N PRO A 24 -4.87 11.19 8.55
CA PRO A 24 -6.07 11.91 8.14
C PRO A 24 -7.04 11.00 7.38
N LYS A 25 -8.32 11.23 7.58
CA LYS A 25 -9.39 10.42 6.95
C LYS A 25 -9.39 10.53 5.42
N THR A 26 -8.83 11.60 4.95
CA THR A 26 -8.80 11.92 3.53
C THR A 26 -7.73 11.15 2.73
N ASP A 27 -6.76 10.56 3.41
CA ASP A 27 -5.72 9.79 2.72
C ASP A 27 -6.14 8.34 2.64
N SER A 28 -5.85 7.70 1.54
CA SER A 28 -6.14 6.28 1.43
C SER A 28 -5.02 5.44 2.08
N LEU A 29 -5.29 4.18 2.29
CA LEU A 29 -4.40 3.28 3.00
C LEU A 29 -4.00 2.12 2.12
N ALA A 30 -2.76 1.73 2.19
CA ALA A 30 -2.27 0.58 1.44
C ALA A 30 -1.41 -0.28 2.32
N HIS A 31 -1.34 -1.56 2.01
CA HIS A 31 -0.50 -2.47 2.75
C HIS A 31 -0.23 -3.74 1.99
N CYS A 32 0.71 -4.48 2.49
CA CYS A 32 1.18 -5.70 1.89
C CYS A 32 0.55 -6.92 2.56
N ILE A 33 0.20 -7.92 1.74
CA ILE A 33 -0.28 -9.23 2.19
C ILE A 33 0.10 -10.26 1.13
N SER A 34 -0.13 -11.51 1.41
CA SER A 34 0.20 -12.57 0.46
C SER A 34 -1.02 -12.91 -0.42
N GLU A 35 -0.80 -13.73 -1.44
CA GLU A 35 -1.85 -14.17 -2.38
C GLU A 35 -2.91 -14.98 -1.67
N ASP A 36 -2.49 -15.75 -0.69
CA ASP A 36 -3.39 -16.59 0.10
C ASP A 36 -4.22 -15.70 1.04
N CYS A 37 -3.90 -14.39 1.02
CA CYS A 37 -4.57 -13.37 1.81
C CYS A 37 -4.32 -13.58 3.29
N ARG A 38 -3.14 -14.05 3.61
CA ARG A 38 -2.73 -14.19 4.98
C ARG A 38 -2.01 -12.94 5.38
N MET A 39 -2.46 -12.34 6.45
CA MET A 39 -1.86 -11.13 6.94
C MET A 39 -0.71 -11.44 7.87
N GLY A 40 -0.76 -12.63 8.45
CA GLY A 40 0.29 -13.12 9.32
C GLY A 40 0.30 -12.47 10.67
N ALA A 41 0.62 -11.20 10.68
CA ALA A 41 0.78 -10.38 11.88
C ALA A 41 1.15 -8.96 11.46
N GLY A 42 1.58 -8.16 12.41
CA GLY A 42 2.07 -6.83 12.11
C GLY A 42 1.00 -5.86 11.66
N ILE A 43 1.32 -5.08 10.66
CA ILE A 43 0.44 -4.05 10.13
C ILE A 43 -0.75 -4.64 9.37
N ALA A 44 -0.54 -5.74 8.68
CA ALA A 44 -1.59 -6.32 7.87
C ALA A 44 -2.77 -6.81 8.72
N VAL A 45 -2.49 -7.35 9.90
CA VAL A 45 -3.58 -7.79 10.78
C VAL A 45 -4.33 -6.61 11.37
N LEU A 46 -3.64 -5.51 11.59
CA LEU A 46 -4.27 -4.30 12.11
C LEU A 46 -5.39 -3.83 11.17
N PHE A 47 -5.13 -3.91 9.88
CA PHE A 47 -6.15 -3.62 8.90
C PHE A 47 -7.21 -4.72 8.87
N LYS A 48 -6.77 -5.95 9.06
CA LYS A 48 -7.64 -7.13 9.02
C LYS A 48 -8.82 -7.04 10.02
N LYS A 49 -8.55 -6.57 11.24
CA LYS A 49 -9.61 -6.40 12.24
C LYS A 49 -10.57 -5.26 11.86
N LYS A 50 -10.01 -4.17 11.38
CA LYS A 50 -10.76 -2.95 11.17
C LYS A 50 -11.43 -2.94 9.78
N PHE A 51 -10.88 -3.67 8.86
CA PHE A 51 -11.35 -3.74 7.52
C PHE A 51 -11.38 -5.19 7.13
N GLY A 52 -12.53 -5.79 7.29
CA GLY A 52 -12.76 -7.17 6.92
C GLY A 52 -12.64 -7.41 5.43
N GLY A 53 -11.43 -7.41 4.96
CA GLY A 53 -11.17 -7.56 3.56
C GLY A 53 -11.14 -8.97 3.08
N VAL A 54 -10.81 -9.91 3.96
CA VAL A 54 -10.52 -11.32 3.58
C VAL A 54 -11.59 -11.92 2.64
N GLN A 55 -12.85 -11.81 3.00
CA GLN A 55 -13.93 -12.34 2.19
C GLN A 55 -13.96 -11.69 0.81
N GLU A 56 -13.88 -10.38 0.81
CA GLU A 56 -13.92 -9.60 -0.42
C GLU A 56 -12.71 -9.90 -1.29
N LEU A 57 -11.60 -10.16 -0.66
CA LEU A 57 -10.35 -10.42 -1.37
C LEU A 57 -10.42 -11.75 -2.09
N LEU A 58 -10.95 -12.75 -1.41
CA LEU A 58 -11.10 -14.08 -2.00
C LEU A 58 -12.11 -14.03 -3.16
N ASN A 59 -13.07 -13.13 -3.02
CA ASN A 59 -14.10 -12.92 -4.01
C ASN A 59 -13.58 -12.19 -5.24
N GLN A 60 -12.69 -11.23 -5.04
CA GLN A 60 -12.13 -10.48 -6.16
C GLN A 60 -11.10 -11.31 -6.92
N GLN A 61 -10.52 -12.29 -6.21
CA GLN A 61 -9.53 -13.23 -6.76
C GLN A 61 -8.33 -12.52 -7.35
N LYS A 62 -7.37 -12.27 -6.52
CA LYS A 62 -6.16 -11.65 -6.94
C LYS A 62 -5.00 -12.56 -6.76
N LYS A 63 -4.12 -12.54 -7.73
CA LYS A 63 -2.95 -13.36 -7.72
C LYS A 63 -1.75 -12.47 -7.53
N SER A 64 -0.61 -13.08 -7.27
CA SER A 64 0.64 -12.37 -7.09
C SER A 64 0.90 -11.35 -8.21
N GLY A 65 1.14 -10.11 -7.83
CA GLY A 65 1.35 -9.06 -8.79
C GLY A 65 0.10 -8.23 -9.07
N GLU A 66 -0.92 -8.41 -8.26
CA GLU A 66 -2.17 -7.67 -8.41
C GLU A 66 -2.51 -6.92 -7.12
N VAL A 67 -3.53 -6.09 -7.19
CA VAL A 67 -3.96 -5.36 -6.04
C VAL A 67 -5.47 -5.49 -5.87
N ALA A 68 -5.91 -5.59 -4.67
CA ALA A 68 -7.30 -5.61 -4.37
C ALA A 68 -7.61 -4.36 -3.58
N VAL A 69 -8.73 -3.73 -3.85
CA VAL A 69 -9.05 -2.49 -3.19
C VAL A 69 -10.44 -2.57 -2.60
N LEU A 70 -10.63 -1.93 -1.49
CA LEU A 70 -11.91 -1.84 -0.85
C LEU A 70 -12.20 -0.38 -0.60
N LYS A 71 -13.36 0.10 -0.98
CA LYS A 71 -13.72 1.45 -0.66
C LYS A 71 -14.36 1.45 0.70
N ARG A 72 -13.71 2.05 1.64
CA ARG A 72 -14.17 2.05 3.02
C ARG A 72 -14.08 3.46 3.57
N ASP A 73 -15.19 3.98 4.08
CA ASP A 73 -15.27 5.34 4.69
C ASP A 73 -14.89 6.42 3.66
N GLY A 74 -15.12 6.12 2.40
CA GLY A 74 -14.80 7.05 1.33
C GLY A 74 -13.30 7.11 1.02
N ARG A 75 -12.54 6.19 1.58
CA ARG A 75 -11.13 6.13 1.32
C ARG A 75 -10.84 4.75 0.74
N TYR A 76 -9.71 4.58 0.14
CA TYR A 76 -9.40 3.31 -0.46
C TYR A 76 -8.40 2.53 0.31
N ILE A 77 -8.55 1.23 0.28
CA ILE A 77 -7.66 0.35 0.99
C ILE A 77 -7.03 -0.56 -0.04
N TYR A 78 -5.73 -0.47 -0.17
CA TYR A 78 -5.01 -1.26 -1.15
C TYR A 78 -4.35 -2.47 -0.54
N TYR A 79 -4.54 -3.58 -1.18
CA TYR A 79 -3.93 -4.82 -0.81
C TYR A 79 -3.00 -5.29 -1.89
N LEU A 80 -1.72 -5.10 -1.68
CA LEU A 80 -0.72 -5.56 -2.63
C LEU A 80 -0.55 -7.05 -2.46
N ILE A 81 -0.85 -7.78 -3.50
CA ILE A 81 -0.74 -9.21 -3.45
C ILE A 81 0.67 -9.61 -3.86
N THR A 82 1.46 -9.94 -2.88
CA THR A 82 2.87 -10.20 -3.06
C THR A 82 3.20 -11.53 -3.71
N LYS A 83 3.17 -12.59 -2.95
CA LYS A 83 3.56 -13.88 -3.44
C LYS A 83 2.51 -14.88 -2.98
N LYS A 84 2.57 -16.10 -3.49
CA LYS A 84 1.53 -17.12 -3.26
C LYS A 84 1.31 -17.36 -1.74
N ARG A 85 2.40 -17.54 -1.02
CA ARG A 85 2.37 -17.82 0.41
C ARG A 85 3.34 -16.92 1.11
N ALA A 86 3.11 -16.64 2.37
CA ALA A 86 3.96 -15.73 3.15
C ALA A 86 5.35 -16.34 3.40
N SER A 87 5.42 -17.65 3.34
CA SER A 87 6.68 -18.35 3.50
C SER A 87 7.49 -18.34 2.20
N HIS A 88 6.90 -17.81 1.15
CA HIS A 88 7.58 -17.65 -0.13
C HIS A 88 7.97 -16.21 -0.19
N LYS A 89 9.10 -15.90 -0.73
CA LYS A 89 9.47 -14.51 -0.79
C LYS A 89 8.88 -13.92 -2.06
N PRO A 90 8.30 -12.73 -1.96
CA PRO A 90 7.76 -12.06 -3.13
C PRO A 90 8.86 -11.63 -4.05
N THR A 91 8.62 -11.74 -5.32
CA THR A 91 9.57 -11.31 -6.26
C THR A 91 9.37 -9.81 -6.40
N TYR A 92 10.39 -9.09 -6.78
CA TYR A 92 10.25 -7.66 -6.90
C TYR A 92 9.40 -7.26 -8.08
N GLU A 93 9.43 -8.07 -9.13
CA GLU A 93 8.57 -7.86 -10.29
C GLU A 93 7.08 -7.95 -9.88
N ASN A 94 6.77 -8.91 -9.00
CA ASN A 94 5.40 -9.12 -8.50
C ASN A 94 4.94 -7.87 -7.77
N LEU A 95 5.81 -7.38 -6.90
CA LEU A 95 5.52 -6.20 -6.11
C LEU A 95 5.36 -4.98 -7.01
N GLN A 96 6.23 -4.88 -8.03
CA GLN A 96 6.20 -3.80 -8.99
C GLN A 96 4.82 -3.71 -9.66
N LYS A 97 4.35 -4.85 -10.17
CA LYS A 97 3.05 -4.91 -10.84
C LYS A 97 1.91 -4.53 -9.91
N SER A 98 2.09 -4.86 -8.65
CA SER A 98 1.10 -4.55 -7.64
C SER A 98 1.05 -3.02 -7.42
N LEU A 99 2.22 -2.39 -7.34
CA LEU A 99 2.34 -0.95 -7.17
C LEU A 99 1.75 -0.24 -8.40
N GLU A 100 2.05 -0.82 -9.55
CA GLU A 100 1.54 -0.35 -10.85
C GLU A 100 0.03 -0.31 -10.84
N ALA A 101 -0.55 -1.40 -10.37
CA ALA A 101 -1.98 -1.54 -10.31
C ALA A 101 -2.61 -0.52 -9.37
N MET A 102 -1.95 -0.22 -8.24
CA MET A 102 -2.46 0.82 -7.34
C MET A 102 -2.52 2.13 -8.04
N LYS A 103 -1.44 2.46 -8.71
CA LYS A 103 -1.29 3.69 -9.43
C LYS A 103 -2.39 3.88 -10.47
N SER A 104 -2.53 2.92 -11.35
CA SER A 104 -3.56 2.96 -12.39
C SER A 104 -4.96 3.17 -11.75
N HIS A 105 -5.21 2.46 -10.67
CA HIS A 105 -6.46 2.57 -9.93
C HIS A 105 -6.62 3.97 -9.31
N CYS A 106 -5.53 4.53 -8.82
CA CYS A 106 -5.55 5.83 -8.17
C CYS A 106 -6.06 6.94 -9.08
N LEU A 107 -5.48 7.10 -10.26
CA LEU A 107 -5.92 8.15 -11.19
C LEU A 107 -7.38 7.95 -11.59
N LYS A 108 -7.76 6.71 -11.72
CA LYS A 108 -9.11 6.32 -12.08
C LYS A 108 -10.13 6.70 -10.98
N ASN A 109 -9.73 6.60 -9.73
CA ASN A 109 -10.63 6.90 -8.60
C ASN A 109 -10.40 8.29 -8.01
N GLY A 110 -9.48 9.03 -8.60
CA GLY A 110 -9.20 10.37 -8.10
C GLY A 110 -8.46 10.32 -6.78
N VAL A 111 -7.54 9.40 -6.67
CA VAL A 111 -6.73 9.23 -5.49
C VAL A 111 -5.30 9.65 -5.80
N THR A 112 -4.86 10.71 -5.18
CA THR A 112 -3.53 11.22 -5.40
C THR A 112 -2.70 11.31 -4.13
N ASP A 113 -3.27 10.93 -3.02
CA ASP A 113 -2.54 10.90 -1.76
C ASP A 113 -2.75 9.57 -1.12
N LEU A 114 -1.67 8.91 -0.80
CA LEU A 114 -1.78 7.59 -0.26
C LEU A 114 -0.82 7.44 0.93
N SER A 115 -1.35 6.98 2.04
CA SER A 115 -0.57 6.74 3.22
C SER A 115 -0.41 5.22 3.43
N MET A 116 0.82 4.81 3.60
CA MET A 116 1.13 3.40 3.80
C MET A 116 2.24 3.32 4.83
N PRO A 117 2.52 2.14 5.39
CA PRO A 117 3.65 1.97 6.25
C PRO A 117 4.84 1.56 5.41
N ARG A 118 5.94 1.22 6.02
CA ARG A 118 7.04 0.71 5.24
C ARG A 118 6.78 -0.74 4.91
N ILE A 119 6.16 -0.98 3.79
CA ILE A 119 5.84 -2.31 3.37
C ILE A 119 7.00 -2.93 2.62
N GLY A 120 7.16 -4.21 2.76
CA GLY A 120 8.24 -4.87 2.12
C GLY A 120 9.50 -4.77 2.92
N CYS A 121 9.41 -5.04 4.22
CA CYS A 121 10.57 -4.94 5.06
C CYS A 121 10.62 -6.02 6.14
N GLY A 122 9.49 -6.32 6.74
CA GLY A 122 9.47 -7.23 7.86
C GLY A 122 9.06 -8.61 7.48
N LEU A 123 7.81 -8.91 7.71
CA LEU A 123 7.23 -10.23 7.41
C LEU A 123 7.20 -10.46 5.91
N ASP A 124 7.34 -9.37 5.21
CA ASP A 124 7.30 -9.31 3.75
C ASP A 124 8.51 -10.02 3.15
N ARG A 125 9.56 -10.15 3.98
CA ARG A 125 10.82 -10.81 3.58
C ARG A 125 11.57 -10.05 2.49
N LEU A 126 11.27 -8.76 2.36
CA LEU A 126 11.90 -7.92 1.34
C LEU A 126 12.73 -6.82 1.97
N GLN A 127 13.54 -6.16 1.16
CA GLN A 127 14.36 -5.06 1.61
C GLN A 127 13.69 -3.73 1.26
N TRP A 128 13.44 -2.88 2.25
CA TRP A 128 12.78 -1.58 2.03
C TRP A 128 13.56 -0.68 1.12
N GLU A 129 14.87 -0.77 1.16
CA GLU A 129 15.71 0.01 0.29
C GLU A 129 15.29 -0.23 -1.17
N ASN A 130 14.96 -1.48 -1.45
CA ASN A 130 14.61 -1.91 -2.79
C ASN A 130 13.20 -1.47 -3.11
N VAL A 131 12.32 -1.74 -2.17
CA VAL A 131 10.90 -1.44 -2.29
C VAL A 131 10.66 0.05 -2.46
N SER A 132 11.24 0.84 -1.59
CA SER A 132 11.13 2.29 -1.63
C SER A 132 11.57 2.82 -2.99
N ALA A 133 12.72 2.37 -3.48
CA ALA A 133 13.24 2.79 -4.77
C ALA A 133 12.31 2.37 -5.91
N MET A 134 11.62 1.27 -5.71
CA MET A 134 10.68 0.79 -6.69
C MET A 134 9.45 1.68 -6.71
N ILE A 135 8.90 1.93 -5.52
CA ILE A 135 7.72 2.74 -5.35
C ILE A 135 7.91 4.15 -5.92
N GLU A 136 9.03 4.77 -5.58
CA GLU A 136 9.31 6.12 -6.00
C GLU A 136 9.49 6.23 -7.53
N GLU A 137 9.97 5.16 -8.14
CA GLU A 137 10.13 5.06 -9.57
C GLU A 137 8.75 4.89 -10.24
N VAL A 138 7.96 3.95 -9.71
CA VAL A 138 6.63 3.61 -10.23
C VAL A 138 5.67 4.80 -10.28
N PHE A 139 5.72 5.64 -9.28
CA PHE A 139 4.80 6.78 -9.19
C PHE A 139 5.38 8.09 -9.74
N GLU A 140 6.52 8.01 -10.42
CA GLU A 140 7.18 9.22 -10.95
C GLU A 140 6.30 10.00 -11.94
N ALA A 141 5.60 9.31 -12.77
CA ALA A 141 4.79 9.95 -13.81
C ALA A 141 3.39 10.32 -13.32
N THR A 142 3.21 10.38 -12.01
CA THR A 142 1.92 10.70 -11.46
C THR A 142 2.05 11.72 -10.34
N ASP A 143 0.93 12.37 -9.98
CA ASP A 143 0.92 13.36 -8.89
C ASP A 143 0.57 12.71 -7.58
N ILE A 144 0.64 11.40 -7.58
CA ILE A 144 0.34 10.61 -6.40
C ILE A 144 1.48 10.76 -5.41
N LYS A 145 1.15 11.25 -4.26
CA LYS A 145 2.11 11.47 -3.24
C LYS A 145 1.99 10.39 -2.19
N ILE A 146 3.09 9.76 -1.89
CA ILE A 146 3.09 8.69 -0.94
C ILE A 146 3.76 9.09 0.35
N THR A 147 3.10 8.82 1.41
CA THR A 147 3.60 9.11 2.71
C THR A 147 3.66 7.82 3.50
N VAL A 148 4.83 7.46 3.99
CA VAL A 148 4.96 6.26 4.75
C VAL A 148 5.05 6.57 6.21
N TYR A 149 4.27 5.89 6.95
CA TYR A 149 4.31 6.00 8.36
C TYR A 149 5.23 4.97 8.92
N THR A 150 6.19 5.45 9.62
CA THR A 150 7.21 4.66 10.20
C THR A 150 7.05 4.75 11.70
N LEU A 151 7.01 3.64 12.39
CA LEU A 151 6.77 3.68 13.81
C LEU A 151 8.08 3.92 14.56
N1 APR B . 1.45 2.07 11.20
C2 APR B . 2.57 2.20 10.48
N3 APR B . 3.40 1.18 10.34
C4 APR B . 3.15 0.01 10.92
C5 APR B . 2.02 -0.15 11.66
C6 APR B . 1.16 0.92 11.80
N6 APR B . 0.04 0.80 12.50
N7 APR B . 2.00 -1.40 12.13
C8 APR B . 3.10 -2.02 11.68
N9 APR B . 3.81 -1.13 10.94
C1' APR B . 5.12 -1.38 10.23
C2' APR B . 5.94 -2.44 11.05
O2' APR B . 6.77 -1.81 11.98
C3' APR B . 6.77 -3.17 9.96
O3' APR B . 8.12 -2.82 10.05
O4' APR B . 4.96 -1.91 8.93
C4' APR B . 6.14 -2.66 8.61
C5' APR B . 5.83 -3.89 7.69
O5' APR B . 4.84 -4.73 8.29
PA APR B . 4.84 -6.33 8.02
O1A APR B . 3.96 -7.09 8.94
O2A APR B . 6.38 -6.84 8.15
O3A APR B . 4.42 -6.55 6.48
PB APR B . 2.89 -6.37 6.00
O1B APR B . 2.63 -5.08 5.27
O2B APR B . 1.95 -6.50 7.32
O5D APR B . 2.53 -7.63 5.09
C5D APR B . 2.65 -8.95 5.61
O4D APR B . 4.14 -10.90 5.44
O1D APR B . 2.11 -11.80 6.31
C1D APR B . 3.13 -11.89 5.29
O2D APR B . 2.94 -12.64 2.96
C2D APR B . 2.48 -11.68 3.86
O3D APR B . 3.84 -10.28 2.36
C3D APR B . 2.99 -10.28 3.46
C4D APR B . 3.68 -9.76 4.76
H2 APR B . 2.80 3.15 10.01
H61 APR B . -0.18 -0.08 12.93
H62 APR B . -0.57 1.58 12.58
H8 APR B . 3.38 -3.05 11.88
H'1 APR B . 5.55 -0.57 9.66
H'2 APR B . 5.57 -2.93 11.95
HO'2 APR B . 7.43 -1.25 11.48
H'3 APR B . 7.19 -4.16 10.07
HO'3 APR B . 8.62 -3.28 9.33
H'4 APR B . 6.39 -1.69 8.16
H5'1 APR B . 6.75 -4.46 7.52
H5'2 APR B . 5.44 -3.54 6.73
HOA2 APR B . 6.89 -6.18 8.72
HOB2 APR B . 2.04 -7.41 7.72
H5R1 APR B . 1.68 -9.44 5.57
H5R2 APR B . 2.99 -8.91 6.65
HOR1 APR B . 2.31 -11.02 6.92
HR'1 APR B . 4.03 -12.48 5.44
HOR2 APR B . 3.07 -12.21 2.06
HR'2 APR B . 1.52 -12.08 3.57
HOR3 APR B . 4.71 -9.84 2.62
HR'3 APR B . 2.41 -9.62 2.82
HR'4 APR B . 4.73 -9.55 4.83
N SER A 2 12.46 32.67 11.15
CA SER A 2 11.43 33.11 10.26
C SER A 2 10.38 32.01 10.10
N SER A 3 9.17 32.40 9.80
CA SER A 3 8.12 31.45 9.59
C SER A 3 8.17 30.96 8.16
N LEU A 4 8.71 29.77 7.98
CA LEU A 4 8.84 29.18 6.68
C LEU A 4 8.16 27.84 6.66
N ASN A 5 6.97 27.78 6.09
CA ASN A 5 6.24 26.53 5.99
C ASN A 5 6.90 25.62 4.99
N GLU A 6 7.27 24.46 5.44
CA GLU A 6 7.95 23.51 4.61
C GLU A 6 6.94 22.54 4.00
N ASP A 7 6.66 22.71 2.74
CA ASP A 7 5.72 21.86 2.05
C ASP A 7 6.28 21.42 0.74
N PRO A 8 6.93 20.25 0.70
CA PRO A 8 7.47 19.71 -0.53
C PRO A 8 6.35 19.33 -1.50
N GLU A 9 6.52 19.66 -2.76
CA GLU A 9 5.52 19.39 -3.76
C GLU A 9 5.64 17.94 -4.19
N GLY A 10 6.80 17.64 -4.71
CA GLY A 10 7.07 16.32 -5.19
C GLY A 10 7.71 15.47 -4.16
N SER A 11 6.94 15.08 -3.17
CA SER A 11 7.42 14.20 -2.16
C SER A 11 6.99 12.78 -2.52
N ARG A 12 7.90 12.07 -3.15
CA ARG A 12 7.68 10.72 -3.61
C ARG A 12 7.50 9.79 -2.42
N ILE A 13 8.45 9.82 -1.51
CA ILE A 13 8.33 9.05 -0.29
C ILE A 13 8.29 10.05 0.86
N THR A 14 7.18 10.15 1.51
CA THR A 14 7.03 11.05 2.62
C THR A 14 7.20 10.27 3.91
N TYR A 15 8.02 10.76 4.80
CA TYR A 15 8.24 10.11 6.06
C TYR A 15 7.56 10.87 7.18
N VAL A 16 6.58 10.24 7.77
CA VAL A 16 5.87 10.83 8.86
C VAL A 16 5.98 9.91 10.07
N LYS A 17 6.14 10.49 11.21
CA LYS A 17 6.28 9.73 12.41
C LYS A 17 4.94 9.64 13.12
N GLY A 18 4.45 8.43 13.29
CA GLY A 18 3.19 8.21 13.92
C GLY A 18 2.54 6.93 13.43
N ASP A 19 1.34 6.65 13.92
CA ASP A 19 0.57 5.48 13.56
C ASP A 19 -0.08 5.67 12.22
N LEU A 20 -0.11 4.61 11.41
CA LEU A 20 -0.69 4.67 10.08
C LEU A 20 -2.18 4.95 10.13
N PHE A 21 -2.81 4.51 11.20
CA PHE A 21 -4.24 4.66 11.37
C PHE A 21 -4.68 6.09 11.68
N ALA A 22 -3.72 7.00 11.73
CA ALA A 22 -4.01 8.41 11.96
C ALA A 22 -4.30 9.10 10.61
N CYS A 23 -4.28 8.31 9.57
CA CYS A 23 -4.51 8.72 8.20
C CYS A 23 -5.90 9.36 7.97
N PRO A 24 -5.96 10.55 7.33
CA PRO A 24 -7.22 11.19 6.92
C PRO A 24 -8.00 10.27 5.95
N LYS A 25 -9.30 10.50 5.79
CA LYS A 25 -10.13 9.61 4.95
C LYS A 25 -9.75 9.69 3.47
N THR A 26 -9.11 10.74 3.11
CA THR A 26 -8.64 10.95 1.75
C THR A 26 -7.34 10.15 1.52
N ASP A 27 -6.64 9.92 2.60
CA ASP A 27 -5.36 9.28 2.62
C ASP A 27 -5.57 7.76 2.60
N SER A 28 -5.34 7.16 1.44
CA SER A 28 -5.66 5.76 1.20
C SER A 28 -4.58 4.80 1.70
N LEU A 29 -5.01 3.83 2.49
CA LEU A 29 -4.14 2.86 3.17
C LEU A 29 -3.77 1.70 2.26
N ALA A 30 -2.50 1.37 2.21
CA ALA A 30 -2.01 0.27 1.41
C ALA A 30 -1.07 -0.61 2.19
N HIS A 31 -0.97 -1.86 1.78
CA HIS A 31 -0.03 -2.83 2.34
C HIS A 31 0.04 -4.06 1.46
N CYS A 32 1.01 -4.89 1.69
CA CYS A 32 1.27 -6.01 0.85
C CYS A 32 0.90 -7.32 1.57
N ILE A 33 0.33 -8.27 0.83
CA ILE A 33 -0.05 -9.61 1.35
C ILE A 33 0.02 -10.66 0.24
N SER A 34 -0.19 -11.90 0.59
CA SER A 34 -0.19 -12.97 -0.38
C SER A 34 -1.65 -13.18 -0.90
N GLU A 35 -1.81 -14.04 -1.92
CA GLU A 35 -3.13 -14.33 -2.52
C GLU A 35 -4.07 -14.93 -1.48
N ASP A 36 -3.51 -15.75 -0.59
CA ASP A 36 -4.32 -16.41 0.45
C ASP A 36 -4.55 -15.53 1.65
N CYS A 37 -3.95 -14.35 1.65
CA CYS A 37 -4.07 -13.36 2.72
C CYS A 37 -3.45 -13.87 4.04
N ARG A 38 -2.30 -13.34 4.38
CA ARG A 38 -1.63 -13.72 5.60
C ARG A 38 -1.52 -12.54 6.54
N MET A 39 -2.50 -12.41 7.41
CA MET A 39 -2.54 -11.34 8.38
C MET A 39 -1.99 -11.78 9.73
N GLY A 40 -1.32 -12.92 9.76
CA GLY A 40 -0.83 -13.50 11.01
C GLY A 40 0.28 -12.70 11.72
N ALA A 41 0.66 -11.55 11.18
CA ALA A 41 1.70 -10.73 11.75
C ALA A 41 1.62 -9.34 11.16
N GLY A 42 2.33 -8.42 11.79
CA GLY A 42 2.43 -7.09 11.29
C GLY A 42 1.16 -6.29 11.42
N ILE A 43 1.10 -5.20 10.71
CA ILE A 43 -0.05 -4.32 10.72
C ILE A 43 -1.25 -4.97 9.97
N ALA A 44 -0.95 -6.00 9.18
CA ALA A 44 -1.97 -6.72 8.41
C ALA A 44 -3.08 -7.25 9.32
N VAL A 45 -2.70 -7.74 10.50
CA VAL A 45 -3.67 -8.24 11.48
C VAL A 45 -4.52 -7.08 12.03
N LEU A 46 -3.91 -5.90 12.12
CA LEU A 46 -4.62 -4.71 12.53
C LEU A 46 -5.69 -4.35 11.51
N PHE A 47 -5.32 -4.29 10.22
CA PHE A 47 -6.31 -4.01 9.15
C PHE A 47 -7.39 -5.08 9.10
N LYS A 48 -7.00 -6.28 9.48
CA LYS A 48 -7.90 -7.42 9.56
C LYS A 48 -9.05 -7.07 10.52
N LYS A 49 -8.70 -6.53 11.68
CA LYS A 49 -9.70 -6.03 12.61
C LYS A 49 -10.41 -4.78 12.06
N LYS A 50 -9.61 -3.83 11.54
CA LYS A 50 -10.12 -2.51 11.12
C LYS A 50 -11.19 -2.58 10.05
N PHE A 51 -10.97 -3.39 9.04
CA PHE A 51 -11.92 -3.40 7.93
C PHE A 51 -12.46 -4.79 7.63
N GLY A 52 -11.72 -5.83 8.00
CA GLY A 52 -12.15 -7.19 7.68
C GLY A 52 -12.01 -7.45 6.20
N GLY A 53 -10.95 -6.89 5.63
CA GLY A 53 -10.70 -6.96 4.22
C GLY A 53 -10.49 -8.35 3.69
N VAL A 54 -10.02 -9.26 4.55
CA VAL A 54 -9.68 -10.62 4.15
C VAL A 54 -10.82 -11.32 3.37
N GLN A 55 -12.04 -11.29 3.91
CA GLN A 55 -13.15 -11.93 3.23
C GLN A 55 -13.47 -11.28 1.94
N GLU A 56 -13.45 -9.96 1.91
CA GLU A 56 -13.73 -9.22 0.71
C GLU A 56 -12.81 -9.68 -0.40
N LEU A 57 -11.54 -9.79 -0.07
CA LEU A 57 -10.51 -10.16 -1.04
C LEU A 57 -10.70 -11.59 -1.51
N LEU A 58 -11.00 -12.49 -0.57
CA LEU A 58 -11.24 -13.92 -0.88
C LEU A 58 -12.46 -14.06 -1.77
N ASN A 59 -13.42 -13.22 -1.53
CA ASN A 59 -14.67 -13.19 -2.27
C ASN A 59 -14.47 -12.55 -3.66
N GLN A 60 -13.62 -11.53 -3.74
CA GLN A 60 -13.27 -10.87 -5.00
C GLN A 60 -12.47 -11.79 -5.90
N GLN A 61 -11.53 -12.52 -5.28
CA GLN A 61 -10.59 -13.40 -5.96
C GLN A 61 -9.53 -12.60 -6.69
N LYS A 62 -8.58 -12.11 -5.94
CA LYS A 62 -7.49 -11.33 -6.47
C LYS A 62 -6.23 -12.15 -6.45
N LYS A 63 -5.43 -12.01 -7.47
CA LYS A 63 -4.29 -12.87 -7.65
C LYS A 63 -2.98 -12.12 -7.75
N SER A 64 -1.91 -12.87 -7.69
CA SER A 64 -0.54 -12.41 -7.72
C SER A 64 -0.21 -11.50 -8.91
N GLY A 65 0.46 -10.38 -8.62
CA GLY A 65 0.85 -9.43 -9.67
C GLY A 65 -0.26 -8.45 -9.97
N GLU A 66 -1.22 -8.42 -9.09
CA GLU A 66 -2.37 -7.63 -9.19
C GLU A 66 -2.60 -6.97 -7.82
N VAL A 67 -3.47 -6.00 -7.74
CA VAL A 67 -3.74 -5.34 -6.50
C VAL A 67 -5.22 -5.43 -6.21
N ALA A 68 -5.55 -5.59 -4.96
CA ALA A 68 -6.92 -5.61 -4.55
C ALA A 68 -7.20 -4.31 -3.84
N VAL A 69 -8.31 -3.70 -4.14
CA VAL A 69 -8.64 -2.45 -3.51
C VAL A 69 -10.03 -2.55 -2.94
N LEU A 70 -10.23 -1.98 -1.80
CA LEU A 70 -11.51 -1.98 -1.19
C LEU A 70 -11.90 -0.56 -0.89
N LYS A 71 -13.09 -0.17 -1.30
CA LYS A 71 -13.57 1.11 -0.90
C LYS A 71 -14.27 0.89 0.42
N ARG A 72 -13.68 1.38 1.44
CA ARG A 72 -14.20 1.22 2.77
C ARG A 72 -13.99 2.51 3.53
N ASP A 73 -14.96 2.93 4.31
CA ASP A 73 -14.83 4.13 5.19
C ASP A 73 -14.50 5.41 4.36
N GLY A 74 -14.95 5.40 3.12
CA GLY A 74 -14.73 6.53 2.23
C GLY A 74 -13.31 6.62 1.73
N ARG A 75 -12.50 5.65 2.08
CA ARG A 75 -11.13 5.62 1.68
C ARG A 75 -10.87 4.36 0.88
N TYR A 76 -9.72 4.28 0.27
CA TYR A 76 -9.35 3.10 -0.46
C TYR A 76 -8.30 2.33 0.27
N ILE A 77 -8.36 1.04 0.15
CA ILE A 77 -7.43 0.18 0.83
C ILE A 77 -6.79 -0.69 -0.22
N TYR A 78 -5.49 -0.58 -0.36
CA TYR A 78 -4.77 -1.32 -1.36
C TYR A 78 -4.05 -2.52 -0.78
N TYR A 79 -4.24 -3.65 -1.42
CA TYR A 79 -3.58 -4.87 -1.05
C TYR A 79 -2.74 -5.35 -2.20
N LEU A 80 -1.45 -5.25 -2.05
CA LEU A 80 -0.53 -5.72 -3.04
C LEU A 80 -0.46 -7.23 -2.93
N ILE A 81 -0.93 -7.92 -3.95
CA ILE A 81 -0.95 -9.37 -3.92
C ILE A 81 0.35 -9.92 -4.53
N THR A 82 1.13 -10.55 -3.69
CA THR A 82 2.44 -11.07 -4.06
C THR A 82 2.39 -12.44 -4.72
N LYS A 83 2.29 -13.46 -3.90
CA LYS A 83 2.21 -14.83 -4.31
C LYS A 83 1.17 -15.49 -3.46
N LYS A 84 0.92 -16.76 -3.64
CA LYS A 84 -0.18 -17.40 -2.93
C LYS A 84 0.04 -17.54 -1.42
N ARG A 85 1.19 -18.05 -1.01
CA ARG A 85 1.40 -18.33 0.40
C ARG A 85 2.71 -17.80 0.89
N ALA A 86 2.84 -17.69 2.21
CA ALA A 86 4.03 -17.14 2.87
C ALA A 86 5.25 -18.03 2.64
N SER A 87 5.02 -19.28 2.28
CA SER A 87 6.08 -20.22 2.00
C SER A 87 6.73 -19.89 0.64
N HIS A 88 6.15 -18.95 -0.06
CA HIS A 88 6.66 -18.51 -1.32
C HIS A 88 7.19 -17.12 -1.05
N LYS A 89 8.40 -16.81 -1.45
CA LYS A 89 8.91 -15.47 -1.18
C LYS A 89 8.51 -14.55 -2.31
N PRO A 90 8.15 -13.30 -1.99
CA PRO A 90 7.76 -12.36 -3.01
C PRO A 90 8.96 -11.80 -3.76
N THR A 91 8.81 -11.63 -5.02
CA THR A 91 9.83 -11.10 -5.81
C THR A 91 9.57 -9.64 -6.04
N TYR A 92 10.60 -8.91 -6.38
CA TYR A 92 10.46 -7.49 -6.71
C TYR A 92 9.57 -7.31 -7.91
N GLU A 93 9.61 -8.30 -8.79
CA GLU A 93 8.79 -8.34 -9.98
C GLU A 93 7.30 -8.27 -9.60
N ASN A 94 6.89 -9.12 -8.66
CA ASN A 94 5.49 -9.14 -8.19
C ASN A 94 5.14 -7.86 -7.47
N LEU A 95 6.11 -7.31 -6.77
CA LEU A 95 5.90 -6.08 -6.02
C LEU A 95 5.70 -4.92 -6.98
N GLN A 96 6.55 -4.83 -7.99
CA GLN A 96 6.47 -3.77 -8.96
C GLN A 96 5.11 -3.76 -9.64
N LYS A 97 4.67 -4.92 -10.07
CA LYS A 97 3.43 -5.01 -10.80
C LYS A 97 2.21 -4.75 -9.95
N SER A 98 2.32 -4.98 -8.67
CA SER A 98 1.25 -4.66 -7.79
C SER A 98 1.25 -3.13 -7.49
N LEU A 99 2.46 -2.55 -7.35
CA LEU A 99 2.62 -1.10 -7.16
C LEU A 99 2.11 -0.35 -8.38
N GLU A 100 2.46 -0.88 -9.55
CA GLU A 100 2.05 -0.30 -10.83
C GLU A 100 0.54 -0.38 -11.01
N ALA A 101 -0.06 -1.37 -10.42
CA ALA A 101 -1.49 -1.52 -10.48
C ALA A 101 -2.17 -0.46 -9.59
N MET A 102 -1.52 -0.11 -8.46
CA MET A 102 -2.07 0.90 -7.54
C MET A 102 -2.13 2.25 -8.20
N LYS A 103 -1.03 2.65 -8.84
CA LYS A 103 -0.95 3.95 -9.47
C LYS A 103 -2.05 4.16 -10.50
N SER A 104 -2.29 3.15 -11.32
CA SER A 104 -3.32 3.20 -12.32
C SER A 104 -4.70 3.44 -11.66
N HIS A 105 -5.02 2.65 -10.63
CA HIS A 105 -6.29 2.80 -9.90
C HIS A 105 -6.41 4.20 -9.29
N CYS A 106 -5.31 4.69 -8.75
CA CYS A 106 -5.27 5.99 -8.14
C CYS A 106 -5.58 7.06 -9.18
N LEU A 107 -4.89 7.01 -10.31
CA LEU A 107 -5.07 7.99 -11.39
C LEU A 107 -6.50 7.98 -11.93
N LYS A 108 -7.09 6.79 -12.02
CA LYS A 108 -8.47 6.64 -12.51
C LYS A 108 -9.46 7.38 -11.61
N ASN A 109 -9.24 7.28 -10.32
CA ASN A 109 -10.17 7.85 -9.36
C ASN A 109 -9.77 9.25 -8.91
N GLY A 110 -8.55 9.64 -9.17
CA GLY A 110 -8.09 10.93 -8.73
C GLY A 110 -7.53 10.88 -7.33
N VAL A 111 -7.13 9.70 -6.92
CA VAL A 111 -6.58 9.47 -5.61
C VAL A 111 -5.08 9.76 -5.64
N THR A 112 -4.70 10.86 -5.06
CA THR A 112 -3.32 11.28 -5.09
C THR A 112 -2.69 11.23 -3.70
N ASP A 113 -3.39 10.68 -2.75
CA ASP A 113 -2.89 10.57 -1.39
C ASP A 113 -2.92 9.13 -0.96
N LEU A 114 -1.76 8.53 -0.86
CA LEU A 114 -1.69 7.13 -0.51
C LEU A 114 -0.74 6.98 0.67
N SER A 115 -1.16 6.23 1.65
CA SER A 115 -0.40 5.99 2.82
C SER A 115 -0.11 4.53 3.00
N MET A 116 1.06 4.25 3.46
CA MET A 116 1.50 2.93 3.69
C MET A 116 2.41 2.93 4.90
N PRO A 117 2.56 1.83 5.59
CA PRO A 117 3.43 1.76 6.72
C PRO A 117 4.84 1.41 6.27
N ARG A 118 5.68 1.07 7.21
CA ARG A 118 7.03 0.66 6.89
C ARG A 118 7.06 -0.76 6.35
N ILE A 119 6.72 -0.86 5.09
CA ILE A 119 6.71 -2.11 4.38
C ILE A 119 8.03 -2.28 3.67
N GLY A 120 8.08 -3.24 2.76
CA GLY A 120 9.27 -3.48 1.98
C GLY A 120 10.44 -3.92 2.81
N CYS A 121 10.16 -4.57 3.94
CA CYS A 121 11.20 -4.99 4.82
C CYS A 121 10.84 -6.21 5.67
N GLY A 122 10.03 -5.99 6.70
CA GLY A 122 9.70 -7.02 7.69
C GLY A 122 9.04 -8.25 7.12
N LEU A 123 7.74 -8.20 6.98
CA LEU A 123 6.97 -9.34 6.48
C LEU A 123 7.23 -9.56 5.01
N ASP A 124 7.65 -8.50 4.38
CA ASP A 124 7.88 -8.43 2.95
C ASP A 124 9.05 -9.28 2.54
N ARG A 125 10.08 -9.36 3.41
CA ARG A 125 11.30 -10.13 3.15
C ARG A 125 12.18 -9.51 2.08
N LEU A 126 11.91 -8.27 1.76
CA LEU A 126 12.65 -7.53 0.76
C LEU A 126 13.43 -6.39 1.43
N GLN A 127 14.29 -5.72 0.69
CA GLN A 127 15.03 -4.58 1.22
C GLN A 127 14.39 -3.27 0.80
N TRP A 128 14.18 -2.38 1.77
CA TRP A 128 13.53 -1.09 1.55
C TRP A 128 14.31 -0.21 0.59
N GLU A 129 15.62 -0.38 0.58
CA GLU A 129 16.46 0.35 -0.34
C GLU A 129 15.98 0.13 -1.79
N ASN A 130 15.66 -1.11 -2.11
CA ASN A 130 15.15 -1.43 -3.44
C ASN A 130 13.71 -0.99 -3.58
N VAL A 131 12.92 -1.34 -2.57
CA VAL A 131 11.47 -1.08 -2.56
C VAL A 131 11.15 0.41 -2.72
N SER A 132 11.75 1.23 -1.87
CA SER A 132 11.50 2.65 -1.89
C SER A 132 11.91 3.28 -3.21
N ALA A 133 13.00 2.78 -3.81
CA ALA A 133 13.46 3.28 -5.10
C ALA A 133 12.45 2.93 -6.17
N MET A 134 11.98 1.69 -6.11
CA MET A 134 10.96 1.19 -7.01
C MET A 134 9.71 2.06 -6.91
N ILE A 135 9.24 2.26 -5.69
CA ILE A 135 8.05 3.04 -5.42
C ILE A 135 8.19 4.47 -5.95
N GLU A 136 9.31 5.13 -5.63
CA GLU A 136 9.48 6.51 -6.00
C GLU A 136 9.59 6.69 -7.51
N GLU A 137 10.10 5.67 -8.20
CA GLU A 137 10.22 5.70 -9.63
C GLU A 137 8.86 5.44 -10.29
N VAL A 138 8.12 4.49 -9.77
CA VAL A 138 6.81 4.15 -10.31
C VAL A 138 5.82 5.33 -10.15
N PHE A 139 5.87 5.99 -9.03
CA PHE A 139 4.97 7.10 -8.75
C PHE A 139 5.58 8.50 -9.02
N GLU A 140 6.78 8.56 -9.61
CA GLU A 140 7.48 9.86 -9.77
C GLU A 140 6.75 10.85 -10.66
N ALA A 141 6.20 10.37 -11.72
CA ALA A 141 5.58 11.23 -12.71
C ALA A 141 4.09 11.39 -12.46
N THR A 142 3.64 10.94 -11.32
CA THR A 142 2.26 11.09 -10.98
C THR A 142 2.08 12.18 -9.94
N ASP A 143 0.86 12.56 -9.70
CA ASP A 143 0.55 13.58 -8.70
C ASP A 143 0.30 12.95 -7.35
N ILE A 144 0.63 11.70 -7.23
CA ILE A 144 0.40 10.92 -6.04
C ILE A 144 1.52 11.15 -5.02
N LYS A 145 1.11 11.46 -3.80
CA LYS A 145 2.03 11.60 -2.70
C LYS A 145 1.94 10.36 -1.86
N ILE A 146 3.05 9.70 -1.69
CA ILE A 146 3.10 8.53 -0.87
C ILE A 146 3.70 8.85 0.45
N THR A 147 3.02 8.48 1.47
CA THR A 147 3.45 8.76 2.80
C THR A 147 3.57 7.48 3.61
N VAL A 148 4.74 7.26 4.19
CA VAL A 148 4.95 6.10 4.99
C VAL A 148 4.89 6.53 6.45
N TYR A 149 4.13 5.83 7.22
CA TYR A 149 4.02 6.13 8.62
C TYR A 149 5.01 5.29 9.39
N THR A 150 5.87 5.97 10.10
CA THR A 150 6.89 5.33 10.87
C THR A 150 6.67 5.62 12.35
N LEU A 151 6.44 4.59 13.11
CA LEU A 151 6.15 4.71 14.52
C LEU A 151 7.43 4.90 15.32
N1 APR B . 0.94 2.16 11.83
C2 APR B . 2.00 2.06 11.00
N3 APR B . 2.72 0.94 10.95
C4 APR B . 2.42 -0.11 11.73
C5 APR B . 1.34 -0.03 12.57
C6 APR B . 0.60 1.12 12.62
N6 APR B . -0.43 1.23 13.43
N7 APR B . 1.24 -1.19 13.21
C8 APR B . 2.24 -1.98 12.78
N9 APR B . 2.96 -1.31 11.87
C1' APR B . 4.19 -1.83 11.15
C2' APR B . 4.13 -3.38 11.06
O2' APR B . 4.66 -3.95 12.20
C3' APR B . 5.01 -3.67 9.84
O3' APR B . 6.31 -4.00 10.22
O4' APR B . 4.26 -1.35 9.82
C4' APR B . 5.00 -2.31 9.04
C5' APR B . 4.33 -2.53 7.66
O5' APR B . 4.46 -3.87 7.21
PA APR B . 3.15 -4.73 6.98
O1A APR B . 2.05 -3.95 6.31
O2A APR B . 2.67 -5.24 8.45
O3A APR B . 3.53 -6.02 6.14
PB APR B . 2.64 -6.40 4.87
O1B APR B . 2.88 -5.54 3.67
O2B APR B . 1.08 -6.32 5.32
O5D APR B . 2.94 -7.96 4.56
C5D APR B . 3.90 -8.32 3.56
O4D APR B . 2.78 -10.49 3.98
O1D APR B . 1.06 -11.98 3.24
C1D APR B . 2.49 -11.71 3.26
O2D APR B . 3.89 -12.55 1.43
C2D APR B . 3.00 -11.52 1.77
O3D APR B . 4.93 -10.14 1.11
C3D APR B . 3.72 -10.16 1.80
C4D APR B . 3.88 -9.86 3.33
H2 APR B . 2.30 2.91 10.39
H61 APR B . -0.68 0.46 14.02
H62 APR B . -0.97 2.07 13.46
H8 APR B . 2.41 -3.00 13.11
H'1 APR B . 5.11 -1.24 11.18
H'2 APR B . 3.28 -3.98 11.35
HO'2 APR B . 4.41 -3.41 13.00
H'3 APR B . 5.07 -4.65 9.36
HO'3 APR B . 6.95 -3.40 9.75
H'4 APR B . 5.73 -1.52 9.18
H5'1 APR B . 4.73 -1.84 6.92
H5'2 APR B . 3.27 -2.32 7.79
HOA2 APR B . 2.87 -6.23 8.53
HOB2 APR B . 0.50 -6.20 4.52
H5R1 APR B . 3.68 -7.80 2.63
H5R2 APR B . 4.89 -8.03 3.91
HOR1 APR B . 0.65 -11.69 4.11
HR'1 APR B . 3.12 -12.07 4.07
HOR2 APR B . 4.28 -12.36 0.53
HR'2 APR B . 2.48 -11.92 0.91
HOR3 APR B . 5.33 -9.23 1.15
HR'3 APR B . 3.47 -9.39 1.08
HR'4 APR B . 4.40 -10.51 4.02
N SER A 2 3.69 41.73 -1.86
CA SER A 2 3.55 40.52 -2.59
C SER A 2 3.73 39.38 -1.59
N SER A 3 3.57 38.17 -2.02
CA SER A 3 3.69 37.06 -1.14
C SER A 3 4.36 35.93 -1.88
N LEU A 4 5.06 35.09 -1.17
CA LEU A 4 5.77 33.98 -1.75
C LEU A 4 5.72 32.78 -0.82
N ASN A 5 4.83 31.88 -1.10
CA ASN A 5 4.66 30.67 -0.31
C ASN A 5 5.60 29.60 -0.77
N GLU A 6 6.40 29.11 0.13
CA GLU A 6 7.31 28.04 -0.18
C GLU A 6 6.70 26.72 0.24
N ASP A 7 5.95 26.14 -0.65
CA ASP A 7 5.30 24.87 -0.40
C ASP A 7 5.98 23.80 -1.21
N PRO A 8 6.56 22.79 -0.53
CA PRO A 8 7.21 21.67 -1.21
C PRO A 8 6.21 20.86 -2.03
N GLU A 9 6.61 20.46 -3.21
CA GLU A 9 5.76 19.71 -4.08
C GLU A 9 6.58 18.61 -4.72
N GLY A 10 6.34 17.43 -4.25
CA GLY A 10 6.99 16.25 -4.76
C GLY A 10 6.19 15.07 -4.34
N SER A 11 5.81 14.23 -5.26
CA SER A 11 4.95 13.16 -4.90
C SER A 11 5.39 11.76 -5.34
N ARG A 12 6.18 11.11 -4.49
CA ARG A 12 6.42 9.71 -4.65
C ARG A 12 6.54 9.05 -3.27
N ILE A 13 7.43 9.57 -2.40
CA ILE A 13 7.57 9.06 -1.04
C ILE A 13 7.77 10.18 -0.03
N THR A 14 6.92 10.24 0.94
CA THR A 14 7.06 11.15 2.03
C THR A 14 7.28 10.34 3.31
N TYR A 15 8.41 10.55 3.96
CA TYR A 15 8.71 9.83 5.18
C TYR A 15 8.27 10.58 6.40
N VAL A 16 7.42 9.97 7.16
CA VAL A 16 6.99 10.50 8.42
C VAL A 16 7.08 9.41 9.49
N LYS A 17 7.53 9.76 10.64
CA LYS A 17 7.68 8.83 11.72
C LYS A 17 6.49 8.91 12.64
N GLY A 18 5.71 7.89 12.60
CA GLY A 18 4.50 7.81 13.39
C GLY A 18 3.69 6.61 13.04
N ASP A 19 2.51 6.49 13.61
CA ASP A 19 1.61 5.34 13.38
C ASP A 19 0.82 5.57 12.09
N LEU A 20 0.56 4.51 11.32
CA LEU A 20 -0.13 4.66 10.03
C LEU A 20 -1.61 5.05 10.20
N PHE A 21 -2.21 4.67 11.29
CA PHE A 21 -3.62 4.95 11.51
C PHE A 21 -3.86 6.39 11.92
N ALA A 22 -2.78 7.16 11.99
CA ALA A 22 -2.84 8.57 12.32
C ALA A 22 -3.16 9.41 11.06
N CYS A 23 -3.31 8.74 9.91
CA CYS A 23 -3.64 9.39 8.62
C CYS A 23 -5.05 10.01 8.63
N PRO A 24 -5.31 11.00 7.72
CA PRO A 24 -6.63 11.61 7.53
C PRO A 24 -7.66 10.60 6.98
N LYS A 25 -8.91 11.02 6.93
CA LYS A 25 -10.03 10.18 6.47
C LYS A 25 -10.03 10.02 4.95
N THR A 26 -9.54 11.02 4.28
CA THR A 26 -9.51 11.05 2.84
C THR A 26 -8.27 10.32 2.28
N ASP A 27 -7.35 10.00 3.16
CA ASP A 27 -6.12 9.37 2.75
C ASP A 27 -6.34 7.85 2.66
N SER A 28 -5.81 7.23 1.61
CA SER A 28 -6.03 5.81 1.38
C SER A 28 -4.90 4.96 1.97
N LEU A 29 -5.27 3.87 2.63
CA LEU A 29 -4.32 3.01 3.32
C LEU A 29 -3.95 1.79 2.49
N ALA A 30 -2.68 1.57 2.32
CA ALA A 30 -2.20 0.42 1.58
C ALA A 30 -1.31 -0.45 2.45
N HIS A 31 -1.18 -1.71 2.07
CA HIS A 31 -0.31 -2.67 2.73
C HIS A 31 -0.20 -3.93 1.91
N CYS A 32 0.83 -4.70 2.13
CA CYS A 32 1.06 -5.90 1.37
C CYS A 32 0.60 -7.12 2.14
N ILE A 33 0.07 -8.07 1.41
CA ILE A 33 -0.32 -9.38 1.91
C ILE A 33 -0.12 -10.38 0.79
N SER A 34 -0.28 -11.63 1.06
CA SER A 34 -0.11 -12.64 0.06
C SER A 34 -1.47 -12.93 -0.62
N GLU A 35 -1.46 -13.74 -1.69
CA GLU A 35 -2.72 -14.14 -2.39
C GLU A 35 -3.65 -14.85 -1.43
N ASP A 36 -3.05 -15.64 -0.54
CA ASP A 36 -3.76 -16.42 0.47
C ASP A 36 -4.32 -15.48 1.57
N CYS A 37 -3.96 -14.19 1.45
CA CYS A 37 -4.43 -13.10 2.30
C CYS A 37 -4.08 -13.31 3.76
N ARG A 38 -2.88 -13.83 4.01
CA ARG A 38 -2.42 -14.04 5.37
C ARG A 38 -2.12 -12.72 6.04
N MET A 39 -3.10 -12.29 6.80
CA MET A 39 -3.15 -10.99 7.40
C MET A 39 -2.58 -11.03 8.83
N GLY A 40 -2.58 -12.22 9.41
CA GLY A 40 -2.27 -12.38 10.82
C GLY A 40 -0.78 -12.44 11.18
N ALA A 41 0.00 -11.44 10.78
CA ALA A 41 1.43 -11.42 11.14
C ALA A 41 2.07 -10.03 11.05
N GLY A 42 1.29 -9.03 10.75
CA GLY A 42 1.86 -7.70 10.60
C GLY A 42 0.85 -6.65 10.91
N ILE A 43 1.04 -5.45 10.36
CA ILE A 43 0.11 -4.32 10.57
C ILE A 43 -1.28 -4.67 10.02
N ALA A 44 -1.29 -5.68 9.18
CA ALA A 44 -2.48 -6.22 8.58
C ALA A 44 -3.48 -6.69 9.66
N VAL A 45 -2.97 -7.09 10.85
CA VAL A 45 -3.84 -7.51 11.95
C VAL A 45 -4.73 -6.36 12.42
N LEU A 46 -4.19 -5.15 12.33
CA LEU A 46 -4.87 -3.95 12.74
C LEU A 46 -5.96 -3.60 11.73
N PHE A 47 -5.64 -3.74 10.45
CA PHE A 47 -6.58 -3.46 9.39
C PHE A 47 -7.76 -4.43 9.40
N LYS A 48 -7.50 -5.70 9.74
CA LYS A 48 -8.50 -6.75 9.68
C LYS A 48 -9.76 -6.45 10.53
N LYS A 49 -9.59 -5.82 11.70
CA LYS A 49 -10.72 -5.48 12.56
C LYS A 49 -11.58 -4.41 11.91
N LYS A 50 -10.93 -3.37 11.44
CA LYS A 50 -11.61 -2.22 10.90
C LYS A 50 -12.14 -2.51 9.51
N PHE A 51 -11.40 -3.27 8.76
CA PHE A 51 -11.73 -3.52 7.40
C PHE A 51 -11.76 -5.01 7.18
N GLY A 52 -12.92 -5.58 7.39
CA GLY A 52 -13.16 -6.99 7.11
C GLY A 52 -13.05 -7.27 5.62
N GLY A 53 -11.83 -7.33 5.15
CA GLY A 53 -11.52 -7.52 3.77
C GLY A 53 -11.45 -8.95 3.30
N VAL A 54 -11.16 -9.88 4.21
CA VAL A 54 -10.77 -11.27 3.85
C VAL A 54 -11.70 -11.93 2.82
N GLN A 55 -13.00 -11.92 3.05
CA GLN A 55 -13.91 -12.55 2.12
C GLN A 55 -13.92 -11.83 0.77
N GLU A 56 -13.94 -10.51 0.82
CA GLU A 56 -13.95 -9.70 -0.39
C GLU A 56 -12.66 -9.89 -1.19
N LEU A 57 -11.55 -10.06 -0.50
CA LEU A 57 -10.26 -10.23 -1.14
C LEU A 57 -10.18 -11.57 -1.85
N LEU A 58 -10.71 -12.58 -1.21
CA LEU A 58 -10.74 -13.91 -1.78
C LEU A 58 -11.77 -13.99 -2.90
N ASN A 59 -12.82 -13.19 -2.79
CA ASN A 59 -13.89 -13.12 -3.80
C ASN A 59 -13.34 -12.49 -5.07
N GLN A 60 -12.47 -11.50 -4.90
CA GLN A 60 -11.87 -10.81 -6.04
C GLN A 60 -10.90 -11.70 -6.80
N GLN A 61 -10.26 -12.63 -6.07
CA GLN A 61 -9.31 -13.59 -6.63
C GLN A 61 -8.14 -12.91 -7.33
N LYS A 62 -7.22 -12.45 -6.54
CA LYS A 62 -6.06 -11.78 -7.04
C LYS A 62 -4.83 -12.61 -6.92
N LYS A 63 -3.99 -12.54 -7.92
CA LYS A 63 -2.74 -13.26 -7.95
C LYS A 63 -1.57 -12.32 -7.85
N SER A 64 -0.38 -12.89 -7.69
CA SER A 64 0.87 -12.15 -7.56
C SER A 64 0.97 -11.00 -8.60
N GLY A 65 1.21 -9.79 -8.11
CA GLY A 65 1.36 -8.66 -8.98
C GLY A 65 0.09 -7.86 -9.15
N GLU A 66 -0.92 -8.17 -8.37
CA GLU A 66 -2.17 -7.46 -8.42
C GLU A 66 -2.46 -6.77 -7.12
N VAL A 67 -3.51 -5.98 -7.11
CA VAL A 67 -3.92 -5.28 -5.92
C VAL A 67 -5.40 -5.51 -5.73
N ALA A 68 -5.82 -5.59 -4.51
CA ALA A 68 -7.22 -5.67 -4.19
C ALA A 68 -7.58 -4.43 -3.43
N VAL A 69 -8.67 -3.80 -3.78
CA VAL A 69 -9.03 -2.54 -3.15
C VAL A 69 -10.40 -2.67 -2.56
N LEU A 70 -10.60 -2.02 -1.46
CA LEU A 70 -11.88 -1.97 -0.83
C LEU A 70 -12.25 -0.52 -0.58
N LYS A 71 -13.47 -0.16 -0.83
CA LYS A 71 -13.93 1.17 -0.49
C LYS A 71 -14.39 1.11 0.96
N ARG A 72 -13.68 1.76 1.78
CA ARG A 72 -13.90 1.72 3.20
C ARG A 72 -13.77 3.09 3.83
N ASP A 73 -14.80 3.51 4.53
CA ASP A 73 -14.82 4.77 5.32
C ASP A 73 -14.55 5.99 4.41
N GLY A 74 -14.92 5.86 3.16
CA GLY A 74 -14.74 6.93 2.21
C GLY A 74 -13.34 6.97 1.60
N ARG A 75 -12.49 6.05 2.00
CA ARG A 75 -11.14 6.01 1.49
C ARG A 75 -10.95 4.67 0.80
N TYR A 76 -9.84 4.49 0.15
CA TYR A 76 -9.54 3.23 -0.44
C TYR A 76 -8.53 2.47 0.33
N ILE A 77 -8.63 1.17 0.29
CA ILE A 77 -7.72 0.32 1.01
C ILE A 77 -7.05 -0.57 0.02
N TYR A 78 -5.76 -0.47 -0.09
CA TYR A 78 -5.02 -1.21 -1.08
C TYR A 78 -4.32 -2.40 -0.47
N TYR A 79 -4.62 -3.54 -0.98
CA TYR A 79 -3.98 -4.76 -0.61
C TYR A 79 -3.09 -5.21 -1.74
N LEU A 80 -1.80 -5.01 -1.58
CA LEU A 80 -0.86 -5.43 -2.58
C LEU A 80 -0.69 -6.92 -2.48
N ILE A 81 -1.15 -7.61 -3.50
CA ILE A 81 -1.07 -9.03 -3.54
C ILE A 81 0.29 -9.42 -4.06
N THR A 82 1.13 -9.75 -3.14
CA THR A 82 2.52 -10.06 -3.39
C THR A 82 2.73 -11.36 -4.14
N LYS A 83 2.52 -12.45 -3.46
CA LYS A 83 2.69 -13.75 -4.02
C LYS A 83 1.78 -14.69 -3.22
N LYS A 84 1.74 -15.98 -3.54
CA LYS A 84 0.75 -16.89 -2.90
C LYS A 84 0.81 -16.92 -1.38
N ARG A 85 2.00 -17.11 -0.82
CA ARG A 85 2.11 -17.30 0.62
C ARG A 85 3.37 -16.67 1.17
N ALA A 86 3.34 -16.34 2.46
CA ALA A 86 4.46 -15.70 3.16
C ALA A 86 5.65 -16.64 3.31
N SER A 87 5.37 -17.94 3.22
CA SER A 87 6.39 -18.96 3.26
C SER A 87 7.17 -18.99 1.93
N HIS A 88 6.68 -18.26 0.95
CA HIS A 88 7.33 -18.11 -0.33
C HIS A 88 8.03 -16.77 -0.28
N LYS A 89 8.90 -16.50 -1.19
CA LYS A 89 9.54 -15.21 -1.16
C LYS A 89 8.95 -14.34 -2.25
N PRO A 90 8.58 -13.10 -1.92
CA PRO A 90 8.12 -12.17 -2.94
C PRO A 90 9.30 -11.63 -3.73
N THR A 91 9.05 -11.31 -4.95
CA THR A 91 10.07 -10.78 -5.80
C THR A 91 9.79 -9.28 -5.98
N TYR A 92 10.81 -8.49 -6.27
CA TYR A 92 10.62 -7.06 -6.50
C TYR A 92 9.76 -6.83 -7.73
N GLU A 93 9.85 -7.73 -8.70
CA GLU A 93 9.00 -7.71 -9.88
C GLU A 93 7.51 -7.78 -9.47
N ASN A 94 7.21 -8.62 -8.48
CA ASN A 94 5.84 -8.82 -8.00
C ASN A 94 5.31 -7.53 -7.42
N LEU A 95 6.11 -6.94 -6.54
CA LEU A 95 5.77 -5.67 -5.91
C LEU A 95 5.56 -4.59 -6.94
N GLN A 96 6.44 -4.56 -7.92
CA GLN A 96 6.39 -3.57 -8.97
C GLN A 96 5.04 -3.63 -9.68
N LYS A 97 4.60 -4.83 -10.01
CA LYS A 97 3.32 -5.05 -10.68
C LYS A 97 2.17 -4.55 -9.80
N SER A 98 2.23 -4.87 -8.50
CA SER A 98 1.21 -4.47 -7.58
C SER A 98 1.18 -2.93 -7.38
N LEU A 99 2.36 -2.32 -7.31
CA LEU A 99 2.47 -0.86 -7.17
C LEU A 99 1.88 -0.16 -8.40
N GLU A 100 2.14 -0.76 -9.56
CA GLU A 100 1.62 -0.27 -10.85
C GLU A 100 0.10 -0.26 -10.84
N ALA A 101 -0.46 -1.28 -10.23
CA ALA A 101 -1.88 -1.43 -10.13
C ALA A 101 -2.50 -0.35 -9.24
N MET A 102 -1.86 -0.05 -8.09
CA MET A 102 -2.37 1.02 -7.21
C MET A 102 -2.37 2.33 -7.91
N LYS A 103 -1.26 2.62 -8.57
CA LYS A 103 -1.09 3.85 -9.29
C LYS A 103 -2.19 4.06 -10.31
N SER A 104 -2.39 3.08 -11.14
CA SER A 104 -3.42 3.10 -12.15
C SER A 104 -4.82 3.27 -11.51
N HIS A 105 -5.08 2.52 -10.43
CA HIS A 105 -6.35 2.61 -9.70
C HIS A 105 -6.56 4.03 -9.13
N CYS A 106 -5.50 4.61 -8.60
CA CYS A 106 -5.57 5.93 -8.01
C CYS A 106 -5.92 6.97 -9.05
N LEU A 107 -5.23 6.93 -10.18
CA LEU A 107 -5.48 7.88 -11.26
C LEU A 107 -6.92 7.75 -11.78
N LYS A 108 -7.38 6.52 -11.89
CA LYS A 108 -8.72 6.20 -12.36
C LYS A 108 -9.80 6.77 -11.42
N ASN A 109 -9.55 6.73 -10.12
CA ASN A 109 -10.55 7.14 -9.12
C ASN A 109 -10.26 8.51 -8.52
N GLY A 110 -9.25 9.19 -9.04
CA GLY A 110 -8.91 10.52 -8.54
C GLY A 110 -8.39 10.48 -7.11
N VAL A 111 -7.60 9.49 -6.82
CA VAL A 111 -7.02 9.31 -5.51
C VAL A 111 -5.56 9.75 -5.55
N THR A 112 -5.28 10.85 -4.92
CA THR A 112 -3.95 11.40 -4.92
C THR A 112 -3.28 11.25 -3.57
N ASP A 113 -3.93 10.58 -2.67
CA ASP A 113 -3.42 10.45 -1.30
C ASP A 113 -3.41 9.00 -0.88
N LEU A 114 -2.22 8.47 -0.68
CA LEU A 114 -2.06 7.08 -0.32
C LEU A 114 -0.99 7.00 0.80
N SER A 115 -1.31 6.30 1.85
CA SER A 115 -0.37 6.10 2.92
C SER A 115 -0.07 4.62 3.09
N MET A 116 1.13 4.33 3.49
CA MET A 116 1.55 2.97 3.64
C MET A 116 2.54 2.86 4.79
N PRO A 117 2.69 1.67 5.37
CA PRO A 117 3.65 1.42 6.41
C PRO A 117 4.95 0.93 5.78
N ARG A 118 5.78 0.25 6.53
CA ARG A 118 6.98 -0.31 5.94
C ARG A 118 6.62 -1.52 5.09
N ILE A 119 6.39 -1.30 3.83
CA ILE A 119 6.15 -2.39 2.93
C ILE A 119 7.46 -2.92 2.42
N GLY A 120 7.91 -3.88 3.11
CA GLY A 120 9.15 -4.48 2.85
C GLY A 120 9.78 -4.83 4.14
N CYS A 121 10.67 -5.78 4.12
CA CYS A 121 11.42 -6.19 5.32
C CYS A 121 10.58 -7.01 6.32
N GLY A 122 9.26 -6.97 6.22
CA GLY A 122 8.42 -7.78 7.11
C GLY A 122 8.41 -9.24 6.70
N LEU A 123 7.24 -9.79 6.44
CA LEU A 123 7.15 -11.19 5.93
C LEU A 123 7.68 -11.19 4.50
N ASP A 124 7.64 -10.01 3.93
CA ASP A 124 8.16 -9.70 2.61
C ASP A 124 9.65 -10.07 2.47
N ARG A 125 10.40 -9.83 3.54
CA ARG A 125 11.81 -10.21 3.61
C ARG A 125 12.75 -9.47 2.65
N LEU A 126 12.24 -8.54 1.88
CA LEU A 126 13.06 -7.77 0.96
C LEU A 126 13.60 -6.53 1.69
N GLN A 127 14.39 -5.73 1.02
CA GLN A 127 14.98 -4.57 1.67
C GLN A 127 14.17 -3.31 1.34
N TRP A 128 13.90 -2.48 2.34
CA TRP A 128 13.14 -1.25 2.13
C TRP A 128 13.80 -0.31 1.18
N GLU A 129 15.10 -0.15 1.29
CA GLU A 129 15.86 0.70 0.38
C GLU A 129 15.52 0.36 -1.07
N ASN A 130 15.31 -0.91 -1.31
CA ASN A 130 15.04 -1.42 -2.64
C ASN A 130 13.60 -1.14 -3.04
N VAL A 131 12.67 -1.44 -2.12
CA VAL A 131 11.23 -1.23 -2.36
C VAL A 131 10.94 0.26 -2.52
N SER A 132 11.55 1.06 -1.67
CA SER A 132 11.42 2.49 -1.71
C SER A 132 11.88 3.04 -3.07
N ALA A 133 13.01 2.54 -3.58
CA ALA A 133 13.52 2.95 -4.88
C ALA A 133 12.54 2.55 -5.99
N MET A 134 11.83 1.47 -5.75
CA MET A 134 10.83 0.96 -6.67
C MET A 134 9.63 1.92 -6.72
N ILE A 135 9.13 2.26 -5.54
CA ILE A 135 7.97 3.14 -5.39
C ILE A 135 8.25 4.50 -6.06
N GLU A 136 9.45 5.04 -5.81
CA GLU A 136 9.86 6.32 -6.40
C GLU A 136 9.90 6.26 -7.92
N GLU A 137 10.19 5.09 -8.44
CA GLU A 137 10.25 4.86 -9.84
C GLU A 137 8.84 4.76 -10.42
N VAL A 138 8.04 3.89 -9.83
CA VAL A 138 6.68 3.61 -10.27
C VAL A 138 5.78 4.86 -10.26
N PHE A 139 5.82 5.60 -9.17
CA PHE A 139 4.93 6.75 -8.99
C PHE A 139 5.57 8.09 -9.38
N GLU A 140 6.76 8.05 -9.97
CA GLU A 140 7.50 9.28 -10.32
C GLU A 140 6.72 10.20 -11.25
N ALA A 141 6.04 9.61 -12.18
CA ALA A 141 5.30 10.34 -13.18
C ALA A 141 3.89 10.72 -12.73
N THR A 142 3.57 10.50 -11.47
CA THR A 142 2.23 10.77 -10.98
C THR A 142 2.21 11.78 -9.86
N ASP A 143 1.02 12.32 -9.59
CA ASP A 143 0.79 13.31 -8.53
C ASP A 143 0.35 12.63 -7.26
N ILE A 144 0.50 11.33 -7.22
CA ILE A 144 0.07 10.55 -6.10
C ILE A 144 1.00 10.77 -4.91
N LYS A 145 0.43 11.24 -3.85
CA LYS A 145 1.15 11.51 -2.65
C LYS A 145 1.22 10.25 -1.85
N ILE A 146 2.39 9.75 -1.68
CA ILE A 146 2.59 8.59 -0.88
C ILE A 146 3.28 8.95 0.38
N THR A 147 2.60 8.72 1.43
CA THR A 147 3.10 9.01 2.71
C THR A 147 3.32 7.72 3.48
N VAL A 148 4.54 7.41 3.77
CA VAL A 148 4.85 6.22 4.51
C VAL A 148 5.19 6.55 5.93
N TYR A 149 4.43 6.00 6.83
CA TYR A 149 4.71 6.14 8.20
C TYR A 149 5.69 5.10 8.58
N THR A 150 6.80 5.52 9.04
CA THR A 150 7.82 4.64 9.36
C THR A 150 7.98 4.59 10.86
N LEU A 151 7.72 3.43 11.39
CA LEU A 151 7.88 3.17 12.79
C LEU A 151 9.22 2.51 12.97
N1 APR B . 1.42 1.75 11.83
C2 APR B . 2.32 1.83 10.85
N3 APR B . 3.08 0.80 10.52
C4 APR B . 2.97 -0.36 11.18
C5 APR B . 2.07 -0.48 12.19
C6 APR B . 1.28 0.60 12.51
N6 APR B . 0.38 0.51 13.49
N7 APR B . 2.15 -1.72 12.66
C8 APR B . 3.09 -2.36 11.94
N9 APR B . 3.59 -1.50 11.04
C1' APR B . 4.65 -1.79 10.02
C2' APR B . 5.93 -2.36 10.74
O2' APR B . 6.87 -1.34 10.93
C3' APR B . 6.46 -3.43 9.74
O3' APR B . 7.74 -3.08 9.30
O4' APR B . 4.24 -2.76 9.06
C4' APR B . 5.42 -3.37 8.55
C5' APR B . 5.15 -4.81 8.03
O5' APR B . 4.40 -4.77 6.82
PA APR B . 3.04 -5.62 6.67
O1A APR B . 2.06 -5.04 5.71
O2A APR B . 2.39 -5.73 8.16
O3A APR B . 3.45 -7.12 6.27
PB APR B . 4.20 -7.41 4.88
O1B APR B . 5.42 -8.27 5.02
O2B APR B . 4.56 -5.99 4.21
O5D APR B . 3.12 -8.09 3.91
C5D APR B . 2.87 -9.49 3.99
O4D APR B . 3.81 -11.68 3.32
O1D APR B . 3.43 -13.23 1.51
C1D APR B . 4.35 -12.27 2.12
O2D APR B . 6.00 -10.83 1.03
C2D APR B . 4.64 -11.10 1.10
O3D APR B . 4.44 -8.68 1.44
C3D APR B . 3.89 -9.92 1.72
C4D APR B . 3.97 -10.27 3.23
H2 APR B . 2.50 2.77 10.32
H61 APR B . 0.28 -0.34 13.99
H62 APR B . -0.18 1.30 13.71
H8 APR B . 3.41 -3.40 12.08
H'1 APR B . 4.68 -1.19 9.12
H'2 APR B . 6.00 -2.42 11.81
HO'2 APR B . 7.67 -1.72 11.39
H'3 APR B . 6.97 -4.32 10.05
HO'3 APR B . 8.11 -3.84 8.75
H'4 APR B . 5.32 -2.54 7.86
H5'1 APR B . 6.10 -5.31 7.86
H5'2 APR B . 4.60 -5.36 8.79
HOA2 APR B . 1.66 -6.41 8.14
HOB2 APR B . 4.55 -6.08 3.21
H5R1 APR B . 1.91 -9.72 3.56
H5R2 APR B . 2.89 -9.80 5.04
HOR1 APR B . 3.24 -12.94 0.58
HR'1 APR B . 5.07 -12.58 2.88
HOR2 APR B . 6.15 -9.97 0.54
HR'2 APR B . 4.79 -11.25 0.03
HOR3 APR B . 5.29 -8.79 0.92
HR'3 APR B . 3.01 -9.49 1.28
HR'4 APR B . 4.90 -10.55 3.71
N SER A 2 -11.37 32.11 5.59
CA SER A 2 -10.78 30.82 5.42
C SER A 2 -9.77 30.88 4.28
N SER A 3 -8.53 30.91 4.64
CA SER A 3 -7.47 31.03 3.70
C SER A 3 -7.00 29.68 3.19
N LEU A 4 -7.46 29.35 2.01
CA LEU A 4 -7.02 28.16 1.35
C LEU A 4 -6.14 28.55 0.19
N ASN A 5 -4.91 28.12 0.25
CA ASN A 5 -3.96 28.32 -0.82
C ASN A 5 -2.83 27.38 -0.61
N GLU A 6 -3.13 26.14 -0.80
CA GLU A 6 -2.19 25.09 -0.63
C GLU A 6 -1.77 24.59 -2.00
N ASP A 7 -0.48 24.50 -2.22
CA ASP A 7 0.05 24.04 -3.51
C ASP A 7 -0.21 22.56 -3.68
N PRO A 8 -0.30 22.05 -4.95
CA PRO A 8 -0.55 20.64 -5.20
C PRO A 8 0.46 19.80 -4.46
N GLU A 9 -0.05 18.96 -3.64
CA GLU A 9 0.74 18.18 -2.78
C GLU A 9 0.90 16.79 -3.32
N GLY A 10 2.04 16.57 -3.87
CA GLY A 10 2.42 15.28 -4.41
C GLY A 10 3.87 15.00 -4.14
N SER A 11 4.16 13.86 -3.56
CA SER A 11 5.51 13.47 -3.24
C SER A 11 5.65 11.97 -3.38
N ARG A 12 6.81 11.53 -3.87
CA ARG A 12 7.09 10.12 -4.11
C ARG A 12 6.97 9.35 -2.82
N ILE A 13 7.83 9.66 -1.86
CA ILE A 13 7.78 9.04 -0.55
C ILE A 13 8.04 10.08 0.53
N THR A 14 7.18 10.11 1.50
CA THR A 14 7.33 10.97 2.64
C THR A 14 7.44 10.12 3.90
N TYR A 15 8.53 10.25 4.62
CA TYR A 15 8.73 9.49 5.83
C TYR A 15 8.26 10.29 7.03
N VAL A 16 7.25 9.80 7.69
CA VAL A 16 6.71 10.47 8.85
C VAL A 16 6.57 9.49 10.00
N LYS A 17 6.85 9.94 11.18
CA LYS A 17 6.74 9.13 12.35
C LYS A 17 5.35 9.27 12.94
N GLY A 18 4.67 8.16 13.09
CA GLY A 18 3.35 8.18 13.65
C GLY A 18 2.54 7.01 13.17
N ASP A 19 1.39 6.78 13.79
CA ASP A 19 0.51 5.69 13.43
C ASP A 19 -0.08 5.91 12.05
N LEU A 20 -0.11 4.87 11.27
CA LEU A 20 -0.66 4.91 9.91
C LEU A 20 -2.17 5.13 9.92
N PHE A 21 -2.81 4.68 10.96
CA PHE A 21 -4.27 4.73 11.03
C PHE A 21 -4.83 6.11 11.37
N ALA A 22 -3.96 7.09 11.53
CA ALA A 22 -4.38 8.45 11.84
C ALA A 22 -4.68 9.26 10.56
N CYS A 23 -4.72 8.58 9.44
CA CYS A 23 -4.98 9.20 8.15
C CYS A 23 -6.47 9.56 7.98
N PRO A 24 -6.77 10.63 7.18
CA PRO A 24 -8.15 11.10 6.91
C PRO A 24 -8.94 10.14 6.00
N LYS A 25 -10.20 10.51 5.73
CA LYS A 25 -11.08 9.71 4.87
C LYS A 25 -10.70 9.90 3.40
N THR A 26 -9.96 10.94 3.12
CA THR A 26 -9.50 11.22 1.78
C THR A 26 -8.27 10.37 1.47
N ASP A 27 -7.62 9.91 2.51
CA ASP A 27 -6.41 9.14 2.37
C ASP A 27 -6.75 7.67 2.23
N SER A 28 -5.93 6.95 1.51
CA SER A 28 -6.14 5.56 1.27
C SER A 28 -4.94 4.74 1.74
N LEU A 29 -5.21 3.65 2.43
CA LEU A 29 -4.16 2.80 3.01
C LEU A 29 -3.72 1.75 2.03
N ALA A 30 -2.44 1.60 1.85
CA ALA A 30 -1.91 0.55 1.03
C ALA A 30 -0.97 -0.29 1.84
N HIS A 31 -0.87 -1.57 1.51
CA HIS A 31 0.05 -2.45 2.20
C HIS A 31 0.27 -3.72 1.42
N CYS A 32 1.32 -4.40 1.79
CA CYS A 32 1.74 -5.61 1.16
C CYS A 32 1.28 -6.81 1.96
N ILE A 33 0.79 -7.82 1.27
CA ILE A 33 0.41 -9.11 1.83
C ILE A 33 0.58 -10.16 0.76
N SER A 34 0.42 -11.39 1.11
CA SER A 34 0.44 -12.45 0.14
C SER A 34 -1.01 -12.77 -0.27
N GLU A 35 -1.19 -13.59 -1.30
CA GLU A 35 -2.52 -13.96 -1.83
C GLU A 35 -3.32 -14.69 -0.74
N ASP A 36 -2.59 -15.43 0.08
CA ASP A 36 -3.15 -16.24 1.18
C ASP A 36 -3.66 -15.34 2.30
N CYS A 37 -3.30 -14.06 2.22
CA CYS A 37 -3.75 -13.03 3.11
C CYS A 37 -3.24 -13.25 4.53
N ARG A 38 -2.02 -12.84 4.79
CA ARG A 38 -1.44 -12.99 6.10
C ARG A 38 -1.75 -11.81 6.99
N MET A 39 -2.98 -11.76 7.46
CA MET A 39 -3.38 -10.75 8.44
C MET A 39 -3.28 -11.27 9.85
N GLY A 40 -2.60 -12.36 10.03
CA GLY A 40 -2.42 -12.91 11.34
C GLY A 40 -1.23 -12.30 12.07
N ALA A 41 -0.56 -11.36 11.42
CA ALA A 41 0.64 -10.74 11.98
C ALA A 41 0.85 -9.35 11.39
N GLY A 42 1.87 -8.64 11.90
CA GLY A 42 2.22 -7.31 11.41
C GLY A 42 1.12 -6.29 11.57
N ILE A 43 1.21 -5.21 10.82
CA ILE A 43 0.19 -4.17 10.79
C ILE A 43 -1.08 -4.68 10.07
N ALA A 44 -0.89 -5.75 9.29
CA ALA A 44 -1.94 -6.32 8.47
C ALA A 44 -3.16 -6.73 9.31
N VAL A 45 -2.90 -7.26 10.50
CA VAL A 45 -3.96 -7.68 11.42
C VAL A 45 -4.88 -6.50 11.82
N LEU A 46 -4.30 -5.31 11.88
CA LEU A 46 -5.04 -4.12 12.22
C LEU A 46 -6.05 -3.78 11.12
N PHE A 47 -5.61 -3.87 9.85
CA PHE A 47 -6.50 -3.62 8.71
C PHE A 47 -7.60 -4.67 8.66
N LYS A 48 -7.25 -5.89 9.08
CA LYS A 48 -8.18 -7.01 9.15
C LYS A 48 -9.38 -6.65 10.03
N LYS A 49 -9.11 -6.15 11.23
CA LYS A 49 -10.17 -5.74 12.14
C LYS A 49 -10.87 -4.48 11.63
N LYS A 50 -10.09 -3.46 11.33
CA LYS A 50 -10.63 -2.15 10.99
C LYS A 50 -11.44 -2.10 9.70
N PHE A 51 -10.99 -2.77 8.67
CA PHE A 51 -11.65 -2.65 7.39
C PHE A 51 -12.41 -3.90 6.99
N GLY A 52 -12.19 -5.00 7.72
CA GLY A 52 -12.84 -6.26 7.38
C GLY A 52 -12.41 -6.73 6.00
N GLY A 53 -11.13 -6.70 5.77
CA GLY A 53 -10.60 -6.99 4.48
C GLY A 53 -10.42 -8.46 4.17
N VAL A 54 -10.21 -9.29 5.19
CA VAL A 54 -9.89 -10.71 4.99
C VAL A 54 -10.92 -11.44 4.09
N GLN A 55 -12.19 -11.30 4.41
CA GLN A 55 -13.24 -11.94 3.63
C GLN A 55 -13.34 -11.37 2.23
N GLU A 56 -13.16 -10.08 2.13
CA GLU A 56 -13.24 -9.39 0.85
C GLU A 56 -12.13 -9.83 -0.07
N LEU A 57 -11.00 -10.10 0.49
CA LEU A 57 -9.88 -10.58 -0.28
C LEU A 57 -10.13 -11.98 -0.75
N LEU A 58 -10.84 -12.73 0.06
CA LEU A 58 -11.23 -14.07 -0.28
C LEU A 58 -12.28 -14.05 -1.39
N ASN A 59 -13.22 -13.09 -1.33
CA ASN A 59 -14.26 -13.02 -2.36
C ASN A 59 -13.77 -12.35 -3.64
N GLN A 60 -12.70 -11.57 -3.54
CA GLN A 60 -12.10 -10.97 -4.74
C GLN A 60 -11.40 -12.01 -5.60
N GLN A 61 -10.93 -13.10 -4.95
CA GLN A 61 -10.24 -14.22 -5.63
C GLN A 61 -9.05 -13.72 -6.43
N LYS A 62 -8.44 -12.69 -5.86
CA LYS A 62 -7.32 -12.00 -6.42
C LYS A 62 -6.09 -12.88 -6.55
N LYS A 63 -5.14 -12.43 -7.32
CA LYS A 63 -3.96 -13.22 -7.62
C LYS A 63 -2.71 -12.34 -7.56
N SER A 64 -1.57 -12.99 -7.60
CA SER A 64 -0.28 -12.35 -7.45
C SER A 64 0.06 -11.36 -8.56
N GLY A 65 0.66 -10.25 -8.17
CA GLY A 65 1.08 -9.25 -9.12
C GLY A 65 0.03 -8.19 -9.31
N GLU A 66 -1.11 -8.41 -8.70
CA GLU A 66 -2.23 -7.53 -8.82
C GLU A 66 -2.57 -6.93 -7.49
N VAL A 67 -3.48 -6.00 -7.51
CA VAL A 67 -3.87 -5.30 -6.32
C VAL A 67 -5.35 -5.42 -6.11
N ALA A 68 -5.71 -5.74 -4.92
CA ALA A 68 -7.09 -5.84 -4.53
C ALA A 68 -7.41 -4.58 -3.74
N VAL A 69 -8.59 -4.05 -3.91
CA VAL A 69 -8.91 -2.77 -3.28
C VAL A 69 -10.26 -2.87 -2.62
N LEU A 70 -10.43 -2.15 -1.54
CA LEU A 70 -11.67 -2.11 -0.84
C LEU A 70 -12.10 -0.67 -0.72
N LYS A 71 -13.36 -0.41 -0.93
CA LYS A 71 -13.89 0.92 -0.70
C LYS A 71 -14.51 0.90 0.67
N ARG A 72 -13.95 1.61 1.58
CA ARG A 72 -14.46 1.63 2.93
C ARG A 72 -14.44 3.05 3.47
N ASP A 73 -15.63 3.60 3.71
CA ASP A 73 -15.82 4.97 4.27
C ASP A 73 -15.23 6.02 3.36
N GLY A 74 -15.21 5.72 2.07
CA GLY A 74 -14.67 6.64 1.11
C GLY A 74 -13.16 6.48 0.95
N ARG A 75 -12.60 5.56 1.67
CA ARG A 75 -11.18 5.29 1.63
C ARG A 75 -10.94 4.04 0.84
N TYR A 76 -9.85 3.98 0.15
CA TYR A 76 -9.48 2.79 -0.56
C TYR A 76 -8.41 2.06 0.18
N ILE A 77 -8.47 0.77 0.14
CA ILE A 77 -7.48 -0.03 0.81
C ILE A 77 -6.81 -0.88 -0.22
N TYR A 78 -5.54 -0.68 -0.40
CA TYR A 78 -4.80 -1.36 -1.42
C TYR A 78 -4.04 -2.53 -0.86
N TYR A 79 -4.29 -3.67 -1.41
CA TYR A 79 -3.62 -4.87 -1.05
C TYR A 79 -2.75 -5.30 -2.20
N LEU A 80 -1.46 -5.07 -2.06
CA LEU A 80 -0.51 -5.51 -3.05
C LEU A 80 -0.35 -7.01 -2.86
N ILE A 81 -0.80 -7.78 -3.83
CA ILE A 81 -0.74 -9.21 -3.71
C ILE A 81 0.62 -9.70 -4.20
N THR A 82 1.47 -10.07 -3.27
CA THR A 82 2.80 -10.49 -3.61
C THR A 82 2.87 -11.88 -4.22
N LYS A 83 2.96 -12.86 -3.40
CA LYS A 83 3.10 -14.21 -3.86
C LYS A 83 1.91 -14.96 -3.26
N LYS A 84 1.67 -16.20 -3.67
CA LYS A 84 0.53 -16.95 -3.12
C LYS A 84 0.58 -17.03 -1.60
N ARG A 85 1.72 -17.38 -1.07
CA ARG A 85 1.90 -17.53 0.36
C ARG A 85 3.22 -16.95 0.78
N ALA A 86 3.30 -16.51 2.02
CA ALA A 86 4.49 -15.84 2.57
C ALA A 86 5.66 -16.81 2.70
N SER A 87 5.32 -18.09 2.69
CA SER A 87 6.29 -19.15 2.71
C SER A 87 6.97 -19.25 1.33
N HIS A 88 6.35 -18.63 0.33
CA HIS A 88 6.90 -18.59 -1.01
C HIS A 88 7.67 -17.28 -1.10
N LYS A 89 8.62 -17.19 -1.99
CA LYS A 89 9.44 -16.00 -2.07
C LYS A 89 8.91 -15.00 -3.09
N PRO A 90 8.62 -13.75 -2.65
CA PRO A 90 8.15 -12.69 -3.55
C PRO A 90 9.30 -12.11 -4.36
N THR A 91 9.02 -11.81 -5.62
CA THR A 91 9.98 -11.26 -6.50
C THR A 91 9.66 -9.77 -6.78
N TYR A 92 10.68 -9.03 -7.17
CA TYR A 92 10.53 -7.61 -7.46
C TYR A 92 9.77 -7.32 -8.74
N GLU A 93 9.97 -8.15 -9.74
CA GLU A 93 9.28 -8.00 -11.04
C GLU A 93 7.77 -8.12 -10.84
N ASN A 94 7.40 -8.99 -9.91
CA ASN A 94 6.03 -9.23 -9.55
C ASN A 94 5.49 -8.08 -8.70
N LEU A 95 6.33 -7.61 -7.77
CA LEU A 95 5.99 -6.53 -6.84
C LEU A 95 5.70 -5.23 -7.57
N GLN A 96 6.52 -4.93 -8.59
CA GLN A 96 6.39 -3.72 -9.36
C GLN A 96 5.00 -3.60 -9.97
N LYS A 97 4.46 -4.72 -10.41
CA LYS A 97 3.16 -4.74 -11.08
C LYS A 97 2.05 -4.40 -10.14
N SER A 98 2.27 -4.63 -8.87
CA SER A 98 1.30 -4.29 -7.90
C SER A 98 1.34 -2.76 -7.66
N LEU A 99 2.53 -2.20 -7.60
CA LEU A 99 2.69 -0.77 -7.42
C LEU A 99 2.13 -0.03 -8.63
N GLU A 100 2.34 -0.62 -9.80
CA GLU A 100 1.88 -0.05 -11.05
C GLU A 100 0.37 -0.12 -11.17
N ALA A 101 -0.21 -1.15 -10.58
CA ALA A 101 -1.65 -1.33 -10.60
C ALA A 101 -2.35 -0.29 -9.75
N MET A 102 -1.78 0.01 -8.58
CA MET A 102 -2.44 0.94 -7.70
C MET A 102 -2.29 2.38 -8.16
N LYS A 103 -1.15 2.72 -8.79
CA LYS A 103 -0.97 4.08 -9.31
C LYS A 103 -2.00 4.38 -10.38
N SER A 104 -2.20 3.41 -11.27
CA SER A 104 -3.19 3.54 -12.33
C SER A 104 -4.58 3.71 -11.72
N HIS A 105 -4.87 2.95 -10.65
CA HIS A 105 -6.14 3.06 -9.97
C HIS A 105 -6.31 4.44 -9.34
N CYS A 106 -5.29 4.89 -8.65
CA CYS A 106 -5.32 6.17 -7.96
C CYS A 106 -5.56 7.31 -8.93
N LEU A 107 -4.78 7.36 -10.01
CA LEU A 107 -4.92 8.41 -11.00
C LEU A 107 -6.31 8.41 -11.63
N LYS A 108 -6.84 7.23 -11.86
CA LYS A 108 -8.14 7.07 -12.48
C LYS A 108 -9.28 7.47 -11.53
N ASN A 109 -9.07 7.28 -10.24
CA ASN A 109 -10.08 7.65 -9.22
C ASN A 109 -9.86 9.07 -8.71
N GLY A 110 -8.72 9.65 -9.03
CA GLY A 110 -8.39 10.98 -8.57
C GLY A 110 -7.81 10.95 -7.16
N VAL A 111 -7.35 9.78 -6.77
CA VAL A 111 -6.81 9.55 -5.44
C VAL A 111 -5.34 9.95 -5.39
N THR A 112 -5.04 10.95 -4.59
CA THR A 112 -3.69 11.44 -4.44
C THR A 112 -3.13 11.18 -3.02
N ASP A 113 -4.01 10.97 -2.06
CA ASP A 113 -3.59 10.70 -0.68
C ASP A 113 -3.41 9.19 -0.48
N LEU A 114 -2.16 8.75 -0.43
CA LEU A 114 -1.85 7.35 -0.26
C LEU A 114 -0.95 7.23 0.99
N SER A 115 -1.29 6.37 1.90
CA SER A 115 -0.43 6.12 3.01
C SER A 115 -0.13 4.63 3.13
N MET A 116 1.04 4.31 3.58
CA MET A 116 1.45 2.93 3.73
C MET A 116 2.48 2.83 4.83
N PRO A 117 2.65 1.65 5.41
CA PRO A 117 3.68 1.43 6.40
C PRO A 117 4.96 0.96 5.70
N ARG A 118 5.96 0.60 6.45
CA ARG A 118 7.15 0.06 5.83
C ARG A 118 6.91 -1.37 5.40
N ILE A 119 6.62 -1.55 4.14
CA ILE A 119 6.41 -2.86 3.59
C ILE A 119 7.68 -3.30 2.89
N GLY A 120 7.76 -4.55 2.53
CA GLY A 120 8.93 -5.03 1.83
C GLY A 120 10.15 -5.06 2.71
N CYS A 121 9.98 -5.41 3.99
CA CYS A 121 11.10 -5.42 4.91
C CYS A 121 10.97 -6.49 6.00
N GLY A 122 9.79 -7.04 6.18
CA GLY A 122 9.60 -8.00 7.24
C GLY A 122 9.35 -9.40 6.72
N LEU A 123 8.11 -9.81 6.72
CA LEU A 123 7.69 -11.14 6.27
C LEU A 123 7.85 -11.25 4.76
N ASP A 124 7.96 -10.09 4.15
CA ASP A 124 8.11 -9.91 2.71
C ASP A 124 9.39 -10.61 2.25
N ARG A 125 10.41 -10.63 3.14
CA ARG A 125 11.73 -11.18 2.85
C ARG A 125 12.43 -10.38 1.77
N LEU A 126 12.13 -9.11 1.73
CA LEU A 126 12.69 -8.21 0.75
C LEU A 126 13.45 -7.07 1.46
N GLN A 127 14.23 -6.33 0.71
CA GLN A 127 14.94 -5.16 1.21
C GLN A 127 14.17 -3.91 0.85
N TRP A 128 13.95 -3.07 1.83
CA TRP A 128 13.19 -1.84 1.65
C TRP A 128 13.89 -0.83 0.77
N GLU A 129 15.21 -0.79 0.80
CA GLU A 129 15.93 0.16 -0.05
C GLU A 129 15.57 -0.05 -1.52
N ASN A 130 15.32 -1.29 -1.88
CA ASN A 130 14.91 -1.65 -3.24
C ASN A 130 13.48 -1.24 -3.47
N VAL A 131 12.62 -1.61 -2.52
CA VAL A 131 11.17 -1.37 -2.62
C VAL A 131 10.89 0.12 -2.66
N SER A 132 11.46 0.83 -1.71
CA SER A 132 11.34 2.27 -1.61
C SER A 132 11.77 2.95 -2.92
N ALA A 133 12.90 2.52 -3.46
CA ALA A 133 13.39 3.07 -4.71
C ALA A 133 12.42 2.78 -5.85
N MET A 134 11.90 1.56 -5.88
CA MET A 134 10.94 1.15 -6.90
C MET A 134 9.70 2.02 -6.83
N ILE A 135 9.16 2.18 -5.63
CA ILE A 135 7.97 2.98 -5.40
C ILE A 135 8.18 4.42 -5.88
N GLU A 136 9.32 5.00 -5.55
CA GLU A 136 9.56 6.37 -5.91
C GLU A 136 9.76 6.54 -7.44
N GLU A 137 10.26 5.50 -8.11
CA GLU A 137 10.37 5.50 -9.58
C GLU A 137 8.98 5.38 -10.22
N VAL A 138 8.20 4.45 -9.70
CA VAL A 138 6.87 4.16 -10.21
C VAL A 138 5.91 5.35 -10.01
N PHE A 139 6.00 6.00 -8.88
CA PHE A 139 5.16 7.16 -8.56
C PHE A 139 5.86 8.49 -8.84
N GLU A 140 6.98 8.42 -9.53
CA GLU A 140 7.81 9.59 -9.84
C GLU A 140 7.05 10.70 -10.55
N ALA A 141 6.22 10.32 -11.45
CA ALA A 141 5.46 11.29 -12.20
C ALA A 141 3.97 11.17 -11.90
N THR A 142 3.61 11.49 -10.68
CA THR A 142 2.24 11.46 -10.26
C THR A 142 1.99 12.61 -9.31
N ASP A 143 0.73 12.94 -9.11
CA ASP A 143 0.35 13.95 -8.11
C ASP A 143 0.01 13.24 -6.82
N ILE A 144 0.38 11.98 -6.77
CA ILE A 144 0.10 11.13 -5.66
C ILE A 144 1.18 11.30 -4.61
N LYS A 145 0.78 11.28 -3.38
CA LYS A 145 1.67 11.34 -2.27
C LYS A 145 1.75 10.01 -1.65
N ILE A 146 2.90 9.57 -1.38
CA ILE A 146 3.06 8.36 -0.65
C ILE A 146 3.70 8.64 0.65
N THR A 147 2.87 8.64 1.63
CA THR A 147 3.29 8.95 2.94
C THR A 147 3.43 7.66 3.72
N VAL A 148 4.62 7.36 4.16
CA VAL A 148 4.82 6.16 4.90
C VAL A 148 4.94 6.50 6.36
N TYR A 149 4.25 5.78 7.16
CA TYR A 149 4.30 6.00 8.56
C TYR A 149 5.26 5.03 9.17
N THR A 150 6.25 5.57 9.81
CA THR A 150 7.29 4.81 10.38
C THR A 150 7.42 5.14 11.86
N LEU A 151 7.15 4.17 12.69
CA LEU A 151 7.27 4.32 14.09
C LEU A 151 8.12 3.19 14.71
N1 APR B . 0.89 2.37 12.12
C2 APR B . 1.98 2.56 11.36
N3 APR B . 2.86 1.58 11.18
C4 APR B . 2.70 0.40 11.76
C5 APR B . 1.61 0.17 12.55
C6 APR B . 0.69 1.18 12.72
N6 APR B . -0.38 0.98 13.48
N7 APR B . 1.69 -1.08 13.00
C8 APR B . 2.81 -1.62 12.50
N9 APR B . 3.42 -0.69 11.74
C1' APR B . 4.72 -0.86 11.00
C2' APR B . 5.79 -1.48 11.95
O2' APR B . 6.45 -0.50 12.67
C3' APR B . 6.75 -2.18 10.95
O3' APR B . 7.89 -1.41 10.77
O4' APR B . 4.60 -1.73 9.89
C4' APR B . 5.92 -2.24 9.61
C5' APR B . 5.86 -3.71 9.11
O5' APR B . 5.08 -3.81 7.92
PA APR B . 3.94 -4.93 7.80
O1A APR B . 2.99 -4.70 6.67
O2A APR B . 3.16 -4.95 9.22
O3A APR B . 4.67 -6.33 7.69
PB APR B . 5.87 -6.55 6.65
O1B APR B . 6.46 -7.92 6.73
O2B APR B . 6.98 -5.42 6.96
O5D APR B . 5.28 -6.24 5.19
C5D APR B . 4.15 -6.95 4.70
O4D APR B . 4.08 -8.98 6.12
O1D APR B . 1.91 -8.02 6.39
C1D APR B . 2.68 -9.23 6.15
O2D APR B . 2.36 -11.22 4.77
C2D APR B . 2.30 -9.82 4.74
O3D APR B . 4.08 -10.23 3.08
C3D APR B . 3.42 -9.25 3.82
C4D APR B . 4.37 -8.50 4.82
H2 APR B . 2.18 3.52 10.90
H61 APR B . -0.53 0.09 13.92
H62 APR B . -1.05 1.71 13.59
H8 APR B . 3.17 -2.63 12.69
H'1 APR B . 4.95 -0.18 10.18
H'2 APR B . 5.57 -1.86 12.94
HO'2 APR B . 5.85 -0.16 13.40
H'3 APR B . 7.49 -2.92 11.24
HO'3 APR B . 8.15 -1.42 9.81
H'4 APR B . 5.85 -1.42 8.89
H5'1 APR B . 6.87 -4.04 8.89
H5'2 APR B . 5.43 -4.32 9.89
HOA2 APR B . 3.51 -4.22 9.80
HOB2 APR B . 7.16 -4.90 6.12
H5R1 APR B . 3.99 -6.69 3.66
H5R2 APR B . 3.27 -6.66 5.28
HOR1 APR B . 1.60 -7.65 5.52
HR'1 APR B . 3.05 -9.84 6.96
HOR2 APR B . 3.01 -11.52 5.46
HR'2 APR B . 1.29 -10.02 4.43
HOR3 APR B . 5.03 -9.94 2.94
HR'3 APR B . 3.20 -8.86 2.83
HR'4 APR B . 5.32 -8.92 5.11
N SER A 2 7.03 21.00 5.22
CA SER A 2 5.59 21.11 4.99
C SER A 2 4.98 19.80 4.48
N SER A 3 4.18 19.16 5.30
CA SER A 3 3.52 17.94 4.92
C SER A 3 2.43 18.26 3.89
N LEU A 4 1.96 19.49 3.95
CA LEU A 4 1.11 20.03 2.95
C LEU A 4 2.03 20.87 2.08
N ASN A 5 2.54 20.29 1.04
CA ASN A 5 3.50 20.97 0.19
C ASN A 5 3.05 20.82 -1.24
N GLU A 6 2.78 21.91 -1.90
CA GLU A 6 2.25 21.85 -3.23
C GLU A 6 3.33 21.82 -4.31
N ASP A 7 4.57 21.66 -3.89
CA ASP A 7 5.69 21.48 -4.80
C ASP A 7 6.38 20.17 -4.48
N PRO A 8 5.97 19.07 -5.11
CA PRO A 8 6.59 17.79 -4.89
C PRO A 8 7.96 17.75 -5.52
N GLU A 9 8.93 17.49 -4.71
CA GLU A 9 10.30 17.44 -5.11
C GLU A 9 11.10 16.86 -3.98
N GLY A 10 11.71 15.73 -4.23
CA GLY A 10 12.44 15.05 -3.20
C GLY A 10 11.50 14.17 -2.42
N SER A 11 10.49 14.78 -1.87
CA SER A 11 9.49 14.08 -1.16
C SER A 11 8.43 13.51 -2.10
N ARG A 12 8.71 12.34 -2.60
CA ARG A 12 7.73 11.56 -3.34
C ARG A 12 7.10 10.69 -2.29
N ILE A 13 7.98 10.14 -1.48
CA ILE A 13 7.62 9.42 -0.32
C ILE A 13 7.98 10.26 0.87
N THR A 14 6.99 10.66 1.58
CA THR A 14 7.16 11.46 2.75
C THR A 14 7.37 10.53 3.92
N TYR A 15 8.52 10.59 4.52
CA TYR A 15 8.85 9.71 5.58
C TYR A 15 8.42 10.35 6.90
N VAL A 16 7.45 9.76 7.55
CA VAL A 16 6.96 10.31 8.79
C VAL A 16 6.89 9.23 9.83
N LYS A 17 7.23 9.58 11.03
CA LYS A 17 7.18 8.64 12.11
C LYS A 17 5.78 8.66 12.68
N GLY A 18 5.10 7.55 12.60
CA GLY A 18 3.78 7.51 13.12
C GLY A 18 3.09 6.21 12.85
N ASP A 19 1.90 6.07 13.39
CA ASP A 19 1.11 4.88 13.24
C ASP A 19 0.24 5.02 12.00
N LEU A 20 0.10 3.96 11.24
CA LEU A 20 -0.60 4.01 9.98
C LEU A 20 -2.12 4.13 10.16
N PHE A 21 -2.65 3.62 11.23
CA PHE A 21 -4.09 3.68 11.44
C PHE A 21 -4.53 5.04 11.93
N ALA A 22 -3.57 5.92 12.11
CA ALA A 22 -3.83 7.27 12.53
C ALA A 22 -3.91 8.20 11.31
N CYS A 23 -3.98 7.60 10.13
CA CYS A 23 -4.08 8.36 8.89
C CYS A 23 -5.47 8.95 8.68
N PRO A 24 -5.54 10.14 8.07
CA PRO A 24 -6.80 10.81 7.75
C PRO A 24 -7.69 10.00 6.79
N LYS A 25 -8.92 10.45 6.66
CA LYS A 25 -9.89 9.84 5.77
C LYS A 25 -9.55 10.19 4.32
N THR A 26 -8.78 11.22 4.16
CA THR A 26 -8.41 11.73 2.86
C THR A 26 -7.32 10.90 2.21
N ASP A 27 -6.64 10.10 2.99
CA ASP A 27 -5.55 9.31 2.49
C ASP A 27 -5.92 7.82 2.44
N SER A 28 -5.54 7.16 1.37
CA SER A 28 -5.84 5.74 1.19
C SER A 28 -4.73 4.87 1.76
N LEU A 29 -5.10 3.78 2.39
CA LEU A 29 -4.18 2.88 3.08
C LEU A 29 -3.72 1.75 2.18
N ALA A 30 -2.43 1.64 1.97
CA ALA A 30 -1.89 0.58 1.12
C ALA A 30 -0.91 -0.28 1.88
N HIS A 31 -0.83 -1.55 1.50
CA HIS A 31 0.11 -2.50 2.07
C HIS A 31 0.10 -3.79 1.27
N CYS A 32 1.04 -4.63 1.51
CA CYS A 32 1.13 -5.88 0.80
C CYS A 32 0.55 -6.99 1.67
N ILE A 33 0.18 -8.09 1.03
CA ILE A 33 -0.23 -9.32 1.70
C ILE A 33 0.10 -10.48 0.78
N SER A 34 -0.05 -11.67 1.26
CA SER A 34 0.12 -12.83 0.43
C SER A 34 -1.23 -13.19 -0.20
N GLU A 35 -1.19 -13.93 -1.27
CA GLU A 35 -2.36 -14.33 -2.03
C GLU A 35 -3.31 -15.20 -1.19
N ASP A 36 -2.77 -16.02 -0.28
CA ASP A 36 -3.63 -16.90 0.56
C ASP A 36 -4.34 -16.07 1.62
N CYS A 37 -4.00 -14.79 1.66
CA CYS A 37 -4.57 -13.80 2.54
C CYS A 37 -4.28 -14.13 3.99
N ARG A 38 -3.05 -13.93 4.38
CA ARG A 38 -2.64 -14.17 5.73
C ARG A 38 -2.31 -12.87 6.41
N MET A 39 -3.21 -12.42 7.22
CA MET A 39 -3.00 -11.22 7.97
C MET A 39 -2.49 -11.55 9.35
N GLY A 40 -2.48 -12.84 9.69
CA GLY A 40 -2.19 -13.34 11.06
C GLY A 40 -0.87 -12.89 11.68
N ALA A 41 -0.08 -12.18 10.95
CA ALA A 41 1.16 -11.67 11.42
C ALA A 41 1.53 -10.46 10.61
N GLY A 42 1.77 -9.37 11.28
CA GLY A 42 2.09 -8.16 10.61
C GLY A 42 1.00 -7.16 10.75
N ILE A 43 1.20 -5.98 10.22
CA ILE A 43 0.24 -4.89 10.30
C ILE A 43 -1.11 -5.25 9.60
N ALA A 44 -1.06 -6.26 8.73
CA ALA A 44 -2.20 -6.68 7.95
C ALA A 44 -3.37 -7.15 8.83
N VAL A 45 -3.08 -7.74 9.99
CA VAL A 45 -4.14 -8.23 10.90
C VAL A 45 -4.97 -7.07 11.45
N LEU A 46 -4.33 -5.97 11.69
CA LEU A 46 -4.96 -4.77 12.18
C LEU A 46 -5.97 -4.25 11.15
N PHE A 47 -5.60 -4.34 9.87
CA PHE A 47 -6.48 -3.93 8.79
C PHE A 47 -7.74 -4.79 8.69
N LYS A 48 -7.60 -6.11 8.78
CA LYS A 48 -8.79 -6.93 8.65
C LYS A 48 -9.72 -6.79 9.84
N LYS A 49 -9.18 -6.57 11.02
CA LYS A 49 -10.02 -6.34 12.19
C LYS A 49 -10.77 -5.00 12.13
N LYS A 50 -10.09 -3.93 11.75
CA LYS A 50 -10.73 -2.60 11.71
C LYS A 50 -11.66 -2.42 10.52
N PHE A 51 -11.31 -3.01 9.41
CA PHE A 51 -12.11 -2.80 8.20
C PHE A 51 -12.98 -3.99 7.84
N GLY A 52 -12.63 -5.17 8.31
CA GLY A 52 -13.38 -6.37 7.94
C GLY A 52 -13.13 -6.73 6.50
N GLY A 53 -12.00 -6.27 6.01
CA GLY A 53 -11.60 -6.42 4.62
C GLY A 53 -11.37 -7.86 4.19
N VAL A 54 -11.04 -8.71 5.14
CA VAL A 54 -10.68 -10.10 4.86
C VAL A 54 -11.70 -10.83 3.97
N GLN A 55 -12.97 -10.78 4.31
CA GLN A 55 -14.00 -11.46 3.54
C GLN A 55 -14.13 -10.91 2.12
N GLU A 56 -13.99 -9.63 2.01
CA GLU A 56 -14.09 -8.96 0.73
C GLU A 56 -12.92 -9.37 -0.18
N LEU A 57 -11.79 -9.61 0.41
CA LEU A 57 -10.64 -10.07 -0.33
C LEU A 57 -10.84 -11.52 -0.74
N LEU A 58 -11.47 -12.28 0.14
CA LEU A 58 -11.76 -13.68 -0.10
C LEU A 58 -12.71 -13.87 -1.27
N ASN A 59 -13.61 -12.92 -1.49
CA ASN A 59 -14.54 -13.06 -2.60
C ASN A 59 -13.91 -12.66 -3.95
N GLN A 60 -12.97 -11.71 -3.94
CA GLN A 60 -12.37 -11.27 -5.20
C GLN A 60 -11.32 -12.26 -5.68
N GLN A 61 -10.54 -12.77 -4.73
CA GLN A 61 -9.45 -13.73 -4.97
C GLN A 61 -8.47 -13.21 -6.02
N LYS A 62 -7.57 -12.39 -5.59
CA LYS A 62 -6.59 -11.81 -6.44
C LYS A 62 -5.32 -12.64 -6.48
N LYS A 63 -4.62 -12.53 -7.58
CA LYS A 63 -3.40 -13.30 -7.81
C LYS A 63 -2.21 -12.37 -7.79
N SER A 64 -1.03 -12.96 -7.76
CA SER A 64 0.22 -12.21 -7.71
C SER A 64 0.34 -11.21 -8.87
N GLY A 65 0.67 -9.98 -8.53
CA GLY A 65 0.81 -8.96 -9.54
C GLY A 65 -0.44 -8.11 -9.66
N GLU A 66 -1.42 -8.38 -8.82
CA GLU A 66 -2.63 -7.60 -8.79
C GLU A 66 -2.76 -6.92 -7.45
N VAL A 67 -3.66 -5.99 -7.37
CA VAL A 67 -3.93 -5.32 -6.15
C VAL A 67 -5.41 -5.46 -5.85
N ALA A 68 -5.73 -5.72 -4.63
CA ALA A 68 -7.11 -5.78 -4.21
C ALA A 68 -7.41 -4.49 -3.51
N VAL A 69 -8.50 -3.87 -3.87
CA VAL A 69 -8.83 -2.58 -3.30
C VAL A 69 -10.21 -2.63 -2.72
N LEU A 70 -10.39 -2.03 -1.59
CA LEU A 70 -11.67 -1.97 -0.96
C LEU A 70 -11.98 -0.53 -0.66
N LYS A 71 -13.19 -0.09 -0.97
CA LYS A 71 -13.57 1.24 -0.60
C LYS A 71 -14.08 1.20 0.83
N ARG A 72 -13.36 1.83 1.70
CA ARG A 72 -13.70 1.86 3.10
C ARG A 72 -13.55 3.27 3.57
N ASP A 73 -14.56 3.80 4.23
CA ASP A 73 -14.58 5.21 4.73
C ASP A 73 -14.44 6.18 3.57
N GLY A 74 -14.90 5.78 2.40
CA GLY A 74 -14.81 6.62 1.22
C GLY A 74 -13.41 6.64 0.59
N ARG A 75 -12.45 6.09 1.29
CA ARG A 75 -11.07 6.02 0.84
C ARG A 75 -10.76 4.61 0.40
N TYR A 76 -9.61 4.40 -0.16
CA TYR A 76 -9.29 3.09 -0.65
C TYR A 76 -8.29 2.36 0.18
N ILE A 77 -8.36 1.06 0.13
CA ILE A 77 -7.47 0.22 0.87
C ILE A 77 -6.83 -0.70 -0.13
N TYR A 78 -5.53 -0.62 -0.27
CA TYR A 78 -4.81 -1.39 -1.26
C TYR A 78 -4.10 -2.58 -0.65
N TYR A 79 -4.31 -3.71 -1.25
CA TYR A 79 -3.64 -4.93 -0.88
C TYR A 79 -2.83 -5.44 -2.06
N LEU A 80 -1.54 -5.28 -1.99
CA LEU A 80 -0.65 -5.75 -3.03
C LEU A 80 -0.46 -7.25 -2.86
N ILE A 81 -0.83 -8.01 -3.87
CA ILE A 81 -0.75 -9.44 -3.80
C ILE A 81 0.63 -9.91 -4.26
N THR A 82 1.39 -10.41 -3.32
CA THR A 82 2.75 -10.83 -3.55
C THR A 82 2.86 -12.24 -4.20
N LYS A 83 2.61 -13.27 -3.41
CA LYS A 83 2.61 -14.68 -3.83
C LYS A 83 1.70 -15.43 -2.90
N LYS A 84 1.53 -16.76 -3.08
CA LYS A 84 0.54 -17.51 -2.26
C LYS A 84 0.78 -17.37 -0.78
N ARG A 85 1.99 -17.54 -0.33
CA ARG A 85 2.26 -17.53 1.10
C ARG A 85 3.48 -16.71 1.39
N ALA A 86 3.55 -16.17 2.60
CA ALA A 86 4.70 -15.36 3.09
C ALA A 86 5.97 -16.19 3.15
N SER A 87 5.81 -17.50 3.14
CA SER A 87 6.89 -18.44 3.16
C SER A 87 7.57 -18.49 1.76
N HIS A 88 6.96 -17.84 0.79
CA HIS A 88 7.51 -17.72 -0.54
C HIS A 88 8.08 -16.34 -0.61
N LYS A 89 9.31 -16.19 -1.02
CA LYS A 89 9.85 -14.85 -1.10
C LYS A 89 9.54 -14.23 -2.45
N PRO A 90 8.79 -13.15 -2.48
CA PRO A 90 8.44 -12.49 -3.71
C PRO A 90 9.59 -11.64 -4.22
N THR A 91 9.65 -11.47 -5.50
CA THR A 91 10.62 -10.67 -6.11
C THR A 91 10.09 -9.26 -6.24
N TYR A 92 10.96 -8.34 -6.56
CA TYR A 92 10.56 -6.97 -6.79
C TYR A 92 9.67 -6.85 -8.00
N GLU A 93 9.88 -7.75 -8.97
CA GLU A 93 9.05 -7.85 -10.16
C GLU A 93 7.56 -7.94 -9.76
N ASN A 94 7.27 -8.85 -8.83
CA ASN A 94 5.88 -9.08 -8.35
C ASN A 94 5.35 -7.83 -7.72
N LEU A 95 6.19 -7.21 -6.91
CA LEU A 95 5.82 -6.03 -6.17
C LEU A 95 5.59 -4.84 -7.11
N GLN A 96 6.48 -4.66 -8.07
CA GLN A 96 6.38 -3.54 -9.00
C GLN A 96 5.10 -3.62 -9.81
N LYS A 97 4.76 -4.82 -10.28
CA LYS A 97 3.54 -5.00 -11.07
C LYS A 97 2.31 -4.65 -10.24
N SER A 98 2.42 -4.88 -8.95
CA SER A 98 1.37 -4.57 -8.02
C SER A 98 1.35 -3.03 -7.74
N LEU A 99 2.55 -2.42 -7.66
CA LEU A 99 2.67 -0.97 -7.46
C LEU A 99 2.07 -0.23 -8.65
N GLU A 100 2.26 -0.81 -9.82
CA GLU A 100 1.75 -0.24 -11.06
C GLU A 100 0.24 -0.30 -11.09
N ALA A 101 -0.30 -1.30 -10.46
CA ALA A 101 -1.72 -1.45 -10.37
C ALA A 101 -2.32 -0.35 -9.48
N MET A 102 -1.59 0.03 -8.43
CA MET A 102 -2.05 1.08 -7.55
C MET A 102 -2.07 2.42 -8.23
N LYS A 103 -0.97 2.78 -8.92
CA LYS A 103 -0.90 4.08 -9.60
C LYS A 103 -2.01 4.22 -10.62
N SER A 104 -2.21 3.19 -11.40
CA SER A 104 -3.24 3.16 -12.41
C SER A 104 -4.63 3.35 -11.77
N HIS A 105 -4.90 2.58 -10.70
CA HIS A 105 -6.17 2.69 -9.98
C HIS A 105 -6.35 4.08 -9.38
N CYS A 106 -5.29 4.61 -8.78
CA CYS A 106 -5.34 5.92 -8.15
C CYS A 106 -5.65 6.99 -9.17
N LEU A 107 -4.94 7.00 -10.28
CA LEU A 107 -5.17 7.98 -11.32
C LEU A 107 -6.58 7.85 -11.90
N LYS A 108 -7.01 6.60 -12.06
CA LYS A 108 -8.34 6.29 -12.58
C LYS A 108 -9.44 6.84 -11.65
N ASN A 109 -9.26 6.67 -10.36
CA ASN A 109 -10.27 7.10 -9.37
C ASN A 109 -10.06 8.54 -8.89
N GLY A 110 -8.97 9.14 -9.30
CA GLY A 110 -8.68 10.50 -8.87
C GLY A 110 -8.16 10.53 -7.46
N VAL A 111 -7.40 9.53 -7.11
CA VAL A 111 -6.81 9.39 -5.80
C VAL A 111 -5.34 9.77 -5.87
N THR A 112 -4.96 10.77 -5.13
CA THR A 112 -3.59 11.24 -5.13
C THR A 112 -3.00 11.28 -3.73
N ASP A 113 -3.70 10.68 -2.78
CA ASP A 113 -3.24 10.64 -1.40
C ASP A 113 -3.04 9.21 -0.99
N LEU A 114 -1.81 8.82 -0.77
CA LEU A 114 -1.53 7.45 -0.48
C LEU A 114 -0.78 7.37 0.86
N SER A 115 -1.29 6.59 1.77
CA SER A 115 -0.66 6.36 3.03
C SER A 115 -0.33 4.88 3.20
N MET A 116 0.91 4.60 3.48
CA MET A 116 1.37 3.24 3.64
C MET A 116 2.42 3.20 4.75
N PRO A 117 2.76 2.04 5.27
CA PRO A 117 3.84 1.91 6.24
C PRO A 117 5.10 1.49 5.49
N ARG A 118 6.06 0.93 6.18
CA ARG A 118 7.17 0.34 5.48
C ARG A 118 6.66 -0.98 4.87
N ILE A 119 6.37 -0.98 3.58
CA ILE A 119 5.88 -2.21 2.90
C ILE A 119 7.01 -3.07 2.42
N GLY A 120 8.16 -2.78 2.95
CA GLY A 120 9.31 -3.54 2.71
C GLY A 120 9.92 -3.83 4.04
N CYS A 121 10.42 -5.05 4.19
CA CYS A 121 11.10 -5.52 5.39
C CYS A 121 10.17 -6.18 6.41
N GLY A 122 8.94 -6.41 6.02
CA GLY A 122 8.04 -7.15 6.86
C GLY A 122 8.12 -8.63 6.50
N LEU A 123 6.98 -9.27 6.34
CA LEU A 123 6.93 -10.68 5.91
C LEU A 123 7.32 -10.81 4.43
N ASP A 124 7.28 -9.66 3.74
CA ASP A 124 7.59 -9.52 2.30
C ASP A 124 9.00 -10.00 1.92
N ARG A 125 9.89 -10.09 2.93
CA ARG A 125 11.29 -10.61 2.76
C ARG A 125 12.17 -9.63 1.97
N LEU A 126 11.66 -8.43 1.72
CA LEU A 126 12.37 -7.49 0.89
C LEU A 126 13.07 -6.41 1.71
N GLN A 127 13.96 -5.68 1.06
CA GLN A 127 14.65 -4.56 1.68
C GLN A 127 13.95 -3.26 1.30
N TRP A 128 13.71 -2.42 2.27
CA TRP A 128 12.97 -1.18 2.06
C TRP A 128 13.67 -0.21 1.14
N GLU A 129 14.99 -0.14 1.20
CA GLU A 129 15.74 0.76 0.34
C GLU A 129 15.38 0.55 -1.12
N ASN A 130 15.35 -0.71 -1.53
CA ASN A 130 15.03 -1.05 -2.92
C ASN A 130 13.55 -0.82 -3.19
N VAL A 131 12.70 -1.19 -2.23
CA VAL A 131 11.26 -1.02 -2.37
C VAL A 131 10.91 0.44 -2.57
N SER A 132 11.36 1.25 -1.64
CA SER A 132 11.13 2.68 -1.63
C SER A 132 11.61 3.31 -2.93
N ALA A 133 12.84 3.01 -3.33
CA ALA A 133 13.41 3.56 -4.54
C ALA A 133 12.64 3.11 -5.77
N MET A 134 12.07 1.92 -5.73
CA MET A 134 11.31 1.39 -6.84
C MET A 134 9.93 2.06 -6.91
N ILE A 135 9.33 2.30 -5.74
CA ILE A 135 8.05 2.99 -5.65
C ILE A 135 8.17 4.38 -6.27
N GLU A 136 9.25 5.07 -5.93
CA GLU A 136 9.52 6.39 -6.45
C GLU A 136 9.59 6.42 -7.97
N GLU A 137 10.16 5.37 -8.55
CA GLU A 137 10.28 5.27 -9.99
C GLU A 137 8.91 5.11 -10.64
N VAL A 138 8.08 4.30 -10.01
CA VAL A 138 6.74 3.99 -10.49
C VAL A 138 5.81 5.21 -10.41
N PHE A 139 5.88 5.94 -9.33
CA PHE A 139 5.02 7.08 -9.10
C PHE A 139 5.66 8.42 -9.48
N GLU A 140 6.82 8.37 -10.13
CA GLU A 140 7.59 9.59 -10.45
C GLU A 140 6.79 10.59 -11.28
N ALA A 141 6.05 10.11 -12.21
CA ALA A 141 5.29 10.95 -13.12
C ALA A 141 3.85 11.14 -12.68
N THR A 142 3.57 10.90 -11.41
CA THR A 142 2.23 11.09 -10.94
C THR A 142 2.15 12.23 -9.93
N ASP A 143 0.93 12.69 -9.68
CA ASP A 143 0.68 13.74 -8.69
C ASP A 143 0.33 13.12 -7.36
N ILE A 144 0.61 11.84 -7.23
CA ILE A 144 0.28 11.10 -6.05
C ILE A 144 1.30 11.35 -4.95
N LYS A 145 0.81 11.73 -3.79
CA LYS A 145 1.65 11.95 -2.63
C LYS A 145 1.65 10.69 -1.78
N ILE A 146 2.81 10.07 -1.68
CA ILE A 146 2.94 8.88 -0.88
C ILE A 146 3.59 9.18 0.45
N THR A 147 2.96 8.77 1.48
CA THR A 147 3.47 9.00 2.80
C THR A 147 3.65 7.66 3.52
N VAL A 148 4.82 7.44 4.09
CA VAL A 148 5.02 6.22 4.85
C VAL A 148 5.02 6.56 6.32
N TYR A 149 4.21 5.86 7.04
CA TYR A 149 4.11 6.02 8.46
C TYR A 149 4.86 4.88 9.10
N THR A 150 5.83 5.21 9.90
CA THR A 150 6.62 4.21 10.52
C THR A 150 6.91 4.57 11.95
N LEU A 151 6.85 3.60 12.80
CA LEU A 151 7.01 3.79 14.21
C LEU A 151 8.47 3.58 14.57
N1 APR B . 1.02 1.47 11.89
C2 APR B . 2.16 1.79 11.27
N3 APR B . 3.12 0.90 11.12
C4 APR B . 3.00 -0.34 11.60
C5 APR B . 1.85 -0.70 12.24
C6 APR B . 0.85 0.23 12.38
N6 APR B . -0.26 -0.07 13.02
N7 APR B . 1.98 -1.97 12.61
C8 APR B . 3.19 -2.40 12.21
N9 APR B . 3.82 -1.37 11.60
C1' APR B . 5.24 -1.34 11.06
C2' APR B . 5.86 -2.79 11.08
O2' APR B . 6.85 -2.89 12.06
C3' APR B . 6.48 -2.91 9.68
O3' APR B . 7.80 -2.48 9.68
O4' APR B . 5.31 -0.82 9.73
C4' APR B . 5.58 -1.93 8.87
C5' APR B . 4.28 -2.64 8.43
O5' APR B . 4.32 -2.96 7.04
PA APR B . 4.90 -4.38 6.55
O1A APR B . 4.01 -5.53 6.90
O2A APR B . 6.35 -4.56 7.24
O3A APR B . 5.14 -4.27 4.98
PB APR B . 4.20 -5.09 3.98
O1B APR B . 4.43 -4.78 2.54
O2B APR B . 2.66 -4.76 4.38
O5D APR B . 4.42 -6.64 4.28
C5D APR B . 3.55 -7.60 3.72
O4D APR B . 3.42 -8.75 5.90
O1D APR B . 1.40 -7.46 5.81
C1D APR B . 2.00 -8.77 6.08
O2D APR B . 1.26 -11.06 5.70
C2D APR B . 1.43 -9.83 5.07
O3D APR B . 3.03 -11.21 3.80
C3D APR B . 2.54 -9.92 3.99
C4D APR B . 3.64 -8.92 4.51
H2 APR B . 2.33 2.80 10.91
H61 APR B . -0.39 -0.99 13.40
H62 APR B . -0.99 0.61 13.14
H8 APR B . 3.58 -3.40 12.35
H'1 APR B . 5.84 -0.44 11.21
H'2 APR B . 5.47 -3.64 11.63
HO'2 APR B . 7.50 -2.13 11.96
H'3 APR B . 6.92 -3.81 9.29
HO'3 APR B . 7.82 -1.48 9.69
H'4 APR B . 5.93 -1.09 8.28
H5'1 APR B . 4.14 -3.55 9.01
H5'2 APR B . 3.45 -1.95 8.61
HOA2 APR B . 7.04 -4.10 6.66
HOB2 APR B . 2.25 -5.57 4.79
H5R1 APR B . 3.82 -7.77 2.68
H5R2 APR B . 2.53 -7.22 3.79
HOR1 APR B . 0.89 -7.51 4.95
HR'1 APR B . 2.38 -9.01 7.06
HOR2 APR B . 1.01 -10.92 6.66
HR'2 APR B . 0.37 -9.96 4.87
HOR3 APR B . 2.29 -11.86 3.89
HR'3 APR B . 2.31 -10.01 2.93
HR'4 APR B . 4.60 -9.22 4.92
N SER A 2 -4.50 42.34 -5.37
CA SER A 2 -3.87 41.64 -4.29
C SER A 2 -4.27 40.18 -4.35
N SER A 3 -3.30 39.31 -4.48
CA SER A 3 -3.57 37.91 -4.56
C SER A 3 -2.44 37.10 -3.93
N LEU A 4 -2.77 35.90 -3.50
CA LEU A 4 -1.83 34.99 -2.91
C LEU A 4 -2.23 33.60 -3.37
N ASN A 5 -1.40 32.99 -4.17
CA ASN A 5 -1.69 31.65 -4.68
C ASN A 5 -0.76 30.63 -4.05
N GLU A 6 -1.22 29.44 -3.89
CA GLU A 6 -0.43 28.38 -3.32
C GLU A 6 -0.53 27.14 -4.18
N ASP A 7 0.51 26.35 -4.19
CA ASP A 7 0.61 25.16 -5.01
C ASP A 7 1.67 24.22 -4.43
N PRO A 8 1.26 23.09 -3.86
CA PRO A 8 2.20 22.10 -3.31
C PRO A 8 3.03 21.46 -4.41
N GLU A 9 4.31 21.32 -4.16
CA GLU A 9 5.23 20.72 -5.11
C GLU A 9 4.98 19.23 -5.17
N GLY A 10 4.97 18.63 -4.03
CA GLY A 10 4.73 17.23 -3.93
C GLY A 10 6.00 16.46 -3.69
N SER A 11 5.86 15.17 -3.54
CA SER A 11 6.94 14.28 -3.30
C SER A 11 6.40 12.89 -3.53
N ARG A 12 7.23 11.98 -4.03
CA ARG A 12 6.78 10.60 -4.22
C ARG A 12 6.52 10.01 -2.87
N ILE A 13 7.57 9.86 -2.11
CA ILE A 13 7.43 9.36 -0.79
C ILE A 13 7.63 10.48 0.22
N THR A 14 6.71 10.57 1.12
CA THR A 14 6.74 11.51 2.19
C THR A 14 6.93 10.72 3.49
N TYR A 15 8.04 10.95 4.15
CA TYR A 15 8.32 10.26 5.38
C TYR A 15 7.77 11.03 6.56
N VAL A 16 6.90 10.41 7.29
CA VAL A 16 6.36 10.98 8.48
C VAL A 16 6.45 9.97 9.60
N LYS A 17 6.82 10.40 10.75
CA LYS A 17 6.96 9.52 11.87
C LYS A 17 5.73 9.51 12.70
N GLY A 18 5.14 8.36 12.77
CA GLY A 18 3.93 8.18 13.50
C GLY A 18 3.25 6.91 13.07
N ASP A 19 2.07 6.66 13.58
CA ASP A 19 1.34 5.46 13.26
C ASP A 19 0.57 5.67 11.98
N LEU A 20 0.48 4.64 11.15
CA LEU A 20 -0.19 4.72 9.86
C LEU A 20 -1.68 5.04 10.00
N PHE A 21 -2.26 4.58 11.08
CA PHE A 21 -3.69 4.76 11.32
C PHE A 21 -4.04 6.17 11.79
N ALA A 22 -3.03 7.01 11.94
CA ALA A 22 -3.24 8.39 12.35
C ALA A 22 -3.35 9.31 11.13
N CYS A 23 -3.50 8.71 9.97
CA CYS A 23 -3.59 9.45 8.72
C CYS A 23 -4.96 10.10 8.55
N PRO A 24 -5.06 11.19 7.73
CA PRO A 24 -6.33 11.84 7.38
C PRO A 24 -7.33 10.88 6.73
N LYS A 25 -8.57 11.31 6.62
CA LYS A 25 -9.65 10.45 6.10
C LYS A 25 -9.52 10.17 4.59
N THR A 26 -8.96 11.11 3.86
CA THR A 26 -8.81 10.94 2.42
C THR A 26 -7.63 10.07 2.04
N ASP A 27 -6.75 9.81 3.00
CA ASP A 27 -5.60 8.96 2.76
C ASP A 27 -5.97 7.51 2.66
N SER A 28 -5.67 6.94 1.53
CA SER A 28 -5.94 5.56 1.27
C SER A 28 -4.80 4.71 1.83
N LEU A 29 -5.14 3.61 2.44
CA LEU A 29 -4.18 2.76 3.11
C LEU A 29 -3.77 1.60 2.21
N ALA A 30 -2.49 1.34 2.14
CA ALA A 30 -1.98 0.24 1.34
C ALA A 30 -1.08 -0.65 2.18
N HIS A 31 -1.03 -1.93 1.82
CA HIS A 31 -0.15 -2.90 2.48
C HIS A 31 -0.08 -4.18 1.67
N CYS A 32 0.97 -4.92 1.85
CA CYS A 32 1.19 -6.13 1.10
C CYS A 32 0.80 -7.36 1.88
N ILE A 33 0.25 -8.33 1.19
CA ILE A 33 -0.11 -9.64 1.74
C ILE A 33 0.07 -10.68 0.66
N SER A 34 -0.06 -11.93 1.00
CA SER A 34 0.04 -12.99 0.02
C SER A 34 -1.35 -13.29 -0.56
N GLU A 35 -1.40 -14.07 -1.63
CA GLU A 35 -2.66 -14.46 -2.32
C GLU A 35 -3.53 -15.30 -1.37
N ASP A 36 -2.86 -16.02 -0.48
CA ASP A 36 -3.53 -16.87 0.53
C ASP A 36 -4.20 -15.97 1.59
N CYS A 37 -3.93 -14.66 1.49
CA CYS A 37 -4.45 -13.60 2.35
C CYS A 37 -4.13 -13.85 3.80
N ARG A 38 -2.88 -14.22 4.08
CA ARG A 38 -2.44 -14.36 5.45
C ARG A 38 -2.15 -12.99 6.00
N MET A 39 -3.22 -12.35 6.34
CA MET A 39 -3.24 -11.01 6.81
C MET A 39 -3.23 -10.97 8.33
N GLY A 40 -3.34 -12.11 8.93
CA GLY A 40 -3.26 -12.22 10.36
C GLY A 40 -1.81 -12.43 10.78
N ALA A 41 -0.96 -11.46 10.47
CA ALA A 41 0.45 -11.57 10.79
C ALA A 41 0.95 -10.38 11.62
N GLY A 42 1.28 -9.32 10.95
CA GLY A 42 1.79 -8.13 11.63
C GLY A 42 0.80 -6.97 11.56
N ILE A 43 1.24 -5.85 11.00
CA ILE A 43 0.38 -4.65 10.84
C ILE A 43 -0.90 -4.98 10.04
N ALA A 44 -0.81 -6.01 9.25
CA ALA A 44 -1.91 -6.46 8.46
C ALA A 44 -3.13 -6.84 9.34
N VAL A 45 -2.85 -7.26 10.60
CA VAL A 45 -3.90 -7.61 11.57
C VAL A 45 -4.68 -6.38 11.95
N LEU A 46 -3.97 -5.27 12.08
CA LEU A 46 -4.56 -3.99 12.46
C LEU A 46 -5.59 -3.55 11.43
N PHE A 47 -5.32 -3.84 10.17
CA PHE A 47 -6.29 -3.57 9.12
C PHE A 47 -7.43 -4.55 9.22
N LYS A 48 -7.09 -5.81 9.43
CA LYS A 48 -8.06 -6.90 9.56
C LYS A 48 -9.08 -6.63 10.68
N LYS A 49 -8.63 -6.02 11.76
CA LYS A 49 -9.48 -5.63 12.87
C LYS A 49 -10.50 -4.60 12.46
N LYS A 50 -10.05 -3.64 11.70
CA LYS A 50 -10.87 -2.49 11.34
C LYS A 50 -11.69 -2.76 10.09
N PHE A 51 -11.19 -3.60 9.21
CA PHE A 51 -11.79 -3.86 7.95
C PHE A 51 -11.70 -5.35 7.67
N GLY A 52 -12.78 -6.01 7.90
CA GLY A 52 -12.90 -7.44 7.59
C GLY A 52 -12.84 -7.70 6.08
N GLY A 53 -11.66 -7.61 5.55
CA GLY A 53 -11.41 -7.76 4.13
C GLY A 53 -11.30 -9.19 3.66
N VAL A 54 -10.95 -10.10 4.57
CA VAL A 54 -10.51 -11.48 4.22
C VAL A 54 -11.41 -12.20 3.20
N GLN A 55 -12.70 -12.29 3.45
CA GLN A 55 -13.56 -13.01 2.54
C GLN A 55 -13.76 -12.30 1.21
N GLU A 56 -13.90 -10.99 1.26
CA GLU A 56 -14.09 -10.21 0.06
C GLU A 56 -12.88 -10.29 -0.86
N LEU A 57 -11.70 -10.34 -0.28
CA LEU A 57 -10.47 -10.44 -1.06
C LEU A 57 -10.44 -11.75 -1.81
N LEU A 58 -10.92 -12.80 -1.15
CA LEU A 58 -11.01 -14.12 -1.77
C LEU A 58 -12.12 -14.13 -2.82
N ASN A 59 -13.16 -13.37 -2.55
CA ASN A 59 -14.32 -13.27 -3.45
C ASN A 59 -13.93 -12.54 -4.73
N GLN A 60 -13.10 -11.52 -4.59
CA GLN A 60 -12.64 -10.72 -5.72
C GLN A 60 -11.50 -11.40 -6.49
N GLN A 61 -10.95 -12.46 -5.87
CA GLN A 61 -9.85 -13.26 -6.41
C GLN A 61 -8.68 -12.45 -6.90
N LYS A 62 -7.89 -11.99 -5.99
CA LYS A 62 -6.72 -11.27 -6.32
C LYS A 62 -5.49 -12.11 -6.10
N LYS A 63 -4.85 -12.43 -7.19
CA LYS A 63 -3.68 -13.27 -7.19
C LYS A 63 -2.46 -12.47 -7.55
N SER A 64 -1.28 -13.07 -7.44
CA SER A 64 0.01 -12.37 -7.59
C SER A 64 0.06 -11.42 -8.80
N GLY A 65 0.40 -10.17 -8.52
CA GLY A 65 0.44 -9.16 -9.56
C GLY A 65 -0.83 -8.33 -9.59
N GLU A 66 -1.69 -8.55 -8.63
CA GLU A 66 -2.94 -7.82 -8.48
C GLU A 66 -2.98 -7.03 -7.21
N VAL A 67 -3.93 -6.17 -7.13
CA VAL A 67 -4.18 -5.40 -5.96
C VAL A 67 -5.67 -5.51 -5.65
N ALA A 68 -5.99 -5.71 -4.43
CA ALA A 68 -7.37 -5.75 -4.04
C ALA A 68 -7.69 -4.45 -3.39
N VAL A 69 -8.73 -3.80 -3.84
CA VAL A 69 -9.08 -2.52 -3.28
C VAL A 69 -10.47 -2.60 -2.72
N LEU A 70 -10.63 -2.08 -1.55
CA LEU A 70 -11.91 -2.02 -0.91
C LEU A 70 -12.17 -0.57 -0.60
N LYS A 71 -13.33 -0.06 -0.96
CA LYS A 71 -13.62 1.30 -0.57
C LYS A 71 -14.19 1.25 0.82
N ARG A 72 -13.46 1.76 1.74
CA ARG A 72 -13.86 1.70 3.12
C ARG A 72 -13.62 3.03 3.78
N ASP A 73 -14.63 3.52 4.49
CA ASP A 73 -14.56 4.81 5.24
C ASP A 73 -14.30 5.97 4.26
N GLY A 74 -14.73 5.80 3.03
CA GLY A 74 -14.56 6.81 2.01
C GLY A 74 -13.20 6.77 1.33
N ARG A 75 -12.30 5.97 1.87
CA ARG A 75 -10.95 5.90 1.36
C ARG A 75 -10.76 4.55 0.70
N TYR A 76 -9.65 4.35 0.06
CA TYR A 76 -9.37 3.08 -0.54
C TYR A 76 -8.39 2.30 0.27
N ILE A 77 -8.49 1.00 0.17
CA ILE A 77 -7.60 0.12 0.88
C ILE A 77 -6.96 -0.77 -0.15
N TYR A 78 -5.66 -0.69 -0.27
CA TYR A 78 -4.95 -1.43 -1.27
C TYR A 78 -4.23 -2.62 -0.67
N TYR A 79 -4.56 -3.78 -1.15
CA TYR A 79 -3.90 -4.99 -0.78
C TYR A 79 -3.03 -5.45 -1.93
N LEU A 80 -1.75 -5.26 -1.81
CA LEU A 80 -0.83 -5.69 -2.84
C LEU A 80 -0.61 -7.17 -2.68
N ILE A 81 -1.05 -7.94 -3.66
CA ILE A 81 -0.92 -9.36 -3.60
C ILE A 81 0.44 -9.78 -4.11
N THR A 82 1.27 -10.17 -3.20
CA THR A 82 2.64 -10.52 -3.46
C THR A 82 2.79 -11.82 -4.26
N LYS A 83 2.68 -12.93 -3.60
CA LYS A 83 2.84 -14.21 -4.23
C LYS A 83 1.80 -15.16 -3.62
N LYS A 84 1.67 -16.37 -4.15
CA LYS A 84 0.58 -17.28 -3.76
C LYS A 84 0.55 -17.62 -2.27
N ARG A 85 1.68 -17.99 -1.71
CA ARG A 85 1.69 -18.44 -0.33
C ARG A 85 2.77 -17.73 0.44
N ALA A 86 2.57 -17.61 1.74
CA ALA A 86 3.53 -16.98 2.65
C ALA A 86 4.80 -17.82 2.76
N SER A 87 4.69 -19.11 2.41
CA SER A 87 5.82 -20.01 2.42
C SER A 87 6.74 -19.69 1.21
N HIS A 88 6.24 -18.89 0.30
CA HIS A 88 7.02 -18.47 -0.85
C HIS A 88 7.58 -17.10 -0.53
N LYS A 89 8.68 -16.75 -1.12
CA LYS A 89 9.28 -15.44 -0.86
C LYS A 89 8.72 -14.42 -1.85
N PRO A 90 8.21 -13.28 -1.38
CA PRO A 90 7.75 -12.22 -2.27
C PRO A 90 8.92 -11.63 -3.04
N THR A 91 8.70 -11.33 -4.29
CA THR A 91 9.76 -10.84 -5.12
C THR A 91 9.50 -9.35 -5.41
N TYR A 92 10.56 -8.59 -5.74
CA TYR A 92 10.39 -7.18 -6.08
C TYR A 92 9.57 -7.04 -7.34
N GLU A 93 9.71 -8.02 -8.23
CA GLU A 93 8.89 -8.14 -9.42
C GLU A 93 7.41 -8.12 -9.06
N ASN A 94 7.04 -8.98 -8.09
CA ASN A 94 5.65 -9.12 -7.64
C ASN A 94 5.15 -7.81 -7.08
N LEU A 95 6.00 -7.20 -6.28
CA LEU A 95 5.70 -5.95 -5.64
C LEU A 95 5.52 -4.85 -6.68
N GLN A 96 6.41 -4.81 -7.65
CA GLN A 96 6.38 -3.81 -8.70
C GLN A 96 5.09 -3.92 -9.50
N LYS A 97 4.72 -5.15 -9.86
CA LYS A 97 3.47 -5.39 -10.62
C LYS A 97 2.28 -4.82 -9.87
N SER A 98 2.31 -4.99 -8.58
CA SER A 98 1.25 -4.55 -7.72
C SER A 98 1.27 -3.00 -7.54
N LEU A 99 2.49 -2.41 -7.48
CA LEU A 99 2.64 -0.94 -7.37
C LEU A 99 2.03 -0.28 -8.61
N GLU A 100 2.23 -0.93 -9.72
CA GLU A 100 1.74 -0.47 -11.03
C GLU A 100 0.22 -0.48 -11.09
N ALA A 101 -0.38 -1.37 -10.34
CA ALA A 101 -1.80 -1.48 -10.28
C ALA A 101 -2.41 -0.34 -9.45
N MET A 102 -1.70 0.05 -8.39
CA MET A 102 -2.19 1.13 -7.53
C MET A 102 -2.22 2.46 -8.24
N LYS A 103 -1.16 2.78 -8.95
CA LYS A 103 -1.08 4.07 -9.65
C LYS A 103 -2.20 4.24 -10.64
N SER A 104 -2.47 3.20 -11.40
CA SER A 104 -3.55 3.22 -12.38
C SER A 104 -4.89 3.49 -11.68
N HIS A 105 -5.17 2.76 -10.61
CA HIS A 105 -6.41 2.93 -9.86
C HIS A 105 -6.49 4.35 -9.26
N CYS A 106 -5.38 4.83 -8.73
CA CYS A 106 -5.35 6.14 -8.11
C CYS A 106 -5.64 7.24 -9.12
N LEU A 107 -4.97 7.21 -10.26
CA LEU A 107 -5.19 8.21 -11.30
C LEU A 107 -6.62 8.14 -11.81
N LYS A 108 -7.10 6.93 -12.02
CA LYS A 108 -8.45 6.66 -12.50
C LYS A 108 -9.53 7.22 -11.54
N ASN A 109 -9.30 7.10 -10.25
CA ASN A 109 -10.30 7.55 -9.25
C ASN A 109 -10.02 8.94 -8.70
N GLY A 110 -8.88 9.49 -9.04
CA GLY A 110 -8.51 10.80 -8.53
C GLY A 110 -8.04 10.70 -7.08
N VAL A 111 -7.36 9.62 -6.78
CA VAL A 111 -6.82 9.38 -5.47
C VAL A 111 -5.40 9.88 -5.44
N THR A 112 -5.19 10.97 -4.77
CA THR A 112 -3.91 11.60 -4.73
C THR A 112 -3.19 11.32 -3.43
N ASP A 113 -3.88 10.75 -2.48
CA ASP A 113 -3.31 10.56 -1.16
C ASP A 113 -3.24 9.10 -0.80
N LEU A 114 -2.05 8.58 -0.82
CA LEU A 114 -1.79 7.20 -0.51
C LEU A 114 -0.92 7.17 0.75
N SER A 115 -1.35 6.46 1.74
CA SER A 115 -0.60 6.27 2.95
C SER A 115 -0.31 4.78 3.16
N MET A 116 0.94 4.46 3.32
CA MET A 116 1.37 3.09 3.47
C MET A 116 2.47 3.02 4.53
N PRO A 117 2.74 1.85 5.09
CA PRO A 117 3.83 1.69 6.03
C PRO A 117 5.09 1.25 5.29
N ARG A 118 6.08 0.80 6.01
CA ARG A 118 7.25 0.24 5.36
C ARG A 118 6.95 -1.16 4.85
N ILE A 119 6.60 -1.26 3.60
CA ILE A 119 6.41 -2.56 3.00
C ILE A 119 7.68 -2.96 2.32
N GLY A 120 8.09 -4.19 2.50
CA GLY A 120 9.33 -4.59 1.95
C GLY A 120 10.45 -4.34 2.91
N CYS A 121 10.42 -5.05 4.03
CA CYS A 121 11.41 -4.93 5.10
C CYS A 121 11.09 -5.88 6.26
N GLY A 122 9.84 -6.33 6.33
CA GLY A 122 9.41 -7.12 7.46
C GLY A 122 9.40 -8.60 7.18
N LEU A 123 8.23 -9.20 7.26
CA LEU A 123 8.04 -10.65 7.08
C LEU A 123 8.26 -11.04 5.63
N ASP A 124 8.18 -10.04 4.79
CA ASP A 124 8.38 -10.17 3.36
C ASP A 124 9.86 -10.48 3.03
N ARG A 125 10.76 -9.92 3.86
CA ARG A 125 12.23 -10.13 3.78
C ARG A 125 12.90 -9.28 2.67
N LEU A 126 12.23 -8.25 2.20
CA LEU A 126 12.81 -7.34 1.21
C LEU A 126 13.53 -6.19 1.89
N GLN A 127 14.35 -5.48 1.13
CA GLN A 127 15.07 -4.33 1.62
C GLN A 127 14.38 -3.04 1.24
N TRP A 128 13.98 -2.27 2.23
CA TRP A 128 13.23 -1.03 2.03
C TRP A 128 13.96 0.01 1.19
N GLU A 129 15.26 0.05 1.29
CA GLU A 129 16.02 1.02 0.52
C GLU A 129 15.80 0.82 -0.99
N ASN A 130 15.69 -0.45 -1.41
CA ASN A 130 15.41 -0.75 -2.82
C ASN A 130 13.95 -0.49 -3.13
N VAL A 131 13.08 -1.00 -2.25
CA VAL A 131 11.64 -0.89 -2.40
C VAL A 131 11.21 0.56 -2.55
N SER A 132 11.63 1.38 -1.61
CA SER A 132 11.32 2.80 -1.59
C SER A 132 11.73 3.47 -2.91
N ALA A 133 12.92 3.16 -3.41
CA ALA A 133 13.42 3.74 -4.65
C ALA A 133 12.53 3.29 -5.82
N MET A 134 12.20 2.00 -5.84
CA MET A 134 11.37 1.42 -6.87
C MET A 134 9.96 2.03 -6.86
N ILE A 135 9.41 2.25 -5.66
CA ILE A 135 8.11 2.89 -5.52
C ILE A 135 8.15 4.27 -6.13
N GLU A 136 9.20 5.02 -5.83
CA GLU A 136 9.35 6.36 -6.38
C GLU A 136 9.43 6.34 -7.90
N GLU A 137 10.10 5.35 -8.46
CA GLU A 137 10.23 5.23 -9.91
C GLU A 137 8.89 4.99 -10.59
N VAL A 138 8.02 4.28 -9.91
CA VAL A 138 6.69 3.99 -10.42
C VAL A 138 5.77 5.24 -10.38
N PHE A 139 5.80 5.95 -9.26
CA PHE A 139 4.91 7.10 -9.05
C PHE A 139 5.53 8.48 -9.34
N GLU A 140 6.78 8.52 -9.77
CA GLU A 140 7.52 9.81 -9.92
C GLU A 140 6.85 10.84 -10.81
N ALA A 141 6.29 10.41 -11.89
CA ALA A 141 5.70 11.34 -12.82
C ALA A 141 4.24 11.63 -12.50
N THR A 142 3.73 11.03 -11.43
CA THR A 142 2.36 11.27 -11.05
C THR A 142 2.31 12.24 -9.87
N ASP A 143 1.14 12.80 -9.63
CA ASP A 143 0.95 13.75 -8.53
C ASP A 143 0.46 13.02 -7.28
N ILE A 144 0.53 11.71 -7.33
CA ILE A 144 0.12 10.86 -6.24
C ILE A 144 1.12 10.98 -5.10
N LYS A 145 0.61 11.27 -3.94
CA LYS A 145 1.43 11.40 -2.76
C LYS A 145 1.50 10.07 -2.09
N ILE A 146 2.65 9.66 -1.75
CA ILE A 146 2.83 8.46 -0.99
C ILE A 146 3.48 8.77 0.31
N THR A 147 2.70 8.73 1.30
CA THR A 147 3.15 9.05 2.60
C THR A 147 3.35 7.77 3.40
N VAL A 148 4.56 7.54 3.84
CA VAL A 148 4.83 6.37 4.62
C VAL A 148 4.97 6.76 6.06
N TYR A 149 4.25 6.08 6.90
CA TYR A 149 4.33 6.34 8.30
C TYR A 149 5.39 5.46 8.88
N THR A 150 6.35 6.09 9.47
CA THR A 150 7.50 5.44 9.94
C THR A 150 7.53 5.39 11.46
N LEU A 151 7.47 4.20 11.98
CA LEU A 151 7.55 3.95 13.39
C LEU A 151 8.97 3.54 13.72
N1 APR B . 1.40 2.06 11.62
C2 APR B . 2.39 2.17 10.73
N3 APR B . 3.23 1.17 10.53
C4 APR B . 3.12 0.02 11.20
C5 APR B . 2.12 -0.12 12.11
C6 APR B . 1.25 0.92 12.32
N6 APR B . 0.26 0.80 13.19
N7 APR B . 2.24 -1.34 12.65
C8 APR B . 3.30 -1.93 12.06
N9 APR B . 3.82 -1.08 11.18
C1' APR B . 5.01 -1.33 10.27
C2' APR B . 6.21 -1.80 11.14
O2' APR B . 6.90 -0.72 11.69
C3' APR B . 7.09 -2.54 10.09
O3' APR B . 8.10 -1.71 9.62
O4' APR B . 4.77 -2.34 9.32
C4' APR B . 6.06 -2.86 8.93
C5' APR B . 6.00 -4.41 8.71
O5' APR B . 6.48 -4.76 7.41
PA APR B . 5.71 -5.86 6.53
O1A APR B . 4.25 -5.96 6.84
O2A APR B . 6.45 -7.29 6.81
O3A APR B . 5.96 -5.49 4.99
PB APR B . 5.15 -6.23 3.82
O1B APR B . 5.76 -6.08 2.46
O2B APR B . 3.64 -5.63 3.83
O5D APR B . 5.02 -7.77 4.24
C5D APR B . 4.31 -8.69 3.39
O4D APR B . 3.06 -9.51 5.38
O1D APR B . 0.92 -10.00 6.33
C1D APR B . 2.10 -10.53 5.65
O2D APR B . 1.59 -12.56 4.38
C2D APR B . 1.67 -11.16 4.27
O3D APR B . 3.43 -11.82 2.68
C3D APR B . 2.81 -10.74 3.31
C4D APR B . 3.78 -9.91 4.22
H2 APR B . 2.60 3.11 10.23
H61 APR B . 0.15 -0.04 13.72
H62 APR B . -0.38 1.56 13.34
H8 APR B . 3.66 -2.94 12.28
H'1 APR B . 5.10 -0.76 9.36
H'2 APR B . 6.12 -2.08 12.18
HO'2 APR B . 6.24 -0.07 12.07
H'3 APR B . 7.93 -3.17 10.35
HO'3 APR B . 8.86 -1.71 10.28
H'4 APR B . 5.84 -2.19 8.11
H5'1 APR B . 4.97 -4.75 8.82
H5'2 APR B . 6.62 -4.92 9.45
HOA2 APR B . 6.92 -7.58 5.97
HOB2 APR B . 3.00 -6.38 3.79
H5R1 APR B . 3.46 -8.17 2.95
H5R2 APR B . 4.97 -9.05 2.61
HOR1 APR B . 0.10 -10.41 5.93
HR'1 APR B . 2.95 -10.87 6.24
HOR2 APR B . 1.78 -12.96 3.48
HR'2 APR B . 0.63 -11.29 3.98
HOR3 APR B . 3.47 -12.58 3.31
HR'3 APR B . 2.61 -10.45 2.28
HR'4 APR B . 4.42 -10.34 4.99
#